data_8K04
#
_entry.id   8K04
#
_cell.length_a   1.00
_cell.length_b   1.00
_cell.length_c   1.00
_cell.angle_alpha   90.00
_cell.angle_beta   90.00
_cell.angle_gamma   90.00
#
_symmetry.space_group_name_H-M   'P 1'
#
_entity_poly.entity_id   1
_entity_poly.type   'polypeptide(L)'
_entity_poly.pdbx_seq_one_letter_code
;MHAYLHCLSHSPLVGYVDPAQEVLDEVNGVIASARERIAAFSPELVVLFAPDHYNGFFYDVMPPFCLGVGATAIGDFGSA
AGELPVPVELAEACAHAVMKSGIDLAVSYCMQVDHGFAQPLEFLLGGLDKVPVLPVFINGVATPLPGFQRTRMLGEAIGR
FTSTLNKRVLFLGSGGLSHQPPVPELAKADAHMRDRLLGSGKDLPASERELRQQRVISAAEKFVEDQRTLHPLNPIWDNQ
FMTLLEQGRIQELDAVSNEELSAIAGKSTHEIKTWVAAFAAISAFGNWRSEGRYYRPIPEWIAGFGSLSARTEN
;
_entity_poly.pdbx_strand_id   A,B,C,D,E,F,G,H,I,J
#
# COMPACT_ATOMS: atom_id res chain seq x y z
N MET A 1 -36.73 -0.68 1.05
CA MET A 1 -36.70 -1.73 2.05
C MET A 1 -36.97 -1.19 3.45
N HIS A 2 -37.63 -2.00 4.28
CA HIS A 2 -38.08 -1.55 5.58
C HIS A 2 -37.88 -2.66 6.58
N ALA A 3 -37.50 -2.29 7.79
CA ALA A 3 -37.21 -3.29 8.81
C ALA A 3 -37.42 -2.71 10.19
N TYR A 4 -37.94 -3.54 11.07
CA TYR A 4 -38.19 -3.16 12.45
C TYR A 4 -37.61 -4.21 13.36
N LEU A 5 -37.02 -3.79 14.46
CA LEU A 5 -36.31 -4.67 15.37
C LEU A 5 -36.82 -4.46 16.78
N HIS A 6 -36.90 -5.54 17.54
CA HIS A 6 -37.28 -5.38 18.93
C HIS A 6 -36.65 -6.48 19.76
N CYS A 7 -36.09 -6.13 20.90
CA CYS A 7 -35.51 -7.10 21.81
C CYS A 7 -36.16 -6.96 23.18
N LEU A 8 -36.40 -8.09 23.81
CA LEU A 8 -37.21 -8.09 25.02
C LEU A 8 -36.84 -9.28 25.89
N SER A 9 -36.60 -9.01 27.17
CA SER A 9 -36.36 -10.09 28.11
C SER A 9 -37.62 -10.93 28.26
N HIS A 10 -37.44 -12.22 28.48
CA HIS A 10 -38.56 -13.12 28.67
C HIS A 10 -38.66 -13.49 30.14
N SER A 11 -39.88 -13.51 30.65
CA SER A 11 -40.10 -13.79 32.07
C SER A 11 -40.77 -15.14 32.24
N PRO A 12 -40.02 -16.20 32.50
CA PRO A 12 -40.67 -17.46 32.88
C PRO A 12 -41.51 -17.31 34.13
N LEU A 13 -41.09 -16.45 35.04
CA LEU A 13 -41.85 -16.17 36.25
C LEU A 13 -42.84 -15.06 35.96
N VAL A 14 -43.98 -15.45 35.44
CA VAL A 14 -45.13 -14.57 35.29
C VAL A 14 -46.29 -15.22 36.03
N GLY A 15 -46.72 -14.58 37.11
CA GLY A 15 -47.77 -15.11 37.94
C GLY A 15 -47.33 -16.10 38.99
N TYR A 16 -46.03 -16.39 39.10
CA TYR A 16 -45.53 -17.28 40.13
C TYR A 16 -44.95 -16.50 41.31
N VAL A 17 -43.95 -15.66 41.05
CA VAL A 17 -43.43 -14.73 42.04
C VAL A 17 -43.50 -13.34 41.42
N ASP A 18 -44.08 -12.40 42.16
CA ASP A 18 -44.37 -11.13 41.51
C ASP A 18 -43.89 -9.96 42.35
N PRO A 19 -43.48 -8.89 41.70
CA PRO A 19 -43.06 -7.69 42.43
C PRO A 19 -44.23 -6.83 42.81
N ALA A 20 -43.95 -5.62 43.32
CA ALA A 20 -45.00 -4.66 43.59
C ALA A 20 -45.83 -4.44 42.32
N GLN A 21 -47.15 -4.47 42.50
CA GLN A 21 -48.04 -4.51 41.35
C GLN A 21 -47.87 -3.30 40.44
N GLU A 22 -47.47 -2.17 41.00
CA GLU A 22 -47.23 -0.99 40.18
C GLU A 22 -46.13 -1.23 39.15
N VAL A 23 -45.05 -1.89 39.58
CA VAL A 23 -43.99 -2.23 38.64
C VAL A 23 -44.52 -3.12 37.54
N LEU A 24 -45.36 -4.08 37.91
CA LEU A 24 -45.97 -4.96 36.93
C LEU A 24 -46.76 -4.15 35.91
N ASP A 25 -47.51 -3.16 36.39
CA ASP A 25 -48.27 -2.33 35.47
C ASP A 25 -47.36 -1.57 34.52
N GLU A 26 -46.26 -1.04 35.04
CA GLU A 26 -45.33 -0.31 34.17
C GLU A 26 -44.77 -1.23 33.11
N VAL A 27 -44.39 -2.45 33.49
CA VAL A 27 -43.86 -3.41 32.53
C VAL A 27 -44.88 -3.68 31.45
N ASN A 28 -46.12 -3.96 31.85
CA ASN A 28 -47.15 -4.29 30.88
C ASN A 28 -47.41 -3.11 29.96
N GLY A 29 -47.33 -1.90 30.49
CA GLY A 29 -47.49 -0.73 29.64
C GLY A 29 -46.42 -0.64 28.59
N VAL A 30 -45.17 -0.90 28.97
CA VAL A 30 -44.09 -0.89 28.00
C VAL A 30 -44.34 -1.93 26.92
N ILE A 31 -44.73 -3.13 27.33
CA ILE A 31 -44.99 -4.19 26.38
C ILE A 31 -46.09 -3.77 25.42
N ALA A 32 -47.17 -3.22 25.94
CA ALA A 32 -48.28 -2.82 25.08
C ALA A 32 -47.86 -1.74 24.10
N SER A 33 -47.05 -0.79 24.55
CA SER A 33 -46.61 0.26 23.64
C SER A 33 -45.78 -0.31 22.50
N ALA A 34 -44.87 -1.23 22.83
CA ALA A 34 -44.09 -1.85 21.77
C ALA A 34 -44.99 -2.62 20.82
N ARG A 35 -45.97 -3.32 21.36
CA ARG A 35 -46.89 -4.08 20.54
C ARG A 35 -47.63 -3.17 19.56
N GLU A 36 -48.06 -2.02 20.04
CA GLU A 36 -48.76 -1.08 19.17
C GLU A 36 -47.83 -0.56 18.08
N ARG A 37 -46.59 -0.25 18.44
CA ARG A 37 -45.66 0.20 17.41
C ARG A 37 -45.49 -0.85 16.33
N ILE A 38 -45.34 -2.11 16.72
CA ILE A 38 -45.19 -3.17 15.73
C ILE A 38 -46.44 -3.28 14.88
N ALA A 39 -47.61 -3.29 15.51
CA ALA A 39 -48.84 -3.40 14.74
C ALA A 39 -48.93 -2.26 13.73
N ALA A 40 -48.44 -1.09 14.10
CA ALA A 40 -48.35 0.00 13.13
C ALA A 40 -47.42 -0.37 11.99
N PHE A 41 -46.30 -1.03 12.31
CA PHE A 41 -45.36 -1.41 11.26
C PHE A 41 -45.95 -2.45 10.31
N SER A 42 -46.79 -3.35 10.82
CA SER A 42 -47.46 -4.37 10.02
C SER A 42 -46.48 -5.27 9.30
N PRO A 43 -45.80 -6.15 10.01
CA PRO A 43 -44.76 -6.97 9.38
C PRO A 43 -45.35 -8.08 8.52
N GLU A 44 -44.51 -8.60 7.64
CA GLU A 44 -44.86 -9.74 6.81
C GLU A 44 -44.09 -11.00 7.15
N LEU A 45 -42.90 -10.86 7.71
CA LEU A 45 -42.04 -11.97 8.04
C LEU A 45 -41.37 -11.72 9.37
N VAL A 46 -41.26 -12.75 10.20
CA VAL A 46 -40.70 -12.63 11.53
C VAL A 46 -39.51 -13.54 11.65
N VAL A 47 -38.36 -12.97 11.99
CA VAL A 47 -37.16 -13.73 12.28
C VAL A 47 -36.95 -13.70 13.78
N LEU A 48 -36.82 -14.87 14.39
CA LEU A 48 -36.88 -14.98 15.84
C LEU A 48 -35.66 -15.72 16.34
N PHE A 49 -34.80 -15.01 17.07
CA PHE A 49 -33.67 -15.64 17.74
C PHE A 49 -34.06 -15.91 19.18
N ALA A 50 -33.71 -17.09 19.69
CA ALA A 50 -34.10 -17.41 21.05
C ALA A 50 -33.20 -18.52 21.57
N PRO A 51 -33.02 -18.63 22.87
CA PRO A 51 -32.30 -19.75 23.45
C PRO A 51 -33.25 -20.84 23.91
N ASP A 52 -32.67 -21.94 24.35
CA ASP A 52 -33.42 -23.08 24.88
C ASP A 52 -33.03 -23.31 26.33
N HIS A 53 -33.79 -24.18 26.99
CA HIS A 53 -33.53 -24.53 28.38
C HIS A 53 -33.63 -26.04 28.58
N TYR A 54 -32.90 -26.80 27.76
CA TYR A 54 -32.92 -28.27 27.82
C TYR A 54 -34.31 -28.83 27.56
N ASN A 55 -34.82 -28.57 26.38
CA ASN A 55 -36.15 -29.06 26.02
C ASN A 55 -36.19 -29.79 24.71
N GLY A 56 -35.42 -29.36 23.70
CA GLY A 56 -35.33 -30.11 22.47
C GLY A 56 -33.93 -30.51 22.08
N PHE A 57 -32.95 -29.71 22.47
CA PHE A 57 -31.55 -29.95 22.17
C PHE A 57 -30.88 -30.54 23.39
N PHE A 58 -30.20 -31.65 23.21
CA PHE A 58 -29.59 -32.32 24.35
C PHE A 58 -28.24 -32.85 23.91
N TYR A 59 -27.46 -33.30 24.89
CA TYR A 59 -26.07 -33.61 24.58
C TYR A 59 -25.92 -34.76 23.61
N ASP A 60 -27.00 -35.34 23.09
CA ASP A 60 -26.83 -36.24 21.96
C ASP A 60 -26.24 -35.51 20.78
N VAL A 61 -26.76 -34.31 20.47
CA VAL A 61 -26.12 -33.38 19.56
C VAL A 61 -26.43 -31.98 20.05
N MET A 62 -25.41 -31.14 20.19
CA MET A 62 -25.59 -29.77 20.62
C MET A 62 -24.89 -28.82 19.66
N PRO A 63 -25.61 -28.21 18.73
CA PRO A 63 -24.97 -27.32 17.79
C PRO A 63 -24.90 -25.92 18.35
N PRO A 64 -24.01 -25.08 17.83
CA PRO A 64 -24.01 -23.69 18.27
C PRO A 64 -25.17 -22.90 17.72
N PHE A 65 -25.53 -23.08 16.45
CA PHE A 65 -26.71 -22.47 15.87
C PHE A 65 -27.54 -23.53 15.19
N CYS A 66 -28.85 -23.37 15.26
CA CYS A 66 -29.72 -24.28 14.54
C CYS A 66 -30.85 -23.49 13.95
N LEU A 67 -31.40 -23.96 12.84
CA LEU A 67 -32.50 -23.28 12.17
C LEU A 67 -33.65 -24.24 12.03
N GLY A 68 -34.83 -23.84 12.49
CA GLY A 68 -35.92 -24.77 12.52
C GLY A 68 -36.82 -24.72 11.31
N VAL A 69 -36.64 -25.66 10.39
CA VAL A 69 -37.57 -25.74 9.27
C VAL A 69 -38.94 -26.17 9.76
N GLY A 70 -38.99 -27.03 10.76
CA GLY A 70 -40.25 -27.35 11.38
C GLY A 70 -40.15 -27.21 12.88
N ALA A 71 -41.11 -26.54 13.50
CA ALA A 71 -41.02 -26.25 14.92
C ALA A 71 -42.36 -26.51 15.59
N THR A 72 -42.29 -26.73 16.90
CA THR A 72 -43.48 -26.99 17.70
C THR A 72 -43.22 -26.54 19.13
N ALA A 73 -44.10 -25.72 19.66
CA ALA A 73 -44.02 -25.27 21.03
C ALA A 73 -44.69 -26.30 21.93
N ILE A 74 -43.98 -26.71 22.99
CA ILE A 74 -44.47 -27.76 23.88
C ILE A 74 -45.27 -27.22 25.05
N GLY A 75 -45.48 -25.91 25.13
CA GLY A 75 -46.31 -25.35 26.18
C GLY A 75 -45.79 -25.49 27.59
N ASP A 76 -44.51 -25.20 27.80
CA ASP A 76 -43.96 -25.20 29.14
C ASP A 76 -44.42 -23.96 29.91
N PHE A 77 -44.43 -24.08 31.23
CA PHE A 77 -44.76 -22.98 32.14
C PHE A 77 -46.13 -22.39 31.81
N GLY A 78 -47.02 -23.19 31.23
CA GLY A 78 -48.31 -22.67 30.84
C GLY A 78 -48.29 -21.81 29.60
N SER A 79 -47.16 -21.72 28.90
CA SER A 79 -47.12 -20.98 27.66
C SER A 79 -47.90 -21.73 26.58
N ALA A 80 -48.10 -21.05 25.45
CA ALA A 80 -48.87 -21.65 24.36
C ALA A 80 -48.16 -22.87 23.80
N ALA A 81 -48.94 -23.77 23.22
CA ALA A 81 -48.41 -24.97 22.60
C ALA A 81 -49.03 -25.14 21.22
N GLY A 82 -48.30 -25.80 20.34
CA GLY A 82 -48.79 -26.06 19.00
C GLY A 82 -47.72 -25.76 17.97
N GLU A 83 -48.11 -25.87 16.72
CA GLU A 83 -47.16 -25.70 15.64
C GLU A 83 -46.97 -24.23 15.29
N LEU A 84 -46.00 -23.97 14.44
CA LEU A 84 -45.66 -22.63 14.04
C LEU A 84 -45.69 -22.50 12.53
N PRO A 85 -46.18 -21.41 12.01
CA PRO A 85 -46.31 -21.23 10.56
C PRO A 85 -44.99 -20.90 9.87
N VAL A 86 -44.23 -21.94 9.53
CA VAL A 86 -42.90 -21.78 8.95
C VAL A 86 -43.01 -21.92 7.44
N PRO A 87 -42.57 -20.96 6.67
CA PRO A 87 -42.58 -21.08 5.21
C PRO A 87 -41.48 -21.99 4.68
N VAL A 88 -41.78 -23.28 4.60
CA VAL A 88 -40.76 -24.31 4.42
C VAL A 88 -39.76 -23.93 3.33
N GLU A 89 -40.27 -23.64 2.13
CA GLU A 89 -39.36 -23.41 1.01
C GLU A 89 -38.48 -22.21 1.26
N LEU A 90 -39.06 -21.14 1.79
CA LEU A 90 -38.27 -19.98 2.14
C LEU A 90 -37.21 -20.34 3.16
N ALA A 91 -37.56 -21.17 4.13
CA ALA A 91 -36.59 -21.57 5.14
C ALA A 91 -35.43 -22.31 4.52
N GLU A 92 -35.71 -23.24 3.63
CA GLU A 92 -34.64 -24.00 3.01
C GLU A 92 -33.73 -23.10 2.19
N ALA A 93 -34.32 -22.17 1.46
CA ALA A 93 -33.50 -21.24 0.71
C ALA A 93 -32.61 -20.43 1.65
N CYS A 94 -33.17 -20.00 2.77
CA CYS A 94 -32.38 -19.24 3.73
C CYS A 94 -31.22 -20.05 4.25
N ALA A 95 -31.47 -21.31 4.61
CA ALA A 95 -30.39 -22.15 5.11
C ALA A 95 -29.30 -22.30 4.08
N HIS A 96 -29.68 -22.56 2.85
CA HIS A 96 -28.70 -22.73 1.80
C HIS A 96 -27.84 -21.49 1.65
N ALA A 97 -28.49 -20.32 1.58
CA ALA A 97 -27.73 -19.09 1.37
C ALA A 97 -26.82 -18.81 2.55
N VAL A 98 -27.30 -19.00 3.76
CA VAL A 98 -26.49 -18.72 4.93
C VAL A 98 -25.26 -19.60 4.94
N MET A 99 -25.46 -20.90 4.74
CA MET A 99 -24.31 -21.80 4.81
C MET A 99 -23.33 -21.50 3.70
N LYS A 100 -23.84 -21.14 2.52
CA LYS A 100 -22.93 -20.73 1.45
C LYS A 100 -22.13 -19.51 1.85
N SER A 101 -22.73 -18.60 2.61
CA SER A 101 -22.03 -17.38 2.97
C SER A 101 -20.85 -17.62 3.90
N GLY A 102 -20.71 -18.80 4.45
CA GLY A 102 -19.61 -19.11 5.31
C GLY A 102 -19.92 -19.30 6.77
N ILE A 103 -21.14 -19.69 7.11
CA ILE A 103 -21.53 -19.94 8.49
C ILE A 103 -21.94 -21.40 8.58
N ASP A 104 -21.57 -22.05 9.67
CA ASP A 104 -21.76 -23.48 9.78
C ASP A 104 -23.01 -23.74 10.61
N LEU A 105 -24.13 -23.94 9.94
CA LEU A 105 -25.45 -23.85 10.56
C LEU A 105 -26.16 -25.18 10.47
N ALA A 106 -26.51 -25.75 11.61
CA ALA A 106 -27.28 -26.97 11.60
C ALA A 106 -28.73 -26.68 11.22
N VAL A 107 -29.43 -27.71 10.77
CA VAL A 107 -30.84 -27.58 10.46
C VAL A 107 -31.60 -28.71 11.13
N SER A 108 -32.91 -28.50 11.28
CA SER A 108 -33.75 -29.47 11.95
C SER A 108 -35.15 -29.39 11.36
N TYR A 109 -35.80 -30.53 11.22
CA TYR A 109 -37.13 -30.54 10.64
C TYR A 109 -38.23 -30.77 11.66
N CYS A 110 -37.89 -31.13 12.89
CA CYS A 110 -38.86 -31.25 13.96
C CYS A 110 -38.21 -30.72 15.22
N MET A 111 -38.38 -29.43 15.48
CA MET A 111 -37.73 -28.76 16.60
C MET A 111 -38.75 -28.59 17.72
N GLN A 112 -38.32 -28.84 18.94
CA GLN A 112 -39.15 -28.63 20.11
C GLN A 112 -38.72 -27.33 20.77
N VAL A 113 -39.67 -26.44 21.00
CA VAL A 113 -39.35 -25.15 21.60
C VAL A 113 -40.23 -24.94 22.82
N ASP A 114 -39.78 -24.04 23.68
CA ASP A 114 -40.39 -23.79 24.97
C ASP A 114 -40.78 -22.32 25.06
N HIS A 115 -41.13 -21.90 26.28
CA HIS A 115 -41.59 -20.54 26.52
C HIS A 115 -40.65 -19.51 25.90
N GLY A 116 -39.36 -19.82 25.84
CA GLY A 116 -38.42 -18.89 25.25
C GLY A 116 -38.77 -18.50 23.83
N PHE A 117 -39.46 -19.38 23.11
CA PHE A 117 -39.98 -19.05 21.81
C PHE A 117 -41.43 -18.61 21.85
N ALA A 118 -42.17 -18.95 22.90
CA ALA A 118 -43.59 -18.68 22.91
C ALA A 118 -43.89 -17.26 23.37
N GLN A 119 -43.38 -16.88 24.54
CA GLN A 119 -43.78 -15.62 25.15
C GLN A 119 -43.63 -14.43 24.22
N PRO A 120 -42.52 -14.22 23.52
CA PRO A 120 -42.45 -13.05 22.64
C PRO A 120 -43.53 -13.04 21.59
N LEU A 121 -43.85 -14.19 21.00
CA LEU A 121 -44.87 -14.22 19.97
C LEU A 121 -46.23 -13.84 20.54
N GLU A 122 -46.58 -14.42 21.68
CA GLU A 122 -47.86 -14.11 22.30
C GLU A 122 -47.93 -12.63 22.68
N PHE A 123 -46.87 -12.12 23.28
CA PHE A 123 -46.93 -10.77 23.82
C PHE A 123 -46.86 -9.72 22.74
N LEU A 124 -46.23 -10.00 21.61
CA LEU A 124 -46.00 -8.98 20.62
C LEU A 124 -46.91 -9.12 19.41
N LEU A 125 -47.49 -10.29 19.18
CA LEU A 125 -48.36 -10.50 18.05
C LEU A 125 -49.68 -11.15 18.42
N GLY A 126 -49.88 -11.53 19.68
CA GLY A 126 -51.15 -12.07 20.09
C GLY A 126 -51.45 -13.47 19.59
N GLY A 127 -50.42 -14.26 19.32
CA GLY A 127 -50.65 -15.64 18.92
C GLY A 127 -49.49 -16.21 18.17
N LEU A 128 -49.48 -17.53 18.07
CA LEU A 128 -48.38 -18.19 17.37
C LEU A 128 -48.51 -18.08 15.86
N ASP A 129 -49.73 -18.12 15.34
CA ASP A 129 -49.96 -18.35 13.92
C ASP A 129 -50.27 -17.08 13.15
N LYS A 130 -49.91 -15.93 13.67
CA LYS A 130 -50.29 -14.69 13.01
C LYS A 130 -49.46 -14.43 11.76
N VAL A 131 -48.15 -14.67 11.84
CA VAL A 131 -47.24 -14.27 10.78
C VAL A 131 -46.28 -15.43 10.50
N PRO A 132 -45.77 -15.59 9.28
CA PRO A 132 -44.72 -16.59 9.05
C PRO A 132 -43.49 -16.30 9.90
N VAL A 133 -42.83 -17.37 10.34
CA VAL A 133 -41.76 -17.30 11.33
C VAL A 133 -40.55 -18.05 10.80
N LEU A 134 -39.36 -17.63 11.23
CA LEU A 134 -38.11 -18.35 10.96
C LEU A 134 -37.38 -18.56 12.28
N PRO A 135 -37.71 -19.62 13.01
CA PRO A 135 -37.09 -19.80 14.33
C PRO A 135 -35.63 -20.18 14.18
N VAL A 136 -34.78 -19.48 14.92
CA VAL A 136 -33.35 -19.71 14.93
C VAL A 136 -32.90 -19.87 16.38
N PHE A 137 -32.34 -21.01 16.70
CA PHE A 137 -31.89 -21.29 18.05
C PHE A 137 -30.41 -21.02 18.18
N ILE A 138 -30.03 -20.39 19.28
CA ILE A 138 -28.64 -20.09 19.59
C ILE A 138 -28.30 -20.70 20.93
N ASN A 139 -27.24 -21.50 20.98
CA ASN A 139 -26.85 -22.12 22.23
C ASN A 139 -26.34 -21.07 23.20
N GLY A 140 -26.76 -21.17 24.44
CA GLY A 140 -26.31 -20.22 25.43
C GLY A 140 -26.11 -20.81 26.80
N VAL A 141 -26.13 -22.13 26.91
CA VAL A 141 -26.05 -22.80 28.20
C VAL A 141 -24.90 -23.79 28.28
N ALA A 142 -24.70 -24.61 27.26
CA ALA A 142 -23.77 -25.72 27.31
C ALA A 142 -22.45 -25.34 26.68
N THR A 143 -21.38 -25.32 27.47
CA THR A 143 -20.08 -25.00 26.93
C THR A 143 -19.56 -26.11 26.04
N PRO A 144 -18.76 -25.79 25.03
CA PRO A 144 -18.28 -24.46 24.63
C PRO A 144 -19.36 -23.67 23.93
N LEU A 145 -19.19 -22.36 23.88
CA LEU A 145 -20.22 -21.48 23.38
C LEU A 145 -19.69 -20.64 22.24
N PRO A 146 -20.54 -20.27 21.30
CA PRO A 146 -20.08 -19.40 20.22
C PRO A 146 -19.75 -18.03 20.76
N GLY A 147 -18.77 -17.39 20.14
CA GLY A 147 -18.34 -16.08 20.57
C GLY A 147 -19.17 -14.98 19.97
N PHE A 148 -18.90 -13.75 20.41
CA PHE A 148 -19.62 -12.62 19.88
C PHE A 148 -19.33 -12.43 18.41
N GLN A 149 -18.09 -12.65 18.00
CA GLN A 149 -17.71 -12.46 16.61
C GLN A 149 -18.56 -13.29 15.68
N ARG A 150 -18.65 -14.59 15.94
CA ARG A 150 -19.43 -15.45 15.06
C ARG A 150 -20.89 -15.12 15.10
N THR A 151 -21.41 -14.74 16.27
CA THR A 151 -22.81 -14.38 16.34
C THR A 151 -23.11 -13.19 15.46
N ARG A 152 -22.24 -12.18 15.49
CA ARG A 152 -22.43 -11.04 14.61
C ARG A 152 -22.37 -11.48 13.17
N MET A 153 -21.47 -12.38 12.84
CA MET A 153 -21.38 -12.84 11.46
C MET A 153 -22.68 -13.50 11.02
N LEU A 154 -23.24 -14.33 11.89
CA LEU A 154 -24.49 -15.00 11.58
C LEU A 154 -25.61 -13.99 11.34
N GLY A 155 -25.69 -13.00 12.23
CA GLY A 155 -26.70 -11.99 12.06
C GLY A 155 -26.58 -11.29 10.73
N GLU A 156 -25.37 -10.93 10.35
CA GLU A 156 -25.18 -10.24 9.08
C GLU A 156 -25.60 -11.13 7.92
N ALA A 157 -25.26 -12.40 7.97
CA ALA A 157 -25.64 -13.28 6.88
C ALA A 157 -27.15 -13.33 6.71
N ILE A 158 -27.87 -13.55 7.80
CA ILE A 158 -29.32 -13.61 7.68
C ILE A 158 -29.86 -12.27 7.22
N GLY A 159 -29.27 -11.18 7.70
CA GLY A 159 -29.75 -9.88 7.30
C GLY A 159 -29.63 -9.66 5.81
N ARG A 160 -28.44 -9.95 5.25
CA ARG A 160 -28.29 -9.71 3.82
C ARG A 160 -29.17 -10.63 3.02
N PHE A 161 -29.41 -11.85 3.50
CA PHE A 161 -30.31 -12.71 2.75
C PHE A 161 -31.72 -12.14 2.73
N THR A 162 -32.25 -11.80 3.89
CA THR A 162 -33.62 -11.34 3.92
C THR A 162 -33.80 -9.98 3.29
N SER A 163 -32.73 -9.20 3.15
CA SER A 163 -32.88 -7.89 2.57
C SER A 163 -33.38 -7.93 1.14
N THR A 164 -33.24 -9.07 0.48
CA THR A 164 -33.64 -9.17 -0.92
C THR A 164 -34.96 -9.90 -1.09
N LEU A 165 -35.74 -10.04 -0.03
CA LEU A 165 -37.04 -10.67 -0.20
C LEU A 165 -38.11 -9.68 -0.58
N ASN A 166 -37.81 -8.39 -0.57
CA ASN A 166 -38.78 -7.36 -0.91
C ASN A 166 -40.00 -7.44 -0.02
N LYS A 167 -39.78 -7.64 1.27
CA LYS A 167 -40.85 -7.71 2.25
C LYS A 167 -40.55 -6.74 3.38
N ARG A 168 -41.48 -6.65 4.32
CA ARG A 168 -41.30 -5.89 5.54
C ARG A 168 -41.00 -6.86 6.66
N VAL A 169 -39.84 -6.71 7.27
CA VAL A 169 -39.27 -7.74 8.13
C VAL A 169 -39.19 -7.23 9.56
N LEU A 170 -39.49 -8.12 10.49
CA LEU A 170 -39.42 -7.84 11.91
C LEU A 170 -38.46 -8.82 12.56
N PHE A 171 -37.45 -8.29 13.25
CA PHE A 171 -36.48 -9.10 13.96
C PHE A 171 -36.78 -9.08 15.45
N LEU A 172 -36.69 -10.23 16.08
CA LEU A 172 -36.96 -10.33 17.51
C LEU A 172 -35.77 -10.91 18.23
N GLY A 173 -35.47 -10.34 19.39
CA GLY A 173 -34.49 -10.94 20.27
C GLY A 173 -35.12 -11.28 21.59
N SER A 174 -34.98 -12.51 22.07
CA SER A 174 -35.75 -12.95 23.22
C SER A 174 -34.90 -13.37 24.40
N GLY A 175 -33.68 -12.86 24.49
CA GLY A 175 -32.81 -13.21 25.60
C GLY A 175 -32.87 -12.18 26.70
N GLY A 176 -33.03 -12.66 27.93
CA GLY A 176 -33.03 -11.77 29.07
C GLY A 176 -31.66 -11.21 29.32
N LEU A 177 -31.61 -10.22 30.19
CA LEU A 177 -30.34 -9.61 30.57
C LEU A 177 -29.71 -10.43 31.69
N SER A 178 -28.69 -9.86 32.33
CA SER A 178 -27.96 -10.58 33.37
C SER A 178 -28.89 -11.12 34.43
N HIS A 179 -28.72 -12.39 34.75
CA HIS A 179 -29.55 -13.08 35.74
C HIS A 179 -28.94 -14.46 35.94
N GLN A 180 -29.58 -15.24 36.81
CA GLN A 180 -29.12 -16.62 36.98
C GLN A 180 -30.23 -17.51 37.53
N PRO A 181 -30.88 -18.29 36.69
CA PRO A 181 -31.76 -19.34 37.18
C PRO A 181 -30.95 -20.55 37.61
N PRO A 182 -31.55 -21.46 38.39
CA PRO A 182 -30.81 -22.68 38.83
C PRO A 182 -30.72 -23.74 37.74
N VAL A 183 -29.75 -23.57 36.86
CA VAL A 183 -29.55 -24.47 35.72
C VAL A 183 -28.61 -25.60 36.10
N PRO A 184 -28.96 -26.85 35.81
CA PRO A 184 -28.05 -27.96 36.10
C PRO A 184 -26.79 -27.90 35.25
N GLU A 185 -25.71 -28.47 35.78
CA GLU A 185 -24.42 -28.49 35.13
C GLU A 185 -24.03 -29.93 34.81
N LEU A 186 -23.62 -30.18 33.58
CA LEU A 186 -23.25 -31.54 33.18
C LEU A 186 -22.01 -32.03 33.92
N ALA A 187 -21.06 -31.12 34.18
CA ALA A 187 -19.82 -31.51 34.83
C ALA A 187 -20.07 -32.09 36.21
N LYS A 188 -20.95 -31.47 36.98
CA LYS A 188 -21.32 -31.95 38.30
C LYS A 188 -22.61 -32.76 38.30
N ALA A 189 -23.17 -33.04 37.13
CA ALA A 189 -24.40 -33.82 37.04
C ALA A 189 -24.17 -35.24 37.52
N ASP A 190 -25.18 -35.81 38.17
CA ASP A 190 -25.14 -37.20 38.58
C ASP A 190 -25.47 -38.07 37.38
N ALA A 191 -25.65 -39.37 37.60
CA ALA A 191 -25.97 -40.28 36.51
C ALA A 191 -27.31 -39.94 35.89
N HIS A 192 -28.34 -39.72 36.71
CA HIS A 192 -29.66 -39.42 36.18
C HIS A 192 -29.69 -38.06 35.51
N MET A 193 -29.05 -37.06 36.11
CA MET A 193 -29.06 -35.73 35.51
C MET A 193 -28.28 -35.76 34.19
N ARG A 194 -27.17 -36.49 34.15
CA ARG A 194 -26.43 -36.66 32.91
C ARG A 194 -27.27 -37.33 31.85
N ASP A 195 -28.01 -38.38 32.23
CA ASP A 195 -28.88 -39.05 31.27
C ASP A 195 -29.95 -38.11 30.73
N ARG A 196 -30.51 -37.27 31.61
CA ARG A 196 -31.49 -36.30 31.15
C ARG A 196 -30.87 -35.31 30.16
N LEU A 197 -29.64 -34.87 30.44
CA LEU A 197 -28.98 -33.94 29.53
C LEU A 197 -28.60 -34.60 28.22
N LEU A 198 -28.35 -35.91 28.23
CA LEU A 198 -27.84 -36.56 27.03
C LEU A 198 -28.88 -36.69 25.93
N GLY A 199 -30.16 -36.50 26.21
CA GLY A 199 -31.17 -36.68 25.19
C GLY A 199 -32.48 -37.24 25.68
N SER A 200 -32.52 -37.73 26.91
CA SER A 200 -33.77 -38.21 27.47
C SER A 200 -34.63 -37.08 28.03
N GLY A 201 -34.16 -35.85 27.95
CA GLY A 201 -34.91 -34.70 28.41
C GLY A 201 -35.99 -34.19 27.48
N LYS A 202 -36.13 -34.80 26.29
CA LYS A 202 -37.25 -34.44 25.43
C LYS A 202 -38.57 -34.91 26.01
N ASP A 203 -38.55 -36.00 26.77
CA ASP A 203 -39.77 -36.61 27.27
C ASP A 203 -39.84 -36.52 28.79
N LEU A 204 -39.50 -35.37 29.34
CA LEU A 204 -39.58 -35.17 30.78
C LEU A 204 -41.03 -35.32 31.24
N PRO A 205 -41.30 -36.11 32.27
CA PRO A 205 -42.66 -36.18 32.80
C PRO A 205 -43.08 -34.87 33.43
N ALA A 206 -44.39 -34.66 33.51
CA ALA A 206 -44.91 -33.44 34.09
C ALA A 206 -44.43 -33.24 35.51
N SER A 207 -44.19 -34.33 36.24
CA SER A 207 -43.64 -34.23 37.58
C SER A 207 -42.26 -33.58 37.57
N GLU A 208 -41.40 -34.00 36.64
CA GLU A 208 -40.06 -33.41 36.56
C GLU A 208 -40.12 -31.95 36.14
N ARG A 209 -41.02 -31.62 35.21
CA ARG A 209 -41.18 -30.23 34.80
C ARG A 209 -41.63 -29.37 35.97
N GLU A 210 -42.58 -29.87 36.76
CA GLU A 210 -43.04 -29.13 37.93
C GLU A 210 -41.92 -29.00 38.96
N LEU A 211 -41.12 -30.05 39.14
CA LEU A 211 -40.00 -29.97 40.05
C LEU A 211 -39.01 -28.91 39.62
N ARG A 212 -38.71 -28.86 38.32
CA ARG A 212 -37.77 -27.85 37.82
C ARG A 212 -38.35 -26.45 37.98
N GLN A 213 -39.65 -26.30 37.74
CA GLN A 213 -40.30 -25.01 37.95
C GLN A 213 -40.20 -24.59 39.42
N GLN A 214 -40.40 -25.53 40.34
CA GLN A 214 -40.30 -25.22 41.76
C GLN A 214 -38.87 -24.86 42.12
N ARG A 215 -37.89 -25.54 41.52
CA ARG A 215 -36.49 -25.18 41.75
C ARG A 215 -36.24 -23.74 41.32
N VAL A 216 -36.75 -23.37 40.15
CA VAL A 216 -36.55 -22.00 39.65
C VAL A 216 -37.22 -21.00 40.58
N ILE A 217 -38.44 -21.29 41.02
CA ILE A 217 -39.17 -20.36 41.88
C ILE A 217 -38.46 -20.20 43.22
N SER A 218 -38.01 -21.31 43.81
CA SER A 218 -37.33 -21.24 45.10
C SER A 218 -36.01 -20.50 44.98
N ALA A 219 -35.24 -20.76 43.93
CA ALA A 219 -33.98 -20.04 43.74
C ALA A 219 -34.24 -18.56 43.51
N ALA A 220 -35.32 -18.23 42.80
CA ALA A 220 -35.65 -16.82 42.61
C ALA A 220 -35.98 -16.14 43.94
N GLU A 221 -36.75 -16.81 44.80
CA GLU A 221 -37.08 -16.23 46.10
C GLU A 221 -35.83 -16.07 46.96
N LYS A 222 -34.92 -17.06 46.91
CA LYS A 222 -33.66 -16.93 47.62
C LYS A 222 -32.85 -15.75 47.10
N PHE A 223 -32.85 -15.56 45.78
CA PHE A 223 -32.13 -14.42 45.19
C PHE A 223 -32.78 -13.11 45.63
N VAL A 224 -34.10 -13.11 45.80
CA VAL A 224 -34.77 -11.96 46.41
C VAL A 224 -34.20 -11.71 47.79
N GLU A 225 -34.02 -12.77 48.57
CA GLU A 225 -33.48 -12.63 49.92
C GLU A 225 -32.08 -12.02 49.89
N ASP A 226 -31.23 -12.49 48.97
CA ASP A 226 -29.88 -11.95 48.85
C ASP A 226 -29.38 -12.17 47.43
N GLN A 227 -28.68 -11.16 46.90
CA GLN A 227 -28.10 -11.28 45.57
C GLN A 227 -26.75 -12.00 45.57
N ARG A 228 -26.20 -12.31 46.76
CA ARG A 228 -24.92 -13.00 46.82
C ARG A 228 -25.05 -14.51 46.89
N THR A 229 -26.25 -15.03 47.18
CA THR A 229 -26.47 -16.47 47.09
C THR A 229 -26.12 -16.98 45.71
N LEU A 230 -26.38 -16.16 44.69
CA LEU A 230 -25.93 -16.41 43.33
C LEU A 230 -25.17 -15.17 42.88
N HIS A 231 -24.92 -15.02 41.60
CA HIS A 231 -24.22 -13.82 41.13
C HIS A 231 -25.14 -12.61 41.24
N PRO A 232 -24.77 -11.58 41.99
CA PRO A 232 -25.63 -10.39 42.05
C PRO A 232 -25.72 -9.72 40.70
N LEU A 233 -26.84 -9.04 40.48
CA LEU A 233 -27.04 -8.37 39.20
C LEU A 233 -26.03 -7.25 39.02
N ASN A 234 -25.74 -6.94 37.76
CA ASN A 234 -24.75 -5.94 37.39
C ASN A 234 -25.44 -4.89 36.54
N PRO A 235 -26.10 -3.93 37.16
CA PRO A 235 -26.75 -2.86 36.39
C PRO A 235 -25.78 -2.12 35.53
N ILE A 236 -24.56 -1.94 36.02
CA ILE A 236 -23.55 -1.20 35.28
C ILE A 236 -23.30 -1.86 33.94
N TRP A 237 -23.09 -3.17 33.94
CA TRP A 237 -22.79 -3.83 32.68
C TRP A 237 -24.01 -3.88 31.77
N ASP A 238 -25.20 -3.99 32.34
CA ASP A 238 -26.39 -3.98 31.50
C ASP A 238 -26.50 -2.67 30.75
N ASN A 239 -26.36 -1.55 31.45
CA ASN A 239 -26.46 -0.26 30.79
C ASN A 239 -25.33 -0.09 29.79
N GLN A 240 -24.13 -0.54 30.15
CA GLN A 240 -23.03 -0.57 29.20
C GLN A 240 -23.43 -1.26 27.91
N PHE A 241 -24.02 -2.45 28.03
CA PHE A 241 -24.32 -3.26 26.86
C PHE A 241 -25.36 -2.58 26.00
N MET A 242 -26.46 -2.14 26.61
CA MET A 242 -27.50 -1.51 25.82
C MET A 242 -26.99 -0.25 25.15
N THR A 243 -26.21 0.56 25.86
CA THR A 243 -25.70 1.77 25.25
C THR A 243 -24.78 1.46 24.09
N LEU A 244 -23.96 0.41 24.22
CA LEU A 244 -23.13 0.03 23.11
C LEU A 244 -23.96 -0.35 21.90
N LEU A 245 -25.05 -1.08 22.14
CA LEU A 245 -25.92 -1.44 21.02
C LEU A 245 -26.53 -0.22 20.38
N GLU A 246 -27.02 0.72 21.18
CA GLU A 246 -27.72 1.88 20.64
C GLU A 246 -26.83 2.68 19.72
N GLN A 247 -25.59 2.90 20.11
CA GLN A 247 -24.70 3.70 19.30
C GLN A 247 -24.20 2.98 18.08
N GLY A 248 -24.64 1.75 17.85
CA GLY A 248 -24.16 1.02 16.70
C GLY A 248 -22.69 0.70 16.76
N ARG A 249 -22.21 0.24 17.91
CA ARG A 249 -20.80 -0.05 18.06
C ARG A 249 -20.58 -1.50 18.47
N ILE A 250 -21.28 -2.43 17.83
CA ILE A 250 -21.15 -3.83 18.21
C ILE A 250 -19.78 -4.39 17.90
N GLN A 251 -19.02 -3.73 17.02
CA GLN A 251 -17.66 -4.20 16.74
C GLN A 251 -16.86 -4.33 18.02
N GLU A 252 -17.01 -3.40 18.94
CA GLU A 252 -16.23 -3.43 20.15
C GLU A 252 -16.58 -4.58 21.06
N LEU A 253 -17.65 -5.31 20.78
CA LEU A 253 -17.97 -6.44 21.61
C LEU A 253 -17.11 -7.65 21.29
N ASP A 254 -16.41 -7.64 20.15
CA ASP A 254 -15.58 -8.78 19.80
C ASP A 254 -14.48 -9.00 20.81
N ALA A 255 -14.04 -7.94 21.48
CA ALA A 255 -12.93 -8.07 22.40
C ALA A 255 -13.28 -8.85 23.65
N VAL A 256 -14.54 -9.15 23.89
CA VAL A 256 -14.95 -9.79 25.13
C VAL A 256 -14.96 -11.30 24.92
N SER A 257 -14.32 -12.03 25.81
CA SER A 257 -14.34 -13.48 25.76
C SER A 257 -15.56 -14.00 26.48
N ASN A 258 -15.92 -15.24 26.19
CA ASN A 258 -17.14 -15.81 26.77
C ASN A 258 -17.04 -15.83 28.29
N GLU A 259 -15.92 -16.26 28.82
CA GLU A 259 -15.80 -16.37 30.26
C GLU A 259 -15.36 -15.07 30.90
N GLU A 260 -14.87 -14.12 30.11
CA GLU A 260 -14.90 -12.75 30.57
C GLU A 260 -16.30 -12.35 30.98
N LEU A 261 -17.25 -12.55 30.08
CA LEU A 261 -18.62 -12.19 30.37
C LEU A 261 -19.17 -13.04 31.49
N SER A 262 -18.80 -14.32 31.53
CA SER A 262 -19.25 -15.18 32.60
C SER A 262 -18.79 -14.67 33.95
N ALA A 263 -17.54 -14.23 34.04
CA ALA A 263 -17.02 -13.74 35.30
C ALA A 263 -17.68 -12.42 35.68
N ILE A 264 -17.84 -11.51 34.73
CA ILE A 264 -18.39 -10.20 35.06
C ILE A 264 -19.84 -10.31 35.48
N ALA A 265 -20.66 -11.00 34.70
CA ALA A 265 -22.09 -10.93 34.88
C ALA A 265 -22.76 -12.24 35.25
N GLY A 266 -22.03 -13.34 35.28
CA GLY A 266 -22.70 -14.59 35.59
C GLY A 266 -23.00 -15.39 34.33
N LYS A 267 -22.93 -16.71 34.46
CA LYS A 267 -22.92 -17.55 33.28
C LYS A 267 -24.23 -17.52 32.51
N SER A 268 -25.34 -17.20 33.15
CA SER A 268 -26.59 -17.18 32.41
C SER A 268 -26.70 -16.01 31.46
N THR A 269 -25.78 -15.06 31.54
CA THR A 269 -25.87 -13.87 30.70
C THR A 269 -25.76 -14.17 29.22
N HIS A 270 -25.25 -15.34 28.86
CA HIS A 270 -24.94 -15.59 27.46
C HIS A 270 -26.18 -15.52 26.58
N GLU A 271 -27.35 -15.60 27.19
CA GLU A 271 -28.58 -15.42 26.42
C GLU A 271 -28.54 -14.16 25.58
N ILE A 272 -27.97 -13.07 26.11
CA ILE A 272 -27.99 -11.81 25.38
C ILE A 272 -27.35 -11.90 24.02
N LYS A 273 -26.66 -12.99 23.71
CA LYS A 273 -26.12 -13.10 22.37
C LYS A 273 -27.20 -12.97 21.33
N THR A 274 -28.41 -13.45 21.62
CA THR A 274 -29.50 -13.27 20.68
C THR A 274 -29.62 -11.81 20.27
N TRP A 275 -29.64 -10.91 21.25
CA TRP A 275 -29.74 -9.50 20.92
C TRP A 275 -28.71 -9.11 19.90
N VAL A 276 -27.46 -9.49 20.11
CA VAL A 276 -26.41 -9.10 19.18
C VAL A 276 -26.79 -9.52 17.78
N ALA A 277 -27.17 -10.78 17.61
CA ALA A 277 -27.55 -11.24 16.29
C ALA A 277 -28.59 -10.32 15.68
N ALA A 278 -29.66 -10.06 16.43
CA ALA A 278 -30.72 -9.23 15.88
C ALA A 278 -30.15 -7.93 15.36
N PHE A 279 -29.35 -7.24 16.17
CA PHE A 279 -28.91 -5.94 15.73
C PHE A 279 -28.05 -6.06 14.49
N ALA A 280 -27.17 -7.05 14.46
CA ALA A 280 -26.35 -7.23 13.28
C ALA A 280 -27.22 -7.33 12.05
N ALA A 281 -28.30 -8.11 12.14
CA ALA A 281 -29.17 -8.29 11.00
C ALA A 281 -29.65 -6.95 10.48
N ILE A 282 -30.15 -6.09 11.37
CA ILE A 282 -30.75 -4.87 10.87
C ILE A 282 -29.71 -3.98 10.23
N SER A 283 -28.46 -4.13 10.60
CA SER A 283 -27.45 -3.28 10.00
C SER A 283 -27.29 -3.55 8.52
N ALA A 284 -27.84 -4.64 8.02
CA ALA A 284 -27.77 -4.94 6.61
C ALA A 284 -28.84 -4.23 5.80
N PHE A 285 -29.72 -3.47 6.44
CA PHE A 285 -30.79 -2.80 5.74
C PHE A 285 -30.53 -1.31 5.56
N GLY A 286 -29.30 -0.88 5.67
CA GLY A 286 -29.02 0.54 5.62
C GLY A 286 -29.11 1.17 6.99
N ASN A 287 -29.13 2.49 7.01
CA ASN A 287 -29.10 3.19 8.28
C ASN A 287 -30.41 2.99 9.04
N TRP A 288 -30.35 3.29 10.34
CA TRP A 288 -31.46 3.01 11.22
C TRP A 288 -31.27 3.82 12.49
N ARG A 289 -32.23 3.71 13.40
CA ARG A 289 -32.10 4.40 14.67
C ARG A 289 -32.97 3.70 15.70
N SER A 290 -32.62 3.91 16.95
CA SER A 290 -33.24 3.18 18.05
C SER A 290 -34.31 4.01 18.73
N GLU A 291 -34.98 3.39 19.68
CA GLU A 291 -36.01 4.04 20.47
C GLU A 291 -36.56 3.08 21.51
N GLY A 292 -37.42 3.62 22.37
CA GLY A 292 -38.12 2.81 23.33
C GLY A 292 -37.24 2.15 24.36
N ARG A 293 -36.02 2.66 24.55
CA ARG A 293 -35.11 2.03 25.48
C ARG A 293 -35.72 2.00 26.88
N TYR A 294 -35.63 0.85 27.53
CA TYR A 294 -36.16 0.76 28.88
C TYR A 294 -35.43 -0.33 29.64
N TYR A 295 -35.18 -0.09 30.92
CA TYR A 295 -34.47 -1.05 31.73
C TYR A 295 -34.91 -0.92 33.17
N ARG A 296 -34.92 -2.03 33.88
CA ARG A 296 -35.18 -1.98 35.29
C ARG A 296 -34.76 -3.27 35.97
N PRO A 297 -33.93 -3.20 36.99
CA PRO A 297 -33.65 -4.40 37.77
C PRO A 297 -34.88 -4.83 38.54
N ILE A 298 -35.01 -6.14 38.72
CA ILE A 298 -36.11 -6.70 39.49
C ILE A 298 -35.56 -7.72 40.46
N PRO A 299 -35.62 -7.48 41.76
CA PRO A 299 -35.22 -8.52 42.70
C PRO A 299 -36.08 -9.77 42.60
N GLU A 300 -37.38 -9.62 42.39
CA GLU A 300 -38.29 -10.75 42.50
C GLU A 300 -38.03 -11.78 41.42
N TRP A 301 -37.97 -11.34 40.18
CA TRP A 301 -37.51 -12.19 39.09
C TRP A 301 -36.02 -11.97 38.96
N ILE A 302 -35.24 -13.05 39.06
CA ILE A 302 -33.78 -12.94 39.05
C ILE A 302 -33.31 -12.01 37.94
N ALA A 303 -34.06 -11.89 36.87
CA ALA A 303 -33.62 -11.14 35.72
C ALA A 303 -33.58 -9.64 35.99
N GLY A 304 -32.75 -8.95 35.23
CA GLY A 304 -32.83 -7.51 35.11
C GLY A 304 -33.58 -7.18 33.84
N PHE A 305 -34.85 -6.80 33.97
CA PHE A 305 -35.70 -6.70 32.81
C PHE A 305 -35.25 -5.56 31.90
N GLY A 306 -35.33 -5.79 30.60
CA GLY A 306 -34.93 -4.78 29.65
C GLY A 306 -35.73 -4.91 28.37
N SER A 307 -35.73 -3.83 27.60
CA SER A 307 -36.44 -3.83 26.32
C SER A 307 -35.91 -2.71 25.46
N LEU A 308 -35.94 -2.95 24.16
CA LEU A 308 -35.35 -1.98 23.24
C LEU A 308 -35.99 -2.18 21.88
N SER A 309 -36.02 -1.11 21.07
CA SER A 309 -36.54 -1.25 19.73
C SER A 309 -35.74 -0.39 18.78
N ALA A 310 -35.80 -0.73 17.51
CA ALA A 310 -35.10 0.05 16.51
C ALA A 310 -35.85 -0.05 15.20
N ARG A 311 -35.58 0.88 14.31
CA ARG A 311 -36.35 0.99 13.09
C ARG A 311 -35.47 1.58 12.01
N THR A 312 -35.61 1.06 10.80
CA THR A 312 -34.86 1.62 9.70
C THR A 312 -35.46 2.95 9.29
N GLU A 313 -34.61 3.89 8.92
CA GLU A 313 -35.05 5.15 8.33
C GLU A 313 -34.87 5.03 6.83
N ASN A 314 -35.97 4.80 6.14
CA ASN A 314 -35.96 4.46 4.72
C ASN A 314 -35.11 5.41 3.88
N MET B 1 -26.12 12.18 -22.78
CA MET B 1 -26.39 10.82 -23.21
C MET B 1 -27.65 10.27 -22.56
N HIS B 2 -28.38 9.43 -23.29
CA HIS B 2 -29.67 8.95 -22.86
C HIS B 2 -29.82 7.50 -23.23
N ALA B 3 -30.45 6.72 -22.36
CA ALA B 3 -30.56 5.30 -22.59
C ALA B 3 -31.79 4.76 -21.88
N TYR B 4 -32.45 3.81 -22.54
CA TYR B 4 -33.62 3.17 -21.99
C TYR B 4 -33.45 1.67 -22.11
N LEU B 5 -33.89 0.94 -21.10
CA LEU B 5 -33.69 -0.50 -21.03
C LEU B 5 -35.01 -1.17 -20.76
N HIS B 6 -35.21 -2.34 -21.36
CA HIS B 6 -36.41 -3.09 -21.05
C HIS B 6 -36.14 -4.58 -21.21
N CYS B 7 -36.60 -5.37 -20.26
CA CYS B 7 -36.47 -6.81 -20.34
C CYS B 7 -37.83 -7.45 -20.21
N LEU B 8 -38.05 -8.51 -20.99
CA LEU B 8 -39.39 -9.06 -21.12
C LEU B 8 -39.30 -10.53 -21.48
N SER B 9 -40.03 -11.36 -20.75
CA SER B 9 -40.12 -12.77 -21.11
C SER B 9 -40.82 -12.93 -22.44
N HIS B 10 -40.42 -13.93 -23.20
CA HIS B 10 -41.02 -14.20 -24.50
C HIS B 10 -41.91 -15.42 -24.37
N SER B 11 -43.09 -15.35 -24.98
CA SER B 11 -44.06 -16.44 -24.88
C SER B 11 -44.21 -17.13 -26.23
N PRO B 12 -43.51 -18.24 -26.45
CA PRO B 12 -43.78 -19.03 -27.65
C PRO B 12 -45.22 -19.51 -27.69
N LEU B 13 -45.79 -19.79 -26.51
CA LEU B 13 -47.18 -20.20 -26.41
C LEU B 13 -48.04 -18.96 -26.31
N VAL B 14 -48.38 -18.41 -27.46
CA VAL B 14 -49.37 -17.35 -27.57
C VAL B 14 -50.44 -17.84 -28.53
N GLY B 15 -51.64 -18.07 -28.00
CA GLY B 15 -52.73 -18.58 -28.79
C GLY B 15 -52.78 -20.10 -28.91
N TYR B 16 -51.85 -20.81 -28.29
CA TYR B 16 -51.87 -22.28 -28.30
C TYR B 16 -52.47 -22.84 -27.02
N VAL B 17 -51.88 -22.51 -25.88
CA VAL B 17 -52.45 -22.82 -24.57
C VAL B 17 -52.56 -21.53 -23.81
N ASP B 18 -53.73 -21.25 -23.25
CA ASP B 18 -53.94 -19.93 -22.71
C ASP B 18 -54.52 -19.98 -21.31
N PRO B 19 -54.16 -19.02 -20.47
CA PRO B 19 -54.71 -18.96 -19.12
C PRO B 19 -56.07 -18.28 -19.10
N ALA B 20 -56.57 -18.01 -17.90
CA ALA B 20 -57.80 -17.23 -17.77
C ALA B 20 -57.63 -15.91 -18.51
N GLN B 21 -58.65 -15.56 -19.29
CA GLN B 21 -58.53 -14.46 -20.22
C GLN B 21 -58.23 -13.14 -19.51
N GLU B 22 -58.67 -13.00 -18.27
CA GLU B 22 -58.35 -11.78 -17.52
C GLU B 22 -56.86 -11.62 -17.34
N VAL B 23 -56.17 -12.70 -17.01
CA VAL B 23 -54.71 -12.64 -16.89
C VAL B 23 -54.09 -12.21 -18.21
N LEU B 24 -54.61 -12.75 -19.30
CA LEU B 24 -54.11 -12.36 -20.62
C LEU B 24 -54.28 -10.87 -20.83
N ASP B 25 -55.42 -10.32 -20.44
CA ASP B 25 -55.65 -8.89 -20.57
C ASP B 25 -54.64 -8.10 -19.76
N GLU B 26 -54.38 -8.55 -18.53
CA GLU B 26 -53.42 -7.83 -17.70
C GLU B 26 -52.04 -7.83 -18.34
N VAL B 27 -51.63 -8.99 -18.87
CA VAL B 27 -50.34 -9.08 -19.54
C VAL B 27 -50.27 -8.12 -20.71
N ASN B 28 -51.30 -8.12 -21.54
CA ASN B 28 -51.28 -7.26 -22.71
C ASN B 28 -51.27 -5.80 -22.30
N GLY B 29 -51.94 -5.46 -21.20
CA GLY B 29 -51.90 -4.11 -20.72
C GLY B 29 -50.49 -3.69 -20.32
N VAL B 30 -49.79 -4.58 -19.62
CA VAL B 30 -48.42 -4.27 -19.24
C VAL B 30 -47.56 -4.06 -20.48
N ILE B 31 -47.71 -4.94 -21.46
CA ILE B 31 -46.94 -4.82 -22.69
C ILE B 31 -47.22 -3.48 -23.35
N ALA B 32 -48.50 -3.11 -23.45
CA ALA B 32 -48.84 -1.86 -24.11
C ALA B 32 -48.27 -0.67 -23.37
N SER B 33 -48.30 -0.70 -22.04
CA SER B 33 -47.76 0.41 -21.28
C SER B 33 -46.27 0.57 -21.53
N ALA B 34 -45.54 -0.54 -21.54
CA ALA B 34 -44.12 -0.47 -21.83
C ALA B 34 -43.89 0.07 -23.24
N ARG B 35 -44.70 -0.38 -24.19
CA ARG B 35 -44.57 0.07 -25.56
C ARG B 35 -44.74 1.58 -25.65
N GLU B 36 -45.73 2.10 -24.94
CA GLU B 36 -45.96 3.53 -24.95
C GLU B 36 -44.79 4.29 -24.33
N ARG B 37 -44.25 3.78 -23.23
CA ARG B 37 -43.09 4.43 -22.65
C ARG B 37 -41.94 4.50 -23.64
N ILE B 38 -41.69 3.40 -24.34
CA ILE B 38 -40.60 3.40 -25.31
C ILE B 38 -40.88 4.39 -26.42
N ALA B 39 -42.10 4.36 -26.96
CA ALA B 39 -42.44 5.29 -28.03
C ALA B 39 -42.23 6.72 -27.57
N ALA B 40 -42.49 7.00 -26.31
CA ALA B 40 -42.16 8.31 -25.77
C ALA B 40 -40.66 8.54 -25.80
N PHE B 41 -39.87 7.51 -25.50
CA PHE B 41 -38.43 7.68 -25.51
C PHE B 41 -37.90 7.94 -26.91
N SER B 42 -38.51 7.33 -27.93
CA SER B 42 -38.15 7.52 -29.33
C SER B 42 -36.70 7.13 -29.60
N PRO B 43 -36.39 5.84 -29.61
CA PRO B 43 -35.01 5.41 -29.75
C PRO B 43 -34.51 5.56 -31.18
N GLU B 44 -33.19 5.55 -31.31
CA GLU B 44 -32.54 5.57 -32.61
C GLU B 44 -31.81 4.29 -32.93
N LEU B 45 -31.38 3.54 -31.92
CA LEU B 45 -30.63 2.32 -32.12
C LEU B 45 -31.10 1.30 -31.10
N VAL B 46 -31.21 0.05 -31.53
CA VAL B 46 -31.72 -1.02 -30.69
C VAL B 46 -30.66 -2.10 -30.57
N VAL B 47 -30.27 -2.42 -29.35
CA VAL B 47 -29.37 -3.52 -29.08
C VAL B 47 -30.20 -4.63 -28.47
N LEU B 48 -30.12 -5.81 -29.04
CA LEU B 48 -31.05 -6.89 -28.73
C LEU B 48 -30.28 -8.14 -28.35
N PHE B 49 -30.36 -8.54 -27.09
CA PHE B 49 -29.81 -9.81 -26.64
C PHE B 49 -30.92 -10.84 -26.64
N ALA B 50 -30.62 -12.05 -27.11
CA ALA B 50 -31.65 -13.06 -27.17
C ALA B 50 -31.00 -14.42 -27.27
N PRO B 51 -31.67 -15.47 -26.83
CA PRO B 51 -31.18 -16.83 -27.03
C PRO B 51 -31.78 -17.47 -28.27
N ASP B 52 -31.30 -18.66 -28.58
CA ASP B 52 -31.79 -19.44 -29.69
C ASP B 52 -32.37 -20.76 -29.19
N HIS B 53 -33.05 -21.47 -30.08
CA HIS B 53 -33.64 -22.76 -29.76
C HIS B 53 -33.35 -23.78 -30.84
N TYR B 54 -32.07 -23.93 -31.20
CA TYR B 54 -31.65 -24.86 -32.25
C TYR B 54 -32.27 -24.51 -33.59
N ASN B 55 -31.95 -23.32 -34.08
CA ASN B 55 -32.49 -22.89 -35.36
C ASN B 55 -31.43 -22.39 -36.33
N GLY B 56 -30.40 -21.71 -35.84
CA GLY B 56 -29.30 -21.33 -36.72
C GLY B 56 -27.94 -21.81 -36.26
N PHE B 57 -27.78 -21.95 -34.95
CA PHE B 57 -26.53 -22.40 -34.36
C PHE B 57 -26.65 -23.86 -33.99
N PHE B 58 -25.70 -24.66 -34.43
CA PHE B 58 -25.79 -26.09 -34.19
C PHE B 58 -24.41 -26.60 -33.88
N TYR B 59 -24.34 -27.84 -33.43
CA TYR B 59 -23.07 -28.31 -32.89
C TYR B 59 -21.96 -28.39 -33.93
N ASP B 60 -22.20 -27.98 -35.17
CA ASP B 60 -21.07 -27.80 -36.07
C ASP B 60 -20.13 -26.73 -35.53
N VAL B 61 -20.69 -25.61 -35.08
CA VAL B 61 -19.96 -24.62 -34.29
C VAL B 61 -20.95 -24.00 -33.32
N MET B 62 -20.60 -23.96 -32.03
CA MET B 62 -21.45 -23.36 -31.01
C MET B 62 -20.65 -22.37 -30.18
N PRO B 63 -20.75 -21.09 -30.48
CA PRO B 63 -20.00 -20.10 -29.74
C PRO B 63 -20.76 -19.68 -28.50
N PRO B 64 -20.08 -19.13 -27.49
CA PRO B 64 -20.81 -18.59 -26.35
C PRO B 64 -21.53 -17.29 -26.67
N PHE B 65 -20.89 -16.39 -27.40
CA PHE B 65 -21.55 -15.18 -27.86
C PHE B 65 -21.36 -15.03 -29.36
N CYS B 66 -22.36 -14.52 -30.03
CA CYS B 66 -22.21 -14.24 -31.45
C CYS B 66 -22.88 -12.92 -31.75
N LEU B 67 -22.41 -12.23 -32.77
CA LEU B 67 -22.96 -10.95 -33.15
C LEU B 67 -23.37 -11.02 -34.61
N GLY B 68 -24.60 -10.65 -34.90
CA GLY B 68 -25.09 -10.85 -36.25
C GLY B 68 -24.95 -9.64 -37.14
N VAL B 69 -23.94 -9.62 -37.99
CA VAL B 69 -23.85 -8.54 -38.96
C VAL B 69 -24.97 -8.64 -39.96
N GLY B 70 -25.37 -9.85 -40.31
CA GLY B 70 -26.54 -10.03 -41.14
C GLY B 70 -27.48 -11.04 -40.51
N ALA B 71 -28.76 -10.72 -40.44
CA ALA B 71 -29.70 -11.57 -39.73
C ALA B 71 -30.98 -11.72 -40.53
N THR B 72 -31.69 -12.80 -40.26
CA THR B 72 -32.95 -13.09 -40.93
C THR B 72 -33.82 -13.92 -40.01
N ALA B 73 -35.05 -13.47 -39.79
CA ALA B 73 -36.01 -14.21 -39.00
C ALA B 73 -36.73 -15.21 -39.88
N ILE B 74 -36.77 -16.47 -39.42
CA ILE B 74 -37.33 -17.55 -40.22
C ILE B 74 -38.82 -17.76 -39.96
N GLY B 75 -39.44 -16.94 -39.11
CA GLY B 75 -40.87 -17.04 -38.91
C GLY B 75 -41.37 -18.30 -38.24
N ASP B 76 -40.71 -18.76 -37.19
CA ASP B 76 -41.18 -19.90 -36.43
C ASP B 76 -42.38 -19.53 -35.59
N PHE B 77 -43.21 -20.53 -35.27
CA PHE B 77 -44.38 -20.36 -34.41
C PHE B 77 -45.31 -19.29 -34.92
N GLY B 78 -45.31 -19.04 -36.23
CA GLY B 78 -46.12 -17.97 -36.77
C GLY B 78 -45.59 -16.58 -36.51
N SER B 79 -44.39 -16.45 -35.96
CA SER B 79 -43.81 -15.13 -35.78
C SER B 79 -43.42 -14.54 -37.13
N ALA B 80 -43.04 -13.26 -37.12
CA ALA B 80 -42.70 -12.58 -38.34
C ALA B 80 -41.45 -13.19 -38.96
N ALA B 81 -41.33 -13.03 -40.29
CA ALA B 81 -40.17 -13.52 -41.01
C ALA B 81 -39.67 -12.43 -41.95
N GLY B 82 -38.38 -12.47 -42.23
CA GLY B 82 -37.79 -11.51 -43.13
C GLY B 82 -36.48 -10.99 -42.57
N GLU B 83 -35.90 -10.03 -43.29
CA GLU B 83 -34.61 -9.51 -42.90
C GLU B 83 -34.74 -8.44 -41.82
N LEU B 84 -33.59 -8.04 -41.29
CA LEU B 84 -33.55 -7.07 -40.23
C LEU B 84 -32.64 -5.91 -40.62
N PRO B 85 -33.00 -4.70 -40.28
CA PRO B 85 -32.22 -3.52 -40.69
C PRO B 85 -30.97 -3.32 -39.84
N VAL B 86 -29.89 -3.98 -40.23
CA VAL B 86 -28.64 -3.96 -39.47
C VAL B 86 -27.71 -2.94 -40.10
N PRO B 87 -27.21 -1.98 -39.36
CA PRO B 87 -26.25 -1.01 -39.91
C PRO B 87 -24.86 -1.60 -40.05
N VAL B 88 -24.59 -2.22 -41.21
CA VAL B 88 -23.42 -3.09 -41.38
C VAL B 88 -22.16 -2.45 -40.82
N GLU B 89 -21.84 -1.24 -41.27
CA GLU B 89 -20.57 -0.64 -40.89
C GLU B 89 -20.50 -0.42 -39.40
N LEU B 90 -21.59 0.08 -38.82
CA LEU B 90 -21.64 0.25 -37.39
C LEU B 90 -21.43 -1.09 -36.69
N ALA B 91 -22.03 -2.15 -37.20
CA ALA B 91 -21.88 -3.45 -36.59
C ALA B 91 -20.43 -3.89 -36.60
N GLU B 92 -19.75 -3.71 -37.72
CA GLU B 92 -18.35 -4.14 -37.80
C GLU B 92 -17.49 -3.34 -36.84
N ALA B 93 -17.74 -2.04 -36.75
CA ALA B 93 -16.99 -1.25 -35.79
C ALA B 93 -17.23 -1.74 -34.37
N CYS B 94 -18.48 -2.08 -34.06
CA CYS B 94 -18.79 -2.58 -32.73
C CYS B 94 -18.05 -3.87 -32.43
N ALA B 95 -18.04 -4.78 -33.40
CA ALA B 95 -17.35 -6.05 -33.19
C ALA B 95 -15.87 -5.81 -32.94
N HIS B 96 -15.26 -4.95 -33.75
CA HIS B 96 -13.85 -4.68 -33.58
C HIS B 96 -13.57 -4.13 -32.19
N ALA B 97 -14.35 -3.14 -31.77
CA ALA B 97 -14.09 -2.52 -30.48
C ALA B 97 -14.28 -3.51 -29.34
N VAL B 98 -15.35 -4.30 -29.41
CA VAL B 98 -15.62 -5.26 -28.35
C VAL B 98 -14.48 -6.25 -28.23
N MET B 99 -14.07 -6.83 -29.36
CA MET B 99 -13.02 -7.83 -29.28
C MET B 99 -11.72 -7.23 -28.79
N LYS B 100 -11.43 -6.00 -29.20
CA LYS B 100 -10.27 -5.32 -28.68
C LYS B 100 -10.35 -5.15 -27.17
N SER B 101 -11.55 -4.92 -26.65
CA SER B 101 -11.69 -4.68 -25.23
C SER B 101 -11.39 -5.91 -24.39
N GLY B 102 -11.27 -7.08 -24.99
CA GLY B 102 -10.93 -8.28 -24.26
C GLY B 102 -12.02 -9.31 -24.15
N ILE B 103 -12.97 -9.34 -25.08
CA ILE B 103 -14.04 -10.32 -25.09
C ILE B 103 -13.92 -11.12 -26.37
N ASP B 104 -14.15 -12.42 -26.28
CA ASP B 104 -13.88 -13.31 -27.41
C ASP B 104 -15.19 -13.59 -28.11
N LEU B 105 -15.49 -12.82 -29.16
CA LEU B 105 -16.82 -12.72 -29.71
C LEU B 105 -16.84 -13.20 -31.15
N ALA B 106 -17.63 -14.24 -31.42
CA ALA B 106 -17.77 -14.69 -32.79
C ALA B 106 -18.62 -13.71 -33.58
N VAL B 107 -18.49 -13.77 -34.91
CA VAL B 107 -19.31 -12.95 -35.78
C VAL B 107 -19.91 -13.83 -36.87
N SER B 108 -20.98 -13.34 -37.46
CA SER B 108 -21.68 -14.09 -38.49
C SER B 108 -22.31 -13.11 -39.47
N TYR B 109 -22.30 -13.48 -40.74
CA TYR B 109 -22.86 -12.59 -41.75
C TYR B 109 -24.20 -13.05 -42.28
N CYS B 110 -24.63 -14.26 -41.95
CA CYS B 110 -25.96 -14.72 -42.31
C CYS B 110 -26.49 -15.53 -41.13
N MET B 111 -27.18 -14.86 -40.23
CA MET B 111 -27.66 -15.49 -39.00
C MET B 111 -29.14 -15.80 -39.17
N GLN B 112 -29.54 -16.97 -38.71
CA GLN B 112 -30.94 -17.37 -38.71
C GLN B 112 -31.48 -17.20 -37.30
N VAL B 113 -32.58 -16.47 -37.17
CA VAL B 113 -33.16 -16.24 -35.86
C VAL B 113 -34.62 -16.65 -35.87
N ASP B 114 -35.15 -16.87 -34.68
CA ASP B 114 -36.48 -17.40 -34.48
C ASP B 114 -37.29 -16.43 -33.63
N HIS B 115 -38.45 -16.91 -33.17
CA HIS B 115 -39.36 -16.08 -32.39
C HIS B 115 -38.64 -15.37 -31.26
N GLY B 116 -37.59 -15.98 -30.71
CA GLY B 116 -36.87 -15.34 -29.62
C GLY B 116 -36.33 -13.98 -30.00
N PHE B 117 -36.08 -13.76 -31.28
CA PHE B 117 -35.71 -12.44 -31.76
C PHE B 117 -36.89 -11.67 -32.32
N ALA B 118 -37.96 -12.35 -32.70
CA ALA B 118 -39.05 -11.68 -33.39
C ALA B 118 -40.01 -11.04 -32.40
N GLN B 119 -40.53 -11.82 -31.45
CA GLN B 119 -41.61 -11.32 -30.60
C GLN B 119 -41.29 -10.00 -29.93
N PRO B 120 -40.14 -9.80 -29.31
CA PRO B 120 -39.90 -8.49 -28.68
C PRO B 120 -39.99 -7.35 -29.65
N LEU B 121 -39.46 -7.51 -30.87
CA LEU B 121 -39.51 -6.42 -31.83
C LEU B 121 -40.94 -6.10 -32.22
N GLU B 122 -41.73 -7.13 -32.51
CA GLU B 122 -43.11 -6.91 -32.88
C GLU B 122 -43.88 -6.26 -31.75
N PHE B 123 -43.71 -6.75 -30.53
CA PHE B 123 -44.52 -6.29 -29.43
C PHE B 123 -44.13 -4.92 -28.95
N LEU B 124 -42.87 -4.54 -29.11
CA LEU B 124 -42.41 -3.28 -28.55
C LEU B 124 -42.21 -2.19 -29.57
N LEU B 125 -42.11 -2.53 -30.84
CA LEU B 125 -41.91 -1.54 -31.89
C LEU B 125 -42.86 -1.71 -33.05
N GLY B 126 -43.68 -2.75 -33.07
CA GLY B 126 -44.65 -2.91 -34.12
C GLY B 126 -44.09 -3.30 -35.46
N GLY B 127 -42.95 -3.97 -35.49
CA GLY B 127 -42.41 -4.44 -36.75
C GLY B 127 -40.93 -4.68 -36.67
N LEU B 128 -40.43 -5.41 -37.66
CA LEU B 128 -39.00 -5.72 -37.68
C LEU B 128 -38.16 -4.55 -38.15
N ASP B 129 -38.67 -3.76 -39.08
CA ASP B 129 -37.85 -2.81 -39.82
C ASP B 129 -37.99 -1.39 -39.33
N LYS B 130 -38.44 -1.19 -38.10
CA LYS B 130 -38.68 0.17 -37.64
C LYS B 130 -37.39 0.91 -37.33
N VAL B 131 -36.45 0.23 -36.67
CA VAL B 131 -35.26 0.89 -36.15
C VAL B 131 -34.05 0.04 -36.48
N PRO B 132 -32.86 0.61 -36.66
CA PRO B 132 -31.66 -0.21 -36.79
C PRO B 132 -31.43 -1.10 -35.57
N VAL B 133 -30.91 -2.30 -35.80
CA VAL B 133 -30.81 -3.34 -34.79
C VAL B 133 -29.39 -3.87 -34.75
N LEU B 134 -28.97 -4.34 -33.59
CA LEU B 134 -27.69 -5.04 -33.41
C LEU B 134 -27.96 -6.37 -32.72
N PRO B 135 -28.32 -7.41 -33.46
CA PRO B 135 -28.66 -8.67 -32.81
C PRO B 135 -27.44 -9.33 -32.21
N VAL B 136 -27.55 -9.74 -30.96
CA VAL B 136 -26.48 -10.41 -30.25
C VAL B 136 -27.03 -11.69 -29.65
N PHE B 137 -26.47 -12.82 -30.03
CA PHE B 137 -26.94 -14.11 -29.54
C PHE B 137 -26.07 -14.57 -28.39
N ILE B 138 -26.73 -15.10 -27.36
CA ILE B 138 -26.05 -15.65 -26.19
C ILE B 138 -26.47 -17.09 -26.02
N ASN B 139 -25.51 -17.99 -25.93
CA ASN B 139 -25.83 -19.39 -25.76
C ASN B 139 -26.42 -19.62 -24.38
N GLY B 140 -27.49 -20.42 -24.33
CA GLY B 140 -28.12 -20.70 -23.07
C GLY B 140 -28.66 -22.10 -22.96
N VAL B 141 -28.32 -22.97 -23.89
CA VAL B 141 -28.88 -24.31 -23.94
C VAL B 141 -27.81 -25.39 -23.92
N ALA B 142 -26.74 -25.23 -24.69
CA ALA B 142 -25.77 -26.30 -24.91
C ALA B 142 -24.55 -26.09 -24.01
N THR B 143 -24.33 -27.04 -23.11
CA THR B 143 -23.18 -26.93 -22.22
C THR B 143 -21.89 -27.18 -23.00
N PRO B 144 -20.79 -26.55 -22.57
CA PRO B 144 -20.63 -25.64 -21.44
C PRO B 144 -21.19 -24.27 -21.74
N LEU B 145 -21.47 -23.50 -20.70
CA LEU B 145 -22.15 -22.24 -20.85
C LEU B 145 -21.32 -21.12 -20.26
N PRO B 146 -21.42 -19.92 -20.81
CA PRO B 146 -20.71 -18.79 -20.22
C PRO B 146 -21.26 -18.47 -18.85
N GLY B 147 -20.38 -17.99 -17.97
CA GLY B 147 -20.79 -17.67 -16.62
C GLY B 147 -21.34 -16.26 -16.53
N PHE B 148 -21.83 -15.94 -15.34
CA PHE B 148 -22.36 -14.60 -15.13
C PHE B 148 -21.27 -13.55 -15.26
N GLN B 149 -20.08 -13.86 -14.77
CA GLN B 149 -18.99 -12.90 -14.82
C GLN B 149 -18.72 -12.43 -16.25
N ARG B 150 -18.52 -13.38 -17.15
CA ARG B 150 -18.22 -12.99 -18.52
C ARG B 150 -19.38 -12.28 -19.18
N THR B 151 -20.61 -12.70 -18.87
CA THR B 151 -21.76 -12.01 -19.45
C THR B 151 -21.79 -10.56 -19.04
N ARG B 152 -21.54 -10.29 -17.77
CA ARG B 152 -21.47 -8.91 -17.32
C ARG B 152 -20.36 -8.17 -18.05
N MET B 153 -19.22 -8.82 -18.24
CA MET B 153 -18.13 -8.15 -18.94
C MET B 153 -18.54 -7.77 -20.36
N LEU B 154 -19.23 -8.68 -21.05
CA LEU B 154 -19.67 -8.41 -22.39
C LEU B 154 -20.63 -7.24 -22.41
N GLY B 155 -21.58 -7.22 -21.49
CA GLY B 155 -22.51 -6.12 -21.42
C GLY B 155 -21.80 -4.79 -21.25
N GLU B 156 -20.82 -4.76 -20.35
CA GLU B 156 -20.11 -3.51 -20.13
C GLU B 156 -19.36 -3.07 -21.37
N ALA B 157 -18.75 -4.02 -22.08
CA ALA B 157 -18.02 -3.63 -23.29
C ALA B 157 -18.95 -2.99 -24.31
N ILE B 158 -20.09 -3.64 -24.58
CA ILE B 158 -21.00 -3.06 -25.56
C ILE B 158 -21.52 -1.72 -25.06
N GLY B 159 -21.77 -1.61 -23.77
CA GLY B 159 -22.27 -0.36 -23.24
C GLY B 159 -21.29 0.78 -23.45
N ARG B 160 -20.03 0.56 -23.10
CA ARG B 160 -19.08 1.66 -23.27
C ARG B 160 -18.90 1.98 -24.73
N PHE B 161 -18.96 0.99 -25.61
CA PHE B 161 -18.83 1.33 -27.01
C PHE B 161 -19.98 2.20 -27.48
N THR B 162 -21.20 1.78 -27.20
CA THR B 162 -22.34 2.54 -27.71
C THR B 162 -22.49 3.88 -27.02
N SER B 163 -21.92 4.05 -25.84
CA SER B 163 -22.08 5.32 -25.15
C SER B 163 -21.49 6.48 -25.94
N THR B 164 -20.60 6.22 -26.88
CA THR B 164 -19.95 7.27 -27.63
C THR B 164 -20.52 7.44 -29.02
N LEU B 165 -21.70 6.89 -29.29
CA LEU B 165 -22.30 7.10 -30.59
C LEU B 165 -23.13 8.36 -30.66
N ASN B 166 -23.33 9.03 -29.53
CA ASN B 166 -24.12 10.25 -29.48
C ASN B 166 -25.53 10.03 -30.02
N LYS B 167 -26.13 8.90 -29.64
CA LYS B 167 -27.48 8.56 -30.05
C LYS B 167 -28.31 8.25 -28.82
N ARG B 168 -29.59 7.98 -29.05
CA ARG B 168 -30.49 7.51 -28.00
C ARG B 168 -30.68 6.02 -28.18
N VAL B 169 -30.31 5.26 -27.16
CA VAL B 169 -30.13 3.81 -27.30
C VAL B 169 -31.15 3.09 -26.44
N LEU B 170 -31.67 2.00 -26.99
CA LEU B 170 -32.62 1.15 -26.30
C LEU B 170 -32.05 -0.25 -26.22
N PHE B 171 -31.97 -0.79 -25.01
CA PHE B 171 -31.48 -2.13 -24.78
C PHE B 171 -32.64 -3.06 -24.49
N LEU B 172 -32.61 -4.25 -25.08
CA LEU B 172 -33.68 -5.21 -24.88
C LEU B 172 -33.12 -6.51 -24.35
N GLY B 173 -33.84 -7.10 -23.40
CA GLY B 173 -33.52 -8.44 -22.96
C GLY B 173 -34.70 -9.35 -23.19
N SER B 174 -34.51 -10.47 -23.85
CA SER B 174 -35.64 -11.27 -24.30
C SER B 174 -35.66 -12.67 -23.71
N GLY B 175 -35.03 -12.87 -22.56
CA GLY B 175 -35.02 -14.18 -21.94
C GLY B 175 -36.10 -14.32 -20.90
N GLY B 176 -36.84 -15.41 -20.98
CA GLY B 176 -37.86 -15.68 -19.98
C GLY B 176 -37.25 -16.02 -18.65
N LEU B 177 -38.10 -16.04 -17.63
CA LEU B 177 -37.64 -16.40 -16.29
C LEU B 177 -37.66 -17.92 -16.15
N SER B 178 -37.54 -18.40 -14.92
CA SER B 178 -37.45 -19.84 -14.67
C SER B 178 -38.62 -20.57 -15.30
N HIS B 179 -38.29 -21.64 -16.03
CA HIS B 179 -39.28 -22.45 -16.74
C HIS B 179 -38.54 -23.65 -17.31
N GLN B 180 -39.28 -24.50 -18.00
CA GLN B 180 -38.63 -25.62 -18.66
C GLN B 180 -39.46 -26.15 -19.82
N PRO B 181 -39.12 -25.80 -21.06
CA PRO B 181 -39.72 -26.46 -22.21
C PRO B 181 -39.04 -27.80 -22.45
N PRO B 182 -39.65 -28.69 -23.23
CA PRO B 182 -39.03 -30.00 -23.53
C PRO B 182 -37.92 -29.91 -24.58
N VAL B 183 -36.74 -29.53 -24.12
CA VAL B 183 -35.58 -29.35 -25.00
C VAL B 183 -34.80 -30.66 -25.13
N PRO B 184 -34.45 -31.08 -26.34
CA PRO B 184 -33.64 -32.29 -26.50
C PRO B 184 -32.24 -32.11 -25.93
N GLU B 185 -31.65 -33.23 -25.53
CA GLU B 185 -30.31 -33.25 -24.94
C GLU B 185 -29.38 -34.05 -25.84
N LEU B 186 -28.22 -33.48 -26.14
CA LEU B 186 -27.27 -34.16 -27.02
C LEU B 186 -26.72 -35.42 -26.38
N ALA B 187 -26.52 -35.40 -25.06
CA ALA B 187 -25.94 -36.56 -24.39
C ALA B 187 -26.82 -37.79 -24.53
N LYS B 188 -28.13 -37.64 -24.39
CA LYS B 188 -29.07 -38.73 -24.56
C LYS B 188 -29.70 -38.74 -25.95
N ALA B 189 -29.25 -37.88 -26.86
CA ALA B 189 -29.80 -37.85 -28.20
C ALA B 189 -29.48 -39.13 -28.95
N ASP B 190 -30.43 -39.57 -29.77
CA ASP B 190 -30.21 -40.72 -30.64
C ASP B 190 -29.40 -40.27 -31.86
N ALA B 191 -29.24 -41.16 -32.83
CA ALA B 191 -28.47 -40.82 -34.02
C ALA B 191 -29.11 -39.68 -34.79
N HIS B 192 -30.43 -39.77 -35.02
CA HIS B 192 -31.11 -38.72 -35.78
C HIS B 192 -31.14 -37.40 -35.02
N MET B 193 -31.40 -37.46 -33.71
CA MET B 193 -31.45 -36.23 -32.93
C MET B 193 -30.06 -35.60 -32.88
N ARG B 194 -29.02 -36.42 -32.74
CA ARG B 194 -27.66 -35.92 -32.77
C ARG B 194 -27.34 -35.27 -34.11
N ASP B 195 -27.77 -35.90 -35.21
CA ASP B 195 -27.53 -35.32 -36.53
C ASP B 195 -28.25 -33.98 -36.66
N ARG B 196 -29.47 -33.88 -36.13
CA ARG B 196 -30.18 -32.61 -36.17
C ARG B 196 -29.43 -31.55 -35.38
N LEU B 197 -28.90 -31.92 -34.22
CA LEU B 197 -28.16 -30.96 -33.40
C LEU B 197 -26.84 -30.56 -34.06
N LEU B 198 -26.25 -31.45 -34.85
CA LEU B 198 -24.92 -31.20 -35.38
C LEU B 198 -24.89 -30.11 -36.45
N GLY B 199 -26.03 -29.74 -37.02
CA GLY B 199 -26.01 -28.76 -38.09
C GLY B 199 -27.07 -28.96 -39.15
N SER B 200 -27.72 -30.11 -39.16
CA SER B 200 -28.80 -30.34 -40.10
C SER B 200 -30.12 -29.74 -39.64
N GLY B 201 -30.14 -29.10 -38.48
CA GLY B 201 -31.34 -28.46 -37.96
C GLY B 201 -31.65 -27.11 -38.55
N LYS B 202 -30.79 -26.58 -39.44
CA LYS B 202 -31.13 -25.35 -40.13
C LYS B 202 -32.28 -25.56 -41.10
N ASP B 203 -32.39 -26.77 -41.66
CA ASP B 203 -33.38 -27.04 -42.69
C ASP B 203 -34.41 -28.04 -42.21
N LEU B 204 -34.90 -27.85 -40.99
CA LEU B 204 -35.95 -28.72 -40.47
C LEU B 204 -37.20 -28.60 -41.33
N PRO B 205 -37.80 -29.71 -41.75
CA PRO B 205 -39.06 -29.64 -42.49
C PRO B 205 -40.18 -29.12 -41.59
N ALA B 206 -41.21 -28.58 -42.23
CA ALA B 206 -42.35 -28.04 -41.49
C ALA B 206 -42.98 -29.11 -40.61
N SER B 207 -42.92 -30.38 -41.04
CA SER B 207 -43.44 -31.46 -40.21
C SER B 207 -42.67 -31.55 -38.89
N GLU B 208 -41.35 -31.48 -38.95
CA GLU B 208 -40.55 -31.55 -37.73
C GLU B 208 -40.79 -30.34 -36.83
N ARG B 209 -40.93 -29.16 -37.43
CA ARG B 209 -41.24 -27.97 -36.64
C ARG B 209 -42.58 -28.11 -35.93
N GLU B 210 -43.58 -28.61 -36.64
CA GLU B 210 -44.88 -28.83 -36.04
C GLU B 210 -44.81 -29.88 -34.94
N LEU B 211 -44.03 -30.93 -35.15
CA LEU B 211 -43.85 -31.95 -34.11
C LEU B 211 -43.22 -31.35 -32.86
N ARG B 212 -42.20 -30.52 -33.04
CA ARG B 212 -41.56 -29.89 -31.90
C ARG B 212 -42.51 -28.94 -31.18
N GLN B 213 -43.32 -28.21 -31.95
CA GLN B 213 -44.33 -27.34 -31.34
C GLN B 213 -45.33 -28.14 -30.54
N GLN B 214 -45.76 -29.30 -31.07
CA GLN B 214 -46.68 -30.15 -30.34
C GLN B 214 -46.04 -30.71 -29.08
N ARG B 215 -44.76 -31.06 -29.16
CA ARG B 215 -44.04 -31.50 -27.96
C ARG B 215 -44.07 -30.42 -26.89
N VAL B 216 -43.78 -29.18 -27.29
CA VAL B 216 -43.77 -28.08 -26.34
C VAL B 216 -45.15 -27.88 -25.73
N ILE B 217 -46.20 -27.91 -26.57
CA ILE B 217 -47.56 -27.70 -26.08
C ILE B 217 -47.97 -28.80 -25.11
N SER B 218 -47.68 -30.05 -25.46
CA SER B 218 -48.05 -31.17 -24.60
C SER B 218 -47.30 -31.12 -23.27
N ALA B 219 -45.99 -30.82 -23.33
CA ALA B 219 -45.23 -30.70 -22.09
C ALA B 219 -45.74 -29.55 -21.24
N ALA B 220 -46.16 -28.46 -21.87
CA ALA B 220 -46.72 -27.35 -21.12
C ALA B 220 -48.01 -27.75 -20.42
N GLU B 221 -48.88 -28.48 -21.13
CA GLU B 221 -50.12 -28.92 -20.51
C GLU B 221 -49.86 -29.89 -19.36
N LYS B 222 -48.89 -30.79 -19.53
CA LYS B 222 -48.49 -31.67 -18.44
C LYS B 222 -47.98 -30.88 -17.24
N PHE B 223 -47.19 -29.83 -17.50
CA PHE B 223 -46.69 -28.99 -16.42
C PHE B 223 -47.84 -28.26 -15.73
N VAL B 224 -48.88 -27.91 -16.49
CA VAL B 224 -50.10 -27.39 -15.88
C VAL B 224 -50.68 -28.42 -14.93
N GLU B 225 -50.71 -29.68 -15.35
CA GLU B 225 -51.24 -30.74 -14.50
C GLU B 225 -50.43 -30.86 -13.21
N ASP B 226 -49.10 -30.81 -13.31
CA ASP B 226 -48.26 -30.88 -12.12
C ASP B 226 -46.93 -30.21 -12.40
N GLN B 227 -46.43 -29.47 -11.40
CA GLN B 227 -45.14 -28.82 -11.53
C GLN B 227 -43.97 -29.75 -11.22
N ARG B 228 -44.24 -30.97 -10.76
CA ARG B 228 -43.16 -31.90 -10.44
C ARG B 228 -42.81 -32.83 -11.59
N THR B 229 -43.66 -32.90 -12.62
CA THR B 229 -43.30 -33.65 -13.82
C THR B 229 -42.00 -33.11 -14.41
N LEU B 230 -41.79 -31.80 -14.29
CA LEU B 230 -40.53 -31.14 -14.60
C LEU B 230 -40.12 -30.35 -13.37
N HIS B 231 -39.16 -29.45 -13.50
CA HIS B 231 -38.78 -28.65 -12.34
C HIS B 231 -39.88 -27.66 -12.00
N PRO B 232 -40.44 -27.68 -10.80
CA PRO B 232 -41.45 -26.70 -10.44
C PRO B 232 -40.86 -25.30 -10.43
N LEU B 233 -41.72 -24.31 -10.69
CA LEU B 233 -41.27 -22.94 -10.73
C LEU B 233 -40.81 -22.50 -9.34
N ASN B 234 -39.90 -21.53 -9.32
CA ASN B 234 -39.29 -21.03 -8.10
C ASN B 234 -39.57 -19.54 -8.03
N PRO B 235 -40.75 -19.15 -7.54
CA PRO B 235 -41.04 -17.72 -7.41
C PRO B 235 -40.05 -17.01 -6.52
N ILE B 236 -39.58 -17.70 -5.50
CA ILE B 236 -38.64 -17.09 -4.57
C ILE B 236 -37.40 -16.64 -5.30
N TRP B 237 -36.83 -17.51 -6.13
CA TRP B 237 -35.61 -17.14 -6.80
C TRP B 237 -35.86 -16.08 -7.85
N ASP B 238 -37.01 -16.11 -8.50
CA ASP B 238 -37.31 -15.08 -9.48
C ASP B 238 -37.33 -13.72 -8.84
N ASN B 239 -38.05 -13.59 -7.72
CA ASN B 239 -38.11 -12.30 -7.04
C ASN B 239 -36.74 -11.90 -6.54
N GLN B 240 -35.98 -12.87 -6.02
CA GLN B 240 -34.60 -12.62 -5.65
C GLN B 240 -33.83 -11.98 -6.78
N PHE B 241 -33.93 -12.57 -7.97
CA PHE B 241 -33.13 -12.13 -9.10
C PHE B 241 -33.53 -10.73 -9.52
N MET B 242 -34.82 -10.49 -9.68
CA MET B 242 -35.24 -9.16 -10.11
C MET B 242 -34.87 -8.11 -9.09
N THR B 243 -35.04 -8.41 -7.81
CA THR B 243 -34.70 -7.44 -6.80
C THR B 243 -33.22 -7.14 -6.81
N LEU B 244 -32.39 -8.16 -7.02
CA LEU B 244 -30.97 -7.91 -7.13
C LEU B 244 -30.65 -7.00 -8.29
N LEU B 245 -31.33 -7.20 -9.41
CA LEU B 245 -31.11 -6.32 -10.55
C LEU B 245 -31.51 -4.89 -10.24
N GLU B 246 -32.67 -4.72 -9.61
CA GLU B 246 -33.19 -3.38 -9.38
C GLU B 246 -32.24 -2.57 -8.52
N GLN B 247 -31.71 -3.16 -7.48
CA GLN B 247 -30.82 -2.43 -6.58
C GLN B 247 -29.45 -2.19 -7.19
N GLY B 248 -29.21 -2.60 -8.42
CA GLY B 248 -27.91 -2.41 -9.01
C GLY B 248 -26.82 -3.18 -8.31
N ARG B 249 -27.07 -4.45 -8.00
CA ARG B 249 -26.09 -5.26 -7.29
C ARG B 249 -25.74 -6.51 -8.08
N ILE B 250 -25.51 -6.36 -9.39
CA ILE B 250 -25.20 -7.52 -10.20
C ILE B 250 -23.87 -8.14 -9.85
N GLN B 251 -22.99 -7.41 -9.18
CA GLN B 251 -21.72 -7.98 -8.77
C GLN B 251 -21.92 -9.26 -7.97
N GLU B 252 -22.93 -9.28 -7.12
CA GLU B 252 -23.15 -10.44 -6.28
C GLU B 252 -23.60 -11.65 -7.05
N LEU B 253 -23.94 -11.51 -8.33
CA LEU B 253 -24.32 -12.67 -9.10
C LEU B 253 -23.12 -13.49 -9.54
N ASP B 254 -21.92 -12.94 -9.45
CA ASP B 254 -20.73 -13.69 -9.87
C ASP B 254 -20.55 -14.94 -9.04
N ALA B 255 -21.01 -14.92 -7.80
CA ALA B 255 -20.78 -16.06 -6.92
C ALA B 255 -21.57 -17.29 -7.32
N VAL B 256 -22.51 -17.17 -8.24
CA VAL B 256 -23.37 -18.29 -8.59
C VAL B 256 -22.76 -19.05 -9.76
N SER B 257 -22.64 -20.36 -9.61
CA SER B 257 -22.16 -21.20 -10.69
C SER B 257 -23.31 -21.59 -11.61
N ASN B 258 -22.97 -21.99 -12.82
CA ASN B 258 -24.00 -22.31 -13.79
C ASN B 258 -24.91 -23.43 -13.30
N GLU B 259 -24.32 -24.47 -12.75
CA GLU B 259 -25.13 -25.60 -12.31
C GLU B 259 -25.64 -25.42 -10.91
N GLU B 260 -25.09 -24.46 -10.16
CA GLU B 260 -25.87 -23.94 -9.04
C GLU B 260 -27.24 -23.49 -9.48
N LEU B 261 -27.25 -22.62 -10.49
CA LEU B 261 -28.51 -22.11 -11.00
C LEU B 261 -29.34 -23.22 -11.60
N SER B 262 -28.69 -24.15 -12.28
CA SER B 262 -29.42 -25.27 -12.87
C SER B 262 -30.12 -26.08 -11.80
N ALA B 263 -29.44 -26.33 -10.69
CA ALA B 263 -30.06 -27.10 -9.62
C ALA B 263 -31.19 -26.33 -8.96
N ILE B 264 -30.97 -25.05 -8.69
CA ILE B 264 -31.99 -24.29 -7.98
C ILE B 264 -33.25 -24.12 -8.82
N ALA B 265 -33.09 -23.70 -10.06
CA ALA B 265 -34.22 -23.26 -10.84
C ALA B 265 -34.50 -24.08 -12.08
N GLY B 266 -33.66 -25.03 -12.44
CA GLY B 266 -33.91 -25.77 -13.65
C GLY B 266 -33.06 -25.25 -14.79
N LYS B 267 -32.67 -26.16 -15.68
CA LYS B 267 -31.64 -25.85 -16.64
C LYS B 267 -32.07 -24.81 -17.66
N SER B 268 -33.35 -24.66 -17.92
CA SER B 268 -33.77 -23.67 -18.91
C SER B 268 -33.61 -22.25 -18.42
N THR B 269 -33.32 -22.05 -17.14
CA THR B 269 -33.24 -20.72 -16.58
C THR B 269 -32.11 -19.90 -17.18
N HIS B 270 -31.15 -20.53 -17.82
CA HIS B 270 -29.96 -19.81 -18.25
C HIS B 270 -30.28 -18.70 -19.22
N GLU B 271 -31.47 -18.74 -19.82
CA GLU B 271 -31.88 -17.65 -20.69
C GLU B 271 -31.73 -16.31 -20.00
N ILE B 272 -32.03 -16.22 -18.70
CA ILE B 272 -31.98 -14.94 -18.02
C ILE B 272 -30.63 -14.27 -18.12
N LYS B 273 -29.59 -14.97 -18.57
CA LYS B 273 -28.34 -14.28 -18.71
C LYS B 273 -28.46 -13.08 -19.61
N THR B 274 -29.34 -13.13 -20.62
CA THR B 274 -29.56 -11.96 -21.44
C THR B 274 -29.85 -10.74 -20.59
N TRP B 275 -30.78 -10.88 -19.65
CA TRP B 275 -31.11 -9.75 -18.79
C TRP B 275 -29.85 -9.15 -18.18
N VAL B 276 -28.99 -10.01 -17.63
CA VAL B 276 -27.80 -9.49 -16.98
C VAL B 276 -27.03 -8.62 -17.94
N ALA B 277 -26.78 -9.13 -19.14
CA ALA B 277 -26.04 -8.35 -20.12
C ALA B 277 -26.67 -6.98 -20.27
N ALA B 278 -27.98 -6.95 -20.51
CA ALA B 278 -28.65 -5.68 -20.73
C ALA B 278 -28.33 -4.72 -19.60
N PHE B 279 -28.52 -5.16 -18.36
CA PHE B 279 -28.35 -4.23 -17.26
C PHE B 279 -26.92 -3.74 -17.21
N ALA B 280 -25.96 -4.64 -17.40
CA ALA B 280 -24.58 -4.22 -17.38
C ALA B 280 -24.36 -3.10 -18.37
N ALA B 281 -24.92 -3.24 -19.57
CA ALA B 281 -24.74 -2.22 -20.59
C ALA B 281 -25.19 -0.87 -20.08
N ILE B 282 -26.37 -0.79 -19.49
CA ILE B 282 -26.87 0.51 -19.13
C ILE B 282 -26.03 1.14 -18.04
N SER B 283 -25.34 0.32 -17.25
CA SER B 283 -24.54 0.90 -16.20
C SER B 283 -23.39 1.72 -16.75
N ALA B 284 -23.10 1.61 -18.03
CA ALA B 284 -22.04 2.40 -18.63
C ALA B 284 -22.50 3.79 -19.03
N PHE B 285 -23.77 4.12 -18.82
CA PHE B 285 -24.29 5.41 -19.21
C PHE B 285 -24.47 6.35 -18.04
N GLY B 286 -23.83 6.09 -16.92
CA GLY B 286 -24.06 6.88 -15.73
C GLY B 286 -25.20 6.33 -14.91
N ASN B 287 -25.65 7.13 -13.96
CA ASN B 287 -26.68 6.66 -13.05
C ASN B 287 -28.01 6.46 -13.77
N TRP B 288 -28.89 5.72 -13.13
CA TRP B 288 -30.15 5.32 -13.74
C TRP B 288 -31.08 4.85 -12.64
N ARG B 289 -32.29 4.50 -13.04
CA ARG B 289 -33.24 3.97 -12.08
C ARG B 289 -34.28 3.13 -12.80
N SER B 290 -34.91 2.25 -12.06
CA SER B 290 -35.80 1.25 -12.62
C SER B 290 -37.26 1.67 -12.48
N GLU B 291 -38.14 0.86 -13.06
CA GLU B 291 -39.57 1.09 -12.98
C GLU B 291 -40.29 -0.03 -13.69
N GLY B 292 -41.62 0.00 -13.58
CA GLY B 292 -42.47 -0.92 -14.30
C GLY B 292 -42.30 -2.37 -13.91
N ARG B 293 -41.74 -2.63 -12.74
CA ARG B 293 -41.50 -4.01 -12.35
C ARG B 293 -42.80 -4.78 -12.31
N TYR B 294 -42.78 -5.97 -12.90
CA TYR B 294 -43.98 -6.78 -12.87
C TYR B 294 -43.61 -8.25 -12.99
N TYR B 295 -44.34 -9.09 -12.27
CA TYR B 295 -44.04 -10.51 -12.27
C TYR B 295 -45.31 -11.29 -12.01
N ARG B 296 -45.41 -12.46 -12.60
CA ARG B 296 -46.52 -13.33 -12.30
C ARG B 296 -46.23 -14.75 -12.76
N PRO B 297 -46.33 -15.74 -11.90
CA PRO B 297 -46.24 -17.12 -12.35
C PRO B 297 -47.45 -17.47 -13.19
N ILE B 298 -47.24 -18.35 -14.16
CA ILE B 298 -48.31 -18.81 -15.02
C ILE B 298 -48.23 -20.33 -15.13
N PRO B 299 -49.18 -21.07 -14.58
CA PRO B 299 -49.16 -22.52 -14.81
C PRO B 299 -49.29 -22.90 -16.27
N GLU B 300 -50.11 -22.18 -17.03
CA GLU B 300 -50.45 -22.62 -18.38
C GLU B 300 -49.25 -22.58 -19.30
N TRP B 301 -48.55 -21.45 -19.32
CA TRP B 301 -47.26 -21.37 -19.98
C TRP B 301 -46.21 -21.69 -18.94
N ILE B 302 -45.37 -22.70 -19.22
CA ILE B 302 -44.40 -23.15 -18.24
C ILE B 302 -43.66 -21.99 -17.60
N ALA B 303 -43.54 -20.87 -18.31
CA ALA B 303 -42.73 -19.76 -17.85
C ALA B 303 -43.37 -19.06 -16.66
N GLY B 304 -42.52 -18.40 -15.87
CA GLY B 304 -42.97 -17.42 -14.92
C GLY B 304 -42.79 -16.06 -15.53
N PHE B 305 -43.88 -15.46 -16.00
CA PHE B 305 -43.77 -14.26 -16.80
C PHE B 305 -43.23 -13.09 -15.98
N GLY B 306 -42.38 -12.28 -16.59
CA GLY B 306 -41.83 -11.14 -15.90
C GLY B 306 -41.52 -10.03 -16.87
N SER B 307 -41.37 -8.83 -16.33
CA SER B 307 -41.05 -7.68 -17.16
C SER B 307 -40.50 -6.57 -16.29
N LEU B 308 -39.60 -5.79 -16.87
CA LEU B 308 -38.93 -4.77 -16.09
C LEU B 308 -38.42 -3.69 -17.04
N SER B 309 -38.29 -2.47 -16.52
CA SER B 309 -37.75 -1.42 -17.37
C SER B 309 -36.86 -0.52 -16.54
N ALA B 310 -35.98 0.20 -17.21
CA ALA B 310 -35.10 1.12 -16.52
C ALA B 310 -34.75 2.25 -17.46
N ARG B 311 -34.30 3.36 -16.88
CA ARG B 311 -34.08 4.56 -17.65
C ARG B 311 -32.97 5.35 -17.01
N THR B 312 -32.14 5.95 -17.85
CA THR B 312 -31.08 6.79 -17.30
C THR B 312 -31.69 8.10 -16.84
N GLU B 313 -31.14 8.63 -15.75
CA GLU B 313 -31.49 9.98 -15.29
C GLU B 313 -30.37 10.89 -15.71
N ASN B 314 -30.61 11.64 -16.77
CA ASN B 314 -29.59 12.44 -17.44
C ASN B 314 -28.77 13.30 -16.50
N MET C 1 -7.80 33.01 -14.27
CA MET C 1 -7.28 32.60 -15.58
C MET C 1 -8.40 32.26 -16.54
N HIS C 2 -8.17 32.52 -17.82
CA HIS C 2 -9.20 32.40 -18.83
C HIS C 2 -8.59 31.82 -20.09
N ALA C 3 -9.34 30.95 -20.76
CA ALA C 3 -8.81 30.29 -21.94
C ALA C 3 -9.95 29.90 -22.87
N TYR C 4 -9.69 30.03 -24.16
CA TYR C 4 -10.65 29.67 -25.18
C TYR C 4 -9.98 28.78 -26.20
N LEU C 5 -10.69 27.78 -26.68
CA LEU C 5 -10.13 26.78 -27.57
C LEU C 5 -11.01 26.65 -28.79
N HIS C 6 -10.39 26.45 -29.94
CA HIS C 6 -11.19 26.20 -31.14
C HIS C 6 -10.42 25.31 -32.10
N CYS C 7 -11.09 24.32 -32.65
CA CYS C 7 -10.48 23.45 -33.63
C CYS C 7 -11.32 23.46 -34.90
N LEU C 8 -10.64 23.44 -36.04
CA LEU C 8 -11.31 23.68 -37.30
C LEU C 8 -10.56 23.01 -38.43
N SER C 9 -11.26 22.24 -39.26
CA SER C 9 -10.64 21.67 -40.44
C SER C 9 -10.23 22.77 -41.39
N HIS C 10 -9.14 22.55 -42.12
CA HIS C 10 -8.66 23.51 -43.09
C HIS C 10 -8.97 23.00 -44.48
N SER C 11 -9.43 23.89 -45.34
CA SER C 11 -9.82 23.52 -46.70
C SER C 11 -8.85 24.09 -47.70
N PRO C 12 -7.84 23.32 -48.15
CA PRO C 12 -7.03 23.79 -49.27
C PRO C 12 -7.85 24.03 -50.51
N LEU C 13 -8.91 23.25 -50.69
CA LEU C 13 -9.82 23.42 -51.81
C LEU C 13 -10.89 24.42 -51.41
N VAL C 14 -10.57 25.69 -51.58
CA VAL C 14 -11.53 26.77 -51.46
C VAL C 14 -11.52 27.53 -52.78
N GLY C 15 -12.62 27.46 -53.51
CA GLY C 15 -12.72 28.09 -54.81
C GLY C 15 -12.19 27.26 -55.96
N TYR C 16 -11.70 26.05 -55.71
CA TYR C 16 -11.23 25.18 -56.79
C TYR C 16 -12.29 24.15 -57.17
N VAL C 17 -12.71 23.34 -56.22
CA VAL C 17 -13.83 22.42 -56.39
C VAL C 17 -14.82 22.71 -55.27
N ASP C 18 -16.08 22.91 -55.63
CA ASP C 18 -17.00 23.41 -54.63
C ASP C 18 -18.28 22.60 -54.58
N PRO C 19 -18.87 22.47 -53.41
CA PRO C 19 -20.14 21.75 -53.29
C PRO C 19 -21.32 22.65 -53.62
N ALA C 20 -22.53 22.15 -53.37
CA ALA C 20 -23.71 22.97 -53.50
C ALA C 20 -23.56 24.24 -52.68
N GLN C 21 -23.90 25.37 -53.30
CA GLN C 21 -23.56 26.65 -52.71
C GLN C 21 -24.22 26.84 -51.36
N GLU C 22 -25.38 26.22 -51.14
CA GLU C 22 -26.03 26.31 -49.84
C GLU C 22 -25.14 25.75 -48.73
N VAL C 23 -24.51 24.61 -48.99
CA VAL C 23 -23.60 24.04 -48.01
C VAL C 23 -22.46 25.00 -47.73
N LEU C 24 -21.95 25.64 -48.78
CA LEU C 24 -20.90 26.62 -48.61
C LEU C 24 -21.35 27.74 -47.69
N ASP C 25 -22.59 28.20 -47.88
CA ASP C 25 -23.11 29.25 -47.02
C ASP C 25 -23.18 28.80 -45.58
N GLU C 26 -23.64 27.57 -45.36
CA GLU C 26 -23.72 27.07 -43.98
C GLU C 26 -22.34 27.02 -43.34
N VAL C 27 -21.35 26.55 -44.09
CA VAL C 27 -19.99 26.49 -43.57
C VAL C 27 -19.51 27.88 -43.19
N ASN C 28 -19.69 28.84 -44.09
CA ASN C 28 -19.22 30.19 -43.82
C ASN C 28 -19.94 30.78 -42.62
N GLY C 29 -21.22 30.45 -42.46
CA GLY C 29 -21.93 30.93 -41.29
C GLY C 29 -21.34 30.39 -40.00
N VAL C 30 -21.00 29.11 -40.00
CA VAL C 30 -20.37 28.52 -38.81
C VAL C 30 -19.06 29.22 -38.51
N ILE C 31 -18.26 29.43 -39.55
CA ILE C 31 -16.98 30.10 -39.37
C ILE C 31 -17.18 31.48 -38.78
N ALA C 32 -18.12 32.24 -39.33
CA ALA C 32 -18.35 33.59 -38.84
C ALA C 32 -18.81 33.59 -37.40
N SER C 33 -19.67 32.64 -37.03
CA SER C 33 -20.13 32.59 -35.66
C SER C 33 -18.98 32.32 -34.71
N ALA C 34 -18.10 31.39 -35.06
CA ALA C 34 -16.94 31.13 -34.22
C ALA C 34 -16.06 32.36 -34.13
N ARG C 35 -15.88 33.05 -35.25
CA ARG C 35 -15.06 34.24 -35.27
C ARG C 35 -15.60 35.30 -34.32
N GLU C 36 -16.92 35.46 -34.31
CA GLU C 36 -17.53 36.44 -33.42
C GLU C 36 -17.35 36.03 -31.97
N ARG C 37 -17.51 34.75 -31.67
CA ARG C 37 -17.28 34.31 -30.29
C ARG C 37 -15.87 34.64 -29.84
N ILE C 38 -14.88 34.37 -30.70
CA ILE C 38 -13.51 34.67 -30.35
C ILE C 38 -13.31 36.16 -30.15
N ALA C 39 -13.82 36.97 -31.08
CA ALA C 39 -13.68 38.40 -30.95
C ALA C 39 -14.28 38.88 -29.64
N ALA C 40 -15.36 38.26 -29.20
CA ALA C 40 -15.89 38.55 -27.89
C ALA C 40 -14.89 38.18 -26.80
N PHE C 41 -14.21 37.05 -26.97
CA PHE C 41 -13.23 36.64 -25.96
C PHE C 41 -12.06 37.59 -25.89
N SER C 42 -11.65 38.17 -27.01
CA SER C 42 -10.55 39.14 -27.09
C SER C 42 -9.25 38.56 -26.58
N PRO C 43 -8.61 37.67 -27.32
CA PRO C 43 -7.41 37.01 -26.82
C PRO C 43 -6.20 37.93 -26.86
N GLU C 44 -5.19 37.55 -26.08
CA GLU C 44 -3.91 38.25 -26.08
C GLU C 44 -2.79 37.43 -26.66
N LEU C 45 -2.88 36.10 -26.62
CA LEU C 45 -1.85 35.22 -27.10
C LEU C 45 -2.48 34.05 -27.81
N VAL C 46 -1.90 33.63 -28.92
CA VAL C 46 -2.44 32.57 -29.75
C VAL C 46 -1.42 31.45 -29.84
N VAL C 47 -1.82 30.25 -29.45
CA VAL C 47 -1.01 29.06 -29.61
C VAL C 47 -1.62 28.25 -30.73
N LEU C 48 -0.82 27.91 -31.72
CA LEU C 48 -1.33 27.36 -32.98
C LEU C 48 -0.62 26.06 -33.28
N PHE C 49 -1.36 24.96 -33.23
CA PHE C 49 -0.85 23.67 -33.67
C PHE C 49 -1.29 23.42 -35.10
N ALA C 50 -0.39 22.92 -35.94
CA ALA C 50 -0.75 22.72 -37.33
C ALA C 50 0.21 21.73 -37.95
N PRO C 51 -0.21 21.02 -38.98
CA PRO C 51 0.70 20.15 -39.72
C PRO C 51 1.28 20.85 -40.94
N ASP C 52 2.19 20.17 -41.61
CA ASP C 52 2.81 20.66 -42.82
C ASP C 52 2.50 19.71 -43.98
N HIS C 53 2.83 20.14 -45.17
CA HIS C 53 2.62 19.34 -46.37
C HIS C 53 3.85 19.38 -47.27
N TYR C 54 5.02 19.08 -46.71
CA TYR C 54 6.28 19.11 -47.45
C TYR C 54 6.59 20.50 -48.00
N ASN C 55 6.75 21.45 -47.10
CA ASN C 55 7.04 22.80 -47.52
C ASN C 55 8.23 23.42 -46.80
N GLY C 56 8.44 23.11 -45.52
CA GLY C 56 9.64 23.56 -44.83
C GLY C 56 10.45 22.45 -44.21
N PHE C 57 9.78 21.39 -43.81
CA PHE C 57 10.42 20.24 -43.17
C PHE C 57 10.57 19.14 -44.19
N PHE C 58 11.77 18.62 -44.32
CA PHE C 58 12.02 17.62 -45.34
C PHE C 58 12.96 16.59 -44.76
N TYR C 59 13.12 15.49 -45.47
CA TYR C 59 13.81 14.36 -44.87
C TYR C 59 15.28 14.65 -44.56
N ASP C 60 15.77 15.86 -44.80
CA ASP C 60 17.07 16.19 -44.26
C ASP C 60 17.04 16.13 -42.74
N VAL C 61 16.00 16.70 -42.13
CA VAL C 61 15.70 16.48 -40.72
C VAL C 61 14.19 16.53 -40.57
N MET C 62 13.60 15.52 -39.94
CA MET C 62 12.16 15.47 -39.70
C MET C 62 11.88 15.21 -38.24
N PRO C 63 11.58 16.23 -37.46
CA PRO C 63 11.32 16.03 -36.05
C PRO C 63 9.87 15.70 -35.82
N PRO C 64 9.53 15.08 -34.70
CA PRO C 64 8.10 14.87 -34.41
C PRO C 64 7.39 16.13 -34.00
N PHE C 65 8.01 16.98 -33.18
CA PHE C 65 7.45 18.27 -32.86
C PHE C 65 8.49 19.35 -33.10
N CYS C 66 8.04 20.51 -33.55
CA CYS C 66 8.97 21.62 -33.70
C CYS C 66 8.26 22.88 -33.25
N LEU C 67 9.02 23.84 -32.78
CA LEU C 67 8.47 25.10 -32.31
C LEU C 67 9.13 26.23 -33.06
N GLY C 68 8.33 27.10 -33.66
CA GLY C 68 8.91 28.11 -34.51
C GLY C 68 9.18 29.43 -33.83
N VAL C 69 10.43 29.67 -33.45
CA VAL C 69 10.77 30.97 -32.92
C VAL C 69 10.65 32.04 -34.01
N GLY C 70 10.98 31.69 -35.24
CA GLY C 70 10.75 32.58 -36.34
C GLY C 70 10.01 31.86 -37.44
N ALA C 71 8.96 32.47 -37.98
CA ALA C 71 8.14 31.79 -38.96
C ALA C 71 7.78 32.72 -40.10
N THR C 72 7.47 32.13 -41.25
CA THR C 72 7.10 32.88 -42.44
C THR C 72 6.17 32.04 -43.28
N ALA C 73 5.03 32.60 -43.64
CA ALA C 73 4.09 31.94 -44.52
C ALA C 73 4.47 32.20 -45.97
N ILE C 74 4.55 31.13 -46.76
CA ILE C 74 5.01 31.24 -48.14
C ILE C 74 3.88 31.46 -49.13
N GLY C 75 2.64 31.58 -48.65
CA GLY C 75 1.53 31.90 -49.53
C GLY C 75 1.17 30.84 -50.56
N ASP C 76 1.10 29.58 -50.15
CA ASP C 76 0.67 28.52 -51.03
C ASP C 76 -0.84 28.58 -51.24
N PHE C 77 -1.29 28.04 -52.37
CA PHE C 77 -2.71 27.96 -52.70
C PHE C 77 -3.40 29.32 -52.66
N GLY C 78 -2.63 30.39 -52.87
CA GLY C 78 -3.20 31.71 -52.77
C GLY C 78 -3.44 32.18 -51.36
N SER C 79 -2.99 31.45 -50.35
CA SER C 79 -3.13 31.91 -48.99
C SER C 79 -2.18 33.08 -48.74
N ALA C 80 -2.35 33.72 -47.58
CA ALA C 80 -1.54 34.89 -47.26
C ALA C 80 -0.07 34.50 -47.12
N ALA C 81 0.80 35.47 -47.35
CA ALA C 81 2.23 35.28 -47.22
C ALA C 81 2.83 36.42 -46.41
N GLY C 82 3.93 36.13 -45.73
CA GLY C 82 4.61 37.14 -44.95
C GLY C 82 5.00 36.60 -43.59
N GLU C 83 5.54 37.48 -42.76
CA GLU C 83 6.04 37.05 -41.47
C GLU C 83 4.92 36.99 -40.45
N LEU C 84 5.26 36.45 -39.29
CA LEU C 84 4.31 36.27 -38.22
C LEU C 84 4.82 36.93 -36.95
N PRO C 85 3.96 37.56 -36.19
CA PRO C 85 4.38 38.28 -34.98
C PRO C 85 4.66 37.35 -33.80
N VAL C 86 5.87 36.84 -33.74
CA VAL C 86 6.26 35.86 -32.72
C VAL C 86 6.99 36.60 -31.60
N PRO C 87 6.55 36.48 -30.37
CA PRO C 87 7.27 37.11 -29.25
C PRO C 87 8.51 36.35 -28.85
N VAL C 88 9.63 36.68 -29.51
CA VAL C 88 10.84 35.86 -29.47
C VAL C 88 11.17 35.40 -28.05
N GLU C 89 11.30 36.34 -27.13
CA GLU C 89 11.76 35.98 -25.79
C GLU C 89 10.77 35.04 -25.11
N LEU C 90 9.49 35.33 -25.25
CA LEU C 90 8.48 34.43 -24.70
C LEU C 90 8.60 33.05 -25.32
N ALA C 91 8.87 32.99 -26.63
CA ALA C 91 9.00 31.70 -27.29
C ALA C 91 10.16 30.91 -26.72
N GLU C 92 11.30 31.57 -26.52
CA GLU C 92 12.45 30.87 -26.00
C GLU C 92 12.20 30.36 -24.60
N ALA C 93 11.55 31.19 -23.77
CA ALA C 93 11.21 30.72 -22.43
C ALA C 93 10.30 29.50 -22.50
N CYS C 94 9.32 29.53 -23.41
CA CYS C 94 8.42 28.40 -23.55
C CYS C 94 9.17 27.14 -23.93
N ALA C 95 10.09 27.26 -24.90
CA ALA C 95 10.85 26.10 -25.32
C ALA C 95 11.64 25.52 -24.17
N HIS C 96 12.31 26.40 -23.42
CA HIS C 96 13.10 25.94 -22.30
C HIS C 96 12.24 25.19 -21.30
N ALA C 97 11.11 25.78 -20.92
CA ALA C 97 10.27 25.14 -19.92
C ALA C 97 9.73 23.82 -20.40
N VAL C 98 9.29 23.76 -21.65
CA VAL C 98 8.73 22.53 -22.17
C VAL C 98 9.77 21.43 -22.15
N MET C 99 10.96 21.73 -22.68
CA MET C 99 11.96 20.68 -22.74
C MET C 99 12.37 20.25 -21.34
N LYS C 100 12.44 21.17 -20.41
CA LYS C 100 12.70 20.79 -19.03
C LYS C 100 11.63 19.87 -18.49
N SER C 101 10.39 20.08 -18.90
CA SER C 101 9.31 19.25 -18.37
C SER C 101 9.38 17.80 -18.81
N GLY C 102 10.23 17.48 -19.77
CA GLY C 102 10.38 16.12 -20.20
C GLY C 102 9.88 15.80 -21.59
N ILE C 103 9.82 16.78 -22.49
CA ILE C 103 9.39 16.57 -23.86
C ILE C 103 10.56 16.95 -24.75
N ASP C 104 10.75 16.17 -25.81
CA ASP C 104 11.93 16.33 -26.64
C ASP C 104 11.55 17.13 -27.87
N LEU C 105 11.77 18.44 -27.82
CA LEU C 105 11.15 19.37 -28.75
C LEU C 105 12.21 20.09 -29.55
N ALA C 106 12.16 19.95 -30.87
CA ALA C 106 13.08 20.69 -31.71
C ALA C 106 12.68 22.14 -31.77
N VAL C 107 13.62 23.00 -32.16
CA VAL C 107 13.34 24.41 -32.33
C VAL C 107 13.89 24.86 -33.67
N SER C 108 13.37 25.97 -34.17
CA SER C 108 13.77 26.49 -35.45
C SER C 108 13.64 27.99 -35.45
N TYR C 109 14.57 28.68 -36.10
CA TYR C 109 14.53 30.12 -36.11
C TYR C 109 14.08 30.70 -37.44
N CYS C 110 13.95 29.89 -38.48
CA CYS C 110 13.41 30.33 -39.75
C CYS C 110 12.56 29.21 -40.29
N MET C 111 11.28 29.22 -39.94
CA MET C 111 10.36 28.16 -40.31
C MET C 111 9.52 28.61 -41.49
N GLN C 112 9.33 27.72 -42.46
CA GLN C 112 8.48 27.98 -43.61
C GLN C 112 7.16 27.29 -43.38
N VAL C 113 6.06 28.03 -43.49
CA VAL C 113 4.74 27.46 -43.25
C VAL C 113 3.86 27.75 -44.46
N ASP C 114 2.81 26.96 -44.57
CA ASP C 114 1.92 26.97 -45.72
C ASP C 114 0.50 27.26 -45.25
N HIS C 115 -0.46 27.06 -46.17
CA HIS C 115 -1.86 27.34 -45.87
C HIS C 115 -2.31 26.72 -44.57
N GLY C 116 -1.73 25.58 -44.20
CA GLY C 116 -2.10 24.94 -42.96
C GLY C 116 -1.93 25.84 -41.76
N PHE C 117 -1.01 26.79 -41.83
CA PHE C 117 -0.88 27.80 -40.81
C PHE C 117 -1.59 29.09 -41.14
N ALA C 118 -1.88 29.32 -42.42
CA ALA C 118 -2.43 30.62 -42.81
C ALA C 118 -3.94 30.65 -42.63
N GLN C 119 -4.65 29.70 -43.21
CA GLN C 119 -6.11 29.79 -43.26
C GLN C 119 -6.74 30.01 -41.91
N PRO C 120 -6.39 29.28 -40.85
CA PRO C 120 -7.05 29.55 -39.57
C PRO C 120 -6.85 30.97 -39.09
N LEU C 121 -5.66 31.53 -39.26
CA LEU C 121 -5.43 32.89 -38.81
C LEU C 121 -6.29 33.87 -39.58
N GLU C 122 -6.32 33.73 -40.90
CA GLU C 122 -7.13 34.64 -41.70
C GLU C 122 -8.60 34.51 -41.36
N PHE C 123 -9.09 33.29 -41.22
CA PHE C 123 -10.52 33.08 -41.05
C PHE C 123 -10.99 33.44 -39.66
N LEU C 124 -10.13 33.33 -38.65
CA LEU C 124 -10.57 33.53 -37.30
C LEU C 124 -10.13 34.84 -36.70
N LEU C 125 -9.13 35.50 -37.28
CA LEU C 125 -8.65 36.78 -36.77
C LEU C 125 -8.52 37.83 -37.84
N GLY C 126 -8.75 37.51 -39.10
CA GLY C 126 -8.70 38.50 -40.14
C GLY C 126 -7.33 39.01 -40.50
N GLY C 127 -6.30 38.22 -40.29
CA GLY C 127 -4.98 38.62 -40.70
C GLY C 127 -3.91 37.88 -39.94
N LEU C 128 -2.69 37.94 -40.46
CA LEU C 128 -1.58 37.26 -39.82
C LEU C 128 -1.07 38.00 -38.60
N ASP C 129 -1.09 39.33 -38.62
CA ASP C 129 -0.34 40.14 -37.66
C ASP C 129 -1.21 40.70 -36.56
N LYS C 130 -2.38 40.12 -36.31
CA LYS C 130 -3.28 40.71 -35.34
C LYS C 130 -2.81 40.47 -33.91
N VAL C 131 -2.35 39.27 -33.61
CA VAL C 131 -2.07 38.87 -32.24
C VAL C 131 -0.72 38.14 -32.22
N PRO C 132 0.03 38.19 -31.13
CA PRO C 132 1.23 37.34 -31.03
C PRO C 132 0.90 35.87 -31.14
N VAL C 133 1.80 35.12 -31.77
CA VAL C 133 1.56 33.73 -32.14
C VAL C 133 2.70 32.87 -31.64
N LEU C 134 2.40 31.60 -31.36
CA LEU C 134 3.41 30.59 -31.03
C LEU C 134 3.21 29.39 -31.94
N PRO C 135 3.77 29.40 -33.14
CA PRO C 135 3.52 28.30 -34.07
C PRO C 135 4.22 27.03 -33.60
N VAL C 136 3.47 25.94 -33.58
CA VAL C 136 3.98 24.64 -33.18
C VAL C 136 3.62 23.64 -34.26
N PHE C 137 4.61 23.01 -34.86
CA PHE C 137 4.40 22.06 -35.93
C PHE C 137 4.42 20.65 -35.37
N ILE C 138 3.47 19.83 -35.83
CA ILE C 138 3.39 18.43 -35.44
C ILE C 138 3.45 17.58 -36.69
N ASN C 139 4.36 16.62 -36.73
CA ASN C 139 4.47 15.75 -37.89
C ASN C 139 3.25 14.87 -38.00
N GLY C 140 2.73 14.72 -39.20
CA GLY C 140 1.58 13.89 -39.40
C GLY C 140 1.58 13.15 -40.71
N VAL C 141 2.69 13.15 -41.43
CA VAL C 141 2.76 12.58 -42.75
C VAL C 141 3.85 11.52 -42.87
N ALA C 142 5.03 11.77 -42.35
CA ALA C 142 6.20 10.92 -42.58
C ALA C 142 6.40 9.99 -41.41
N THR C 143 6.30 8.69 -41.66
CA THR C 143 6.50 7.72 -40.62
C THR C 143 7.97 7.65 -40.23
N PRO C 144 8.28 7.33 -38.97
CA PRO C 144 7.38 7.03 -37.86
C PRO C 144 6.73 8.28 -37.31
N LEU C 145 5.62 8.11 -36.60
CA LEU C 145 4.84 9.24 -36.16
C LEU C 145 4.69 9.21 -34.65
N PRO C 146 4.57 10.36 -34.02
CA PRO C 146 4.34 10.37 -32.57
C PRO C 146 2.98 9.81 -32.25
N GLY C 147 2.88 9.15 -31.11
CA GLY C 147 1.63 8.56 -30.69
C GLY C 147 0.73 9.54 -29.98
N PHE C 148 -0.48 9.08 -29.68
CA PHE C 148 -1.41 9.93 -28.97
C PHE C 148 -0.89 10.28 -27.59
N GLN C 149 -0.27 9.31 -26.92
CA GLN C 149 0.22 9.54 -25.56
C GLN C 149 1.16 10.73 -25.51
N ARG C 150 2.17 10.73 -26.35
CA ARG C 150 3.14 11.82 -26.32
C ARG C 150 2.50 13.13 -26.73
N THR C 151 1.58 13.11 -27.68
CA THR C 151 0.94 14.35 -28.07
C THR C 151 0.18 14.95 -26.91
N ARG C 152 -0.54 14.13 -26.16
CA ARG C 152 -1.22 14.63 -24.99
C ARG C 152 -0.21 15.20 -23.99
N MET C 153 0.92 14.52 -23.82
CA MET C 153 1.91 15.03 -22.88
C MET C 153 2.39 16.41 -23.31
N LEU C 154 2.65 16.58 -24.60
CA LEU C 154 3.10 17.87 -25.10
C LEU C 154 2.07 18.95 -24.85
N GLY C 155 0.81 18.63 -25.13
CA GLY C 155 -0.23 19.60 -24.88
C GLY C 155 -0.28 20.03 -23.44
N GLU C 156 -0.17 19.07 -22.52
CA GLU C 156 -0.22 19.41 -21.12
C GLU C 156 0.96 20.29 -20.72
N ALA C 157 2.14 20.00 -21.26
CA ALA C 157 3.29 20.82 -20.91
C ALA C 157 3.08 22.26 -21.32
N ILE C 158 2.67 22.46 -22.58
CA ILE C 158 2.46 23.85 -23.02
C ILE C 158 1.35 24.49 -22.21
N GLY C 159 0.32 23.73 -21.89
CA GLY C 159 -0.76 24.30 -21.13
C GLY C 159 -0.32 24.80 -19.77
N ARG C 160 0.41 23.97 -19.04
CA ARG C 160 0.83 24.41 -17.72
C ARG C 160 1.79 25.58 -17.81
N PHE C 161 2.63 25.61 -18.86
CA PHE C 161 3.50 26.77 -18.97
C PHE C 161 2.71 28.04 -19.19
N THR C 162 1.81 28.03 -20.17
CA THR C 162 1.09 29.26 -20.46
C THR C 162 0.12 29.65 -19.37
N SER C 163 -0.28 28.72 -18.53
CA SER C 163 -1.24 29.06 -17.49
C SER C 163 -0.71 30.10 -16.54
N THR C 164 0.59 30.29 -16.48
CA THR C 164 1.19 31.22 -15.55
C THR C 164 1.63 32.52 -16.21
N LEU C 165 1.14 32.79 -17.41
CA LEU C 165 1.48 34.06 -18.04
C LEU C 165 0.54 35.17 -17.66
N ASN C 166 -0.54 34.85 -16.95
CA ASN C 166 -1.51 35.86 -16.54
C ASN C 166 -2.08 36.60 -17.73
N LYS C 167 -2.38 35.86 -18.79
CA LYS C 167 -2.96 36.43 -20.00
C LYS C 167 -4.22 35.68 -20.36
N ARG C 168 -4.89 36.13 -21.40
CA ARG C 168 -6.03 35.44 -21.96
C ARG C 168 -5.58 34.73 -23.23
N VAL C 169 -5.71 33.41 -23.24
CA VAL C 169 -5.04 32.55 -24.20
C VAL C 169 -6.06 31.88 -25.10
N LEU C 170 -5.73 31.79 -26.38
CA LEU C 170 -6.55 31.13 -27.36
C LEU C 170 -5.75 30.00 -28.00
N PHE C 171 -6.29 28.80 -27.97
CA PHE C 171 -5.67 27.63 -28.56
C PHE C 171 -6.37 27.29 -29.87
N LEU C 172 -5.59 26.96 -30.88
CA LEU C 172 -6.15 26.63 -32.18
C LEU C 172 -5.69 25.26 -32.61
N GLY C 173 -6.60 24.49 -33.18
CA GLY C 173 -6.23 23.24 -33.81
C GLY C 173 -6.62 23.28 -35.27
N SER C 174 -5.69 22.99 -36.18
CA SER C 174 -5.94 23.22 -37.59
C SER C 174 -5.89 21.96 -38.43
N GLY C 175 -6.12 20.80 -37.83
CA GLY C 175 -6.08 19.56 -38.58
C GLY C 175 -7.47 19.13 -39.02
N GLY C 176 -7.58 18.79 -40.30
CA GLY C 176 -8.84 18.29 -40.81
C GLY C 176 -9.15 16.91 -40.26
N LEU C 177 -10.38 16.49 -40.48
CA LEU C 177 -10.80 15.16 -40.05
C LEU C 177 -10.41 14.14 -41.11
N SER C 178 -10.95 12.93 -41.01
CA SER C 178 -10.59 11.86 -41.91
C SER C 178 -10.76 12.27 -43.35
N HIS C 179 -9.74 12.03 -44.16
CA HIS C 179 -9.71 12.38 -45.57
C HIS C 179 -8.45 11.78 -46.15
N GLN C 180 -8.25 12.02 -47.45
CA GLN C 180 -7.01 11.56 -48.06
C GLN C 180 -6.68 12.36 -49.33
N PRO C 181 -5.78 13.32 -49.24
CA PRO C 181 -5.25 13.95 -50.45
C PRO C 181 -4.18 13.07 -51.07
N PRO C 182 -3.84 13.29 -52.34
CA PRO C 182 -2.79 12.48 -53.00
C PRO C 182 -1.37 12.87 -52.58
N VAL C 183 -0.94 12.35 -51.43
CA VAL C 183 0.37 12.67 -50.86
C VAL C 183 1.41 11.68 -51.37
N PRO C 184 2.56 12.15 -51.84
CA PRO C 184 3.62 11.22 -52.27
C PRO C 184 4.18 10.44 -51.09
N GLU C 185 4.69 9.25 -51.41
CA GLU C 185 5.27 8.34 -50.43
C GLU C 185 6.75 8.15 -50.71
N LEU C 186 7.58 8.30 -49.67
CA LEU C 186 9.02 8.17 -49.86
C LEU C 186 9.40 6.74 -50.23
N ALA C 187 8.70 5.75 -49.69
CA ALA C 187 9.04 4.36 -49.95
C ALA C 187 8.92 4.03 -51.44
N LYS C 188 7.86 4.50 -52.08
CA LYS C 188 7.67 4.29 -53.51
C LYS C 188 8.11 5.49 -54.34
N ALA C 189 8.73 6.49 -53.72
CA ALA C 189 9.18 7.66 -54.46
C ALA C 189 10.30 7.29 -55.42
N ASP C 190 10.30 7.95 -56.58
CA ASP C 190 11.37 7.78 -57.55
C ASP C 190 12.57 8.61 -57.09
N ALA C 191 13.60 8.70 -57.95
CA ALA C 191 14.78 9.47 -57.59
C ALA C 191 14.45 10.95 -57.41
N HIS C 192 13.70 11.52 -58.35
CA HIS C 192 13.37 12.94 -58.26
C HIS C 192 12.44 13.22 -57.08
N MET C 193 11.44 12.36 -56.87
CA MET C 193 10.52 12.58 -55.77
C MET C 193 11.25 12.43 -54.44
N ARG C 194 12.16 11.45 -54.36
CA ARG C 194 12.99 11.28 -53.16
C ARG C 194 13.85 12.52 -52.93
N ASP C 195 14.44 13.06 -53.98
CA ASP C 195 15.25 14.26 -53.82
C ASP C 195 14.42 15.43 -53.33
N ARG C 196 13.19 15.56 -53.85
CA ARG C 196 12.31 16.62 -53.38
C ARG C 196 11.98 16.44 -51.90
N LEU C 197 11.73 15.20 -51.48
CA LEU C 197 11.43 14.94 -50.07
C LEU C 197 12.63 15.17 -49.18
N LEU C 198 13.85 14.97 -49.70
CA LEU C 198 15.04 15.01 -48.87
C LEU C 198 15.39 16.42 -48.40
N GLY C 199 14.82 17.46 -49.01
CA GLY C 199 15.20 18.81 -48.62
C GLY C 199 15.21 19.82 -49.75
N SER C 200 15.13 19.35 -50.99
CA SER C 200 15.05 20.27 -52.11
C SER C 200 13.63 20.78 -52.34
N GLY C 201 12.67 20.37 -51.53
CA GLY C 201 11.30 20.83 -51.64
C GLY C 201 11.01 22.19 -51.04
N LYS C 202 12.01 22.82 -50.40
CA LYS C 202 11.82 24.18 -49.94
C LYS C 202 11.70 25.15 -51.11
N ASP C 203 12.36 24.85 -52.22
CA ASP C 203 12.43 25.76 -53.34
C ASP C 203 11.70 25.19 -54.56
N LEU C 204 10.52 24.62 -54.34
CA LEU C 204 9.74 24.10 -55.45
C LEU C 204 9.37 25.23 -56.40
N PRO C 205 9.59 25.06 -57.71
CA PRO C 205 9.13 26.08 -58.66
C PRO C 205 7.62 26.16 -58.70
N ALA C 206 7.13 27.33 -59.14
CA ALA C 206 5.69 27.54 -59.22
C ALA C 206 5.02 26.50 -60.11
N SER C 207 5.75 26.01 -61.12
CA SER C 207 5.21 24.94 -61.96
C SER C 207 4.94 23.68 -61.15
N GLU C 208 5.88 23.29 -60.29
CA GLU C 208 5.68 22.10 -59.48
C GLU C 208 4.55 22.30 -58.47
N ARG C 209 4.45 23.49 -57.89
CA ARG C 209 3.36 23.75 -56.96
C ARG C 209 2.01 23.65 -57.68
N GLU C 210 1.92 24.22 -58.88
CA GLU C 210 0.70 24.13 -59.65
C GLU C 210 0.38 22.69 -60.02
N LEU C 211 1.41 21.90 -60.36
CA LEU C 211 1.20 20.50 -60.67
C LEU C 211 0.66 19.75 -59.46
N ARG C 212 1.21 20.01 -58.28
CA ARG C 212 0.73 19.36 -57.08
C ARG C 212 -0.70 19.78 -56.76
N GLN C 213 -1.01 21.06 -56.96
CA GLN C 213 -2.38 21.53 -56.77
C GLN C 213 -3.34 20.82 -57.72
N GLN C 214 -2.93 20.65 -58.97
CA GLN C 214 -3.77 19.95 -59.93
C GLN C 214 -3.93 18.48 -59.56
N ARG C 215 -2.88 17.87 -59.04
CA ARG C 215 -3.00 16.50 -58.55
C ARG C 215 -4.04 16.41 -57.45
N VAL C 216 -3.99 17.35 -56.50
CA VAL C 216 -4.93 17.34 -55.40
C VAL C 216 -6.36 17.53 -55.92
N ILE C 217 -6.54 18.48 -56.85
CA ILE C 217 -7.87 18.75 -57.38
C ILE C 217 -8.43 17.54 -58.11
N SER C 218 -7.60 16.92 -58.96
CA SER C 218 -8.05 15.76 -59.73
C SER C 218 -8.38 14.59 -58.82
N ALA C 219 -7.54 14.34 -57.81
CA ALA C 219 -7.82 13.27 -56.88
C ALA C 219 -9.10 13.55 -56.09
N ALA C 220 -9.33 14.82 -55.75
CA ALA C 220 -10.57 15.17 -55.06
C ALA C 220 -11.78 14.89 -55.93
N GLU C 221 -11.71 15.26 -57.21
CA GLU C 221 -12.83 14.99 -58.10
C GLU C 221 -13.07 13.50 -58.28
N LYS C 222 -11.98 12.72 -58.38
CA LYS C 222 -12.12 11.28 -58.45
C LYS C 222 -12.77 10.73 -57.18
N PHE C 223 -12.39 11.27 -56.02
CA PHE C 223 -13.01 10.84 -54.77
C PHE C 223 -14.49 11.21 -54.73
N VAL C 224 -14.85 12.34 -55.35
CA VAL C 224 -16.25 12.67 -55.54
C VAL C 224 -16.93 11.57 -56.34
N GLU C 225 -16.27 11.10 -57.41
CA GLU C 225 -16.84 10.05 -58.24
C GLU C 225 -17.06 8.77 -57.43
N ASP C 226 -16.10 8.40 -56.60
CA ASP C 226 -16.23 7.21 -55.77
C ASP C 226 -15.34 7.35 -54.54
N GLN C 227 -15.86 6.91 -53.39
CA GLN C 227 -15.08 6.92 -52.16
C GLN C 227 -14.16 5.72 -52.03
N ARG C 228 -14.26 4.75 -52.93
CA ARG C 228 -13.40 3.56 -52.84
C ARG C 228 -12.12 3.69 -53.66
N THR C 229 -12.04 4.67 -54.55
CA THR C 229 -10.78 4.94 -55.24
C THR C 229 -9.67 5.22 -54.23
N LEU C 230 -10.03 5.85 -53.12
CA LEU C 230 -9.15 6.02 -51.97
C LEU C 230 -9.90 5.48 -50.76
N HIS C 231 -9.44 5.79 -49.56
CA HIS C 231 -10.17 5.31 -48.39
C HIS C 231 -11.48 6.08 -48.23
N PRO C 232 -12.62 5.41 -48.22
CA PRO C 232 -13.87 6.13 -48.02
C PRO C 232 -13.93 6.76 -46.65
N LEU C 233 -14.67 7.85 -46.54
CA LEU C 233 -14.78 8.55 -45.28
C LEU C 233 -15.47 7.68 -44.24
N ASN C 234 -15.16 7.93 -42.98
CA ASN C 234 -15.68 7.15 -41.86
C ASN C 234 -16.40 8.11 -40.93
N PRO C 235 -17.66 8.43 -41.22
CA PRO C 235 -18.41 9.32 -40.33
C PRO C 235 -18.51 8.77 -38.93
N ILE C 236 -18.61 7.45 -38.82
CA ILE C 236 -18.74 6.82 -37.51
C ILE C 236 -17.55 7.17 -36.64
N TRP C 237 -16.35 7.02 -37.19
CA TRP C 237 -15.17 7.28 -36.37
C TRP C 237 -15.01 8.76 -36.08
N ASP C 238 -15.41 9.61 -37.02
CA ASP C 238 -15.33 11.04 -36.77
C ASP C 238 -16.19 11.43 -35.58
N ASN C 239 -17.44 10.97 -35.58
CA ASN C 239 -18.32 11.31 -34.48
C ASN C 239 -17.82 10.70 -33.19
N GLN C 240 -17.32 9.47 -33.26
CA GLN C 240 -16.65 8.87 -32.11
C GLN C 240 -15.61 9.79 -31.54
N PHE C 241 -14.73 10.29 -32.39
CA PHE C 241 -13.59 11.07 -31.94
C PHE C 241 -14.05 12.36 -31.29
N MET C 242 -14.94 13.09 -31.97
CA MET C 242 -15.38 14.35 -31.41
C MET C 242 -16.11 14.14 -30.10
N THR C 243 -16.94 13.11 -30.02
CA THR C 243 -17.66 12.87 -28.77
C THR C 243 -16.71 12.52 -27.66
N LEU C 244 -15.67 11.75 -27.96
CA LEU C 244 -14.68 11.46 -26.93
C LEU C 244 -14.02 12.73 -26.44
N LEU C 245 -13.72 13.64 -27.35
CA LEU C 245 -13.12 14.91 -26.94
C LEU C 245 -14.06 15.70 -26.06
N GLU C 246 -15.33 15.79 -26.44
CA GLU C 246 -16.27 16.63 -25.72
C GLU C 246 -16.42 16.18 -24.28
N GLN C 247 -16.51 14.88 -24.06
CA GLN C 247 -16.69 14.39 -22.71
C GLN C 247 -15.43 14.46 -21.87
N GLY C 248 -14.34 14.99 -22.41
CA GLY C 248 -13.12 15.05 -21.66
C GLY C 248 -12.55 13.69 -21.33
N ARG C 249 -12.52 12.79 -22.31
CA ARG C 249 -12.02 11.45 -22.06
C ARG C 249 -10.87 11.12 -22.99
N ILE C 250 -9.93 12.05 -23.16
CA ILE C 250 -8.81 11.80 -24.06
C ILE C 250 -7.91 10.69 -23.58
N GLN C 251 -7.94 10.35 -22.30
CA GLN C 251 -7.14 9.24 -21.80
C GLN C 251 -7.38 7.98 -22.61
N GLU C 252 -8.61 7.73 -22.98
CA GLU C 252 -8.93 6.50 -23.69
C GLU C 252 -8.36 6.49 -25.09
N LEU C 253 -7.83 7.59 -25.58
CA LEU C 253 -7.23 7.56 -26.90
C LEU C 253 -5.85 6.94 -26.89
N ASP C 254 -5.24 6.78 -25.72
CA ASP C 254 -3.91 6.20 -25.67
C ASP C 254 -3.90 4.77 -26.20
N ALA C 255 -5.01 4.07 -26.09
CA ALA C 255 -5.06 2.69 -26.50
C ALA C 255 -4.96 2.50 -28.00
N VAL C 256 -5.06 3.56 -28.78
CA VAL C 256 -5.09 3.43 -30.23
C VAL C 256 -3.68 3.57 -30.77
N SER C 257 -3.27 2.62 -31.60
CA SER C 257 -1.97 2.70 -32.25
C SER C 257 -2.07 3.53 -33.51
N ASN C 258 -0.91 4.01 -33.98
CA ASN C 258 -0.92 4.88 -35.15
C ASN C 258 -1.51 4.18 -36.36
N GLU C 259 -1.11 2.93 -36.59
CA GLU C 259 -1.59 2.23 -37.76
C GLU C 259 -2.91 1.53 -37.51
N GLU C 260 -3.31 1.40 -36.25
CA GLU C 260 -4.72 1.20 -36.00
C GLU C 260 -5.55 2.29 -36.65
N LEU C 261 -5.21 3.53 -36.35
CA LEU C 261 -5.92 4.66 -36.90
C LEU C 261 -5.76 4.71 -38.41
N SER C 262 -4.58 4.38 -38.90
CA SER C 262 -4.35 4.38 -40.33
C SER C 262 -5.28 3.38 -41.02
N ALA C 263 -5.42 2.20 -40.45
CA ALA C 263 -6.28 1.19 -41.05
C ALA C 263 -7.74 1.60 -40.98
N ILE C 264 -8.18 2.12 -39.83
CA ILE C 264 -9.59 2.45 -39.69
C ILE C 264 -9.98 3.59 -40.60
N ALA C 265 -9.21 4.68 -40.58
CA ALA C 265 -9.66 5.91 -41.20
C ALA C 265 -8.80 6.39 -42.36
N GLY C 266 -7.69 5.74 -42.64
CA GLY C 266 -6.85 6.25 -43.70
C GLY C 266 -5.69 7.05 -43.17
N LYS C 267 -4.56 6.98 -43.86
CA LYS C 267 -3.32 7.49 -43.30
C LYS C 267 -3.31 9.00 -43.12
N SER C 268 -4.09 9.74 -43.89
CA SER C 268 -4.07 11.18 -43.74
C SER C 268 -4.74 11.64 -42.46
N THR C 269 -5.41 10.75 -41.74
CA THR C 269 -6.14 11.15 -40.56
C THR C 269 -5.23 11.66 -39.46
N HIS C 270 -3.95 11.38 -39.51
CA HIS C 270 -3.07 11.70 -38.39
C HIS C 270 -3.04 13.18 -38.09
N GLU C 271 -3.47 14.00 -39.04
CA GLU C 271 -3.56 15.42 -38.76
C GLU C 271 -4.33 15.71 -37.49
N ILE C 272 -5.38 14.95 -37.20
CA ILE C 272 -6.20 15.24 -36.04
C ILE C 272 -5.42 15.22 -34.75
N LYS C 273 -4.17 14.74 -34.76
CA LYS C 273 -3.41 14.82 -33.53
C LYS C 273 -3.31 16.23 -33.01
N THR C 274 -3.28 17.21 -33.91
CA THR C 274 -3.28 18.59 -33.45
C THR C 274 -4.42 18.84 -32.48
N TRP C 275 -5.63 18.43 -32.85
CA TRP C 275 -6.77 18.63 -31.98
C TRP C 275 -6.46 18.11 -30.60
N VAL C 276 -5.95 16.89 -30.51
CA VAL C 276 -5.69 16.32 -29.20
C VAL C 276 -4.82 17.24 -28.39
N ALA C 277 -3.71 17.69 -28.98
CA ALA C 277 -2.83 18.60 -28.27
C ALA C 277 -3.61 19.76 -27.71
N ALA C 278 -4.38 20.42 -28.57
CA ALA C 278 -5.12 21.59 -28.12
C ALA C 278 -5.93 21.26 -26.89
N PHE C 279 -6.71 20.19 -26.93
CA PHE C 279 -7.59 19.93 -25.82
C PHE C 279 -6.78 19.67 -24.56
N ALA C 280 -5.70 18.91 -24.69
CA ALA C 280 -4.87 18.65 -23.52
C ALA C 280 -4.45 19.96 -22.88
N ALA C 281 -4.04 20.92 -23.70
CA ALA C 281 -3.59 22.19 -23.17
C ALA C 281 -4.66 22.82 -22.30
N ILE C 282 -5.89 22.88 -22.81
CA ILE C 282 -6.89 23.60 -22.05
C ILE C 282 -7.19 22.91 -20.75
N SER C 283 -6.95 21.60 -20.66
CA SER C 283 -7.24 20.93 -19.42
C SER C 283 -6.35 21.41 -18.29
N ALA C 284 -5.29 22.14 -18.59
CA ALA C 284 -4.43 22.67 -17.56
C ALA C 284 -4.95 23.95 -16.96
N PHE C 285 -6.08 24.47 -17.44
CA PHE C 285 -6.61 25.72 -16.94
C PHE C 285 -7.78 25.52 -16.01
N GLY C 286 -7.96 24.35 -15.45
CA GLY C 286 -9.13 24.07 -14.65
C GLY C 286 -10.28 23.57 -15.49
N ASN C 287 -11.45 23.56 -14.90
CA ASN C 287 -12.60 22.99 -15.59
C ASN C 287 -13.01 23.86 -16.77
N TRP C 288 -13.81 23.27 -17.66
CA TRP C 288 -14.17 23.91 -18.91
C TRP C 288 -15.37 23.19 -19.48
N ARG C 289 -15.85 23.69 -20.61
CA ARG C 289 -16.95 23.03 -21.27
C ARG C 289 -16.95 23.41 -22.74
N SER C 290 -17.59 22.57 -23.55
CA SER C 290 -17.53 22.68 -24.99
C SER C 290 -18.77 23.36 -25.53
N GLU C 291 -18.76 23.59 -26.84
CA GLU C 291 -19.89 24.19 -27.53
C GLU C 291 -19.58 24.27 -29.02
N GLY C 292 -20.60 24.68 -29.77
CA GLY C 292 -20.43 24.95 -31.18
C GLY C 292 -20.10 23.73 -32.00
N ARG C 293 -20.36 22.54 -31.49
CA ARG C 293 -20.00 21.33 -32.21
C ARG C 293 -20.68 21.30 -33.56
N TYR C 294 -19.92 20.99 -34.60
CA TYR C 294 -20.51 20.90 -35.91
C TYR C 294 -19.71 19.95 -36.78
N TYR C 295 -20.41 19.19 -37.61
CA TYR C 295 -19.74 18.22 -38.47
C TYR C 295 -20.54 18.02 -39.73
N ARG C 296 -19.86 17.77 -40.82
CA ARG C 296 -20.55 17.42 -42.04
C ARG C 296 -19.60 16.78 -43.03
N PRO C 297 -19.90 15.60 -43.54
CA PRO C 297 -19.10 15.04 -44.63
C PRO C 297 -19.30 15.86 -45.89
N ILE C 298 -18.25 15.93 -46.69
CA ILE C 298 -18.31 16.63 -47.97
C ILE C 298 -17.69 15.76 -49.04
N PRO C 299 -18.46 15.27 -50.00
CA PRO C 299 -17.84 14.54 -51.10
C PRO C 299 -16.88 15.38 -51.90
N GLU C 300 -17.21 16.65 -52.14
CA GLU C 300 -16.45 17.46 -53.08
C GLU C 300 -15.03 17.70 -52.59
N TRP C 301 -14.89 18.15 -51.36
CA TRP C 301 -13.59 18.20 -50.71
C TRP C 301 -13.41 16.90 -49.98
N ILE C 302 -12.33 16.18 -50.28
CA ILE C 302 -12.12 14.86 -49.69
C ILE C 302 -12.38 14.85 -48.20
N ALA C 303 -12.20 15.99 -47.55
CA ALA C 303 -12.29 16.05 -46.09
C ALA C 303 -13.72 15.86 -45.60
N GLY C 304 -13.84 15.40 -44.37
CA GLY C 304 -15.07 15.50 -43.63
C GLY C 304 -15.00 16.69 -42.72
N PHE C 305 -15.67 17.78 -43.11
CA PHE C 305 -15.45 19.04 -42.42
C PHE C 305 -15.98 18.97 -40.99
N GLY C 306 -15.25 19.60 -40.07
CA GLY C 306 -15.67 19.60 -38.69
C GLY C 306 -15.19 20.85 -37.99
N SER C 307 -15.83 21.15 -36.87
CA SER C 307 -15.45 22.32 -36.10
C SER C 307 -15.97 22.18 -34.68
N LEU C 308 -15.22 22.75 -33.75
CA LEU C 308 -15.57 22.58 -32.35
C LEU C 308 -14.97 23.73 -31.56
N SER C 309 -15.58 24.06 -30.42
CA SER C 309 -15.00 25.10 -29.60
C SER C 309 -15.21 24.74 -28.15
N ALA C 310 -14.40 25.33 -27.29
CA ALA C 310 -14.52 25.10 -25.87
C ALA C 310 -14.04 26.32 -25.12
N ARG C 311 -14.45 26.42 -23.86
CA ARG C 311 -14.19 27.63 -23.11
C ARG C 311 -14.08 27.26 -21.64
N THR C 312 -13.15 27.90 -20.95
CA THR C 312 -13.02 27.66 -19.53
C THR C 312 -14.17 28.35 -18.80
N GLU C 313 -14.65 27.71 -17.75
CA GLU C 313 -15.62 28.32 -16.85
C GLU C 313 -14.85 28.78 -15.63
N ASN C 314 -14.59 30.08 -15.56
CA ASN C 314 -13.71 30.67 -14.57
C ASN C 314 -14.02 30.23 -13.15
N MET D 1 -6.89 32.90 14.78
CA MET D 1 -5.57 33.36 14.39
C MET D 1 -5.62 34.25 13.16
N HIS D 2 -4.73 35.24 13.10
CA HIS D 2 -4.77 36.25 12.06
C HIS D 2 -3.36 36.57 11.63
N ALA D 3 -3.17 36.80 10.34
CA ALA D 3 -1.85 37.04 9.81
C ALA D 3 -1.93 37.87 8.55
N TYR D 4 -0.97 38.76 8.41
CA TYR D 4 -0.88 39.62 7.24
C TYR D 4 0.54 39.55 6.70
N LEU D 5 0.67 39.55 5.38
CA LEU D 5 1.94 39.37 4.73
C LEU D 5 2.15 40.48 3.71
N HIS D 6 3.38 40.94 3.59
CA HIS D 6 3.66 41.92 2.56
C HIS D 6 5.09 41.79 2.08
N CYS D 7 5.31 41.82 0.78
CA CYS D 7 6.64 41.77 0.22
C CYS D 7 6.85 42.97 -0.67
N LEU D 8 8.06 43.52 -0.62
CA LEU D 8 8.32 44.80 -1.24
C LEU D 8 9.78 44.92 -1.62
N SER D 9 10.06 45.29 -2.85
CA SER D 9 11.43 45.56 -3.26
C SER D 9 11.97 46.76 -2.50
N HIS D 10 13.26 46.73 -2.22
CA HIS D 10 13.91 47.83 -1.52
C HIS D 10 14.74 48.61 -2.50
N SER D 11 14.69 49.93 -2.40
CA SER D 11 15.40 50.80 -3.33
C SER D 11 16.54 51.51 -2.63
N PRO D 12 17.76 50.99 -2.71
CA PRO D 12 18.90 51.77 -2.21
C PRO D 12 19.03 53.10 -2.92
N LEU D 13 18.66 53.13 -4.20
CA LEU D 13 18.68 54.37 -4.98
C LEU D 13 17.35 55.08 -4.78
N VAL D 14 17.29 55.85 -3.70
CA VAL D 14 16.18 56.76 -3.48
C VAL D 14 16.78 58.16 -3.33
N GLY D 15 16.50 59.04 -4.28
CA GLY D 15 17.06 60.37 -4.27
C GLY D 15 18.43 60.49 -4.90
N TYR D 16 19.01 59.40 -5.42
CA TYR D 16 20.29 59.47 -6.08
C TYR D 16 20.13 59.50 -7.60
N VAL D 17 19.48 58.48 -8.16
CA VAL D 17 19.11 58.46 -9.57
C VAL D 17 17.61 58.21 -9.63
N ASP D 18 16.89 59.03 -10.36
CA ASP D 18 15.45 58.97 -10.25
C ASP D 18 14.79 58.91 -11.62
N PRO D 19 13.66 58.22 -11.71
CA PRO D 19 12.93 58.15 -12.97
C PRO D 19 12.03 59.36 -13.15
N ALA D 20 11.18 59.32 -14.17
CA ALA D 20 10.17 60.35 -14.34
C ALA D 20 9.34 60.48 -13.08
N GLN D 21 9.15 61.72 -12.66
CA GLN D 21 8.58 61.97 -11.33
C GLN D 21 7.20 61.37 -11.18
N GLU D 22 6.45 61.25 -12.27
CA GLU D 22 5.13 60.62 -12.21
C GLU D 22 5.24 59.18 -11.74
N VAL D 23 6.21 58.44 -12.26
CA VAL D 23 6.41 57.07 -11.82
C VAL D 23 6.72 57.04 -10.33
N LEU D 24 7.54 57.98 -9.88
CA LEU D 24 7.85 58.07 -8.46
C LEU D 24 6.59 58.27 -7.64
N ASP D 25 5.69 59.13 -8.12
CA ASP D 25 4.45 59.36 -7.41
C ASP D 25 3.61 58.08 -7.35
N GLU D 26 3.55 57.35 -8.45
CA GLU D 26 2.79 56.10 -8.45
C GLU D 26 3.36 55.12 -7.43
N VAL D 27 4.69 55.00 -7.40
CA VAL D 27 5.33 54.10 -6.45
C VAL D 27 4.97 54.50 -5.02
N ASN D 28 5.11 55.78 -4.72
CA ASN D 28 4.83 56.23 -3.36
C ASN D 28 3.38 56.01 -3.00
N GLY D 29 2.47 56.16 -3.97
CA GLY D 29 1.08 55.88 -3.71
C GLY D 29 0.85 54.44 -3.35
N VAL D 30 1.50 53.52 -4.08
CA VAL D 30 1.37 52.11 -3.75
C VAL D 30 1.87 51.85 -2.34
N ILE D 31 3.03 52.40 -2.02
CA ILE D 31 3.59 52.21 -0.69
C ILE D 31 2.63 52.71 0.38
N ALA D 32 2.08 53.90 0.18
CA ALA D 32 1.18 54.46 1.17
C ALA D 32 -0.07 53.61 1.34
N SER D 33 -0.60 53.09 0.23
CA SER D 33 -1.78 52.25 0.33
C SER D 33 -1.49 50.99 1.14
N ALA D 34 -0.35 50.35 0.88
CA ALA D 34 0.01 49.19 1.66
C ALA D 34 0.17 49.56 3.14
N ARG D 35 0.79 50.69 3.40
CA ARG D 35 1.00 51.13 4.77
C ARG D 35 -0.34 51.30 5.49
N GLU D 36 -1.31 51.88 4.80
CA GLU D 36 -2.62 52.06 5.40
C GLU D 36 -3.29 50.72 5.68
N ARG D 37 -3.18 49.78 4.74
CA ARG D 37 -3.76 48.46 4.98
C ARG D 37 -3.16 47.83 6.23
N ILE D 38 -1.83 47.92 6.37
CA ILE D 38 -1.19 47.34 7.55
C ILE D 38 -1.66 48.04 8.80
N ALA D 39 -1.68 49.36 8.79
CA ALA D 39 -2.13 50.10 9.97
C ALA D 39 -3.54 49.68 10.35
N ALA D 40 -4.37 49.38 9.36
CA ALA D 40 -5.69 48.82 9.66
C ALA D 40 -5.55 47.47 10.33
N PHE D 41 -4.60 46.66 9.88
CA PHE D 41 -4.43 45.34 10.49
C PHE D 41 -3.96 45.43 11.93
N SER D 42 -3.14 46.43 12.25
CA SER D 42 -2.64 46.68 13.60
C SER D 42 -1.87 45.49 14.15
N PRO D 43 -0.66 45.24 13.66
CA PRO D 43 0.08 44.05 14.07
C PRO D 43 0.65 44.19 15.46
N GLU D 44 0.99 43.05 16.05
CA GLU D 44 1.65 42.99 17.33
C GLU D 44 3.08 42.50 17.25
N LEU D 45 3.41 41.71 16.24
CA LEU D 45 4.74 41.13 16.10
C LEU D 45 5.11 41.16 14.63
N VAL D 46 6.38 41.47 14.34
CA VAL D 46 6.86 41.62 12.98
C VAL D 46 7.99 40.64 12.76
N VAL D 47 7.84 39.77 11.78
CA VAL D 47 8.90 38.87 11.35
C VAL D 47 9.45 39.39 10.04
N LEU D 48 10.75 39.60 9.98
CA LEU D 48 11.36 40.34 8.89
C LEU D 48 12.48 39.51 8.28
N PHE D 49 12.29 39.07 7.04
CA PHE D 49 13.34 38.42 6.28
C PHE D 49 14.01 39.44 5.39
N ALA D 50 15.34 39.40 5.32
CA ALA D 50 16.04 40.39 4.53
C ALA D 50 17.42 39.87 4.20
N PRO D 51 18.02 40.33 3.12
CA PRO D 51 19.41 39.99 2.81
C PRO D 51 20.36 41.07 3.31
N ASP D 52 21.65 40.80 3.16
CA ASP D 52 22.70 41.74 3.53
C ASP D 52 23.52 42.08 2.28
N HIS D 53 24.38 43.07 2.44
CA HIS D 53 25.25 43.52 1.36
C HIS D 53 26.67 43.73 1.87
N TYR D 54 27.23 42.73 2.54
CA TYR D 54 28.58 42.80 3.11
C TYR D 54 28.69 43.91 4.13
N ASN D 55 27.92 43.80 5.20
CA ASN D 55 27.96 44.81 6.24
C ASN D 55 28.14 44.24 7.64
N GLY D 56 27.57 43.08 7.93
CA GLY D 56 27.82 42.43 9.21
C GLY D 56 28.35 41.02 9.10
N PHE D 57 27.97 40.33 8.03
CA PHE D 57 28.39 38.96 7.79
C PHE D 57 29.49 38.96 6.77
N PHE D 58 30.59 38.30 7.07
CA PHE D 58 31.73 38.31 6.19
C PHE D 58 32.34 36.93 6.19
N TYR D 59 33.28 36.72 5.28
CA TYR D 59 33.74 35.36 5.07
C TYR D 59 34.48 34.78 6.27
N ASP D 60 34.58 35.50 7.38
CA ASP D 60 35.04 34.85 8.59
C ASP D 60 34.06 33.74 8.99
N VAL D 61 32.77 34.03 8.95
CA VAL D 61 31.73 33.02 9.04
C VAL D 61 30.56 33.49 8.19
N MET D 62 30.07 32.64 7.29
CA MET D 62 28.93 32.98 6.45
C MET D 62 27.89 31.88 6.53
N PRO D 63 26.85 32.06 7.34
CA PRO D 63 25.84 31.03 7.46
C PRO D 63 24.77 31.20 6.39
N PRO D 64 24.03 30.16 6.08
CA PRO D 64 22.91 30.33 5.15
C PRO D 64 21.74 31.08 5.76
N PHE D 65 21.39 30.79 7.00
CA PHE D 65 20.37 31.55 7.70
C PHE D 65 20.91 31.99 9.04
N CYS D 66 20.50 33.17 9.47
CA CYS D 66 20.89 33.62 10.80
C CYS D 66 19.71 34.31 11.42
N LEU D 67 19.63 34.30 12.74
CA LEU D 67 18.54 34.92 13.46
C LEU D 67 19.12 35.91 14.46
N GLY D 68 18.65 37.15 14.42
CA GLY D 68 19.28 38.15 15.24
C GLY D 68 18.61 38.37 16.57
N VAL D 69 19.17 37.79 17.63
CA VAL D 69 18.65 38.08 18.96
C VAL D 69 18.92 39.54 19.32
N GLY D 70 20.04 40.06 18.90
CA GLY D 70 20.29 41.48 19.06
C GLY D 70 20.71 42.09 17.75
N ALA D 71 20.13 43.22 17.38
CA ALA D 71 20.39 43.81 16.07
C ALA D 71 20.57 45.31 16.19
N THR D 72 21.27 45.87 15.22
CA THR D 72 21.53 47.29 15.17
C THR D 72 21.69 47.73 13.73
N ALA D 73 20.93 48.74 13.33
CA ALA D 73 21.05 49.30 11.99
C ALA D 73 22.15 50.34 11.98
N ILE D 74 23.05 50.23 11.01
CA ILE D 74 24.21 51.10 10.93
C ILE D 74 23.98 52.35 10.10
N GLY D 75 22.77 52.54 9.58
CA GLY D 75 22.46 53.75 8.86
C GLY D 75 23.19 53.97 7.55
N ASP D 76 23.29 52.94 6.73
CA ASP D 76 23.89 53.08 5.41
C ASP D 76 22.95 53.82 4.47
N PHE D 77 23.53 54.45 3.45
CA PHE D 77 22.77 55.16 2.41
C PHE D 77 21.83 56.19 3.00
N GLY D 78 22.15 56.72 4.17
CA GLY D 78 21.26 57.65 4.82
C GLY D 78 20.04 57.03 5.45
N SER D 79 19.96 55.71 5.50
CA SER D 79 18.84 55.07 6.18
C SER D 79 18.97 55.27 7.69
N ALA D 80 17.92 54.89 8.40
CA ALA D 80 17.90 55.07 9.84
C ALA D 80 18.96 54.21 10.50
N ALA D 81 19.40 54.64 11.68
CA ALA D 81 20.38 53.90 12.45
C ALA D 81 19.92 53.81 13.90
N GLY D 82 20.35 52.75 14.58
CA GLY D 82 20.00 52.57 15.96
C GLY D 82 19.59 51.14 16.23
N GLU D 83 19.16 50.89 17.45
CA GLU D 83 18.83 49.54 17.85
C GLU D 83 17.41 49.17 17.43
N LEU D 84 17.08 47.90 17.61
CA LEU D 84 15.79 47.39 17.22
C LEU D 84 15.13 46.70 18.40
N PRO D 85 13.84 46.87 18.56
CA PRO D 85 13.13 46.29 19.72
C PRO D 85 12.87 44.79 19.57
N VAL D 86 13.85 43.99 19.96
CA VAL D 86 13.78 42.54 19.80
C VAL D 86 13.35 41.94 21.13
N PRO D 87 12.29 41.15 21.16
CA PRO D 87 11.88 40.48 22.39
C PRO D 87 12.75 39.28 22.73
N VAL D 88 13.84 39.54 23.46
CA VAL D 88 14.92 38.58 23.62
C VAL D 88 14.40 37.18 23.91
N GLU D 89 13.60 37.03 24.96
CA GLU D 89 13.19 35.71 25.39
C GLU D 89 12.37 35.02 24.32
N LEU D 90 11.46 35.76 23.69
CA LEU D 90 10.70 35.20 22.59
C LEU D 90 11.62 34.76 21.48
N ALA D 91 12.65 35.55 21.19
CA ALA D 91 13.58 35.19 20.14
C ALA D 91 14.29 33.87 20.45
N GLU D 92 14.75 33.72 21.68
CA GLU D 92 15.45 32.51 22.04
C GLU D 92 14.54 31.30 21.94
N ALA D 93 13.30 31.46 22.40
CA ALA D 93 12.36 30.34 22.26
C ALA D 93 12.15 29.99 20.80
N CYS D 94 12.05 31.01 19.94
CA CYS D 94 11.87 30.74 18.52
C CYS D 94 13.05 29.99 17.95
N ALA D 95 14.26 30.40 18.30
CA ALA D 95 15.44 29.72 17.79
C ALA D 95 15.43 28.27 18.21
N HIS D 96 15.15 28.02 19.49
CA HIS D 96 15.14 26.66 19.99
C HIS D 96 14.14 25.81 19.23
N ALA D 97 12.91 26.32 19.07
CA ALA D 97 11.89 25.53 18.41
C ALA D 97 12.25 25.27 16.95
N VAL D 98 12.76 26.29 16.26
CA VAL D 98 13.09 26.12 14.86
C VAL D 98 14.16 25.05 14.71
N MET D 99 15.24 25.16 15.48
CA MET D 99 16.31 24.21 15.32
C MET D 99 15.86 22.81 15.69
N LYS D 100 15.01 22.68 16.70
CA LYS D 100 14.44 21.38 17.01
C LYS D 100 13.64 20.83 15.84
N SER D 101 12.96 21.70 15.10
CA SER D 101 12.13 21.22 14.01
C SER D 101 12.92 20.63 12.86
N GLY D 102 14.24 20.79 12.85
CA GLY D 102 15.06 20.22 11.82
C GLY D 102 15.69 21.20 10.85
N ILE D 103 15.90 22.45 11.25
CA ILE D 103 16.55 23.45 10.42
C ILE D 103 17.82 23.88 11.12
N ASP D 104 18.87 24.09 10.36
CA ASP D 104 20.18 24.34 10.95
C ASP D 104 20.44 25.83 10.92
N LEU D 105 20.14 26.52 12.02
CA LEU D 105 19.99 27.96 12.03
C LEU D 105 21.01 28.58 12.96
N ALA D 106 21.87 29.44 12.42
CA ALA D 106 22.80 30.15 13.26
C ALA D 106 22.09 31.22 14.06
N VAL D 107 22.73 31.67 15.14
CA VAL D 107 22.19 32.76 15.94
C VAL D 107 23.28 33.77 16.19
N SER D 108 22.87 34.97 16.53
CA SER D 108 23.81 36.07 16.75
C SER D 108 23.23 37.01 17.77
N TYR D 109 24.07 37.55 18.64
CA TYR D 109 23.59 38.45 19.67
C TYR D 109 23.92 39.91 19.40
N CYS D 110 24.76 40.19 18.42
CA CYS D 110 25.05 41.56 18.01
C CYS D 110 25.16 41.57 16.50
N MET D 111 24.04 41.80 15.84
CA MET D 111 23.98 41.75 14.39
C MET D 111 24.00 43.16 13.84
N GLN D 112 24.75 43.37 12.77
CA GLN D 112 24.81 44.66 12.09
C GLN D 112 23.96 44.57 10.83
N VAL D 113 23.03 45.48 10.68
CA VAL D 113 22.14 45.45 9.52
C VAL D 113 22.19 46.79 8.83
N ASP D 114 21.78 46.79 7.58
CA ASP D 114 21.89 47.93 6.69
C ASP D 114 20.50 48.29 6.16
N HIS D 115 20.47 49.16 5.15
CA HIS D 115 19.22 49.64 4.59
C HIS D 115 18.28 48.50 4.26
N GLY D 116 18.81 47.34 3.90
CA GLY D 116 17.96 46.21 3.59
C GLY D 116 17.03 45.85 4.71
N PHE D 117 17.42 46.14 5.94
CA PHE D 117 16.53 45.97 7.08
C PHE D 117 15.83 47.26 7.47
N ALA D 118 16.36 48.41 7.08
CA ALA D 118 15.81 49.66 7.56
C ALA D 118 14.63 50.11 6.72
N GLN D 119 14.81 50.20 5.41
CA GLN D 119 13.79 50.82 4.57
C GLN D 119 12.41 50.22 4.76
N PRO D 120 12.22 48.91 4.75
CA PRO D 120 10.86 48.40 4.95
C PRO D 120 10.24 48.86 6.24
N LEU D 121 11.00 48.89 7.33
CA LEU D 121 10.43 49.31 8.60
C LEU D 121 10.00 50.76 8.56
N GLU D 122 10.86 51.63 8.03
CA GLU D 122 10.51 53.03 7.94
C GLU D 122 9.31 53.24 7.05
N PHE D 123 9.27 52.59 5.90
CA PHE D 123 8.23 52.86 4.93
C PHE D 123 6.90 52.27 5.34
N LEU D 124 6.90 51.18 6.09
CA LEU D 124 5.66 50.49 6.38
C LEU D 124 5.16 50.72 7.79
N LEU D 125 6.02 51.16 8.71
CA LEU D 125 5.62 51.39 10.07
C LEU D 125 6.05 52.75 10.59
N GLY D 126 6.81 53.52 9.83
CA GLY D 126 7.17 54.84 10.27
C GLY D 126 8.20 54.90 11.36
N GLY D 127 9.04 53.90 11.49
CA GLY D 127 10.10 53.95 12.47
C GLY D 127 10.60 52.57 12.82
N LEU D 128 11.77 52.54 13.45
CA LEU D 128 12.35 51.27 13.83
C LEU D 128 11.70 50.66 15.06
N ASP D 129 11.28 51.49 16.01
CA ASP D 129 10.93 51.03 17.35
C ASP D 129 9.43 50.92 17.56
N LYS D 130 8.65 50.81 16.50
CA LYS D 130 7.20 50.81 16.68
C LYS D 130 6.71 49.49 17.23
N VAL D 131 7.22 48.37 16.73
CA VAL D 131 6.68 47.04 17.03
C VAL D 131 7.84 46.11 17.34
N PRO D 132 7.66 45.09 18.17
CA PRO D 132 8.70 44.07 18.32
C PRO D 132 9.02 43.38 17.00
N VAL D 133 10.29 43.04 16.81
CA VAL D 133 10.81 42.55 15.54
C VAL D 133 11.57 41.26 15.77
N LEU D 134 11.59 40.40 14.76
CA LEU D 134 12.41 39.19 14.74
C LEU D 134 13.24 39.18 13.46
N PRO D 135 14.39 39.84 13.44
CA PRO D 135 15.17 39.91 12.21
C PRO D 135 15.76 38.56 11.86
N VAL D 136 15.57 38.15 10.62
CA VAL D 136 16.10 36.90 10.10
C VAL D 136 16.85 37.18 8.82
N PHE D 137 18.13 36.87 8.79
CA PHE D 137 18.97 37.12 7.64
C PHE D 137 19.08 35.87 6.80
N ILE D 138 18.98 36.04 5.49
CA ILE D 138 19.12 34.95 4.53
C ILE D 138 20.23 35.30 3.56
N ASN D 139 21.20 34.41 3.41
CA ASN D 139 22.29 34.67 2.50
C ASN D 139 21.80 34.65 1.07
N GLY D 140 22.25 35.61 0.28
CA GLY D 140 21.83 35.66 -1.11
C GLY D 140 22.91 36.14 -2.05
N VAL D 141 24.14 36.25 -1.58
CA VAL D 141 25.23 36.80 -2.37
C VAL D 141 26.40 35.85 -2.50
N ALA D 142 26.81 35.20 -1.42
CA ALA D 142 28.05 34.43 -1.40
C ALA D 142 27.76 32.96 -1.59
N THR D 143 28.26 32.39 -2.68
CA THR D 143 28.05 30.98 -2.95
C THR D 143 28.86 30.14 -1.97
N PRO D 144 28.38 28.94 -1.64
CA PRO D 144 27.13 28.30 -2.06
C PRO D 144 25.92 28.90 -1.38
N LEU D 145 24.76 28.70 -1.96
CA LEU D 145 23.56 29.36 -1.49
C LEU D 145 22.49 28.33 -1.14
N PRO D 146 21.64 28.62 -0.17
CA PRO D 146 20.56 27.69 0.13
C PRO D 146 19.58 27.62 -1.02
N GLY D 147 18.99 26.45 -1.20
CA GLY D 147 18.04 26.25 -2.27
C GLY D 147 16.65 26.68 -1.90
N PHE D 148 15.76 26.62 -2.88
CA PHE D 148 14.37 26.97 -2.62
C PHE D 148 13.74 26.02 -1.62
N GLN D 149 14.07 24.74 -1.73
CA GLN D 149 13.47 23.74 -0.85
C GLN D 149 13.71 24.07 0.61
N ARG D 150 14.96 24.31 0.98
CA ARG D 150 15.26 24.59 2.36
C ARG D 150 14.66 25.90 2.81
N THR D 151 14.63 26.89 1.93
CA THR D 151 14.03 28.16 2.32
C THR D 151 12.56 27.98 2.65
N ARG D 152 11.85 27.21 1.83
CA ARG D 152 10.46 26.93 2.15
C ARG D 152 10.34 26.21 3.48
N MET D 153 11.24 25.27 3.74
CA MET D 153 11.18 24.56 5.01
C MET D 153 11.35 25.51 6.18
N LEU D 154 12.30 26.43 6.06
CA LEU D 154 12.52 27.41 7.12
C LEU D 154 11.29 28.26 7.35
N GLY D 155 10.68 28.71 6.26
CA GLY D 155 9.48 29.51 6.40
C GLY D 155 8.40 28.76 7.13
N GLU D 156 8.19 27.50 6.78
CA GLU D 156 7.16 26.72 7.43
C GLU D 156 7.46 26.56 8.91
N ALA D 157 8.71 26.33 9.26
CA ALA D 157 9.04 26.15 10.67
C ALA D 157 8.68 27.41 11.46
N ILE D 158 9.12 28.56 10.98
CA ILE D 158 8.82 29.78 11.71
C ILE D 158 7.32 30.01 11.75
N GLY D 159 6.63 29.69 10.67
CA GLY D 159 5.20 29.90 10.65
C GLY D 159 4.50 29.07 11.70
N ARG D 160 4.81 27.78 11.77
CA ARG D 160 4.12 26.97 12.75
C ARG D 160 4.47 27.40 14.16
N PHE D 161 5.71 27.85 14.38
CA PHE D 161 6.02 28.31 15.72
C PHE D 161 5.20 29.53 16.09
N THR D 162 5.19 30.53 15.24
CA THR D 162 4.49 31.75 15.59
C THR D 162 2.99 31.57 15.62
N SER D 163 2.47 30.56 14.95
CA SER D 163 1.03 30.39 14.93
C SER D 163 0.45 30.15 16.31
N THR D 164 1.28 29.74 17.26
CA THR D 164 0.80 29.44 18.60
C THR D 164 1.11 30.53 19.60
N LEU D 165 1.44 31.72 19.14
CA LEU D 165 1.67 32.80 20.07
C LEU D 165 0.41 33.56 20.42
N ASN D 166 -0.69 33.26 19.75
CA ASN D 166 -1.96 33.92 20.00
C ASN D 166 -1.84 35.43 19.83
N LYS D 167 -1.14 35.85 18.78
CA LYS D 167 -0.96 37.25 18.48
C LYS D 167 -1.37 37.51 17.04
N ARG D 168 -1.32 38.77 16.64
CA ARG D 168 -1.54 39.15 15.26
C ARG D 168 -0.18 39.45 14.63
N VAL D 169 0.15 38.71 13.59
CA VAL D 169 1.51 38.63 13.08
C VAL D 169 1.58 39.23 11.69
N LEU D 170 2.66 39.95 11.43
CA LEU D 170 2.92 40.55 10.14
C LEU D 170 4.24 40.03 9.63
N PHE D 171 4.23 39.47 8.43
CA PHE D 171 5.44 38.96 7.78
C PHE D 171 5.87 39.93 6.69
N LEU D 172 7.18 40.17 6.62
CA LEU D 172 7.71 41.09 5.64
C LEU D 172 8.76 40.39 4.79
N GLY D 173 8.73 40.66 3.50
CA GLY D 173 9.80 40.22 2.62
C GLY D 173 10.44 41.42 1.97
N SER D 174 11.76 41.54 2.04
CA SER D 174 12.41 42.78 1.62
C SER D 174 13.39 42.59 0.48
N GLY D 175 13.22 41.54 -0.32
CA GLY D 175 14.12 41.30 -1.42
C GLY D 175 13.57 41.86 -2.72
N GLY D 176 14.41 42.60 -3.44
CA GLY D 176 14.01 43.11 -4.73
C GLY D 176 13.89 42.01 -5.75
N LEU D 177 13.31 42.35 -6.88
CA LEU D 177 13.17 41.39 -7.97
C LEU D 177 14.45 41.39 -8.80
N SER D 178 14.38 40.78 -9.98
CA SER D 178 15.56 40.64 -10.81
C SER D 178 16.23 41.97 -11.06
N HIS D 179 17.53 42.01 -10.86
CA HIS D 179 18.34 43.22 -11.02
C HIS D 179 19.79 42.81 -10.86
N GLN D 180 20.68 43.79 -10.97
CA GLN D 180 22.08 43.50 -10.72
C GLN D 180 22.86 44.76 -10.33
N PRO D 181 23.13 44.96 -9.05
CA PRO D 181 24.07 45.99 -8.64
C PRO D 181 25.50 45.52 -8.82
N PRO D 182 26.48 46.43 -8.83
CA PRO D 182 27.89 46.01 -8.98
C PRO D 182 28.49 45.44 -7.70
N VAL D 183 28.22 44.15 -7.46
CA VAL D 183 28.68 43.47 -6.26
C VAL D 183 30.04 42.84 -6.49
N PRO D 184 31.01 43.05 -5.58
CA PRO D 184 32.31 42.40 -5.74
C PRO D 184 32.21 40.89 -5.61
N GLU D 185 33.16 40.21 -6.25
CA GLU D 185 33.22 38.75 -6.26
C GLU D 185 34.51 38.30 -5.57
N LEU D 186 34.39 37.35 -4.64
CA LEU D 186 35.54 36.87 -3.91
C LEU D 186 36.52 36.14 -4.83
N ALA D 187 36.00 35.41 -5.82
CA ALA D 187 36.86 34.63 -6.70
C ALA D 187 37.82 35.51 -7.46
N LYS D 188 37.34 36.65 -7.98
CA LYS D 188 38.18 37.60 -8.68
C LYS D 188 38.63 38.75 -7.80
N ALA D 189 38.34 38.70 -6.50
CA ALA D 189 38.75 39.76 -5.59
C ALA D 189 40.28 39.82 -5.47
N ASP D 190 40.80 41.03 -5.35
CA ASP D 190 42.22 41.22 -5.11
C ASP D 190 42.51 40.97 -3.63
N ALA D 191 43.73 41.26 -3.21
CA ALA D 191 44.10 41.04 -1.81
C ALA D 191 43.27 41.92 -0.89
N HIS D 192 43.16 43.21 -1.20
CA HIS D 192 42.41 44.13 -0.35
C HIS D 192 40.92 43.81 -0.36
N MET D 193 40.36 43.50 -1.53
CA MET D 193 38.94 43.19 -1.59
C MET D 193 38.66 41.88 -0.85
N ARG D 194 39.56 40.91 -0.98
CA ARG D 194 39.43 39.66 -0.22
C ARG D 194 39.48 39.92 1.27
N ASP D 195 40.40 40.78 1.71
CA ASP D 195 40.48 41.11 3.13
C ASP D 195 39.20 41.77 3.61
N ARG D 196 38.64 42.66 2.80
CA ARG D 196 37.37 43.28 3.18
C ARG D 196 36.26 42.25 3.29
N LEU D 197 36.22 41.29 2.37
CA LEU D 197 35.20 40.26 2.43
C LEU D 197 35.40 39.32 3.61
N LEU D 198 36.64 39.13 4.05
CA LEU D 198 36.92 38.13 5.07
C LEU D 198 36.42 38.53 6.45
N GLY D 199 36.08 39.79 6.68
CA GLY D 199 35.67 40.20 8.01
C GLY D 199 36.06 41.60 8.40
N SER D 200 36.94 42.23 7.62
CA SER D 200 37.31 43.61 7.90
C SER D 200 36.30 44.60 7.33
N GLY D 201 35.24 44.13 6.69
CA GLY D 201 34.20 44.98 6.15
C GLY D 201 33.19 45.48 7.14
N LYS D 202 33.27 45.05 8.41
CA LYS D 202 32.40 45.61 9.43
C LYS D 202 32.75 47.07 9.71
N ASP D 203 34.02 47.44 9.55
CA ASP D 203 34.49 48.77 9.91
C ASP D 203 34.94 49.54 8.68
N LEU D 204 34.16 49.47 7.60
CA LEU D 204 34.49 50.22 6.40
C LEU D 204 34.47 51.72 6.70
N PRO D 205 35.50 52.46 6.32
CA PRO D 205 35.46 53.91 6.50
C PRO D 205 34.40 54.54 5.61
N ALA D 206 33.96 55.74 6.02
CA ALA D 206 32.93 56.44 5.26
C ALA D 206 33.38 56.68 3.83
N SER D 207 34.68 56.84 3.60
CA SER D 207 35.19 56.99 2.24
C SER D 207 34.88 55.75 1.40
N GLU D 208 35.12 54.56 1.96
CA GLU D 208 34.85 53.34 1.22
C GLU D 208 33.36 53.15 0.98
N ARG D 209 32.53 53.50 1.97
CA ARG D 209 31.09 53.42 1.77
C ARG D 209 30.63 54.34 0.66
N GLU D 210 31.15 55.57 0.64
CA GLU D 210 30.81 56.50 -0.42
C GLU D 210 31.30 56.01 -1.77
N LEU D 211 32.48 55.41 -1.81
CA LEU D 211 32.99 54.84 -3.06
C LEU D 211 32.07 53.74 -3.57
N ARG D 212 31.63 52.85 -2.67
CA ARG D 212 30.73 51.78 -3.07
C ARG D 212 29.40 52.33 -3.55
N GLN D 213 28.90 53.36 -2.87
CA GLN D 213 27.66 54.02 -3.32
C GLN D 213 27.83 54.60 -4.70
N GLN D 214 28.96 55.24 -4.97
CA GLN D 214 29.21 55.80 -6.28
C GLN D 214 29.33 54.71 -7.33
N ARG D 215 29.94 53.57 -6.98
CA ARG D 215 29.99 52.44 -7.89
C ARG D 215 28.58 52.00 -8.26
N VAL D 216 27.71 51.87 -7.25
CA VAL D 216 26.35 51.44 -7.51
C VAL D 216 25.62 52.43 -8.39
N ILE D 217 25.78 53.73 -8.11
CA ILE D 217 25.09 54.76 -8.88
C ILE D 217 25.56 54.76 -10.33
N SER D 218 26.88 54.68 -10.54
CA SER D 218 27.43 54.68 -11.89
C SER D 218 26.99 53.45 -12.67
N ALA D 219 27.02 52.28 -12.01
CA ALA D 219 26.58 51.06 -12.70
C ALA D 219 25.10 51.15 -13.02
N ALA D 220 24.30 51.75 -12.15
CA ALA D 220 22.88 51.93 -12.43
C ALA D 220 22.68 52.82 -13.65
N GLU D 221 23.43 53.92 -13.73
CA GLU D 221 23.29 54.81 -14.88
C GLU D 221 23.72 54.12 -16.17
N LYS D 222 24.80 53.32 -16.10
CA LYS D 222 25.21 52.54 -17.26
C LYS D 222 24.11 51.56 -17.67
N PHE D 223 23.48 50.92 -16.69
CA PHE D 223 22.38 50.00 -16.99
C PHE D 223 21.21 50.73 -17.61
N VAL D 224 20.99 51.98 -17.20
CA VAL D 224 20.01 52.83 -17.89
C VAL D 224 20.40 52.98 -19.36
N GLU D 225 21.69 53.21 -19.61
CA GLU D 225 22.16 53.37 -20.98
C GLU D 225 21.91 52.11 -21.80
N ASP D 226 22.18 50.94 -21.22
CA ASP D 226 21.93 49.68 -21.91
C ASP D 226 21.73 48.57 -20.90
N GLN D 227 20.78 47.68 -21.17
CA GLN D 227 20.53 46.54 -20.31
C GLN D 227 21.48 45.38 -20.57
N ARG D 228 22.30 45.44 -21.62
CA ARG D 228 23.23 44.37 -21.93
C ARG D 228 24.60 44.55 -21.30
N THR D 229 24.91 45.75 -20.81
CA THR D 229 26.15 45.94 -20.06
C THR D 229 26.19 44.99 -18.88
N LEU D 230 25.04 44.72 -18.28
CA LEU D 230 24.86 43.69 -17.27
C LEU D 230 23.73 42.79 -17.76
N HIS D 231 23.19 41.94 -16.88
CA HIS D 231 22.09 41.09 -17.30
C HIS D 231 20.84 41.93 -17.50
N PRO D 232 20.24 41.93 -18.69
CA PRO D 232 19.00 42.68 -18.88
C PRO D 232 17.88 42.10 -18.03
N LEU D 233 16.94 42.98 -17.65
CA LEU D 233 15.83 42.54 -16.83
C LEU D 233 14.97 41.53 -17.57
N ASN D 234 14.30 40.68 -16.80
CA ASN D 234 13.48 39.60 -17.35
C ASN D 234 12.07 39.79 -16.80
N PRO D 235 11.28 40.64 -17.44
CA PRO D 235 9.89 40.83 -16.97
C PRO D 235 9.11 39.54 -17.00
N ILE D 236 9.40 38.69 -17.99
CA ILE D 236 8.67 37.44 -18.12
C ILE D 236 8.84 36.61 -16.87
N TRP D 237 10.07 36.46 -16.42
CA TRP D 237 10.29 35.62 -15.26
C TRP D 237 9.74 36.25 -14.00
N ASP D 238 9.80 37.57 -13.91
CA ASP D 238 9.24 38.23 -12.73
C ASP D 238 7.75 37.94 -12.62
N ASN D 239 7.01 38.12 -13.72
CA ASN D 239 5.58 37.87 -13.68
C ASN D 239 5.31 36.40 -13.42
N GLN D 240 6.12 35.53 -14.02
CA GLN D 240 6.04 34.11 -13.71
C GLN D 240 6.11 33.86 -12.22
N PHE D 241 7.10 34.46 -11.57
CA PHE D 241 7.37 34.20 -10.17
C PHE D 241 6.22 34.69 -9.31
N MET D 242 5.80 35.94 -9.53
CA MET D 242 4.71 36.46 -8.71
C MET D 242 3.43 35.68 -8.92
N THR D 243 3.14 35.30 -10.15
CA THR D 243 1.92 34.54 -10.38
C THR D 243 1.98 33.20 -9.70
N LEU D 244 3.15 32.55 -9.72
CA LEU D 244 3.28 31.30 -9.02
C LEU D 244 3.03 31.47 -7.54
N LEU D 245 3.52 32.57 -6.97
CA LEU D 245 3.27 32.81 -5.55
C LEU D 245 1.80 33.02 -5.28
N GLU D 246 1.13 33.80 -6.12
CA GLU D 246 -0.26 34.14 -5.86
C GLU D 246 -1.13 32.90 -5.83
N GLN D 247 -0.93 32.00 -6.76
CA GLN D 247 -1.75 30.81 -6.82
C GLN D 247 -1.42 29.81 -5.74
N GLY D 248 -0.50 30.12 -4.85
CA GLY D 248 -0.13 29.17 -3.82
C GLY D 248 0.49 27.90 -4.36
N ARG D 249 1.43 28.04 -5.30
CA ARG D 249 2.06 26.88 -5.90
C ARG D 249 3.56 26.90 -5.72
N ILE D 250 4.03 27.25 -4.51
CA ILE D 250 5.45 27.33 -4.28
C ILE D 250 6.15 25.99 -4.38
N GLN D 251 5.41 24.89 -4.28
CA GLN D 251 6.02 23.58 -4.42
C GLN D 251 6.78 23.47 -5.73
N GLU D 252 6.22 24.03 -6.79
CA GLU D 252 6.85 23.90 -8.08
C GLU D 252 8.14 24.67 -8.19
N LEU D 253 8.47 25.50 -7.21
CA LEU D 253 9.74 26.20 -7.28
C LEU D 253 10.90 25.31 -6.88
N ASP D 254 10.64 24.16 -6.26
CA ASP D 254 11.73 23.28 -5.85
C ASP D 254 12.53 22.81 -7.04
N ALA D 255 11.90 22.71 -8.21
CA ALA D 255 12.59 22.16 -9.36
C ALA D 255 13.67 23.08 -9.90
N VAL D 256 13.74 24.31 -9.43
CA VAL D 256 14.70 25.27 -9.98
C VAL D 256 15.98 25.21 -9.18
N SER D 257 17.10 25.08 -9.86
CA SER D 257 18.40 25.12 -9.22
C SER D 257 18.86 26.55 -9.07
N ASN D 258 19.81 26.75 -8.16
CA ASN D 258 20.28 28.10 -7.89
C ASN D 258 20.86 28.75 -9.13
N GLU D 259 21.68 28.01 -9.85
CA GLU D 259 22.33 28.60 -11.02
C GLU D 259 21.47 28.47 -12.26
N GLU D 260 20.43 27.64 -12.22
CA GLU D 260 19.34 27.87 -13.16
C GLU D 260 18.82 29.28 -13.06
N LEU D 261 18.48 29.70 -11.86
CA LEU D 261 17.96 31.04 -11.66
C LEU D 261 19.02 32.07 -11.98
N SER D 262 20.27 31.78 -11.64
CA SER D 262 21.34 32.72 -11.95
C SER D 262 21.45 32.94 -13.44
N ALA D 263 21.36 31.85 -14.22
CA ALA D 263 21.47 31.98 -15.66
C ALA D 263 20.27 32.73 -16.24
N ILE D 264 19.07 32.39 -15.79
CA ILE D 264 17.88 32.99 -16.37
C ILE D 264 17.82 34.47 -16.05
N ALA D 265 17.99 34.85 -14.79
CA ALA D 265 17.68 36.19 -14.36
C ALA D 265 18.86 36.98 -13.84
N GLY D 266 20.03 36.38 -13.70
CA GLY D 266 21.13 37.14 -13.15
C GLY D 266 21.34 36.83 -11.68
N LYS D 267 22.60 36.87 -11.27
CA LYS D 267 22.94 36.32 -9.96
C LYS D 267 22.36 37.10 -8.81
N SER D 268 22.06 38.39 -8.99
CA SER D 268 21.51 39.14 -7.88
C SER D 268 20.08 38.75 -7.55
N THR D 269 19.44 37.96 -8.39
CA THR D 269 18.04 37.63 -8.18
C THR D 269 17.82 36.83 -6.91
N HIS D 270 18.85 36.24 -6.34
CA HIS D 270 18.64 35.30 -5.25
C HIS D 270 18.00 35.98 -4.04
N GLU D 271 18.03 37.31 -4.01
CA GLU D 271 17.33 38.02 -2.95
C GLU D 271 15.90 37.56 -2.82
N ILE D 272 15.22 37.29 -3.93
CA ILE D 272 13.82 36.94 -3.86
C ILE D 272 13.55 35.73 -2.99
N LYS D 273 14.58 35.00 -2.58
CA LYS D 273 14.31 33.89 -1.69
C LYS D 273 13.59 34.34 -0.45
N THR D 274 13.86 35.56 0.02
CA THR D 274 13.13 36.07 1.16
C THR D 274 11.64 35.95 0.95
N TRP D 275 11.16 36.40 -0.21
CA TRP D 275 9.74 36.32 -0.50
C TRP D 275 9.23 34.92 -0.27
N VAL D 276 9.94 33.93 -0.80
CA VAL D 276 9.46 32.55 -0.66
C VAL D 276 9.27 32.23 0.80
N ALA D 277 10.27 32.52 1.62
CA ALA D 277 10.14 32.24 3.04
C ALA D 277 8.87 32.84 3.58
N ALA D 278 8.65 34.13 3.33
CA ALA D 278 7.48 34.79 3.85
C ALA D 278 6.23 34.01 3.50
N PHE D 279 6.06 33.69 2.22
CA PHE D 279 4.82 33.05 1.84
C PHE D 279 4.68 31.71 2.53
N ALA D 280 5.75 30.95 2.61
CA ALA D 280 5.68 29.67 3.28
C ALA D 280 5.14 29.86 4.69
N ALA D 281 5.65 30.87 5.38
CA ALA D 281 5.21 31.10 6.75
C ALA D 281 3.70 31.25 6.82
N ILE D 282 3.14 32.09 5.95
CA ILE D 282 1.72 32.36 6.09
C ILE D 282 0.91 31.12 5.81
N SER D 283 1.44 30.19 5.03
CA SER D 283 0.66 29.01 4.75
C SER D 283 0.41 28.18 5.98
N ALA D 284 1.11 28.44 7.07
CA ALA D 284 0.89 27.72 8.30
C ALA D 284 -0.27 28.27 9.10
N PHE D 285 -0.92 29.32 8.64
CA PHE D 285 -2.02 29.92 9.38
C PHE D 285 -3.37 29.58 8.80
N GLY D 286 -3.46 28.53 8.01
CA GLY D 286 -4.71 28.22 7.34
C GLY D 286 -4.81 28.94 6.01
N ASN D 287 -6.01 28.93 5.46
CA ASN D 287 -6.18 29.50 4.13
C ASN D 287 -6.00 31.01 4.14
N TRP D 288 -5.81 31.56 2.96
CA TRP D 288 -5.47 32.97 2.83
C TRP D 288 -5.71 33.38 1.39
N ARG D 289 -5.49 34.66 1.11
CA ARG D 289 -5.63 35.13 -0.26
C ARG D 289 -4.82 36.39 -0.43
N SER D 290 -4.48 36.68 -1.68
CA SER D 290 -3.55 37.75 -2.00
C SER D 290 -4.30 39.00 -2.43
N GLU D 291 -3.54 40.06 -2.67
CA GLU D 291 -4.07 41.33 -3.13
C GLU D 291 -2.94 42.31 -3.34
N GLY D 292 -3.31 43.46 -3.90
CA GLY D 292 -2.37 44.56 -4.04
C GLY D 292 -1.23 44.29 -4.98
N ARG D 293 -1.36 43.29 -5.84
CA ARG D 293 -0.26 42.94 -6.72
C ARG D 293 0.14 44.13 -7.58
N TYR D 294 1.44 44.39 -7.65
CA TYR D 294 1.88 45.49 -8.49
C TYR D 294 3.30 45.23 -8.95
N TYR D 295 3.59 45.62 -10.19
CA TYR D 295 4.91 45.38 -10.74
C TYR D 295 5.22 46.46 -11.77
N ARG D 296 6.48 46.82 -11.87
CA ARG D 296 6.88 47.72 -12.92
C ARG D 296 8.39 47.69 -13.10
N PRO D 297 8.87 47.44 -14.30
CA PRO D 297 10.31 47.59 -14.55
C PRO D 297 10.70 49.05 -14.47
N ILE D 298 11.93 49.28 -14.03
CA ILE D 298 12.47 50.64 -13.94
C ILE D 298 13.86 50.63 -14.53
N PRO D 299 14.09 51.29 -15.65
CA PRO D 299 15.48 51.40 -16.15
C PRO D 299 16.38 52.13 -15.18
N GLU D 300 15.89 53.19 -14.54
CA GLU D 300 16.76 54.06 -13.76
C GLU D 300 17.37 53.35 -12.57
N TRP D 301 16.54 52.70 -11.78
CA TRP D 301 17.02 51.79 -10.74
C TRP D 301 17.10 50.42 -11.36
N ILE D 302 18.27 49.80 -11.32
CA ILE D 302 18.48 48.51 -11.97
C ILE D 302 17.35 47.54 -11.67
N ALA D 303 16.69 47.70 -10.53
CA ALA D 303 15.68 46.75 -10.10
C ALA D 303 14.43 46.81 -10.96
N GLY D 304 13.71 45.70 -10.98
CA GLY D 304 12.34 45.69 -11.46
C GLY D 304 11.43 45.74 -10.26
N PHE D 305 10.87 46.91 -9.99
CA PHE D 305 10.17 47.12 -8.73
C PHE D 305 8.91 46.26 -8.66
N GLY D 306 8.63 45.73 -7.48
CA GLY D 306 7.46 44.90 -7.31
C GLY D 306 6.95 45.00 -5.90
N SER D 307 5.69 44.61 -5.72
CA SER D 307 5.09 44.64 -4.40
C SER D 307 3.87 43.74 -4.39
N LEU D 308 3.60 43.15 -3.23
CA LEU D 308 2.53 42.18 -3.13
C LEU D 308 2.08 42.11 -1.69
N SER D 309 0.83 41.73 -1.48
CA SER D 309 0.36 41.56 -0.11
C SER D 309 -0.59 40.39 -0.05
N ALA D 310 -0.75 39.85 1.15
CA ALA D 310 -1.67 38.75 1.33
C ALA D 310 -2.20 38.79 2.75
N ARG D 311 -3.31 38.10 2.95
CA ARG D 311 -4.02 38.20 4.22
C ARG D 311 -4.75 36.90 4.47
N THR D 312 -4.74 36.47 5.73
CA THR D 312 -5.48 35.28 6.06
C THR D 312 -6.96 35.59 6.08
N GLU D 313 -7.77 34.64 5.64
CA GLU D 313 -9.22 34.72 5.77
C GLU D 313 -9.61 33.85 6.95
N ASN D 314 -9.89 34.50 8.07
CA ASN D 314 -10.09 33.84 9.35
C ASN D 314 -11.07 32.67 9.28
N MET E 1 -24.82 12.09 24.21
CA MET E 1 -23.79 12.18 25.25
C MET E 1 -23.32 13.60 25.47
N HIS E 2 -22.99 13.93 26.72
CA HIS E 2 -22.68 15.29 27.11
C HIS E 2 -21.52 15.27 28.07
N ALA E 3 -20.63 16.25 27.95
CA ALA E 3 -19.45 16.28 28.78
C ALA E 3 -18.97 17.71 28.93
N TYR E 4 -18.49 18.00 30.14
CA TYR E 4 -17.95 19.31 30.45
C TYR E 4 -16.60 19.15 31.10
N LEU E 5 -15.66 20.02 30.77
CA LEU E 5 -14.29 19.92 31.23
C LEU E 5 -13.87 21.24 31.84
N HIS E 6 -13.07 21.16 32.89
CA HIS E 6 -12.53 22.38 33.45
C HIS E 6 -11.18 22.10 34.09
N CYS E 7 -10.21 22.96 33.84
CA CYS E 7 -8.90 22.84 34.45
C CYS E 7 -8.57 24.13 35.17
N LEU E 8 -7.94 23.98 36.33
CA LEU E 8 -7.77 25.12 37.23
C LEU E 8 -6.54 24.92 38.09
N SER E 9 -5.68 25.92 38.16
CA SER E 9 -4.55 25.87 39.07
C SER E 9 -5.04 25.87 40.50
N HIS E 10 -4.30 25.19 41.37
CA HIS E 10 -4.65 25.12 42.78
C HIS E 10 -3.68 26.00 43.55
N SER E 11 -4.22 26.75 44.51
CA SER E 11 -3.41 27.68 45.28
C SER E 11 -3.28 27.19 46.71
N PRO E 12 -2.21 26.50 47.08
CA PRO E 12 -1.98 26.20 48.49
C PRO E 12 -1.86 27.46 49.31
N LEU E 13 -1.31 28.53 48.71
CA LEU E 13 -1.19 29.81 49.38
C LEU E 13 -2.49 30.59 49.14
N VAL E 14 -3.46 30.33 49.99
CA VAL E 14 -4.68 31.13 50.05
C VAL E 14 -4.80 31.65 51.47
N GLY E 15 -4.67 32.96 51.64
CA GLY E 15 -4.71 33.57 52.95
C GLY E 15 -3.40 33.59 53.69
N TYR E 16 -2.32 33.08 53.09
CA TYR E 16 -1.00 33.12 53.73
C TYR E 16 -0.16 34.26 53.17
N VAL E 17 0.09 34.27 51.87
CA VAL E 17 0.71 35.39 51.18
C VAL E 17 -0.21 35.81 50.06
N ASP E 18 -0.52 37.11 49.99
CA ASP E 18 -1.58 37.51 49.08
C ASP E 18 -1.15 38.68 48.21
N PRO E 19 -1.65 38.73 46.99
CA PRO E 19 -1.33 39.85 46.11
C PRO E 19 -2.24 41.03 46.38
N ALA E 20 -2.17 42.04 45.51
CA ALA E 20 -3.10 43.15 45.58
C ALA E 20 -4.53 42.64 45.55
N GLN E 21 -5.34 43.17 46.46
CA GLN E 21 -6.65 42.59 46.72
C GLN E 21 -7.53 42.62 45.47
N GLU E 22 -7.31 43.60 44.59
CA GLU E 22 -8.07 43.65 43.34
C GLU E 22 -7.84 42.39 42.50
N VAL E 23 -6.59 41.96 42.40
CA VAL E 23 -6.29 40.73 41.67
C VAL E 23 -7.02 39.56 42.30
N LEU E 24 -7.03 39.51 43.63
CA LEU E 24 -7.75 38.46 44.32
C LEU E 24 -9.22 38.46 43.95
N ASP E 25 -9.82 39.65 43.88
CA ASP E 25 -11.21 39.75 43.48
C ASP E 25 -11.43 39.22 42.08
N GLU E 26 -10.53 39.57 41.15
CA GLU E 26 -10.67 39.09 39.79
C GLU E 26 -10.60 37.57 39.73
N VAL E 27 -9.66 36.99 40.47
CA VAL E 27 -9.52 35.54 40.52
C VAL E 27 -10.81 34.91 41.02
N ASN E 28 -11.33 35.43 42.14
CA ASN E 28 -12.52 34.84 42.72
C ASN E 28 -13.70 34.99 41.77
N GLY E 29 -13.76 36.09 41.03
CA GLY E 29 -14.81 36.24 40.05
C GLY E 29 -14.74 35.19 38.97
N VAL E 30 -13.54 34.91 38.48
CA VAL E 30 -13.38 33.86 37.48
C VAL E 30 -13.84 32.53 38.03
N ILE E 31 -13.42 32.22 39.25
CA ILE E 31 -13.80 30.95 39.88
C ILE E 31 -15.32 30.86 39.97
N ALA E 32 -15.96 31.93 40.43
CA ALA E 32 -17.41 31.90 40.59
C ALA E 32 -18.10 31.71 39.25
N SER E 33 -17.61 32.36 38.20
CA SER E 33 -18.23 32.21 36.91
C SER E 33 -18.15 30.77 36.42
N ALA E 34 -16.98 30.16 36.59
CA ALA E 34 -16.85 28.76 36.20
C ALA E 34 -17.80 27.89 37.02
N ARG E 35 -17.88 28.17 38.31
CA ARG E 35 -18.77 27.39 39.17
C ARG E 35 -20.20 27.48 38.70
N GLU E 36 -20.64 28.67 38.31
CA GLU E 36 -22.00 28.83 37.82
C GLU E 36 -22.20 28.06 36.53
N ARG E 37 -21.23 28.11 35.63
CA ARG E 37 -21.36 27.34 34.39
C ARG E 37 -21.54 25.86 34.69
N ILE E 38 -20.73 25.34 35.61
CA ILE E 38 -20.84 23.93 35.94
C ILE E 38 -22.21 23.63 36.55
N ALA E 39 -22.63 24.46 37.51
CA ALA E 39 -23.94 24.24 38.12
C ALA E 39 -25.03 24.22 37.07
N ALA E 40 -24.88 25.05 36.04
CA ALA E 40 -25.81 24.98 34.92
C ALA E 40 -25.71 23.63 34.22
N PHE E 41 -24.50 23.10 34.07
CA PHE E 41 -24.35 21.80 33.41
C PHE E 41 -24.97 20.67 34.23
N SER E 42 -24.92 20.77 35.55
CA SER E 42 -25.50 19.78 36.45
C SER E 42 -24.93 18.39 36.24
N PRO E 43 -23.70 18.14 36.64
CA PRO E 43 -23.06 16.86 36.37
C PRO E 43 -23.60 15.75 37.25
N GLU E 44 -23.37 14.52 36.81
CA GLU E 44 -23.70 13.34 37.58
C GLU E 44 -22.50 12.57 38.08
N LEU E 45 -21.37 12.69 37.39
CA LEU E 45 -20.16 11.96 37.75
C LEU E 45 -18.96 12.88 37.55
N VAL E 46 -18.01 12.81 38.45
CA VAL E 46 -16.84 13.67 38.43
C VAL E 46 -15.60 12.82 38.35
N VAL E 47 -14.79 13.05 37.33
CA VAL E 47 -13.50 12.41 37.19
C VAL E 47 -12.44 13.46 37.51
N LEU E 48 -11.56 13.15 38.44
CA LEU E 48 -10.67 14.15 39.01
C LEU E 48 -9.23 13.67 38.90
N PHE E 49 -8.44 14.35 38.09
CA PHE E 49 -7.01 14.10 38.02
C PHE E 49 -6.30 15.11 38.91
N ALA E 50 -5.31 14.65 39.67
CA ALA E 50 -4.63 15.56 40.57
C ALA E 50 -3.29 14.97 40.95
N PRO E 51 -2.33 15.79 41.30
CA PRO E 51 -1.05 15.30 41.82
C PRO E 51 -1.05 15.27 43.34
N ASP E 52 0.03 14.73 43.88
CA ASP E 52 0.24 14.67 45.33
C ASP E 52 1.49 15.45 45.70
N HIS E 53 1.67 15.64 47.00
CA HIS E 53 2.83 16.35 47.52
C HIS E 53 3.44 15.61 48.70
N TYR E 54 3.72 14.31 48.52
CA TYR E 54 4.28 13.47 49.59
C TYR E 54 3.35 13.38 50.78
N ASN E 55 2.16 12.84 50.55
CA ASN E 55 1.20 12.72 51.64
C ASN E 55 0.63 11.32 51.76
N GLY E 56 0.40 10.61 50.67
CA GLY E 56 -0.03 9.23 50.75
C GLY E 56 0.87 8.25 50.02
N PHE E 57 1.51 8.71 48.95
CA PHE E 57 2.39 7.90 48.13
C PHE E 57 3.82 8.22 48.50
N PHE E 58 4.60 7.20 48.79
CA PHE E 58 5.95 7.42 49.22
C PHE E 58 6.83 6.35 48.61
N TYR E 59 8.13 6.53 48.74
CA TYR E 59 9.03 5.68 47.97
C TYR E 59 8.96 4.22 48.38
N ASP E 60 8.09 3.83 49.32
CA ASP E 60 7.86 2.42 49.50
C ASP E 60 7.27 1.81 48.22
N VAL E 61 6.30 2.49 47.63
CA VAL E 61 5.83 2.19 46.27
C VAL E 61 5.40 3.50 45.64
N MET E 62 5.92 3.79 44.44
CA MET E 62 5.54 5.00 43.72
C MET E 62 5.11 4.66 42.30
N PRO E 63 3.82 4.57 42.04
CA PRO E 63 3.36 4.24 40.72
C PRO E 63 3.25 5.48 39.86
N PRO E 64 3.25 5.33 38.55
CA PRO E 64 3.01 6.50 37.70
C PRO E 64 1.57 6.95 37.71
N PHE E 65 0.61 6.02 37.67
CA PHE E 65 -0.79 6.36 37.81
C PHE E 65 -1.42 5.49 38.87
N CYS E 66 -2.34 6.06 39.61
CA CYS E 66 -3.06 5.25 40.59
C CYS E 66 -4.52 5.66 40.56
N LEU E 67 -5.40 4.75 40.90
CA LEU E 67 -6.83 5.02 40.92
C LEU E 67 -7.38 4.71 42.29
N GLY E 68 -8.07 5.66 42.89
CA GLY E 68 -8.48 5.46 44.26
C GLY E 68 -9.87 4.90 44.42
N VAL E 69 -9.97 3.60 44.67
CA VAL E 69 -11.28 3.03 44.98
C VAL E 69 -11.78 3.56 46.30
N GLY E 70 -10.90 3.78 47.25
CA GLY E 70 -11.27 4.44 48.48
C GLY E 70 -10.34 5.58 48.78
N ALA E 71 -10.88 6.75 49.12
CA ALA E 71 -10.05 7.92 49.29
C ALA E 71 -10.48 8.69 50.54
N THR E 72 -9.55 9.47 51.07
CA THR E 72 -9.80 10.28 52.25
C THR E 72 -8.90 11.50 52.22
N ALA E 73 -9.49 12.67 52.36
CA ALA E 73 -8.75 13.92 52.42
C ALA E 73 -8.30 14.15 53.85
N ILE E 74 -7.01 14.44 54.02
CA ILE E 74 -6.43 14.60 55.35
C ILE E 74 -6.47 16.03 55.85
N GLY E 75 -7.03 16.96 55.08
CA GLY E 75 -7.18 18.32 55.55
C GLY E 75 -5.91 19.10 55.75
N ASP E 76 -4.97 19.02 54.80
CA ASP E 76 -3.77 19.82 54.87
C ASP E 76 -4.07 21.27 54.53
N PHE E 77 -3.21 22.16 55.03
CA PHE E 77 -3.30 23.60 54.76
C PHE E 77 -4.68 24.16 55.11
N GLY E 78 -5.37 23.54 56.05
CA GLY E 78 -6.70 23.98 56.39
C GLY E 78 -7.76 23.59 55.38
N SER E 79 -7.43 22.79 54.39
CA SER E 79 -8.43 22.33 53.45
C SER E 79 -9.37 21.34 54.13
N ALA E 80 -10.44 20.99 53.44
CA ALA E 80 -11.44 20.09 54.00
C ALA E 80 -10.84 18.70 54.23
N ALA E 81 -11.41 17.98 55.19
CA ALA E 81 -10.99 16.63 55.50
C ALA E 81 -12.21 15.72 55.59
N GLY E 82 -11.99 14.46 55.29
CA GLY E 82 -13.06 13.48 55.38
C GLY E 82 -13.06 12.58 54.17
N GLU E 83 -14.07 11.72 54.11
CA GLU E 83 -14.11 10.73 53.04
C GLU E 83 -14.72 11.32 51.78
N LEU E 84 -14.66 10.55 50.71
CA LEU E 84 -15.14 10.98 49.43
C LEU E 84 -16.14 9.96 48.89
N PRO E 85 -17.20 10.41 48.26
CA PRO E 85 -18.26 9.51 47.76
C PRO E 85 -17.86 8.79 46.47
N VAL E 86 -17.17 7.68 46.61
CA VAL E 86 -16.65 6.93 45.48
C VAL E 86 -17.61 5.77 45.18
N PRO E 87 -18.11 5.66 43.96
CA PRO E 87 -18.97 4.53 43.61
C PRO E 87 -18.20 3.25 43.39
N VAL E 88 -17.98 2.49 44.46
CA VAL E 88 -17.01 1.40 44.48
C VAL E 88 -17.11 0.54 43.24
N GLU E 89 -18.31 0.00 42.98
CA GLU E 89 -18.45 -0.96 41.89
C GLU E 89 -18.11 -0.33 40.55
N LEU E 90 -18.58 0.89 40.34
CA LEU E 90 -18.23 1.60 39.13
C LEU E 90 -16.73 1.78 39.02
N ALA E 91 -16.08 2.09 40.14
CA ALA E 91 -14.63 2.28 40.11
C ALA E 91 -13.93 1.00 39.71
N GLU E 92 -14.34 -0.13 40.26
CA GLU E 92 -13.69 -1.38 39.93
C GLU E 92 -13.88 -1.71 38.45
N ALA E 93 -15.08 -1.49 37.93
CA ALA E 93 -15.30 -1.73 36.53
C ALA E 93 -14.41 -0.84 35.68
N CYS E 94 -14.25 0.42 36.08
CA CYS E 94 -13.39 1.33 35.35
C CYS E 94 -11.95 0.84 35.35
N ALA E 95 -11.47 0.41 36.50
CA ALA E 95 -10.09 -0.07 36.57
C ALA E 95 -9.90 -1.26 35.65
N HIS E 96 -10.84 -2.20 35.70
CA HIS E 96 -10.72 -3.38 34.86
C HIS E 96 -10.67 -2.99 33.39
N ALA E 97 -11.58 -2.14 32.96
CA ALA E 97 -11.62 -1.77 31.55
C ALA E 97 -10.37 -1.03 31.14
N VAL E 98 -9.89 -0.11 31.96
CA VAL E 98 -8.70 0.65 31.61
C VAL E 98 -7.52 -0.28 31.45
N MET E 99 -7.31 -1.15 32.43
CA MET E 99 -6.14 -2.02 32.35
C MET E 99 -6.24 -2.96 31.17
N LYS E 100 -7.44 -3.44 30.86
CA LYS E 100 -7.62 -4.24 29.67
C LYS E 100 -7.25 -3.46 28.42
N SER E 101 -7.54 -2.16 28.40
CA SER E 101 -7.27 -1.38 27.20
C SER E 101 -5.79 -1.23 26.91
N GLY E 102 -4.92 -1.59 27.83
CA GLY E 102 -3.50 -1.51 27.61
C GLY E 102 -2.76 -0.47 28.40
N ILE E 103 -3.26 -0.07 29.56
CA ILE E 103 -2.60 0.89 30.42
C ILE E 103 -2.30 0.20 31.74
N ASP E 104 -1.15 0.48 32.30
CA ASP E 104 -0.68 -0.25 33.46
C ASP E 104 -0.96 0.59 34.70
N LEU E 105 -2.09 0.33 35.35
CA LEU E 105 -2.66 1.26 36.31
C LEU E 105 -2.74 0.61 37.68
N ALA E 106 -2.07 1.20 38.66
CA ALA E 106 -2.18 0.70 40.01
C ALA E 106 -3.53 1.06 40.60
N VAL E 107 -3.92 0.34 41.65
CA VAL E 107 -5.16 0.63 42.35
C VAL E 107 -4.88 0.67 43.84
N SER E 108 -5.77 1.32 44.56
CA SER E 108 -5.61 1.48 46.00
C SER E 108 -6.97 1.56 46.65
N TYR E 109 -7.11 0.96 47.83
CA TYR E 109 -8.38 0.96 48.51
C TYR E 109 -8.45 1.91 49.68
N CYS E 110 -7.32 2.47 50.09
CA CYS E 110 -7.31 3.49 51.14
C CYS E 110 -6.27 4.53 50.75
N MET E 111 -6.70 5.54 50.02
CA MET E 111 -5.80 6.56 49.49
C MET E 111 -5.88 7.80 50.36
N GLN E 112 -4.75 8.40 50.65
CA GLN E 112 -4.69 9.65 51.40
C GLN E 112 -4.45 10.78 50.42
N VAL E 113 -5.30 11.79 50.46
CA VAL E 113 -5.17 12.91 49.54
C VAL E 113 -5.12 14.20 50.33
N ASP E 114 -4.61 15.22 49.69
CA ASP E 114 -4.33 16.52 50.30
C ASP E 114 -5.09 17.60 49.55
N HIS E 115 -4.74 18.86 49.85
CA HIS E 115 -5.41 20.00 49.25
C HIS E 115 -5.50 19.89 47.74
N GLY E 116 -4.52 19.23 47.11
CA GLY E 116 -4.55 19.08 45.68
C GLY E 116 -5.81 18.39 45.19
N PHE E 117 -6.41 17.56 46.02
CA PHE E 117 -7.71 16.99 45.71
C PHE E 117 -8.86 17.74 46.33
N ALA E 118 -8.60 18.52 47.37
CA ALA E 118 -9.70 19.15 48.09
C ALA E 118 -10.14 20.45 47.43
N GLN E 119 -9.20 21.36 47.20
CA GLN E 119 -9.58 22.70 46.76
C GLN E 119 -10.47 22.71 45.54
N PRO E 120 -10.19 21.97 44.46
CA PRO E 120 -11.10 22.03 43.32
C PRO E 120 -12.51 21.63 43.67
N LEU E 121 -12.67 20.59 44.50
CA LEU E 121 -14.02 20.15 44.84
C LEU E 121 -14.75 21.23 45.63
N GLU E 122 -14.09 21.82 46.61
CA GLU E 122 -14.74 22.86 47.40
C GLU E 122 -15.08 24.06 46.53
N PHE E 123 -14.16 24.48 45.68
CA PHE E 123 -14.35 25.71 44.94
C PHE E 123 -15.35 25.55 43.81
N LEU E 124 -15.48 24.35 43.25
CA LEU E 124 -16.32 24.18 42.09
C LEU E 124 -17.63 23.50 42.38
N LEU E 125 -17.76 22.82 43.50
CA LEU E 125 -18.99 22.14 43.85
C LEU E 125 -19.46 22.44 45.26
N GLY E 126 -18.69 23.17 46.05
CA GLY E 126 -19.13 23.55 47.38
C GLY E 126 -19.13 22.44 48.39
N GLY E 127 -18.30 21.42 48.22
CA GLY E 127 -18.20 20.37 49.22
C GLY E 127 -17.64 19.11 48.63
N LEU E 128 -17.22 18.22 49.51
CA LEU E 128 -16.64 16.97 49.08
C LEU E 128 -17.68 15.97 48.61
N ASP E 129 -18.86 15.96 49.25
CA ASP E 129 -19.79 14.86 49.12
C ASP E 129 -20.95 15.18 48.18
N LYS E 130 -20.79 16.15 47.28
CA LYS E 130 -21.92 16.55 46.46
C LYS E 130 -22.19 15.53 45.36
N VAL E 131 -21.15 15.02 44.71
CA VAL E 131 -21.29 14.20 43.52
C VAL E 131 -20.38 13.00 43.64
N PRO E 132 -20.71 11.85 43.05
CA PRO E 132 -19.75 10.75 43.01
C PRO E 132 -18.47 11.14 42.29
N VAL E 133 -17.35 10.60 42.77
CA VAL E 133 -16.01 11.01 42.34
C VAL E 133 -15.22 9.78 41.93
N LEU E 134 -14.27 9.97 41.01
CA LEU E 134 -13.30 8.95 40.63
C LEU E 134 -11.91 9.54 40.75
N PRO E 135 -11.30 9.53 41.92
CA PRO E 135 -10.00 10.17 42.07
C PRO E 135 -8.92 9.38 41.34
N VAL E 136 -8.13 10.08 40.54
CA VAL E 136 -7.03 9.48 39.81
C VAL E 136 -5.78 10.29 40.08
N PHE E 137 -4.76 9.64 40.63
CA PHE E 137 -3.52 10.30 40.96
C PHE E 137 -2.50 10.09 39.86
N ILE E 138 -1.79 11.16 39.51
CA ILE E 138 -0.72 11.12 38.52
C ILE E 138 0.56 11.62 39.15
N ASN E 139 1.61 10.82 39.07
CA ASN E 139 2.88 11.22 39.64
C ASN E 139 3.45 12.41 38.88
N GLY E 140 3.96 13.39 39.60
CA GLY E 140 4.53 14.55 38.95
C GLY E 140 5.74 15.11 39.67
N VAL E 141 6.27 14.39 40.66
CA VAL E 141 7.35 14.90 41.48
C VAL E 141 8.56 13.98 41.47
N ALA E 142 8.37 12.68 41.58
CA ALA E 142 9.47 11.75 41.80
C ALA E 142 9.86 11.09 40.49
N THR E 143 11.09 11.32 40.05
CA THR E 143 11.56 10.74 38.81
C THR E 143 11.77 9.24 39.00
N PRO E 144 11.60 8.44 37.94
CA PRO E 144 11.21 8.80 36.58
C PRO E 144 9.74 9.13 36.48
N LEU E 145 9.35 9.84 35.44
CA LEU E 145 8.01 10.34 35.33
C LEU E 145 7.37 9.86 34.04
N PRO E 146 6.07 9.67 34.02
CA PRO E 146 5.40 9.28 32.78
C PRO E 146 5.48 10.40 31.77
N GLY E 147 5.56 10.02 30.50
CA GLY E 147 5.64 11.00 29.44
C GLY E 147 4.29 11.50 29.01
N PHE E 148 4.32 12.48 28.12
CA PHE E 148 3.06 13.02 27.60
C PHE E 148 2.30 11.96 26.83
N GLN E 149 3.01 11.14 26.06
CA GLN E 149 2.35 10.13 25.25
C GLN E 149 1.47 9.22 26.09
N ARG E 150 2.04 8.65 27.14
CA ARG E 150 1.28 7.73 27.97
C ARG E 150 0.14 8.43 28.68
N THR E 151 0.37 9.68 29.11
CA THR E 151 -0.70 10.39 29.77
C THR E 151 -1.89 10.58 28.84
N ARG E 152 -1.62 10.94 27.60
CA ARG E 152 -2.70 11.06 26.65
C ARG E 152 -3.40 9.72 26.46
N MET E 153 -2.64 8.64 26.41
CA MET E 153 -3.25 7.34 26.24
C MET E 153 -4.20 7.03 27.40
N LEU E 154 -3.76 7.33 28.62
CA LEU E 154 -4.59 7.09 29.80
C LEU E 154 -5.87 7.89 29.72
N GLY E 155 -5.75 9.16 29.35
CA GLY E 155 -6.93 9.99 29.23
C GLY E 155 -7.92 9.41 28.24
N GLU E 156 -7.42 8.97 27.10
CA GLU E 156 -8.32 8.41 26.10
C GLU E 156 -9.01 7.16 26.61
N ALA E 157 -8.27 6.31 27.34
CA ALA E 157 -8.89 5.09 27.84
C ALA E 157 -10.03 5.42 28.78
N ILE E 158 -9.79 6.31 29.74
CA ILE E 158 -10.87 6.65 30.66
C ILE E 158 -12.01 7.30 29.92
N GLY E 159 -11.70 8.13 28.94
CA GLY E 159 -12.76 8.79 28.20
C GLY E 159 -13.66 7.80 27.50
N ARG E 160 -13.07 6.85 26.78
CA ARG E 160 -13.92 5.91 26.05
C ARG E 160 -14.69 5.05 27.02
N PHE E 161 -14.13 4.72 28.18
CA PHE E 161 -14.91 3.94 29.13
C PHE E 161 -16.11 4.72 29.61
N THR E 162 -15.90 5.94 30.07
CA THR E 162 -17.01 6.69 30.64
C THR E 162 -18.02 7.10 29.59
N SER E 163 -17.63 7.15 28.32
CA SER E 163 -18.57 7.58 27.31
C SER E 163 -19.77 6.67 27.21
N THR E 164 -19.68 5.45 27.71
CA THR E 164 -20.77 4.50 27.62
C THR E 164 -21.54 4.35 28.91
N LEU E 165 -21.40 5.28 29.83
CA LEU E 165 -22.17 5.20 31.06
C LEU E 165 -23.52 5.87 30.93
N ASN E 166 -23.78 6.56 29.83
CA ASN E 166 -25.04 7.25 29.61
C ASN E 166 -25.32 8.24 30.72
N LYS E 167 -24.30 8.97 31.13
CA LYS E 167 -24.43 9.99 32.17
C LYS E 167 -23.88 11.30 31.65
N ARG E 168 -23.99 12.34 32.48
CA ARG E 168 -23.39 13.63 32.19
C ARG E 168 -22.14 13.76 33.04
N VAL E 169 -21.00 13.92 32.38
CA VAL E 169 -19.69 13.73 33.01
C VAL E 169 -18.95 15.05 33.05
N LEU E 170 -18.26 15.28 34.17
CA LEU E 170 -17.45 16.47 34.37
C LEU E 170 -16.02 16.03 34.63
N PHE E 171 -15.09 16.54 33.85
CA PHE E 171 -13.68 16.25 34.02
C PHE E 171 -12.97 17.44 34.65
N LEU E 172 -12.11 17.16 35.60
CA LEU E 172 -11.39 18.22 36.30
C LEU E 172 -9.90 18.02 36.17
N GLY E 173 -9.18 19.10 35.95
CA GLY E 173 -7.73 19.06 36.02
C GLY E 173 -7.25 20.02 37.07
N SER E 174 -6.41 19.57 38.00
CA SER E 174 -6.09 20.38 39.17
C SER E 174 -4.62 20.71 39.27
N GLY E 175 -3.88 20.70 38.16
CA GLY E 175 -2.47 21.00 38.21
C GLY E 175 -2.20 22.46 37.87
N GLY E 176 -1.40 23.11 38.70
CA GLY E 176 -1.02 24.47 38.43
C GLY E 176 -0.10 24.57 37.24
N LEU E 177 0.11 25.79 36.77
CA LEU E 177 1.01 26.02 35.65
C LEU E 177 2.43 26.14 36.18
N SER E 178 3.34 26.62 35.34
CA SER E 178 4.75 26.69 35.69
C SER E 178 4.94 27.44 37.00
N HIS E 179 5.71 26.85 37.89
CA HIS E 179 6.00 27.41 39.20
C HIS E 179 7.04 26.52 39.86
N GLN E 180 7.41 26.86 41.08
CA GLN E 180 8.34 26.01 41.82
C GLN E 180 8.22 26.21 43.32
N PRO E 181 7.53 25.33 44.03
CA PRO E 181 7.59 25.34 45.49
C PRO E 181 8.87 24.66 45.95
N PRO E 182 9.26 24.85 47.22
CA PRO E 182 10.49 24.20 47.74
C PRO E 182 10.26 22.73 48.09
N VAL E 183 10.34 21.88 47.07
CA VAL E 183 10.11 20.44 47.23
C VAL E 183 11.41 19.74 47.55
N PRO E 184 11.44 18.87 48.56
CA PRO E 184 12.66 18.11 48.85
C PRO E 184 13.00 17.14 47.73
N GLU E 185 14.29 16.82 47.62
CA GLU E 185 14.81 15.92 46.60
C GLU E 185 15.41 14.69 47.28
N LEU E 186 15.03 13.51 46.80
CA LEU E 186 15.54 12.28 47.40
C LEU E 186 17.04 12.12 47.18
N ALA E 187 17.53 12.56 46.03
CA ALA E 187 18.95 12.40 45.71
C ALA E 187 19.83 13.13 46.71
N LYS E 188 19.45 14.35 47.08
CA LYS E 188 20.19 15.13 48.07
C LYS E 188 19.57 15.04 49.45
N ALA E 189 18.55 14.20 49.64
CA ALA E 189 17.93 14.06 50.94
C ALA E 189 18.90 13.46 51.95
N ASP E 190 18.80 13.92 53.19
CA ASP E 190 19.58 13.34 54.28
C ASP E 190 18.91 12.05 54.73
N ALA E 191 19.41 11.48 55.83
CA ALA E 191 18.84 10.23 56.33
C ALA E 191 17.38 10.42 56.75
N HIS E 192 17.11 11.47 57.52
CA HIS E 192 15.74 11.69 57.98
C HIS E 192 14.81 12.05 56.83
N MET E 193 15.27 12.89 55.90
CA MET E 193 14.41 13.25 54.78
C MET E 193 14.15 12.04 53.89
N ARG E 194 15.18 11.21 53.70
CA ARG E 194 15.01 9.97 52.95
C ARG E 194 14.00 9.05 53.63
N ASP E 195 14.09 8.93 54.96
CA ASP E 195 13.14 8.10 55.68
C ASP E 195 11.73 8.63 55.53
N ARG E 196 11.56 9.95 55.57
CA ARG E 196 10.24 10.53 55.37
C ARG E 196 9.71 10.22 53.97
N LEU E 197 10.58 10.30 52.97
CA LEU E 197 10.16 10.00 51.60
C LEU E 197 9.85 8.52 51.41
N LEU E 198 10.50 7.65 52.17
CA LEU E 198 10.36 6.22 51.95
C LEU E 198 9.00 5.67 52.36
N GLY E 199 8.22 6.41 53.13
CA GLY E 199 6.95 5.86 53.57
C GLY E 199 6.52 6.30 54.96
N SER E 200 7.44 6.91 55.71
CA SER E 200 7.07 7.42 57.02
C SER E 200 6.41 8.79 56.95
N GLY E 201 6.23 9.34 55.75
CA GLY E 201 5.57 10.61 55.57
C GLY E 201 4.07 10.58 55.61
N LYS E 202 3.46 9.41 55.75
CA LYS E 202 2.01 9.34 55.95
C LYS E 202 1.61 9.91 57.29
N ASP E 203 2.49 9.79 58.29
CA ASP E 203 2.17 10.17 59.65
C ASP E 203 3.02 11.34 60.12
N LEU E 204 3.18 12.34 59.25
CA LEU E 204 3.93 13.53 59.61
C LEU E 204 3.25 14.24 60.79
N PRO E 205 3.98 14.58 61.84
CA PRO E 205 3.38 15.36 62.93
C PRO E 205 2.99 16.76 62.45
N ALA E 206 2.04 17.35 63.18
CA ALA E 206 1.58 18.69 62.82
C ALA E 206 2.72 19.69 62.83
N SER E 207 3.74 19.47 63.67
CA SER E 207 4.91 20.34 63.66
C SER E 207 5.63 20.28 62.32
N GLU E 208 5.82 19.07 61.78
CA GLU E 208 6.50 18.95 60.49
C GLU E 208 5.66 19.55 59.37
N ARG E 209 4.34 19.36 59.42
CA ARG E 209 3.48 19.98 58.41
C ARG E 209 3.57 21.49 58.46
N GLU E 210 3.56 22.06 59.67
CA GLU E 210 3.70 23.50 59.81
C GLU E 210 5.05 23.97 59.32
N LEU E 211 6.10 23.21 59.60
CA LEU E 211 7.43 23.56 59.12
C LEU E 211 7.48 23.58 57.60
N ARG E 212 6.87 22.57 56.96
CA ARG E 212 6.86 22.52 55.51
C ARG E 212 6.04 23.68 54.93
N GLN E 213 4.92 24.01 55.59
CA GLN E 213 4.13 25.16 55.16
C GLN E 213 4.95 26.45 55.26
N GLN E 214 5.71 26.61 56.34
CA GLN E 214 6.55 27.79 56.49
C GLN E 214 7.65 27.82 55.44
N ARG E 215 8.22 26.65 55.11
CA ARG E 215 9.19 26.59 54.03
C ARG E 215 8.58 27.08 52.73
N VAL E 216 7.37 26.62 52.41
CA VAL E 216 6.72 27.03 51.18
C VAL E 216 6.45 28.52 51.19
N ILE E 217 5.97 29.06 52.31
CA ILE E 217 5.65 30.48 52.39
C ILE E 217 6.91 31.32 52.23
N SER E 218 7.99 30.95 52.92
CA SER E 218 9.23 31.70 52.84
C SER E 218 9.82 31.65 51.43
N ALA E 219 9.80 30.47 50.81
CA ALA E 219 10.30 30.37 49.45
C ALA E 219 9.46 31.19 48.49
N ALA E 220 8.15 31.23 48.71
CA ALA E 220 7.28 32.06 47.88
C ALA E 220 7.62 33.54 48.02
N GLU E 221 7.84 33.99 49.26
CA GLU E 221 8.20 35.40 49.46
C GLU E 221 9.55 35.72 48.82
N LYS E 222 10.52 34.80 48.93
CA LYS E 222 11.79 34.98 48.26
C LYS E 222 11.60 35.08 46.75
N PHE E 223 10.73 34.22 46.19
CA PHE E 223 10.46 34.26 44.76
C PHE E 223 9.80 35.58 44.37
N VAL E 224 8.98 36.14 45.28
CA VAL E 224 8.47 37.49 45.07
C VAL E 224 9.62 38.48 44.97
N GLU E 225 10.62 38.33 45.86
CA GLU E 225 11.77 39.22 45.83
C GLU E 225 12.51 39.12 44.50
N ASP E 226 12.71 37.91 44.00
CA ASP E 226 13.39 37.71 42.73
C ASP E 226 12.94 36.39 42.11
N GLN E 227 12.74 36.40 40.79
CA GLN E 227 12.39 35.18 40.09
C GLN E 227 13.60 34.32 39.74
N ARG E 228 14.81 34.80 39.97
CA ARG E 228 16.01 34.02 39.66
C ARG E 228 16.51 33.20 40.84
N THR E 229 16.03 33.46 42.05
CA THR E 229 16.35 32.59 43.18
C THR E 229 15.93 31.16 42.89
N LEU E 230 14.83 31.00 42.16
CA LEU E 230 14.39 29.73 41.62
C LEU E 230 14.19 29.92 40.12
N HIS E 231 13.54 29.00 39.45
CA HIS E 231 13.31 29.18 38.03
C HIS E 231 12.28 30.28 37.80
N PRO E 232 12.63 31.34 37.07
CA PRO E 232 11.64 32.38 36.79
C PRO E 232 10.49 31.84 35.95
N LEU E 233 9.33 32.44 36.11
CA LEU E 233 8.16 31.99 35.38
C LEU E 233 8.36 32.22 33.89
N ASN E 234 7.67 31.40 33.10
CA ASN E 234 7.79 31.43 31.64
C ASN E 234 6.39 31.67 31.07
N PRO E 235 5.97 32.92 31.02
CA PRO E 235 4.64 33.21 30.44
C PRO E 235 4.53 32.73 29.01
N ILE E 236 5.63 32.81 28.27
CA ILE E 236 5.62 32.40 26.88
C ILE E 236 5.19 30.95 26.76
N TRP E 237 5.82 30.09 27.56
CA TRP E 237 5.50 28.68 27.44
C TRP E 237 4.11 28.38 27.95
N ASP E 238 3.66 29.10 28.97
CA ASP E 238 2.31 28.88 29.45
C ASP E 238 1.29 29.17 28.38
N ASN E 239 1.42 30.31 27.72
CA ASN E 239 0.48 30.65 26.66
C ASN E 239 0.59 29.67 25.52
N GLN E 240 1.82 29.27 25.19
CA GLN E 240 2.02 28.21 24.20
C GLN E 240 1.20 26.99 24.54
N PHE E 241 1.29 26.54 25.78
CA PHE E 241 0.65 25.30 26.19
C PHE E 241 -0.86 25.41 26.11
N MET E 242 -1.40 26.47 26.67
CA MET E 242 -2.84 26.61 26.65
C MET E 242 -3.36 26.73 25.23
N THR E 243 -2.66 27.49 24.39
CA THR E 243 -3.13 27.63 23.02
C THR E 243 -3.08 26.31 22.29
N LEU E 244 -2.04 25.51 22.54
CA LEU E 244 -2.01 24.19 21.93
C LEU E 244 -3.18 23.35 22.37
N LEU E 245 -3.55 23.43 23.64
CA LEU E 245 -4.70 22.68 24.09
C LEU E 245 -5.98 23.14 23.42
N GLU E 246 -6.17 24.46 23.32
CA GLU E 246 -7.42 24.99 22.80
C GLU E 246 -7.64 24.54 21.36
N GLN E 247 -6.61 24.57 20.55
CA GLN E 247 -6.77 24.17 19.16
C GLN E 247 -6.91 22.68 18.97
N GLY E 248 -6.93 21.91 20.04
CA GLY E 248 -7.02 20.47 19.90
C GLY E 248 -5.83 19.87 19.20
N ARG E 249 -4.63 20.26 19.58
CA ARG E 249 -3.44 19.74 18.94
C ARG E 249 -2.50 19.09 19.94
N ILE E 250 -3.05 18.28 20.84
CA ILE E 250 -2.23 17.65 21.86
C ILE E 250 -1.24 16.65 21.28
N GLN E 251 -1.48 16.18 20.06
CA GLN E 251 -0.54 15.26 19.44
C GLN E 251 0.86 15.84 19.42
N GLU E 252 0.97 17.13 19.15
CA GLU E 252 2.28 17.74 19.05
C GLU E 252 3.00 17.81 20.37
N LEU E 253 2.34 17.50 21.48
CA LEU E 253 3.05 17.51 22.74
C LEU E 253 3.89 16.27 22.94
N ASP E 254 3.68 15.23 22.14
CA ASP E 254 4.45 14.01 22.30
C ASP E 254 5.93 14.27 22.07
N ALA E 255 6.26 15.26 21.25
CA ALA E 255 7.66 15.49 20.92
C ALA E 255 8.47 16.03 22.08
N VAL E 256 7.83 16.43 23.16
CA VAL E 256 8.54 17.05 24.27
C VAL E 256 8.94 15.99 25.28
N SER E 257 10.21 15.99 25.65
CA SER E 257 10.69 15.08 26.68
C SER E 257 10.46 15.67 28.06
N ASN E 258 10.48 14.81 29.06
CA ASN E 258 10.20 15.28 30.41
C ASN E 258 11.20 16.33 30.86
N GLU E 259 12.47 16.11 30.60
CA GLU E 259 13.48 17.05 31.06
C GLU E 259 13.70 18.15 30.06
N GLU E 260 13.22 17.99 28.83
CA GLU E 260 12.98 19.19 28.03
C GLU E 260 12.11 20.18 28.77
N LEU E 261 10.96 19.71 29.24
CA LEU E 261 10.04 20.57 29.95
C LEU E 261 10.65 21.04 31.24
N SER E 262 11.41 20.17 31.91
CA SER E 262 12.05 20.57 33.15
C SER E 262 13.02 21.71 32.91
N ALA E 263 13.80 21.64 31.84
CA ALA E 263 14.74 22.70 31.55
C ALA E 263 14.04 23.99 31.17
N ILE E 264 13.02 23.90 30.33
CA ILE E 264 12.37 25.11 29.86
C ILE E 264 11.63 25.82 30.99
N ALA E 265 10.84 25.08 31.76
CA ALA E 265 9.92 25.72 32.68
C ALA E 265 10.15 25.40 34.14
N GLY E 266 11.08 24.52 34.47
CA GLY E 266 11.26 24.19 35.86
C GLY E 266 10.57 22.89 36.21
N LYS E 267 11.16 22.15 37.15
CA LYS E 267 10.75 20.78 37.37
C LYS E 267 9.36 20.66 37.94
N SER E 268 8.85 21.67 38.62
CA SER E 268 7.52 21.55 39.18
C SER E 268 6.43 21.61 38.12
N THR E 269 6.77 21.95 36.89
CA THR E 269 5.78 22.10 35.85
C THR E 269 5.06 20.80 35.53
N HIS E 270 5.60 19.67 35.91
CA HIS E 270 5.06 18.40 35.45
C HIS E 270 3.62 18.20 35.91
N GLU E 271 3.20 18.97 36.92
CA GLU E 271 1.80 18.91 37.33
C GLU E 271 0.86 19.06 36.15
N ILE E 272 1.19 19.92 35.20
CA ILE E 272 0.27 20.17 34.09
C ILE E 272 -0.09 18.92 33.32
N LYS E 273 0.61 17.81 33.55
CA LYS E 273 0.21 16.60 32.86
C LYS E 273 -1.24 16.27 33.14
N THR E 274 -1.73 16.58 34.33
CA THR E 274 -3.14 16.36 34.61
C THR E 274 -4.00 16.98 33.53
N TRP E 275 -3.75 18.25 33.21
CA TRP E 275 -4.53 18.91 32.19
C TRP E 275 -4.58 18.07 30.93
N VAL E 276 -3.43 17.59 30.47
CA VAL E 276 -3.41 16.83 29.24
C VAL E 276 -4.38 15.67 29.33
N ALA E 277 -4.30 14.91 30.41
CA ALA E 277 -5.20 13.78 30.57
C ALA E 277 -6.63 14.23 30.39
N ALA E 278 -7.02 15.28 31.12
CA ALA E 278 -8.40 15.73 31.03
C ALA E 278 -8.80 15.96 29.60
N PHE E 279 -8.00 16.71 28.86
CA PHE E 279 -8.42 17.05 27.52
C PHE E 279 -8.53 15.80 26.67
N ALA E 280 -7.58 14.89 26.80
CA ALA E 280 -7.66 13.66 26.03
C ALA E 280 -8.98 12.99 26.28
N ALA E 281 -9.40 12.92 27.54
CA ALA E 281 -10.65 12.26 27.86
C ALA E 281 -11.80 12.86 27.07
N ILE E 282 -11.91 14.19 27.05
CA ILE E 282 -13.08 14.76 26.43
C ILE E 282 -13.07 14.50 24.94
N SER E 283 -11.90 14.29 24.35
CA SER E 283 -11.88 14.05 22.93
C SER E 283 -12.58 12.76 22.56
N ALA E 284 -12.87 11.90 23.52
CA ALA E 284 -13.58 10.67 23.24
C ALA E 284 -15.08 10.86 23.16
N PHE E 285 -15.57 12.07 23.39
CA PHE E 285 -17.00 12.32 23.38
C PHE E 285 -17.48 13.00 22.12
N GLY E 286 -16.70 12.96 21.05
CA GLY E 286 -17.05 13.69 19.86
C GLY E 286 -16.50 15.10 19.91
N ASN E 287 -16.99 15.93 18.99
CA ASN E 287 -16.44 17.27 18.88
C ASN E 287 -16.81 18.12 20.09
N TRP E 288 -16.09 19.22 20.25
CA TRP E 288 -16.22 20.05 21.44
C TRP E 288 -15.61 21.40 21.13
N ARG E 289 -15.69 22.29 22.11
CA ARG E 289 -15.06 23.59 21.94
C ARG E 289 -14.79 24.19 23.31
N SER E 290 -13.85 25.13 23.33
CA SER E 290 -13.34 25.67 24.58
C SER E 290 -13.98 27.01 24.89
N GLU E 291 -13.64 27.54 26.06
CA GLU E 291 -14.12 28.83 26.50
C GLU E 291 -13.51 29.17 27.86
N GLY E 292 -13.79 30.40 28.29
CA GLY E 292 -13.40 30.82 29.61
C GLY E 292 -11.91 30.90 29.83
N ARG E 293 -11.13 30.96 28.76
CA ARG E 293 -9.68 30.96 28.90
C ARG E 293 -9.24 32.14 29.75
N TYR E 294 -8.37 31.89 30.71
CA TYR E 294 -7.88 32.99 31.53
C TYR E 294 -6.51 32.63 32.07
N TYR E 295 -5.63 33.63 32.14
CA TYR E 295 -4.28 33.40 32.61
C TYR E 295 -3.76 34.67 33.25
N ARG E 296 -2.93 34.51 34.27
CA ARG E 296 -2.26 35.65 34.84
C ARG E 296 -1.08 35.22 35.69
N PRO E 297 0.11 35.73 35.44
CA PRO E 297 1.22 35.48 36.34
C PRO E 297 0.98 36.17 37.67
N ILE E 298 1.48 35.55 38.73
CA ILE E 298 1.36 36.10 40.07
C ILE E 298 2.72 36.02 40.74
N PRO E 299 3.38 37.13 41.02
CA PRO E 299 4.63 37.04 41.79
C PRO E 299 4.42 36.48 43.18
N GLU E 300 3.32 36.84 43.83
CA GLU E 300 3.16 36.52 45.26
C GLU E 300 3.05 35.03 45.47
N TRP E 301 2.18 34.37 44.74
CA TRP E 301 2.13 32.92 44.71
C TRP E 301 3.03 32.48 43.56
N ILE E 302 4.02 31.64 43.85
CA ILE E 302 5.00 31.24 42.84
C ILE E 302 4.33 30.86 41.53
N ALA E 303 3.08 30.39 41.60
CA ALA E 303 2.41 29.87 40.43
C ALA E 303 2.07 30.97 39.43
N GLY E 304 1.93 30.58 38.18
CA GLY E 304 1.29 31.39 37.19
C GLY E 304 -0.14 30.91 37.04
N PHE E 305 -1.08 31.64 37.61
CA PHE E 305 -2.44 31.13 37.72
C PHE E 305 -3.09 31.02 36.35
N GLY E 306 -3.86 29.96 36.16
CA GLY E 306 -4.53 29.77 34.89
C GLY E 306 -5.82 29.01 35.09
N SER E 307 -6.70 29.11 34.09
CA SER E 307 -7.96 28.41 34.14
C SER E 307 -8.53 28.30 32.75
N LEU E 308 -9.27 27.22 32.52
CA LEU E 308 -9.77 26.96 31.19
C LEU E 308 -10.99 26.05 31.30
N SER E 309 -11.88 26.13 30.32
CA SER E 309 -13.02 25.23 30.34
C SER E 309 -13.36 24.82 28.93
N ALA E 310 -14.06 23.71 28.80
CA ALA E 310 -14.46 23.24 27.49
C ALA E 310 -15.75 22.46 27.64
N ARG E 311 -16.44 22.30 26.52
CA ARG E 311 -17.77 21.72 26.56
C ARG E 311 -18.02 21.02 25.24
N THR E 312 -18.68 19.87 25.31
CA THR E 312 -19.03 19.18 24.10
C THR E 312 -20.20 19.89 23.42
N GLU E 313 -20.17 19.91 22.10
CA GLU E 313 -21.29 20.40 21.31
C GLU E 313 -22.03 19.19 20.80
N ASN E 314 -23.16 18.88 21.45
CA ASN E 314 -23.90 17.65 21.25
C ASN E 314 -24.16 17.35 19.78
N MET F 1 8.53 -32.08 15.74
CA MET F 1 7.17 -32.56 15.52
C MET F 1 7.10 -33.52 14.34
N HIS F 2 6.22 -34.50 14.44
CA HIS F 2 6.15 -35.57 13.45
C HIS F 2 4.69 -35.91 13.19
N ALA F 3 4.37 -36.21 11.94
CA ALA F 3 3.00 -36.47 11.58
C ALA F 3 2.95 -37.37 10.36
N TYR F 4 1.98 -38.27 10.37
CA TYR F 4 1.77 -39.18 9.27
C TYR F 4 0.30 -39.15 8.88
N LEU F 5 0.03 -39.21 7.58
CA LEU F 5 -1.31 -39.07 7.06
C LEU F 5 -1.62 -40.23 6.13
N HIS F 6 -2.86 -40.69 6.16
CA HIS F 6 -3.24 -41.73 5.22
C HIS F 6 -4.71 -41.61 4.90
N CYS F 7 -5.05 -41.72 3.63
CA CYS F 7 -6.45 -41.69 3.21
C CYS F 7 -6.75 -42.95 2.42
N LEU F 8 -7.94 -43.48 2.62
CA LEU F 8 -8.26 -44.80 2.11
C LEU F 8 -9.76 -44.93 1.90
N SER F 9 -10.16 -45.38 0.72
CA SER F 9 -11.57 -45.65 0.48
C SER F 9 -12.02 -46.81 1.35
N HIS F 10 -13.28 -46.76 1.77
CA HIS F 10 -13.85 -47.82 2.59
C HIS F 10 -14.78 -48.65 1.74
N SER F 11 -14.71 -49.97 1.91
CA SER F 11 -15.50 -50.89 1.11
C SER F 11 -16.56 -51.55 1.97
N PRO F 12 -17.79 -51.04 2.00
CA PRO F 12 -18.87 -51.78 2.65
C PRO F 12 -19.07 -53.14 2.03
N LEU F 13 -18.84 -53.25 0.72
CA LEU F 13 -18.94 -54.52 0.03
C LEU F 13 -17.60 -55.22 0.11
N VAL F 14 -17.41 -55.94 1.21
CA VAL F 14 -16.29 -56.85 1.38
C VAL F 14 -16.86 -58.22 1.67
N GLY F 15 -16.68 -59.16 0.74
CA GLY F 15 -17.23 -60.48 0.87
C GLY F 15 -18.66 -60.64 0.40
N TYR F 16 -19.29 -59.58 -0.10
CA TYR F 16 -20.64 -59.68 -0.63
C TYR F 16 -20.64 -59.78 -2.15
N VAL F 17 -20.07 -58.80 -2.83
CA VAL F 17 -19.83 -58.86 -4.27
C VAL F 17 -18.35 -58.62 -4.49
N ASP F 18 -17.72 -59.49 -5.26
CA ASP F 18 -16.27 -59.41 -5.30
C ASP F 18 -15.76 -59.43 -6.73
N PRO F 19 -14.66 -58.74 -6.99
CA PRO F 19 -14.06 -58.76 -8.32
C PRO F 19 -13.17 -59.97 -8.53
N ALA F 20 -12.44 -60.00 -9.64
CA ALA F 20 -11.46 -61.04 -9.86
C ALA F 20 -10.49 -61.10 -8.68
N GLN F 21 -10.26 -62.32 -8.20
CA GLN F 21 -9.55 -62.49 -6.94
C GLN F 21 -8.15 -61.88 -6.98
N GLU F 22 -7.53 -61.83 -8.15
CA GLU F 22 -6.22 -61.21 -8.26
C GLU F 22 -6.27 -59.73 -7.85
N VAL F 23 -7.30 -59.03 -8.31
CA VAL F 23 -7.46 -57.63 -7.92
C VAL F 23 -7.60 -57.52 -6.42
N LEU F 24 -8.37 -58.43 -5.83
CA LEU F 24 -8.54 -58.44 -4.38
C LEU F 24 -7.19 -58.60 -3.70
N ASP F 25 -6.35 -59.49 -4.22
CA ASP F 25 -5.02 -59.67 -3.64
C ASP F 25 -4.20 -58.40 -3.73
N GLU F 26 -4.26 -57.73 -4.87
CA GLU F 26 -3.50 -56.49 -5.02
C GLU F 26 -3.95 -55.45 -4.00
N VAL F 27 -5.27 -55.33 -3.84
CA VAL F 27 -5.81 -54.38 -2.87
C VAL F 27 -5.30 -54.70 -1.47
N ASN F 28 -5.41 -55.97 -1.08
CA ASN F 28 -4.99 -56.34 0.25
C ASN F 28 -3.50 -56.10 0.44
N GLY F 29 -2.71 -56.31 -0.61
CA GLY F 29 -1.29 -56.03 -0.51
C GLY F 29 -1.03 -54.55 -0.25
N VAL F 30 -1.75 -53.68 -0.95
CA VAL F 30 -1.59 -52.25 -0.72
C VAL F 30 -1.95 -51.91 0.71
N ILE F 31 -3.07 -52.46 1.19
CA ILE F 31 -3.49 -52.18 2.56
C ILE F 31 -2.41 -52.62 3.54
N ALA F 32 -1.87 -53.82 3.35
CA ALA F 32 -0.87 -54.34 4.27
C ALA F 32 0.37 -53.48 4.25
N SER F 33 0.78 -53.02 3.08
CA SER F 33 1.96 -52.18 3.00
C SER F 33 1.77 -50.88 3.77
N ALA F 34 0.60 -50.26 3.59
CA ALA F 34 0.32 -49.04 4.35
C ALA F 34 0.32 -49.32 5.84
N ARG F 35 -0.27 -50.45 6.23
CA ARG F 35 -0.32 -50.81 7.64
C ARG F 35 1.08 -50.94 8.21
N GLU F 36 1.97 -51.56 7.46
CA GLU F 36 3.34 -51.71 7.94
C GLU F 36 4.03 -50.36 8.06
N ARG F 37 3.81 -49.48 7.09
CA ARG F 37 4.41 -48.15 7.21
C ARG F 37 3.95 -47.45 8.47
N ILE F 38 2.65 -47.53 8.76
CA ILE F 38 2.14 -46.88 9.95
C ILE F 38 2.74 -47.51 11.19
N ALA F 39 2.75 -48.84 11.26
CA ALA F 39 3.33 -49.50 12.41
C ALA F 39 4.77 -49.07 12.62
N ALA F 40 5.49 -48.83 11.53
CA ALA F 40 6.83 -48.26 11.65
C ALA F 40 6.76 -46.87 12.26
N PHE F 41 5.77 -46.07 11.87
CA PHE F 41 5.66 -44.73 12.43
C PHE F 41 5.35 -44.75 13.91
N SER F 42 4.56 -45.72 14.37
CA SER F 42 4.21 -45.89 15.77
C SER F 42 3.51 -44.67 16.34
N PRO F 43 2.24 -44.44 15.97
CA PRO F 43 1.55 -43.23 16.39
C PRO F 43 1.13 -43.30 17.85
N GLU F 44 0.86 -42.11 18.40
CA GLU F 44 0.33 -41.99 19.74
C GLU F 44 -1.10 -41.50 19.79
N LEU F 45 -1.54 -40.77 18.77
CA LEU F 45 -2.87 -40.20 18.73
C LEU F 45 -3.40 -40.31 17.32
N VAL F 46 -4.68 -40.63 17.20
CA VAL F 46 -5.31 -40.84 15.89
C VAL F 46 -6.45 -39.87 15.75
N VAL F 47 -6.42 -39.07 14.70
CA VAL F 47 -7.52 -38.19 14.34
C VAL F 47 -8.21 -38.78 13.14
N LEU F 48 -9.50 -38.98 13.23
CA LEU F 48 -10.23 -39.78 12.25
C LEU F 48 -11.40 -38.98 11.70
N PHE F 49 -11.35 -38.61 10.44
CA PHE F 49 -12.46 -38.00 9.76
C PHE F 49 -13.23 -39.06 9.01
N ALA F 50 -14.57 -39.03 9.08
CA ALA F 50 -15.34 -40.06 8.42
C ALA F 50 -16.75 -39.55 8.21
N PRO F 51 -17.46 -40.07 7.22
CA PRO F 51 -18.87 -39.75 7.05
C PRO F 51 -19.77 -40.79 7.70
N ASP F 52 -21.05 -40.52 7.68
CA ASP F 52 -22.07 -41.43 8.20
C ASP F 52 -23.01 -41.85 7.08
N HIS F 53 -23.84 -42.83 7.38
CA HIS F 53 -24.83 -43.33 6.42
C HIS F 53 -26.18 -43.50 7.08
N TYR F 54 -26.67 -42.46 7.76
CA TYR F 54 -27.95 -42.50 8.47
C TYR F 54 -27.95 -43.56 9.55
N ASN F 55 -27.07 -43.39 10.52
CA ASN F 55 -27.00 -44.34 11.62
C ASN F 55 -27.03 -43.70 12.99
N GLY F 56 -26.43 -42.52 13.17
CA GLY F 56 -26.56 -41.81 14.43
C GLY F 56 -27.10 -40.40 14.29
N PHE F 57 -26.83 -39.77 13.15
CA PHE F 57 -27.27 -38.41 12.89
C PHE F 57 -28.48 -38.46 11.99
N PHE F 58 -29.54 -37.78 12.37
CA PHE F 58 -30.77 -37.84 11.62
C PHE F 58 -31.39 -36.47 11.61
N TYR F 59 -32.41 -36.30 10.78
CA TYR F 59 -32.89 -34.95 10.56
C TYR F 59 -33.50 -34.30 11.79
N ASP F 60 -33.49 -34.96 12.95
CA ASP F 60 -33.82 -34.24 14.16
C ASP F 60 -32.81 -33.13 14.40
N VAL F 61 -31.53 -33.42 14.24
CA VAL F 61 -30.49 -32.40 14.16
C VAL F 61 -29.41 -32.92 13.21
N MET F 62 -29.02 -32.13 12.23
CA MET F 62 -27.98 -32.51 11.28
C MET F 62 -26.93 -31.42 11.20
N PRO F 63 -25.82 -31.55 11.89
CA PRO F 63 -24.79 -30.53 11.85
C PRO F 63 -23.85 -30.75 10.69
N PRO F 64 -23.14 -29.73 10.24
CA PRO F 64 -22.14 -29.96 9.21
C PRO F 64 -20.91 -30.68 9.73
N PHE F 65 -20.43 -30.32 10.91
CA PHE F 65 -19.33 -31.04 11.54
C PHE F 65 -19.72 -31.41 12.95
N CYS F 66 -19.28 -32.56 13.40
CA CYS F 66 -19.53 -32.93 14.78
C CYS F 66 -18.28 -33.61 15.32
N LEU F 67 -18.06 -33.50 16.61
CA LEU F 67 -16.89 -34.11 17.24
C LEU F 67 -17.35 -35.02 18.35
N GLY F 68 -16.90 -36.26 18.33
CA GLY F 68 -17.43 -37.22 19.27
C GLY F 68 -16.63 -37.36 20.53
N VAL F 69 -17.06 -36.73 21.61
CA VAL F 69 -16.41 -36.95 22.89
C VAL F 69 -16.62 -38.38 23.36
N GLY F 70 -17.79 -38.93 23.08
CA GLY F 70 -18.03 -40.33 23.35
C GLY F 70 -18.58 -41.02 22.12
N ALA F 71 -18.03 -42.17 21.76
CA ALA F 71 -18.43 -42.82 20.52
C ALA F 71 -18.59 -44.31 20.74
N THR F 72 -19.38 -44.92 19.87
CA THR F 72 -19.64 -46.35 19.94
C THR F 72 -19.96 -46.86 18.55
N ALA F 73 -19.25 -47.90 18.12
CA ALA F 73 -19.50 -48.53 16.84
C ALA F 73 -20.59 -49.57 17.01
N ILE F 74 -21.60 -49.50 16.13
CA ILE F 74 -22.76 -50.38 16.22
C ILE F 74 -22.60 -51.66 15.44
N GLY F 75 -21.46 -51.88 14.81
CA GLY F 75 -21.22 -53.14 14.13
C GLY F 75 -22.09 -53.42 12.92
N ASP F 76 -22.28 -52.44 12.05
CA ASP F 76 -23.02 -52.65 10.81
C ASP F 76 -22.17 -53.44 9.82
N PHE F 77 -22.86 -54.13 8.91
CA PHE F 77 -22.21 -54.89 7.84
C PHE F 77 -21.21 -55.90 8.38
N GLY F 78 -21.41 -56.36 9.61
CA GLY F 78 -20.45 -57.26 10.21
C GLY F 78 -19.17 -56.62 10.67
N SER F 79 -19.08 -55.29 10.63
CA SER F 79 -17.91 -54.61 11.15
C SER F 79 -17.87 -54.73 12.67
N ALA F 80 -16.75 -54.31 13.25
CA ALA F 80 -16.58 -54.41 14.69
C ALA F 80 -17.57 -53.52 15.41
N ALA F 81 -17.87 -53.88 16.65
CA ALA F 81 -18.78 -53.10 17.48
C ALA F 81 -18.16 -52.93 18.87
N GLY F 82 -18.52 -51.84 19.52
CA GLY F 82 -18.03 -51.58 20.86
C GLY F 82 -17.59 -50.13 20.99
N GLU F 83 -17.03 -49.82 22.15
CA GLU F 83 -16.67 -48.45 22.43
C GLU F 83 -15.30 -48.12 21.85
N LEU F 84 -14.96 -46.84 21.92
CA LEU F 84 -13.72 -46.35 21.37
C LEU F 84 -12.94 -45.61 22.43
N PRO F 85 -11.63 -45.76 22.47
CA PRO F 85 -10.81 -45.13 23.51
C PRO F 85 -10.58 -43.63 23.25
N VAL F 86 -11.51 -42.82 23.70
CA VAL F 86 -11.47 -41.38 23.46
C VAL F 86 -10.89 -40.70 24.69
N PRO F 87 -9.85 -39.91 24.57
CA PRO F 87 -9.30 -39.18 25.72
C PRO F 87 -10.13 -37.97 26.08
N VAL F 88 -11.14 -38.17 26.93
CA VAL F 88 -12.21 -37.20 27.15
C VAL F 88 -11.66 -35.79 27.31
N GLU F 89 -10.75 -35.60 28.26
CA GLU F 89 -10.30 -34.25 28.57
C GLU F 89 -9.60 -33.62 27.38
N LEU F 90 -8.76 -34.40 26.70
CA LEU F 90 -8.12 -33.90 25.50
C LEU F 90 -9.16 -33.51 24.46
N ALA F 91 -10.22 -34.31 24.32
CA ALA F 91 -11.25 -34.00 23.35
C ALA F 91 -11.92 -32.69 23.67
N GLU F 92 -12.25 -32.46 24.94
CA GLU F 92 -12.92 -31.22 25.31
C GLU F 92 -12.02 -30.03 25.04
N ALA F 93 -10.74 -30.16 25.37
CA ALA F 93 -9.82 -29.07 25.08
C ALA F 93 -9.77 -28.79 23.58
N CYS F 94 -9.76 -29.85 22.78
CA CYS F 94 -9.73 -29.67 21.34
C CYS F 94 -10.97 -28.94 20.85
N ALA F 95 -12.13 -29.34 21.35
CA ALA F 95 -13.36 -28.68 20.93
C ALA F 95 -13.32 -27.20 21.28
N HIS F 96 -12.89 -26.89 22.50
CA HIS F 96 -12.84 -25.51 22.92
C HIS F 96 -11.93 -24.71 22.01
N ALA F 97 -10.73 -25.23 21.75
CA ALA F 97 -9.78 -24.48 20.94
C ALA F 97 -10.30 -24.29 19.53
N VAL F 98 -10.87 -25.34 18.94
CA VAL F 98 -11.36 -25.24 17.58
C VAL F 98 -12.44 -24.19 17.48
N MET F 99 -13.42 -24.25 18.38
CA MET F 99 -14.51 -23.30 18.28
C MET F 99 -14.02 -21.89 18.51
N LYS F 100 -13.07 -21.71 19.41
CA LYS F 100 -12.47 -20.40 19.58
C LYS F 100 -11.81 -19.92 18.32
N SER F 101 -11.21 -20.82 17.56
CA SER F 101 -10.50 -20.41 16.36
C SER F 101 -11.41 -19.88 15.28
N GLY F 102 -12.72 -20.04 15.41
CA GLY F 102 -13.65 -19.53 14.44
C GLY F 102 -14.37 -20.55 13.61
N ILE F 103 -14.55 -21.77 14.09
CA ILE F 103 -15.27 -22.81 13.39
C ILE F 103 -16.45 -23.20 14.25
N ASP F 104 -17.58 -23.46 13.62
CA ASP F 104 -18.82 -23.66 14.34
C ASP F 104 -19.08 -25.17 14.43
N LEU F 105 -18.66 -25.77 15.52
CA LEU F 105 -18.51 -27.22 15.60
C LEU F 105 -19.42 -27.79 16.66
N ALA F 106 -20.32 -28.67 16.27
CA ALA F 106 -21.18 -29.33 17.25
C ALA F 106 -20.37 -30.37 18.01
N VAL F 107 -20.88 -30.75 19.18
CA VAL F 107 -20.26 -31.79 19.98
C VAL F 107 -21.33 -32.78 20.40
N SER F 108 -20.88 -33.98 20.75
CA SER F 108 -21.78 -35.04 21.14
C SER F 108 -21.09 -35.94 22.15
N TYR F 109 -21.84 -36.42 23.12
CA TYR F 109 -21.25 -37.27 24.14
C TYR F 109 -21.61 -38.74 24.00
N CYS F 110 -22.55 -39.07 23.12
CA CYS F 110 -22.86 -40.46 22.82
C CYS F 110 -23.13 -40.56 21.34
N MET F 111 -22.09 -40.83 20.57
CA MET F 111 -22.18 -40.85 19.12
C MET F 111 -22.26 -42.30 18.65
N GLN F 112 -23.13 -42.56 17.68
CA GLN F 112 -23.24 -43.88 17.08
C GLN F 112 -22.53 -43.85 15.74
N VAL F 113 -21.62 -44.78 15.54
CA VAL F 113 -20.86 -44.82 14.30
C VAL F 113 -20.98 -46.20 13.69
N ASP F 114 -20.71 -46.26 12.40
CA ASP F 114 -20.90 -47.45 11.59
C ASP F 114 -19.58 -47.84 10.94
N HIS F 115 -19.66 -48.77 9.99
CA HIS F 115 -18.47 -49.28 9.31
C HIS F 115 -17.57 -48.16 8.82
N GLY F 116 -18.14 -47.02 8.46
CA GLY F 116 -17.33 -45.92 7.99
C GLY F 116 -16.29 -45.49 9.01
N PHE F 117 -16.54 -45.72 10.29
CA PHE F 117 -15.54 -45.48 11.30
C PHE F 117 -14.80 -46.75 11.69
N ALA F 118 -15.37 -47.92 11.41
CA ALA F 118 -14.77 -49.15 11.90
C ALA F 118 -13.67 -49.65 10.97
N GLN F 119 -14.00 -49.81 9.69
CA GLN F 119 -13.07 -50.48 8.78
C GLN F 119 -11.68 -49.88 8.79
N PRO F 120 -11.49 -48.56 8.70
CA PRO F 120 -10.11 -48.05 8.71
C PRO F 120 -9.36 -48.44 9.96
N LEU F 121 -10.00 -48.40 11.13
CA LEU F 121 -9.30 -48.75 12.35
C LEU F 121 -8.87 -50.20 12.34
N GLU F 122 -9.79 -51.10 11.96
CA GLU F 122 -9.45 -52.51 11.90
C GLU F 122 -8.33 -52.77 10.91
N PHE F 123 -8.43 -52.18 9.73
CA PHE F 123 -7.50 -52.51 8.67
C PHE F 123 -6.14 -51.90 8.89
N LEU F 124 -6.06 -50.77 9.58
CA LEU F 124 -4.79 -50.07 9.70
C LEU F 124 -4.15 -50.22 11.06
N LEU F 125 -4.90 -50.61 12.08
CA LEU F 125 -4.37 -50.77 13.41
C LEU F 125 -4.73 -52.09 14.05
N GLY F 126 -5.56 -52.90 13.41
CA GLY F 126 -5.88 -54.20 13.95
C GLY F 126 -6.78 -54.19 15.16
N GLY F 127 -7.61 -53.17 15.32
CA GLY F 127 -8.56 -53.17 16.41
C GLY F 127 -9.02 -51.78 16.73
N LEU F 128 -10.11 -51.71 17.48
CA LEU F 128 -10.66 -50.41 17.85
C LEU F 128 -9.88 -49.75 18.97
N ASP F 129 -9.35 -50.53 19.91
CA ASP F 129 -8.87 -50.00 21.18
C ASP F 129 -7.36 -49.87 21.23
N LYS F 130 -6.69 -49.82 20.09
CA LYS F 130 -5.23 -49.82 20.11
C LYS F 130 -4.68 -48.47 20.53
N VAL F 131 -5.26 -47.38 20.02
CA VAL F 131 -4.68 -46.05 20.19
C VAL F 131 -5.80 -45.09 20.57
N PRO F 132 -5.54 -44.03 21.33
CA PRO F 132 -6.57 -43.00 21.52
C PRO F 132 -7.03 -42.38 20.21
N VAL F 133 -8.31 -42.05 20.15
CA VAL F 133 -8.96 -41.63 18.91
C VAL F 133 -9.70 -40.32 19.15
N LEU F 134 -9.83 -39.52 18.09
CA LEU F 134 -10.66 -38.31 18.10
C LEU F 134 -11.60 -38.37 16.92
N PRO F 135 -12.75 -39.02 17.06
CA PRO F 135 -13.65 -39.16 15.92
C PRO F 135 -14.29 -37.83 15.56
N VAL F 136 -14.23 -37.48 14.28
CA VAL F 136 -14.82 -36.27 13.76
C VAL F 136 -15.71 -36.62 12.59
N PHE F 137 -16.98 -36.30 12.68
CA PHE F 137 -17.93 -36.61 11.63
C PHE F 137 -18.14 -35.40 10.73
N ILE F 138 -18.17 -35.64 9.44
CA ILE F 138 -18.42 -34.62 8.45
C ILE F 138 -19.62 -35.02 7.62
N ASN F 139 -20.61 -34.14 7.52
CA ASN F 139 -21.79 -34.43 6.75
C ASN F 139 -21.45 -34.49 5.28
N GLY F 140 -21.98 -35.50 4.58
CA GLY F 140 -21.71 -35.63 3.17
C GLY F 140 -22.88 -36.15 2.38
N VAL F 141 -24.06 -36.23 2.98
CA VAL F 141 -25.21 -36.83 2.35
C VAL F 141 -26.41 -35.88 2.28
N ALA F 142 -26.70 -35.17 3.37
CA ALA F 142 -27.93 -34.39 3.48
C ALA F 142 -27.66 -32.93 3.17
N THR F 143 -28.28 -32.43 2.11
CA THR F 143 -28.10 -31.04 1.75
C THR F 143 -28.81 -30.13 2.76
N PRO F 144 -28.29 -28.92 2.98
CA PRO F 144 -27.11 -28.31 2.39
C PRO F 144 -25.83 -28.88 2.97
N LEU F 145 -24.73 -28.72 2.26
CA LEU F 145 -23.49 -29.35 2.64
C LEU F 145 -22.40 -28.30 2.81
N PRO F 146 -21.45 -28.54 3.69
CA PRO F 146 -20.33 -27.60 3.83
C PRO F 146 -19.49 -27.60 2.58
N GLY F 147 -18.92 -26.44 2.28
CA GLY F 147 -18.10 -26.30 1.10
C GLY F 147 -16.68 -26.71 1.35
N PHE F 148 -15.89 -26.71 0.27
CA PHE F 148 -14.48 -27.06 0.41
C PHE F 148 -13.75 -26.04 1.27
N GLN F 149 -14.09 -24.77 1.13
CA GLN F 149 -13.41 -23.73 1.88
C GLN F 149 -13.49 -23.99 3.38
N ARG F 150 -14.69 -24.19 3.89
CA ARG F 150 -14.85 -24.40 5.31
C ARG F 150 -14.20 -25.69 5.77
N THR F 151 -14.25 -26.73 4.95
CA THR F 151 -13.62 -27.97 5.33
C THR F 151 -12.11 -27.78 5.49
N ARG F 152 -11.49 -27.05 4.58
CA ARG F 152 -10.08 -26.76 4.72
C ARG F 152 -9.83 -25.98 5.99
N MET F 153 -10.69 -25.01 6.29
CA MET F 153 -10.50 -24.23 7.50
C MET F 153 -10.54 -25.12 8.74
N LEU F 154 -11.49 -26.04 8.77
CA LEU F 154 -11.60 -26.96 9.90
C LEU F 154 -10.35 -27.80 10.05
N GLY F 155 -9.87 -28.32 8.93
CA GLY F 155 -8.66 -29.11 8.98
C GLY F 155 -7.50 -28.32 9.55
N GLU F 156 -7.34 -27.09 9.10
CA GLU F 156 -6.24 -26.28 9.61
C GLU F 156 -6.37 -26.03 11.09
N ALA F 157 -7.59 -25.77 11.56
CA ALA F 157 -7.76 -25.52 12.98
C ALA F 157 -7.33 -26.73 13.80
N ILE F 158 -7.82 -27.91 13.44
CA ILE F 158 -7.43 -29.09 14.20
C ILE F 158 -5.93 -29.33 14.09
N GLY F 159 -5.37 -29.07 12.92
CA GLY F 159 -3.95 -29.28 12.76
C GLY F 159 -3.14 -28.40 13.69
N ARG F 160 -3.44 -27.11 13.72
CA ARG F 160 -2.65 -26.25 14.57
C ARG F 160 -2.86 -26.59 16.03
N PHE F 161 -4.05 -27.03 16.41
CA PHE F 161 -4.23 -27.40 17.80
C PHE F 161 -3.37 -28.60 18.15
N THR F 162 -3.44 -29.66 17.36
CA THR F 162 -2.70 -30.86 17.70
C THR F 162 -1.21 -30.68 17.56
N SER F 163 -0.76 -29.71 16.78
CA SER F 163 0.67 -29.54 16.60
C SER F 163 1.38 -29.23 17.90
N THR F 164 0.66 -28.77 18.91
CA THR F 164 1.29 -28.39 20.17
C THR F 164 1.09 -29.43 21.25
N LEU F 165 0.70 -30.65 20.89
CA LEU F 165 0.58 -31.67 21.91
C LEU F 165 1.87 -32.41 22.15
N ASN F 166 2.90 -32.15 21.36
CA ASN F 166 4.19 -32.80 21.51
C ASN F 166 4.05 -34.32 21.44
N LYS F 167 3.24 -34.79 20.49
CA LYS F 167 3.03 -36.21 20.29
C LYS F 167 3.30 -36.54 18.82
N ARG F 168 3.20 -37.82 18.50
CA ARG F 168 3.27 -38.29 17.13
C ARG F 168 1.87 -38.61 16.67
N VAL F 169 1.42 -37.93 15.62
CA VAL F 169 0.01 -37.87 15.26
C VAL F 169 -0.20 -38.54 13.92
N LEU F 170 -1.30 -39.28 13.82
CA LEU F 170 -1.70 -39.95 12.60
C LEU F 170 -3.07 -39.46 12.21
N PHE F 171 -3.19 -38.95 10.97
CA PHE F 171 -4.45 -38.48 10.44
C PHE F 171 -5.00 -39.50 9.46
N LEU F 172 -6.30 -39.74 9.54
CA LEU F 172 -6.94 -40.72 8.66
C LEU F 172 -8.08 -40.06 7.90
N GLY F 173 -8.18 -40.41 6.63
CA GLY F 173 -9.34 -40.01 5.85
C GLY F 173 -10.04 -41.23 5.33
N SER F 174 -11.34 -41.36 5.55
CA SER F 174 -12.03 -42.60 5.27
C SER F 174 -13.13 -42.47 4.24
N GLY F 175 -13.05 -41.47 3.36
CA GLY F 175 -14.07 -41.30 2.35
C GLY F 175 -13.66 -41.93 1.03
N GLY F 176 -14.56 -42.70 0.45
CA GLY F 176 -14.30 -43.28 -0.84
C GLY F 176 -14.30 -42.23 -1.93
N LEU F 177 -13.83 -42.64 -3.10
CA LEU F 177 -13.81 -41.75 -4.24
C LEU F 177 -15.17 -41.79 -4.93
N SER F 178 -15.24 -41.25 -6.15
CA SER F 178 -16.50 -41.14 -6.86
C SER F 178 -17.18 -42.49 -6.96
N HIS F 179 -18.45 -42.51 -6.62
CA HIS F 179 -19.27 -43.72 -6.63
C HIS F 179 -20.69 -43.30 -6.33
N GLN F 180 -21.59 -44.29 -6.29
CA GLN F 180 -22.96 -43.98 -5.91
C GLN F 180 -23.69 -45.21 -5.37
N PRO F 181 -23.82 -45.34 -4.06
CA PRO F 181 -24.71 -46.35 -3.50
C PRO F 181 -26.15 -45.88 -3.55
N PRO F 182 -27.12 -46.78 -3.41
CA PRO F 182 -28.54 -46.37 -3.43
C PRO F 182 -29.01 -45.73 -2.13
N VAL F 183 -28.72 -44.44 -1.99
CA VAL F 183 -29.04 -43.68 -0.78
C VAL F 183 -30.43 -43.07 -0.90
N PRO F 184 -31.29 -43.22 0.11
CA PRO F 184 -32.61 -42.58 0.06
C PRO F 184 -32.50 -41.07 0.09
N GLU F 185 -33.51 -40.41 -0.48
CA GLU F 185 -33.58 -38.96 -0.56
C GLU F 185 -34.78 -38.47 0.23
N LEU F 186 -34.56 -37.47 1.09
CA LEU F 186 -35.65 -36.95 1.91
C LEU F 186 -36.71 -36.27 1.07
N ALA F 187 -36.30 -35.59 -0.01
CA ALA F 187 -37.25 -34.86 -0.83
C ALA F 187 -38.29 -35.79 -1.45
N LYS F 188 -37.85 -36.94 -1.94
CA LYS F 188 -38.76 -37.93 -2.51
C LYS F 188 -39.11 -39.03 -1.51
N ALA F 189 -38.69 -38.91 -0.26
CA ALA F 189 -39.01 -39.92 0.74
C ALA F 189 -40.50 -39.95 1.03
N ASP F 190 -41.00 -41.16 1.27
CA ASP F 190 -42.40 -41.33 1.67
C ASP F 190 -42.52 -41.00 3.15
N ALA F 191 -43.70 -41.26 3.72
CA ALA F 191 -43.91 -40.97 5.14
C ALA F 191 -42.99 -41.80 6.02
N HIS F 192 -42.91 -43.11 5.76
CA HIS F 192 -42.07 -43.98 6.59
C HIS F 192 -40.59 -43.66 6.40
N MET F 193 -40.16 -43.42 5.15
CA MET F 193 -38.76 -43.12 4.92
C MET F 193 -38.39 -41.77 5.56
N ARG F 194 -39.31 -40.80 5.47
CA ARG F 194 -39.10 -39.52 6.14
C ARG F 194 -39.00 -39.70 7.64
N ASP F 195 -39.85 -40.53 8.22
CA ASP F 195 -39.79 -40.78 9.66
C ASP F 195 -38.46 -41.42 10.04
N ARG F 196 -37.98 -42.34 9.23
CA ARG F 196 -36.69 -42.96 9.50
C ARG F 196 -35.57 -41.93 9.44
N LEU F 197 -35.63 -41.02 8.46
CA LEU F 197 -34.61 -39.98 8.36
C LEU F 197 -34.69 -38.98 9.50
N LEU F 198 -35.88 -38.77 10.05
CA LEU F 198 -36.06 -37.72 11.05
C LEU F 198 -35.41 -38.03 12.38
N GLY F 199 -35.04 -39.28 12.64
CA GLY F 199 -34.49 -39.62 13.93
C GLY F 199 -34.83 -41.00 14.44
N SER F 200 -35.79 -41.66 13.80
CA SER F 200 -36.12 -43.03 14.20
C SER F 200 -35.17 -44.05 13.58
N GLY F 201 -34.19 -43.61 12.80
CA GLY F 201 -33.21 -44.50 12.20
C GLY F 201 -32.10 -44.93 13.12
N LYS F 202 -32.06 -44.45 14.35
CA LYS F 202 -31.08 -44.95 15.31
C LYS F 202 -31.38 -46.39 15.70
N ASP F 203 -32.67 -46.76 15.69
CA ASP F 203 -33.09 -48.08 16.17
C ASP F 203 -33.67 -48.91 15.04
N LEU F 204 -33.00 -48.90 13.90
CA LEU F 204 -33.45 -49.71 12.77
C LEU F 204 -33.40 -51.20 13.15
N PRO F 205 -34.47 -51.95 12.92
CA PRO F 205 -34.40 -53.39 13.16
C PRO F 205 -33.44 -54.07 12.21
N ALA F 206 -32.96 -55.25 12.64
CA ALA F 206 -32.01 -55.99 11.82
C ALA F 206 -32.61 -56.31 10.45
N SER F 207 -33.93 -56.48 10.37
CA SER F 207 -34.57 -56.70 9.08
C SER F 207 -34.37 -55.51 8.15
N GLU F 208 -34.55 -54.29 8.66
CA GLU F 208 -34.35 -53.11 7.83
C GLU F 208 -32.89 -52.95 7.42
N ARG F 209 -31.96 -53.24 8.34
CA ARG F 209 -30.56 -53.17 7.99
C ARG F 209 -30.22 -54.16 6.88
N GLU F 210 -30.75 -55.38 6.99
CA GLU F 210 -30.50 -56.38 5.95
C GLU F 210 -31.13 -55.95 4.63
N LEU F 211 -32.32 -55.35 4.68
CA LEU F 211 -32.95 -54.85 3.47
C LEU F 211 -32.11 -53.78 2.81
N ARG F 212 -31.57 -52.86 3.60
CA ARG F 212 -30.73 -51.80 3.05
C ARG F 212 -29.45 -52.38 2.46
N GLN F 213 -28.87 -53.38 3.14
CA GLN F 213 -27.69 -54.05 2.61
C GLN F 213 -27.99 -54.72 1.28
N GLN F 214 -29.16 -55.37 1.18
CA GLN F 214 -29.54 -56.00 -0.08
C GLN F 214 -29.77 -54.97 -1.17
N ARG F 215 -30.34 -53.81 -0.81
CA ARG F 215 -30.49 -52.73 -1.78
C ARG F 215 -29.14 -52.31 -2.32
N VAL F 216 -28.16 -52.13 -1.42
CA VAL F 216 -26.83 -51.71 -1.84
C VAL F 216 -26.21 -52.77 -2.74
N ILE F 217 -26.33 -54.04 -2.37
CA ILE F 217 -25.72 -55.11 -3.16
C ILE F 217 -26.36 -55.19 -4.54
N SER F 218 -27.68 -55.12 -4.61
CA SER F 218 -28.36 -55.19 -5.89
C SER F 218 -28.02 -53.99 -6.78
N ALA F 219 -27.98 -52.80 -6.20
CA ALA F 219 -27.62 -51.63 -6.98
C ALA F 219 -26.18 -51.73 -7.47
N ALA F 220 -25.30 -52.29 -6.64
CA ALA F 220 -23.91 -52.49 -7.07
C ALA F 220 -23.84 -53.44 -8.24
N GLU F 221 -24.59 -54.54 -8.19
CA GLU F 221 -24.57 -55.49 -9.30
C GLU F 221 -25.14 -54.87 -10.57
N LYS F 222 -26.21 -54.07 -10.43
CA LYS F 222 -26.74 -53.35 -11.58
C LYS F 222 -25.70 -52.40 -12.16
N PHE F 223 -24.96 -51.70 -11.28
CA PHE F 223 -23.91 -50.81 -11.75
C PHE F 223 -22.81 -51.58 -12.45
N VAL F 224 -22.54 -52.80 -12.01
CA VAL F 224 -21.64 -53.69 -12.74
C VAL F 224 -22.18 -53.92 -14.14
N GLU F 225 -23.49 -54.16 -14.24
CA GLU F 225 -24.10 -54.39 -15.55
C GLU F 225 -23.93 -53.17 -16.46
N ASP F 226 -24.15 -51.98 -15.93
CA ASP F 226 -23.99 -50.76 -16.70
C ASP F 226 -23.67 -49.59 -15.77
N GLN F 227 -22.76 -48.73 -16.21
CA GLN F 227 -22.43 -47.54 -15.44
C GLN F 227 -23.40 -46.39 -15.66
N ARG F 228 -24.33 -46.52 -16.61
CA ARG F 228 -25.29 -45.45 -16.88
C ARG F 228 -26.58 -45.60 -16.10
N THR F 229 -26.84 -46.77 -15.51
CA THR F 229 -27.98 -46.91 -14.62
C THR F 229 -27.91 -45.90 -13.49
N LEU F 230 -26.70 -45.60 -13.04
CA LEU F 230 -26.42 -44.52 -12.12
C LEU F 230 -25.35 -43.64 -12.75
N HIS F 231 -24.72 -42.77 -12.00
CA HIS F 231 -23.68 -41.94 -12.57
C HIS F 231 -22.45 -42.78 -12.87
N PRO F 232 -21.98 -42.85 -14.10
CA PRO F 232 -20.76 -43.61 -14.38
C PRO F 232 -19.56 -43.01 -13.69
N LEU F 233 -18.59 -43.85 -13.38
CA LEU F 233 -17.40 -43.37 -12.70
C LEU F 233 -16.63 -42.41 -13.58
N ASN F 234 -15.88 -41.51 -12.94
CA ASN F 234 -15.12 -40.47 -13.62
C ASN F 234 -13.66 -40.64 -13.23
N PRO F 235 -12.93 -41.53 -13.89
CA PRO F 235 -11.51 -41.68 -13.57
C PRO F 235 -10.75 -40.40 -13.76
N ILE F 236 -11.14 -39.62 -14.75
CA ILE F 236 -10.43 -38.37 -15.03
C ILE F 236 -10.47 -37.47 -13.81
N TRP F 237 -11.65 -37.29 -13.23
CA TRP F 237 -11.74 -36.38 -12.10
C TRP F 237 -11.06 -36.96 -10.87
N ASP F 238 -11.10 -38.27 -10.70
CA ASP F 238 -10.41 -38.86 -9.57
C ASP F 238 -8.93 -38.57 -9.63
N ASN F 239 -8.31 -38.82 -10.79
CA ASN F 239 -6.89 -38.56 -10.92
C ASN F 239 -6.59 -37.08 -10.77
N GLN F 240 -7.46 -36.24 -11.32
CA GLN F 240 -7.35 -34.80 -11.10
C GLN F 240 -7.27 -34.49 -9.62
N PHE F 241 -8.18 -35.04 -8.85
CA PHE F 241 -8.29 -34.70 -7.44
C PHE F 241 -7.06 -35.15 -6.68
N MET F 242 -6.65 -36.40 -6.88
CA MET F 242 -5.50 -36.89 -6.15
C MET F 242 -4.25 -36.12 -6.53
N THR F 243 -4.08 -35.82 -7.81
CA THR F 243 -2.90 -35.08 -8.22
C THR F 243 -2.90 -33.69 -7.61
N LEU F 244 -4.06 -33.05 -7.53
CA LEU F 244 -4.13 -31.75 -6.89
C LEU F 244 -3.71 -31.85 -5.44
N LEU F 245 -4.14 -32.90 -4.76
CA LEU F 245 -3.74 -33.07 -3.36
C LEU F 245 -2.24 -33.27 -3.25
N GLU F 246 -1.67 -34.10 -4.10
CA GLU F 246 -0.25 -34.44 -3.98
C GLU F 246 0.62 -33.20 -4.11
N GLN F 247 0.30 -32.34 -5.06
CA GLN F 247 1.12 -31.16 -5.27
C GLN F 247 0.90 -30.10 -4.22
N GLY F 248 0.07 -30.36 -3.21
CA GLY F 248 -0.18 -29.35 -2.21
C GLY F 248 -0.86 -28.12 -2.75
N ARG F 249 -1.89 -28.30 -3.57
CA ARG F 249 -2.58 -27.17 -4.16
C ARG F 249 -4.06 -27.19 -3.82
N ILE F 250 -4.40 -27.46 -2.57
CA ILE F 250 -5.80 -27.53 -2.18
C ILE F 250 -6.49 -26.19 -2.28
N GLN F 251 -5.75 -25.09 -2.31
CA GLN F 251 -6.37 -23.78 -2.46
C GLN F 251 -7.26 -23.74 -3.69
N GLU F 252 -6.83 -24.36 -4.77
CA GLU F 252 -7.59 -24.30 -5.99
C GLU F 252 -8.88 -25.08 -5.92
N LEU F 253 -9.11 -25.85 -4.86
CA LEU F 253 -10.38 -26.55 -4.75
C LEU F 253 -11.49 -25.64 -4.28
N ASP F 254 -11.16 -24.46 -3.75
CA ASP F 254 -12.21 -23.56 -3.28
C ASP F 254 -13.13 -23.13 -4.40
N ALA F 255 -12.63 -23.10 -5.63
CA ALA F 255 -13.43 -22.63 -6.75
C ALA F 255 -14.57 -23.56 -7.11
N VAL F 256 -14.59 -24.76 -6.58
CA VAL F 256 -15.59 -25.75 -6.97
C VAL F 256 -16.78 -25.65 -6.04
N SER F 257 -17.97 -25.56 -6.61
CA SER F 257 -19.19 -25.55 -5.82
C SER F 257 -19.64 -26.97 -5.54
N ASN F 258 -20.48 -27.13 -4.52
CA ASN F 258 -20.91 -28.45 -4.13
C ASN F 258 -21.62 -29.16 -5.27
N GLU F 259 -22.52 -28.47 -5.94
CA GLU F 259 -23.29 -29.11 -7.00
C GLU F 259 -22.56 -29.06 -8.33
N GLU F 260 -21.52 -28.23 -8.45
CA GLU F 260 -20.53 -28.50 -9.48
C GLU F 260 -20.01 -29.92 -9.37
N LEU F 261 -19.54 -30.27 -8.19
CA LEU F 261 -19.00 -31.59 -7.97
C LEU F 261 -20.08 -32.65 -8.12
N SER F 262 -21.29 -32.34 -7.66
CA SER F 262 -22.39 -33.28 -7.81
C SER F 262 -22.65 -33.58 -9.26
N ALA F 263 -22.65 -32.55 -10.11
CA ALA F 263 -22.91 -32.75 -11.52
C ALA F 263 -21.77 -33.53 -12.18
N ILE F 264 -20.54 -33.17 -11.87
CA ILE F 264 -19.42 -33.81 -12.55
C ILE F 264 -19.31 -35.28 -12.15
N ALA F 265 -19.35 -35.57 -10.86
CA ALA F 265 -18.99 -36.89 -10.39
C ALA F 265 -20.11 -37.65 -9.71
N GLY F 266 -21.26 -37.04 -9.48
CA GLY F 266 -22.29 -37.77 -8.78
C GLY F 266 -22.34 -37.37 -7.32
N LYS F 267 -23.55 -37.38 -6.76
CA LYS F 267 -23.76 -36.76 -5.47
C LYS F 267 -23.06 -37.49 -4.33
N SER F 268 -22.77 -38.77 -4.47
CA SER F 268 -22.10 -39.47 -3.39
C SER F 268 -20.65 -39.07 -3.24
N THR F 269 -20.10 -38.33 -4.19
CA THR F 269 -18.69 -37.98 -4.15
C THR F 269 -18.33 -37.12 -2.96
N HIS F 270 -19.30 -36.49 -2.31
CA HIS F 270 -18.98 -35.50 -1.29
C HIS F 270 -18.21 -36.12 -0.13
N GLU F 271 -18.24 -37.44 -0.02
CA GLU F 271 -17.43 -38.09 1.00
C GLU F 271 -15.99 -37.63 0.95
N ILE F 272 -15.43 -37.42 -0.24
CA ILE F 272 -14.03 -37.07 -0.34
C ILE F 272 -13.68 -35.82 0.43
N LYS F 273 -14.66 -35.06 0.90
CA LYS F 273 -14.30 -33.91 1.70
C LYS F 273 -13.45 -34.30 2.88
N THR F 274 -13.67 -35.48 3.44
CA THR F 274 -12.81 -35.94 4.53
C THR F 274 -11.35 -35.83 4.14
N TRP F 275 -11.00 -36.35 2.97
CA TRP F 275 -9.62 -36.28 2.53
C TRP F 275 -9.10 -34.87 2.63
N VAL F 276 -9.86 -33.91 2.12
CA VAL F 276 -9.38 -32.54 2.13
C VAL F 276 -9.02 -32.14 3.55
N ALA F 277 -9.93 -32.38 4.48
CA ALA F 277 -9.66 -32.02 5.86
C ALA F 277 -8.33 -32.59 6.29
N ALA F 278 -8.14 -33.89 6.09
CA ALA F 278 -6.92 -34.53 6.52
C ALA F 278 -5.72 -33.77 5.99
N PHE F 279 -5.69 -33.51 4.70
CA PHE F 279 -4.49 -32.91 4.16
C PHE F 279 -4.27 -31.54 4.74
N ALA F 280 -5.35 -30.76 4.90
CA ALA F 280 -5.19 -29.45 5.49
C ALA F 280 -4.52 -29.56 6.84
N ALA F 281 -4.94 -30.53 7.64
CA ALA F 281 -4.36 -30.69 8.96
C ALA F 281 -2.85 -30.84 8.88
N ILE F 282 -2.38 -31.73 8.00
CA ILE F 282 -0.96 -31.99 8.01
C ILE F 282 -0.19 -30.77 7.57
N SER F 283 -0.80 -29.89 6.81
CA SER F 283 -0.06 -28.72 6.37
C SER F 283 0.32 -27.82 7.53
N ALA F 284 -0.27 -28.03 8.70
CA ALA F 284 0.09 -27.24 9.86
C ALA F 284 1.33 -27.75 10.56
N PHE F 285 1.93 -28.82 10.09
CA PHE F 285 3.09 -29.40 10.74
C PHE F 285 4.39 -29.08 10.00
N GLY F 286 4.39 -28.07 9.14
CA GLY F 286 5.56 -27.81 8.33
C GLY F 286 5.51 -28.60 7.04
N ASN F 287 6.65 -28.63 6.36
CA ASN F 287 6.68 -29.26 5.06
C ASN F 287 6.52 -30.77 5.18
N TRP F 288 6.19 -31.40 4.04
CA TRP F 288 5.85 -32.81 4.03
C TRP F 288 5.94 -33.29 2.60
N ARG F 289 5.69 -34.58 2.41
CA ARG F 289 5.68 -35.13 1.07
C ARG F 289 4.86 -36.40 1.05
N SER F 290 4.39 -36.75 -0.14
CA SER F 290 3.45 -37.84 -0.30
C SER F 290 4.14 -39.11 -0.75
N GLU F 291 3.36 -40.17 -0.83
CA GLU F 291 3.84 -41.47 -1.28
C GLU F 291 2.70 -42.47 -1.31
N GLY F 292 3.01 -43.64 -1.84
CA GLY F 292 2.08 -44.74 -1.83
C GLY F 292 0.83 -44.52 -2.65
N ARG F 293 0.87 -43.58 -3.57
CA ARG F 293 -0.32 -43.27 -4.35
C ARG F 293 -0.81 -44.50 -5.09
N TYR F 294 -2.10 -44.76 -5.02
CA TYR F 294 -2.63 -45.91 -5.74
C TYR F 294 -4.09 -45.67 -6.06
N TYR F 295 -4.51 -46.12 -7.23
CA TYR F 295 -5.89 -45.92 -7.66
C TYR F 295 -6.29 -47.03 -8.59
N ARG F 296 -7.56 -47.40 -8.53
CA ARG F 296 -8.07 -48.36 -9.49
C ARG F 296 -9.59 -48.34 -9.51
N PRO F 297 -10.20 -48.15 -10.66
CA PRO F 297 -11.64 -48.31 -10.75
C PRO F 297 -12.03 -49.76 -10.55
N ILE F 298 -13.20 -49.96 -9.96
CA ILE F 298 -13.71 -51.30 -9.74
C ILE F 298 -15.18 -51.33 -10.18
N PRO F 299 -15.52 -52.05 -11.23
CA PRO F 299 -16.94 -52.18 -11.57
C PRO F 299 -17.74 -52.86 -10.48
N GLU F 300 -17.18 -53.87 -9.83
CA GLU F 300 -17.96 -54.71 -8.92
C GLU F 300 -18.44 -53.93 -7.71
N TRP F 301 -17.53 -53.23 -7.05
CA TRP F 301 -17.90 -52.28 -6.02
C TRP F 301 -18.05 -50.93 -6.70
N ILE F 302 -19.22 -50.32 -6.56
CA ILE F 302 -19.50 -49.06 -7.26
C ILE F 302 -18.34 -48.08 -7.14
N ALA F 303 -17.57 -48.19 -6.07
CA ALA F 303 -16.52 -47.21 -5.80
C ALA F 303 -15.37 -47.33 -6.78
N GLY F 304 -14.66 -46.22 -6.95
CA GLY F 304 -13.35 -46.24 -7.55
C GLY F 304 -12.32 -46.23 -6.46
N PHE F 305 -11.72 -47.38 -6.19
CA PHE F 305 -10.89 -47.52 -5.00
C PHE F 305 -9.64 -46.66 -5.12
N GLY F 306 -9.24 -46.06 -4.01
CA GLY F 306 -8.05 -45.23 -4.01
C GLY F 306 -7.39 -45.26 -2.65
N SER F 307 -6.13 -44.86 -2.63
CA SER F 307 -5.39 -44.82 -1.38
C SER F 307 -4.18 -43.92 -1.55
N LEU F 308 -3.80 -43.28 -0.46
CA LEU F 308 -2.72 -42.31 -0.53
C LEU F 308 -2.12 -42.14 0.85
N SER F 309 -0.84 -41.76 0.91
CA SER F 309 -0.24 -41.53 2.20
C SER F 309 0.71 -40.35 2.10
N ALA F 310 0.99 -39.75 3.24
CA ALA F 310 1.92 -38.64 3.27
C ALA F 310 2.60 -38.60 4.62
N ARG F 311 3.73 -37.91 4.67
CA ARG F 311 4.56 -37.94 5.85
C ARG F 311 5.31 -36.64 5.95
N THR F 312 5.44 -36.14 7.17
CA THR F 312 6.21 -34.92 7.37
C THR F 312 7.69 -35.25 7.25
N GLU F 313 8.43 -34.32 6.67
CA GLU F 313 9.89 -34.39 6.65
C GLU F 313 10.40 -33.47 7.73
N ASN F 314 10.80 -34.06 8.86
CA ASN F 314 11.14 -33.32 10.06
C ASN F 314 12.09 -32.17 9.83
N MET G 1 27.30 -10.83 22.06
CA MET G 1 26.40 -10.85 23.20
C MET G 1 25.97 -12.26 23.55
N HIS G 2 25.76 -12.51 24.84
CA HIS G 2 25.50 -13.85 25.33
C HIS G 2 24.44 -13.78 26.41
N ALA G 3 23.56 -14.77 26.43
CA ALA G 3 22.47 -14.74 27.39
C ALA G 3 22.01 -16.15 27.68
N TYR G 4 21.66 -16.38 28.93
CA TYR G 4 21.17 -17.67 29.38
C TYR G 4 19.90 -17.46 30.17
N LEU G 5 18.93 -18.37 29.98
CA LEU G 5 17.62 -18.23 30.58
C LEU G 5 17.26 -19.50 31.30
N HIS G 6 16.58 -19.36 32.42
CA HIS G 6 16.10 -20.56 33.11
C HIS G 6 14.83 -20.24 33.87
N CYS G 7 13.85 -21.11 33.77
CA CYS G 7 12.61 -20.96 34.51
C CYS G 7 12.36 -22.20 35.34
N LEU G 8 11.85 -21.99 36.54
CA LEU G 8 11.79 -23.07 37.51
C LEU G 8 10.66 -22.81 38.50
N SER G 9 9.81 -23.81 38.71
CA SER G 9 8.78 -23.71 39.72
C SER G 9 9.42 -23.63 41.09
N HIS G 10 8.78 -22.90 42.00
CA HIS G 10 9.27 -22.75 43.36
C HIS G 10 8.40 -23.58 44.28
N SER G 11 9.03 -24.29 45.21
CA SER G 11 8.32 -25.17 46.13
C SER G 11 8.35 -24.60 47.53
N PRO G 12 7.31 -23.89 47.96
CA PRO G 12 7.23 -23.52 49.38
C PRO G 12 7.21 -24.72 50.27
N LEU G 13 6.60 -25.81 49.80
CA LEU G 13 6.56 -27.07 50.54
C LEU G 13 7.82 -27.85 50.21
N VAL G 14 8.88 -27.55 50.93
CA VAL G 14 10.10 -28.35 50.91
C VAL G 14 10.37 -28.79 52.34
N GLY G 15 10.27 -30.08 52.59
CA GLY G 15 10.45 -30.62 53.92
C GLY G 15 9.22 -30.60 54.79
N TYR G 16 8.08 -30.12 54.29
CA TYR G 16 6.84 -30.12 55.06
C TYR G 16 5.95 -31.29 54.66
N VAL G 17 5.57 -31.38 53.39
CA VAL G 17 4.88 -32.53 52.85
C VAL G 17 5.68 -33.01 51.66
N ASP G 18 5.98 -34.30 51.63
CA ASP G 18 6.94 -34.77 50.65
C ASP G 18 6.43 -35.98 49.89
N PRO G 19 6.79 -36.10 48.62
CA PRO G 19 6.40 -37.27 47.84
C PRO G 19 7.32 -38.44 48.07
N ALA G 20 7.16 -39.49 47.27
CA ALA G 20 8.10 -40.60 47.30
C ALA G 20 9.51 -40.09 47.11
N GLN G 21 10.42 -40.57 47.96
CA GLN G 21 11.74 -39.98 48.03
C GLN G 21 12.48 -40.08 46.70
N GLU G 22 12.18 -41.10 45.90
CA GLU G 22 12.81 -41.22 44.59
C GLU G 22 12.49 -40.02 43.70
N VAL G 23 11.23 -39.59 43.72
CA VAL G 23 10.85 -38.40 42.95
C VAL G 23 11.63 -37.21 43.43
N LEU G 24 11.79 -37.08 44.75
CA LEU G 24 12.57 -35.99 45.31
C LEU G 24 13.99 -36.01 44.78
N ASP G 25 14.58 -37.21 44.70
CA ASP G 25 15.93 -37.33 44.17
C ASP G 25 15.99 -36.88 42.73
N GLU G 26 15.00 -37.28 41.93
CA GLU G 26 14.99 -36.88 40.53
C GLU G 26 14.92 -35.37 40.40
N VAL G 27 14.05 -34.74 41.20
CA VAL G 27 13.92 -33.30 41.18
C VAL G 27 15.25 -32.64 41.50
N ASN G 28 15.88 -33.10 42.59
CA ASN G 28 17.14 -32.49 43.00
C ASN G 28 18.20 -32.68 41.94
N GLY G 29 18.19 -33.82 41.27
CA GLY G 29 19.13 -34.02 40.19
C GLY G 29 18.94 -33.04 39.06
N VAL G 30 17.69 -32.78 38.69
CA VAL G 30 17.43 -31.80 37.65
C VAL G 30 17.94 -30.43 38.08
N ILE G 31 17.65 -30.05 39.32
CA ILE G 31 18.10 -28.77 39.82
C ILE G 31 19.60 -28.67 39.75
N ALA G 32 20.30 -29.71 40.19
CA ALA G 32 21.75 -29.68 40.21
C ALA G 32 22.30 -29.57 38.79
N SER G 33 21.70 -30.28 37.84
CA SER G 33 22.18 -30.19 36.48
C SER G 33 22.04 -28.78 35.93
N ALA G 34 20.89 -28.15 36.18
CA ALA G 34 20.72 -26.78 35.74
C ALA G 34 21.74 -25.87 36.40
N ARG G 35 21.97 -26.08 37.69
CA ARG G 35 22.93 -25.26 38.40
C ARG G 35 24.31 -25.36 37.79
N GLU G 36 24.71 -26.58 37.43
CA GLU G 36 26.01 -26.76 36.80
C GLU G 36 26.08 -26.08 35.46
N ARG G 37 25.01 -26.17 34.67
CA ARG G 37 25.01 -25.48 33.38
C ARG G 37 25.21 -23.99 33.58
N ILE G 38 24.50 -23.41 34.54
CA ILE G 38 24.65 -21.98 34.79
C ILE G 38 26.06 -21.65 35.23
N ALA G 39 26.60 -22.42 36.18
CA ALA G 39 27.95 -22.17 36.63
C ALA G 39 28.93 -22.21 35.47
N ALA G 40 28.68 -23.10 34.51
CA ALA G 40 29.48 -23.09 33.29
C ALA G 40 29.30 -21.79 32.54
N PHE G 41 28.08 -21.26 32.50
CA PHE G 41 27.86 -20.01 31.78
C PHE G 41 28.55 -18.83 32.46
N SER G 42 28.64 -18.85 33.79
CA SER G 42 29.32 -17.81 34.56
C SER G 42 28.72 -16.44 34.33
N PRO G 43 27.54 -16.17 34.86
CA PRO G 43 26.87 -14.90 34.57
C PRO G 43 27.49 -13.75 35.34
N GLU G 44 27.21 -12.55 34.86
CA GLU G 44 27.62 -11.32 35.52
C GLU G 44 26.47 -10.53 36.10
N LEU G 45 25.28 -10.68 35.54
CA LEU G 45 24.11 -9.93 35.98
C LEU G 45 22.91 -10.85 35.95
N VAL G 46 22.06 -10.73 36.96
CA VAL G 46 20.89 -11.60 37.11
C VAL G 46 19.64 -10.75 37.11
N VAL G 47 18.73 -11.03 36.20
CA VAL G 47 17.42 -10.40 36.16
C VAL G 47 16.42 -11.42 36.65
N LEU G 48 15.64 -11.06 37.65
CA LEU G 48 14.82 -12.02 38.37
C LEU G 48 13.38 -11.56 38.38
N PHE G 49 12.51 -12.27 37.70
CA PHE G 49 11.07 -12.03 37.77
C PHE G 49 10.46 -12.97 38.79
N ALA G 50 9.57 -12.47 39.62
CA ALA G 50 8.98 -13.33 40.64
C ALA G 50 7.69 -12.72 41.12
N PRO G 51 6.77 -13.52 41.63
CA PRO G 51 5.56 -13.00 42.24
C PRO G 51 5.72 -12.88 43.75
N ASP G 52 4.69 -12.31 44.38
CA ASP G 52 4.64 -12.16 45.82
C ASP G 52 3.45 -12.92 46.37
N HIS G 53 3.40 -13.04 47.69
CA HIS G 53 2.31 -13.72 48.37
C HIS G 53 1.83 -12.91 49.56
N TYR G 54 1.52 -11.62 49.35
CA TYR G 54 1.07 -10.73 50.42
C TYR G 54 2.13 -10.57 51.51
N ASN G 55 3.28 -10.05 51.12
CA ASN G 55 4.35 -9.87 52.08
C ASN G 55 4.94 -8.47 52.08
N GLY G 56 5.03 -7.81 50.91
CA GLY G 56 5.46 -6.43 50.88
C GLY G 56 4.49 -5.50 50.18
N PHE G 57 3.75 -6.02 49.22
CA PHE G 57 2.78 -5.25 48.46
C PHE G 57 1.40 -5.54 48.99
N PHE G 58 0.65 -4.50 49.31
CA PHE G 58 -0.66 -4.70 49.90
C PHE G 58 -1.59 -3.67 49.32
N TYR G 59 -2.87 -3.84 49.60
CA TYR G 59 -3.85 -3.03 48.88
C TYR G 59 -3.75 -1.54 49.20
N ASP G 60 -2.79 -1.11 50.02
CA ASP G 60 -2.53 0.32 50.09
C ASP G 60 -2.09 0.84 48.74
N VAL G 61 -1.18 0.14 48.07
CA VAL G 61 -0.87 0.36 46.66
C VAL G 61 -0.51 -0.98 46.05
N MET G 62 -1.13 -1.34 44.94
CA MET G 62 -0.84 -2.59 44.25
C MET G 62 -0.56 -2.33 42.78
N PRO G 63 0.69 -2.26 42.39
CA PRO G 63 1.01 -2.00 41.01
C PRO G 63 1.04 -3.28 40.21
N PRO G 64 0.89 -3.21 38.89
CA PRO G 64 1.05 -4.43 38.09
C PRO G 64 2.49 -4.88 37.97
N PHE G 65 3.42 -3.97 37.78
CA PHE G 65 4.84 -4.30 37.78
C PHE G 65 5.56 -3.37 38.73
N CYS G 66 6.58 -3.88 39.40
CA CYS G 66 7.39 -3.03 40.24
C CYS G 66 8.83 -3.45 40.09
N LEU G 67 9.74 -2.53 40.28
CA LEU G 67 11.16 -2.80 40.16
C LEU G 67 11.85 -2.41 41.44
N GLY G 68 12.62 -3.33 42.02
CA GLY G 68 13.16 -3.05 43.32
C GLY G 68 14.56 -2.49 43.30
N VAL G 69 14.69 -1.18 43.47
CA VAL G 69 16.01 -0.59 43.60
C VAL G 69 16.66 -1.05 44.90
N GLY G 70 15.87 -1.21 45.95
CA GLY G 70 16.39 -1.80 47.16
C GLY G 70 15.49 -2.92 47.62
N ALA G 71 16.07 -4.07 47.96
CA ALA G 71 15.27 -5.23 48.30
C ALA G 71 15.84 -5.93 49.52
N THR G 72 14.96 -6.68 50.19
CA THR G 72 15.34 -7.41 51.38
C THR G 72 14.45 -8.63 51.52
N ALA G 73 15.07 -9.80 51.66
CA ALA G 73 14.34 -11.04 51.87
C ALA G 73 14.04 -11.20 53.36
N ILE G 74 12.77 -11.47 53.67
CA ILE G 74 12.34 -11.55 55.06
C ILE G 74 12.44 -12.95 55.63
N GLY G 75 12.92 -13.92 54.86
CA GLY G 75 13.13 -15.26 55.39
C GLY G 75 11.88 -16.03 55.77
N ASP G 76 10.86 -15.99 54.92
CA ASP G 76 9.66 -16.79 55.16
C ASP G 76 9.93 -18.26 54.87
N PHE G 77 9.14 -19.12 55.51
CA PHE G 77 9.21 -20.57 55.31
C PHE G 77 10.62 -21.11 55.54
N GLY G 78 11.39 -20.43 56.38
CA GLY G 78 12.76 -20.86 56.59
C GLY G 78 13.70 -20.53 55.45
N SER G 79 13.26 -19.78 54.45
CA SER G 79 14.15 -19.38 53.39
C SER G 79 15.16 -18.35 53.91
N ALA G 80 16.15 -18.04 53.09
CA ALA G 80 17.19 -17.11 53.50
C ALA G 80 16.62 -15.72 53.72
N ALA G 81 17.29 -14.95 54.56
CA ALA G 81 16.89 -13.58 54.84
C ALA G 81 18.11 -12.67 54.75
N GLY G 82 17.87 -11.42 54.41
CA GLY G 82 18.94 -10.45 54.33
C GLY G 82 18.79 -9.61 53.07
N GLU G 83 19.79 -8.76 52.85
CA GLU G 83 19.72 -7.84 51.74
C GLU G 83 20.20 -8.50 50.45
N LEU G 84 20.01 -7.78 49.36
CA LEU G 84 20.36 -8.29 48.05
C LEU G 84 21.29 -7.31 47.35
N PRO G 85 22.29 -7.79 46.65
CA PRO G 85 23.27 -6.92 45.99
C PRO G 85 22.75 -6.27 44.72
N VAL G 86 22.06 -5.15 44.87
CA VAL G 86 21.43 -4.47 43.75
C VAL G 86 22.33 -3.34 43.28
N PRO G 87 22.71 -3.29 42.02
CA PRO G 87 23.53 -2.18 41.52
C PRO G 87 22.72 -0.91 41.30
N VAL G 88 22.63 -0.10 42.36
CA VAL G 88 21.66 1.00 42.41
C VAL G 88 21.63 1.79 41.12
N GLU G 89 22.77 2.31 40.71
CA GLU G 89 22.79 3.20 39.55
C GLU G 89 22.32 2.50 38.30
N LEU G 90 22.77 1.27 38.11
CA LEU G 90 22.30 0.50 36.97
C LEU G 90 20.80 0.31 37.05
N ALA G 91 20.27 0.07 38.24
CA ALA G 91 18.84 -0.12 38.39
C ALA G 91 18.09 1.13 37.98
N GLU G 92 18.55 2.29 38.42
CA GLU G 92 17.86 3.52 38.08
C GLU G 92 17.89 3.78 36.59
N ALA G 93 19.04 3.52 35.96
CA ALA G 93 19.09 3.68 34.52
C ALA G 93 18.12 2.75 33.83
N CYS G 94 18.02 1.51 34.32
CA CYS G 94 17.08 0.56 33.73
C CYS G 94 15.65 1.06 33.85
N ALA G 95 15.28 1.55 35.03
CA ALA G 95 13.93 2.03 35.21
C ALA G 95 13.64 3.18 34.25
N HIS G 96 14.58 4.12 34.14
CA HIS G 96 14.37 5.24 33.26
C HIS G 96 14.16 4.78 31.83
N ALA G 97 15.02 3.89 31.35
CA ALA G 97 14.91 3.46 29.97
C ALA G 97 13.62 2.70 29.74
N VAL G 98 13.24 1.83 30.66
CA VAL G 98 12.02 1.05 30.48
C VAL G 98 10.83 1.96 30.39
N MET G 99 10.72 2.90 31.34
CA MET G 99 9.54 3.75 31.34
C MET G 99 9.51 4.63 30.09
N LYS G 100 10.68 5.08 29.65
CA LYS G 100 10.71 5.82 28.39
C LYS G 100 10.23 4.98 27.23
N SER G 101 10.51 3.68 27.26
CA SER G 101 10.12 2.83 26.14
C SER G 101 8.62 2.67 26.02
N GLY G 102 7.85 3.08 27.01
CA GLY G 102 6.42 3.00 26.94
C GLY G 102 5.77 1.99 27.86
N ILE G 103 6.39 1.66 28.98
CA ILE G 103 5.83 0.75 29.96
C ILE G 103 5.67 1.51 31.25
N ASP G 104 4.58 1.27 31.96
CA ASP G 104 4.24 2.06 33.12
C ASP G 104 4.66 1.30 34.37
N LEU G 105 5.84 1.58 34.88
CA LEU G 105 6.52 0.71 35.83
C LEU G 105 6.74 1.43 37.13
N ALA G 106 6.19 0.91 38.21
CA ALA G 106 6.43 1.48 39.52
C ALA G 106 7.85 1.15 39.98
N VAL G 107 8.34 1.93 40.93
CA VAL G 107 9.64 1.68 41.52
C VAL G 107 9.52 1.72 43.02
N SER G 108 10.49 1.10 43.69
CA SER G 108 10.48 1.02 45.13
C SER G 108 11.91 0.99 45.64
N TYR G 109 12.16 1.64 46.77
CA TYR G 109 13.50 1.67 47.30
C TYR G 109 13.70 0.79 48.51
N CYS G 110 12.62 0.25 49.08
CA CYS G 110 12.72 -0.70 50.17
C CYS G 110 11.65 -1.75 49.95
N MET G 111 12.01 -2.81 49.24
CA MET G 111 11.06 -3.85 48.87
C MET G 111 11.25 -5.03 49.79
N GLN G 112 10.15 -5.62 50.23
CA GLN G 112 10.17 -6.82 51.05
C GLN G 112 9.84 -8.01 50.17
N VAL G 113 10.68 -9.02 50.17
CA VAL G 113 10.47 -10.19 49.34
C VAL G 113 10.51 -11.43 50.20
N ASP G 114 9.93 -12.49 49.67
CA ASP G 114 9.73 -13.74 50.37
C ASP G 114 10.40 -14.87 49.61
N HIS G 115 10.09 -16.10 50.02
CA HIS G 115 10.70 -17.28 49.41
C HIS G 115 10.62 -17.25 47.90
N GLY G 116 9.58 -16.63 47.35
CA GLY G 116 9.46 -16.56 45.91
C GLY G 116 10.67 -15.91 45.25
N PHE G 117 11.34 -15.03 45.97
CA PHE G 117 12.59 -14.47 45.49
C PHE G 117 13.81 -15.20 46.03
N ALA G 118 13.67 -15.93 47.13
CA ALA G 118 14.84 -16.51 47.76
C ALA G 118 15.20 -17.84 47.13
N GLN G 119 14.25 -18.77 47.06
CA GLN G 119 14.59 -20.13 46.66
C GLN G 119 15.34 -20.21 45.34
N PRO G 120 14.94 -19.54 44.27
CA PRO G 120 15.73 -19.66 43.04
C PRO G 120 17.17 -19.23 43.21
N LEU G 121 17.42 -18.16 43.96
CA LEU G 121 18.79 -17.70 44.14
C LEU G 121 19.61 -18.73 44.89
N GLU G 122 19.06 -19.26 45.98
CA GLU G 122 19.78 -20.26 46.75
C GLU G 122 20.04 -21.51 45.92
N PHE G 123 19.03 -21.97 45.19
CA PHE G 123 19.16 -23.24 44.50
C PHE G 123 20.02 -23.14 43.26
N LEU G 124 20.10 -21.99 42.63
CA LEU G 124 20.80 -21.88 41.37
C LEU G 124 22.14 -21.19 41.49
N LEU G 125 22.38 -20.44 42.56
CA LEU G 125 23.64 -19.74 42.74
C LEU G 125 24.25 -19.97 44.11
N GLY G 126 23.57 -20.66 45.01
CA GLY G 126 24.15 -20.96 46.30
C GLY G 126 24.26 -19.79 47.24
N GLY G 127 23.41 -18.79 47.10
CA GLY G 127 23.42 -17.69 48.04
C GLY G 127 22.79 -16.46 47.45
N LEU G 128 22.46 -15.52 48.33
CA LEU G 128 21.83 -14.29 47.88
C LEU G 128 22.82 -13.32 47.25
N ASP G 129 24.04 -13.28 47.77
CA ASP G 129 24.97 -12.19 47.47
C ASP G 129 26.02 -12.57 46.43
N LYS G 130 25.76 -13.58 45.62
CA LYS G 130 26.80 -14.03 44.70
C LYS G 130 26.96 -13.07 43.53
N VAL G 131 25.85 -12.60 42.97
CA VAL G 131 25.86 -11.84 41.71
C VAL G 131 24.96 -10.63 41.87
N PRO G 132 25.22 -9.52 41.18
CA PRO G 132 24.26 -8.42 41.18
C PRO G 132 22.91 -8.85 40.63
N VAL G 133 21.84 -8.28 41.19
CA VAL G 133 20.48 -8.72 40.93
C VAL G 133 19.64 -7.51 40.54
N LEU G 134 18.59 -7.75 39.73
CA LEU G 134 17.59 -6.75 39.41
C LEU G 134 16.21 -7.32 39.70
N PRO G 135 15.74 -7.26 40.92
CA PRO G 135 14.46 -7.88 41.25
C PRO G 135 13.31 -7.12 40.60
N VAL G 136 12.44 -7.86 39.93
CA VAL G 136 11.26 -7.31 39.28
C VAL G 136 10.05 -8.10 39.74
N PHE G 137 9.09 -7.42 40.34
CA PHE G 137 7.90 -8.07 40.85
C PHE G 137 6.77 -7.92 39.86
N ILE G 138 6.03 -9.00 39.65
CA ILE G 138 4.87 -9.01 38.77
C ILE G 138 3.67 -9.46 39.57
N ASN G 139 2.60 -8.67 39.54
CA ASN G 139 1.40 -9.04 40.27
C ASN G 139 0.76 -10.27 39.64
N GLY G 140 0.33 -11.20 40.46
CA GLY G 140 -0.30 -12.39 39.95
C GLY G 140 -1.42 -12.90 40.82
N VAL G 141 -1.85 -12.13 41.81
CA VAL G 141 -2.83 -12.60 42.78
C VAL G 141 -4.05 -11.68 42.84
N ALA G 142 -3.85 -10.37 42.86
CA ALA G 142 -4.93 -9.43 43.14
C ALA G 142 -5.45 -8.84 41.85
N THR G 143 -6.72 -9.10 41.56
CA THR G 143 -7.32 -8.57 40.34
C THR G 143 -7.52 -7.08 40.47
N PRO G 144 -7.47 -6.34 39.35
CA PRO G 144 -7.22 -6.77 37.99
C PRO G 144 -5.77 -7.11 37.75
N LEU G 145 -5.49 -7.88 36.71
CA LEU G 145 -4.16 -8.39 36.49
C LEU G 145 -3.67 -7.98 35.11
N PRO G 146 -2.37 -7.79 34.94
CA PRO G 146 -1.85 -7.47 33.62
C PRO G 146 -2.02 -8.65 32.68
N GLY G 147 -2.24 -8.34 31.41
CA GLY G 147 -2.44 -9.39 30.43
C GLY G 147 -1.13 -9.91 29.88
N PHE G 148 -1.24 -10.94 29.05
CA PHE G 148 -0.06 -11.51 28.43
C PHE G 148 0.62 -10.50 27.53
N GLN G 149 -0.16 -9.72 26.80
CA GLN G 149 0.40 -8.76 25.86
C GLN G 149 1.35 -7.80 26.56
N ARG G 150 0.90 -7.17 27.62
CA ARG G 150 1.74 -6.21 28.31
C ARG G 150 2.94 -6.88 28.95
N THR G 151 2.78 -8.09 29.46
CA THR G 151 3.92 -8.76 30.04
C THR G 151 4.99 -9.01 29.02
N ARG G 152 4.59 -9.44 27.83
CA ARG G 152 5.57 -9.60 26.76
C ARG G 152 6.24 -8.29 26.44
N MET G 153 5.47 -7.21 26.40
CA MET G 153 6.06 -5.92 26.11
C MET G 153 7.12 -5.55 27.13
N LEU G 154 6.81 -5.78 28.41
CA LEU G 154 7.76 -5.48 29.47
C LEU G 154 9.04 -6.29 29.30
N GLY G 155 8.87 -7.58 29.02
CA GLY G 155 10.04 -8.40 28.82
C GLY G 155 10.91 -7.89 27.70
N GLU G 156 10.30 -7.50 26.59
CA GLU G 156 11.09 -7.01 25.48
C GLU G 156 11.81 -5.73 25.85
N ALA G 157 11.16 -4.85 26.59
CA ALA G 157 11.82 -3.60 26.96
C ALA G 157 13.07 -3.88 27.78
N ILE G 158 12.93 -4.71 28.81
CA ILE G 158 14.09 -5.00 29.64
C ILE G 158 15.16 -5.70 28.82
N GLY G 159 14.75 -6.58 27.91
CA GLY G 159 15.72 -7.28 27.11
C GLY G 159 16.54 -6.33 26.26
N ARG G 160 15.87 -5.43 25.56
CA ARG G 160 16.65 -4.53 24.70
C ARG G 160 17.51 -3.61 25.53
N PHE G 161 17.06 -3.23 26.72
CA PHE G 161 17.94 -2.39 27.53
C PHE G 161 19.19 -3.15 27.93
N THR G 162 19.04 -4.34 28.49
CA THR G 162 20.21 -5.06 28.97
C THR G 162 21.10 -5.53 27.85
N SER G 163 20.57 -5.64 26.62
CA SER G 163 21.39 -6.14 25.54
C SER G 163 22.59 -5.24 25.27
N THR G 164 22.55 -3.99 25.71
CA THR G 164 23.62 -3.05 25.44
C THR G 164 24.52 -2.83 26.64
N LEU G 165 24.47 -3.71 27.62
CA LEU G 165 25.38 -3.55 28.75
C LEU G 165 26.71 -4.23 28.51
N ASN G 166 26.84 -4.99 27.43
CA ASN G 166 28.08 -5.69 27.11
C ASN G 166 28.48 -6.62 28.25
N LYS G 167 27.51 -7.33 28.81
CA LYS G 167 27.75 -8.28 29.88
C LYS G 167 27.16 -9.62 29.50
N ARG G 168 27.36 -10.60 30.36
CA ARG G 168 26.74 -11.91 30.22
C ARG G 168 25.58 -11.99 31.20
N VAL G 169 24.38 -12.18 30.68
CA VAL G 169 23.15 -11.97 31.42
C VAL G 169 22.42 -13.27 31.62
N LEU G 170 21.86 -13.44 32.81
CA LEU G 170 21.07 -14.60 33.16
C LEU G 170 19.68 -14.15 33.56
N PHE G 171 18.67 -14.71 32.91
CA PHE G 171 17.28 -14.41 33.21
C PHE G 171 16.66 -15.55 33.98
N LEU G 172 15.89 -15.23 35.01
CA LEU G 172 15.26 -16.24 35.82
C LEU G 172 13.76 -16.04 35.84
N GLY G 173 13.03 -17.14 35.77
CA GLY G 173 11.60 -17.09 35.98
C GLY G 173 11.23 -17.99 37.13
N SER G 174 10.50 -17.48 38.12
CA SER G 174 10.30 -18.22 39.35
C SER G 174 8.85 -18.55 39.64
N GLY G 175 8.00 -18.59 38.61
CA GLY G 175 6.60 -18.90 38.82
C GLY G 175 6.31 -20.37 38.60
N GLY G 176 5.59 -20.96 39.54
CA GLY G 176 5.20 -22.34 39.39
C GLY G 176 4.15 -22.51 38.31
N LEU G 177 3.91 -23.74 37.94
CA LEU G 177 2.89 -24.04 36.94
C LEU G 177 1.53 -24.13 37.62
N SER G 178 0.55 -24.65 36.91
CA SER G 178 -0.82 -24.70 37.41
C SER G 178 -0.87 -25.38 38.77
N HIS G 179 -1.54 -24.73 39.71
CA HIS G 179 -1.68 -25.21 41.07
C HIS G 179 -2.65 -24.29 41.78
N GLN G 180 -2.89 -24.56 43.05
CA GLN G 180 -3.73 -23.67 43.83
C GLN G 180 -3.46 -23.79 45.33
N PRO G 181 -2.70 -22.87 45.90
CA PRO G 181 -2.61 -22.80 47.36
C PRO G 181 -3.83 -22.08 47.92
N PRO G 182 -4.09 -22.21 49.23
CA PRO G 182 -5.25 -21.52 49.84
C PRO G 182 -5.00 -20.03 50.09
N VAL G 183 -5.18 -19.24 49.04
CA VAL G 183 -4.94 -17.80 49.09
C VAL G 183 -6.22 -17.07 49.50
N PRO G 184 -6.14 -16.15 50.46
CA PRO G 184 -7.33 -15.38 50.83
C PRO G 184 -7.77 -14.47 49.71
N GLU G 185 -9.07 -14.16 49.72
CA GLU G 185 -9.71 -13.32 48.71
C GLU G 185 -10.23 -12.06 49.37
N LEU G 186 -9.92 -10.90 48.79
CA LEU G 186 -10.35 -9.63 49.38
C LEU G 186 -11.87 -9.49 49.31
N ALA G 187 -12.49 -9.99 48.24
CA ALA G 187 -13.93 -9.84 48.07
C ALA G 187 -14.69 -10.51 49.21
N LYS G 188 -14.28 -11.71 49.59
CA LYS G 188 -14.89 -12.43 50.69
C LYS G 188 -14.13 -12.27 52.00
N ALA G 189 -13.11 -11.42 52.03
CA ALA G 189 -12.35 -11.21 53.26
C ALA G 189 -13.20 -10.55 54.32
N ASP G 190 -12.98 -10.94 55.57
CA ASP G 190 -13.65 -10.31 56.70
C ASP G 190 -12.94 -8.99 57.01
N ALA G 191 -13.32 -8.36 58.11
CA ALA G 191 -12.70 -7.09 58.48
C ALA G 191 -11.21 -7.25 58.76
N HIS G 192 -10.84 -8.25 59.55
CA HIS G 192 -9.43 -8.46 59.87
C HIS G 192 -8.63 -8.88 58.64
N MET G 193 -9.18 -9.77 57.83
CA MET G 193 -8.44 -10.20 56.64
C MET G 193 -8.29 -9.03 55.67
N ARG G 194 -9.34 -8.22 55.53
CA ARG G 194 -9.25 -7.02 54.70
C ARG G 194 -8.18 -6.07 55.22
N ASP G 195 -8.12 -5.88 56.54
CA ASP G 195 -7.11 -5.01 57.11
C ASP G 195 -5.71 -5.55 56.84
N ARG G 196 -5.54 -6.86 56.93
CA ARG G 196 -4.25 -7.45 56.63
C ARG G 196 -3.87 -7.22 55.17
N LEU G 197 -4.84 -7.35 54.27
CA LEU G 197 -4.57 -7.13 52.85
C LEU G 197 -4.29 -5.67 52.55
N LEU G 198 -4.86 -4.75 53.33
CA LEU G 198 -4.76 -3.34 53.00
C LEU G 198 -3.36 -2.77 53.23
N GLY G 199 -2.50 -3.46 53.96
CA GLY G 199 -1.19 -2.90 54.24
C GLY G 199 -0.61 -3.26 55.59
N SER G 200 -1.44 -3.82 56.47
CA SER G 200 -0.93 -4.26 57.77
C SER G 200 -0.27 -5.63 57.70
N GLY G 201 -0.23 -6.25 56.52
CA GLY G 201 0.42 -7.53 56.33
C GLY G 201 1.91 -7.51 56.22
N LYS G 202 2.53 -6.32 56.23
CA LYS G 202 3.98 -6.25 56.26
C LYS G 202 4.53 -6.75 57.59
N ASP G 203 3.76 -6.56 58.66
CA ASP G 203 4.24 -6.88 60.00
C ASP G 203 3.44 -8.02 60.61
N LEU G 204 3.20 -9.06 59.83
CA LEU G 204 2.49 -10.22 60.34
C LEU G 204 3.30 -10.87 61.47
N PRO G 205 2.68 -11.15 62.61
CA PRO G 205 3.40 -11.86 63.67
C PRO G 205 3.73 -13.29 63.24
N ALA G 206 4.76 -13.84 63.89
CA ALA G 206 5.18 -15.20 63.57
C ALA G 206 4.05 -16.19 63.74
N SER G 207 3.14 -15.93 64.68
CA SER G 207 1.98 -16.79 64.84
C SER G 207 1.12 -16.80 63.59
N GLU G 208 0.86 -15.64 63.00
CA GLU G 208 0.05 -15.58 61.79
C GLU G 208 0.76 -16.25 60.62
N ARG G 209 2.08 -16.05 60.51
CA ARG G 209 2.83 -16.73 59.45
C ARG G 209 2.75 -18.24 59.60
N GLU G 210 2.89 -18.74 60.83
CA GLU G 210 2.78 -20.17 61.05
C GLU G 210 1.37 -20.67 60.75
N LEU G 211 0.36 -19.88 61.10
CA LEU G 211 -1.01 -20.26 60.78
C LEU G 211 -1.21 -20.36 59.28
N ARG G 212 -0.68 -19.39 58.53
CA ARG G 212 -0.82 -19.42 57.07
C ARG G 212 -0.07 -20.61 56.48
N GLN G 213 1.10 -20.91 57.03
CA GLN G 213 1.86 -22.08 56.59
C GLN G 213 1.06 -23.36 56.84
N GLN G 214 0.42 -23.46 58.01
CA GLN G 214 -0.39 -24.63 58.32
C GLN G 214 -1.59 -24.72 57.39
N ARG G 215 -2.19 -23.57 57.05
CA ARG G 215 -3.29 -23.58 56.09
C ARG G 215 -2.82 -24.14 54.75
N VAL G 216 -1.66 -23.69 54.29
CA VAL G 216 -1.12 -24.16 53.02
C VAL G 216 -0.86 -25.66 53.08
N ILE G 217 -0.25 -26.13 54.18
CA ILE G 217 0.08 -27.55 54.30
C ILE G 217 -1.19 -28.40 54.32
N SER G 218 -2.19 -27.98 55.10
CA SER G 218 -3.43 -28.74 55.19
C SER G 218 -4.17 -28.76 53.86
N ALA G 219 -4.22 -27.62 53.16
CA ALA G 219 -4.87 -27.59 51.86
C ALA G 219 -4.12 -28.47 50.87
N ALA G 220 -2.79 -28.50 50.95
CA ALA G 220 -2.02 -29.37 50.08
C ALA G 220 -2.34 -30.84 50.34
N GLU G 221 -2.43 -31.23 51.61
CA GLU G 221 -2.75 -32.61 51.94
C GLU G 221 -4.16 -32.97 51.46
N LYS G 222 -5.11 -32.04 51.61
CA LYS G 222 -6.45 -32.26 51.10
C LYS G 222 -6.43 -32.43 49.58
N PHE G 223 -5.62 -31.63 48.89
CA PHE G 223 -5.51 -31.75 47.45
C PHE G 223 -4.88 -33.09 47.07
N VAL G 224 -3.97 -33.59 47.90
CA VAL G 224 -3.48 -34.95 47.73
C VAL G 224 -4.63 -35.94 47.80
N GLU G 225 -5.53 -35.73 48.77
CA GLU G 225 -6.67 -36.63 48.92
C GLU G 225 -7.55 -36.60 47.68
N ASP G 226 -7.81 -35.42 47.13
CA ASP G 226 -8.62 -35.30 45.92
C ASP G 226 -8.25 -34.00 45.20
N GLN G 227 -8.19 -34.09 43.87
CA GLN G 227 -7.92 -32.91 43.06
C GLN G 227 -9.15 -32.07 42.80
N ARG G 228 -10.34 -32.53 43.19
CA ARG G 228 -11.56 -31.77 42.96
C ARG G 228 -11.94 -30.87 44.13
N THR G 229 -11.33 -31.09 45.31
CA THR G 229 -11.53 -30.15 46.40
C THR G 229 -11.15 -28.74 45.99
N LEU G 230 -10.14 -28.62 45.15
CA LEU G 230 -9.76 -27.38 44.49
C LEU G 230 -9.73 -27.66 43.00
N HIS G 231 -9.15 -26.77 42.21
CA HIS G 231 -9.07 -27.03 40.78
C HIS G 231 -8.08 -28.14 40.49
N PRO G 232 -8.49 -29.24 39.87
CA PRO G 232 -7.53 -30.30 39.55
C PRO G 232 -6.49 -29.80 38.57
N LEU G 233 -5.30 -30.41 38.64
CA LEU G 233 -4.22 -30.00 37.76
C LEU G 233 -4.58 -30.31 36.31
N ASN G 234 -3.99 -29.54 35.40
CA ASN G 234 -4.25 -29.65 33.98
C ASN G 234 -2.93 -29.93 33.28
N PRO G 235 -2.49 -31.18 33.25
CA PRO G 235 -1.25 -31.50 32.55
C PRO G 235 -1.29 -31.10 31.10
N ILE G 236 -2.47 -31.22 30.47
CA ILE G 236 -2.59 -30.89 29.06
C ILE G 236 -2.20 -29.45 28.84
N TRP G 237 -2.74 -28.54 29.64
CA TRP G 237 -2.44 -27.14 29.41
C TRP G 237 -1.00 -26.81 29.75
N ASP G 238 -0.45 -27.48 30.76
CA ASP G 238 0.95 -27.24 31.09
C ASP G 238 1.85 -27.59 29.91
N ASN G 239 1.65 -28.77 29.34
CA ASN G 239 2.48 -29.16 28.21
C ASN G 239 2.24 -28.25 27.03
N GLN G 240 0.99 -27.86 26.81
CA GLN G 240 0.68 -26.87 25.80
C GLN G 240 1.54 -25.63 25.99
N PHE G 241 1.56 -25.11 27.20
CA PHE G 241 2.23 -23.85 27.46
C PHE G 241 3.72 -23.96 27.22
N MET G 242 4.34 -24.99 27.79
CA MET G 242 5.77 -25.14 27.62
C MET G 242 6.14 -25.35 26.17
N THR G 243 5.36 -26.15 25.44
CA THR G 243 5.66 -26.36 24.05
C THR G 243 5.54 -25.08 23.25
N LEU G 244 4.53 -24.26 23.57
CA LEU G 244 4.42 -22.98 22.90
C LEU G 244 5.64 -22.13 23.14
N LEU G 245 6.14 -22.14 24.37
CA LEU G 245 7.33 -21.36 24.67
C LEU G 245 8.53 -21.87 23.88
N GLU G 246 8.71 -23.19 23.85
CA GLU G 246 9.89 -23.75 23.22
C GLU G 246 9.97 -23.38 21.75
N GLN G 247 8.86 -23.44 21.05
CA GLN G 247 8.86 -23.14 19.63
C GLN G 247 8.97 -21.66 19.35
N GLY G 248 9.11 -20.82 20.37
CA GLY G 248 9.18 -19.40 20.13
C GLY G 248 7.93 -18.82 19.53
N ARG G 249 6.77 -19.20 20.06
CA ARG G 249 5.51 -18.71 19.52
C ARG G 249 4.68 -18.00 20.58
N ILE G 250 5.33 -17.14 21.38
CA ILE G 250 4.61 -16.46 22.43
C ILE G 250 3.57 -15.49 21.91
N GLN G 251 3.68 -15.08 20.65
CA GLN G 251 2.67 -14.20 20.08
C GLN G 251 1.27 -14.78 20.24
N GLU G 252 1.15 -16.08 20.06
CA GLU G 252 -0.17 -16.70 20.13
C GLU G 252 -0.74 -16.69 21.52
N LEU G 253 0.03 -16.33 22.54
CA LEU G 253 -0.54 -16.26 23.86
C LEU G 253 -1.36 -15.01 24.07
N ASP G 254 -1.24 -14.02 23.20
CA ASP G 254 -2.00 -12.79 23.38
C ASP G 254 -3.49 -13.05 23.32
N ALA G 255 -3.91 -14.08 22.60
CA ALA G 255 -5.33 -14.33 22.43
C ALA G 255 -5.99 -14.81 23.70
N VAL G 256 -5.25 -15.15 24.73
CA VAL G 256 -5.84 -15.70 25.95
C VAL G 256 -6.13 -14.58 26.92
N SER G 257 -7.35 -14.56 27.44
CA SER G 257 -7.73 -13.59 28.45
C SER G 257 -7.35 -14.12 29.82
N ASN G 258 -7.27 -13.20 30.78
CA ASN G 258 -6.85 -13.59 32.12
C ASN G 258 -7.78 -14.61 32.72
N GLU G 259 -9.08 -14.39 32.59
CA GLU G 259 -10.02 -15.31 33.20
C GLU G 259 -10.36 -16.47 32.30
N GLU G 260 -10.00 -16.39 31.02
CA GLU G 260 -9.84 -17.62 30.26
C GLU G 260 -8.90 -18.57 30.96
N LEU G 261 -7.70 -18.08 31.27
CA LEU G 261 -6.71 -18.89 31.93
C LEU G 261 -7.19 -19.29 33.31
N SER G 262 -7.86 -18.38 34.00
CA SER G 262 -8.37 -18.71 35.33
C SER G 262 -9.35 -19.87 35.25
N ALA G 263 -10.24 -19.85 34.27
CA ALA G 263 -11.22 -20.92 34.14
C ALA G 263 -10.56 -22.23 33.77
N ILE G 264 -9.62 -22.19 32.81
CA ILE G 264 -9.02 -23.43 32.34
C ILE G 264 -8.17 -24.07 33.43
N ALA G 265 -7.31 -23.30 34.07
CA ALA G 265 -6.28 -23.88 34.91
C ALA G 265 -6.37 -23.49 36.38
N GLY G 266 -7.25 -22.58 36.74
CA GLY G 266 -7.28 -22.17 38.13
C GLY G 266 -6.56 -20.86 38.34
N LYS G 267 -7.06 -20.07 39.29
CA LYS G 267 -6.63 -18.69 39.39
C LYS G 267 -5.18 -18.54 39.80
N SER G 268 -4.60 -19.52 40.48
CA SER G 268 -3.21 -19.36 40.89
C SER G 268 -2.25 -19.49 39.72
N THR G 269 -2.72 -19.89 38.55
CA THR G 269 -1.84 -20.10 37.42
C THR G 269 -1.16 -18.83 36.95
N HIS G 270 -1.68 -17.67 37.32
CA HIS G 270 -1.18 -16.43 36.75
C HIS G 270 0.29 -16.21 37.04
N GLU G 271 0.83 -16.92 38.03
CA GLU G 271 2.25 -16.84 38.29
C GLU G 271 3.06 -17.06 37.02
N ILE G 272 2.64 -17.98 36.16
CA ILE G 272 3.44 -18.29 34.99
C ILE G 272 3.70 -17.08 34.11
N LYS G 273 3.03 -15.95 34.35
CA LYS G 273 3.36 -14.79 33.55
C LYS G 273 4.82 -14.45 33.65
N THR G 274 5.44 -14.69 34.81
CA THR G 274 6.87 -14.45 34.92
C THR G 274 7.61 -15.15 33.79
N TRP G 275 7.33 -16.42 33.57
CA TRP G 275 8.01 -17.15 32.50
C TRP G 275 7.92 -16.38 31.21
N VAL G 276 6.72 -15.91 30.86
CA VAL G 276 6.57 -15.23 29.58
C VAL G 276 7.54 -14.07 29.51
N ALA G 277 7.56 -13.25 30.55
CA ALA G 277 8.47 -12.11 30.55
C ALA G 277 9.88 -12.57 30.24
N ALA G 278 10.35 -13.58 30.98
CA ALA G 278 11.71 -14.04 30.78
C ALA G 278 11.96 -14.36 29.32
N PHE G 279 11.09 -15.15 28.71
CA PHE G 279 11.36 -15.55 27.36
C PHE G 279 11.38 -14.36 26.43
N ALA G 280 10.45 -13.45 26.61
CA ALA G 280 10.44 -12.26 25.77
C ALA G 280 11.78 -11.57 25.84
N ALA G 281 12.33 -11.44 27.05
CA ALA G 281 13.61 -10.76 27.20
C ALA G 281 14.67 -11.40 26.31
N ILE G 282 14.78 -12.72 26.37
CA ILE G 282 15.88 -13.34 25.65
C ILE G 282 15.71 -13.17 24.17
N SER G 283 14.48 -12.98 23.69
CA SER G 283 14.31 -12.83 22.27
C SER G 283 14.97 -11.56 21.75
N ALA G 284 15.35 -10.65 22.62
CA ALA G 284 16.02 -9.43 22.20
C ALA G 284 17.51 -9.64 21.98
N PHE G 285 18.03 -10.83 22.22
CA PHE G 285 19.45 -11.08 22.08
C PHE G 285 19.79 -11.83 20.81
N GLY G 286 18.90 -11.85 19.83
CA GLY G 286 19.11 -12.66 18.65
C GLY G 286 18.59 -14.06 18.84
N ASN G 287 18.98 -14.93 17.92
CA ASN G 287 18.43 -16.27 17.94
C ASN G 287 18.92 -17.06 19.15
N TRP G 288 18.23 -18.15 19.45
CA TRP G 288 18.49 -18.91 20.66
C TRP G 288 17.85 -20.27 20.49
N ARG G 289 18.04 -21.11 21.51
CA ARG G 289 17.40 -22.42 21.48
C ARG G 289 17.28 -22.94 22.89
N SER G 290 16.35 -23.87 23.08
CA SER G 290 15.97 -24.34 24.40
C SER G 290 16.65 -25.65 24.72
N GLU G 291 16.44 -26.12 25.94
CA GLU G 291 16.98 -27.39 26.40
C GLU G 291 16.51 -27.65 27.82
N GLY G 292 16.84 -28.85 28.29
CA GLY G 292 16.59 -29.20 29.68
C GLY G 292 15.14 -29.27 30.05
N ARG G 293 14.25 -29.37 29.08
CA ARG G 293 12.82 -29.37 29.38
C ARG G 293 12.48 -30.51 30.33
N TYR G 294 11.71 -30.19 31.36
CA TYR G 294 11.31 -31.24 32.28
C TYR G 294 10.01 -30.86 32.95
N TYR G 295 9.15 -31.85 33.17
CA TYR G 295 7.86 -31.59 33.77
C TYR G 295 7.41 -32.82 34.54
N ARG G 296 6.69 -32.60 35.62
CA ARG G 296 6.10 -33.71 36.32
C ARG G 296 5.01 -33.22 37.27
N PRO G 297 3.80 -33.75 37.16
CA PRO G 297 2.79 -33.44 38.18
C PRO G 297 3.18 -34.06 39.50
N ILE G 298 2.79 -33.37 40.57
CA ILE G 298 3.04 -33.86 41.92
C ILE G 298 1.77 -33.73 42.73
N PRO G 299 1.14 -34.83 43.13
CA PRO G 299 -0.01 -34.69 44.03
C PRO G 299 0.34 -34.06 45.36
N GLU G 300 1.50 -34.38 45.92
CA GLU G 300 1.81 -33.98 47.28
C GLU G 300 1.94 -32.48 47.41
N TRP G 301 2.73 -31.87 46.54
CA TRP G 301 2.76 -30.42 46.43
C TRP G 301 1.75 -30.05 45.36
N ILE G 302 0.79 -29.19 45.72
CA ILE G 302 -0.29 -28.84 44.79
C ILE G 302 0.24 -28.53 43.40
N ALA G 303 1.49 -28.06 43.31
CA ALA G 303 2.02 -27.62 42.04
C ALA G 303 2.26 -28.77 41.08
N GLY G 304 2.26 -28.44 39.80
CA GLY G 304 2.81 -29.32 38.79
C GLY G 304 4.20 -28.85 38.46
N PHE G 305 5.20 -29.55 38.97
CA PHE G 305 6.56 -29.04 38.91
C PHE G 305 7.06 -29.00 37.48
N GLY G 306 7.80 -27.96 37.14
CA GLY G 306 8.33 -27.84 35.80
C GLY G 306 9.64 -27.07 35.81
N SER G 307 10.40 -27.23 34.73
CA SER G 307 11.66 -26.53 34.62
C SER G 307 12.09 -26.50 33.17
N LEU G 308 12.79 -25.44 32.80
CA LEU G 308 13.14 -25.25 31.41
C LEU G 308 14.36 -24.34 31.34
N SER G 309 15.14 -24.47 30.27
CA SER G 309 16.28 -23.58 30.12
C SER G 309 16.46 -23.25 28.66
N ALA G 310 17.14 -22.14 28.41
CA ALA G 310 17.40 -21.75 27.04
C ALA G 310 18.69 -20.97 26.99
N ARG G 311 19.26 -20.87 25.81
CA ARG G 311 20.58 -20.30 25.67
C ARG G 311 20.70 -19.67 24.29
N THR G 312 21.35 -18.52 24.24
CA THR G 312 21.57 -17.89 22.95
C THR G 312 22.65 -18.64 22.20
N GLU G 313 22.48 -18.74 20.89
CA GLU G 313 23.52 -19.28 20.02
C GLU G 313 24.20 -18.09 19.36
N ASN G 314 25.38 -17.76 19.87
CA ASN G 314 26.09 -16.54 19.52
C ASN G 314 26.20 -16.32 18.01
N MET H 1 36.61 0.65 -2.95
CA MET H 1 36.68 1.75 -2.00
C MET H 1 37.11 1.29 -0.61
N HIS H 2 37.85 2.14 0.09
CA HIS H 2 38.45 1.77 1.35
C HIS H 2 38.36 2.94 2.31
N ALA H 3 38.11 2.63 3.58
CA ALA H 3 37.93 3.69 4.55
C ALA H 3 38.29 3.18 5.94
N TYR H 4 38.91 4.07 6.70
CA TYR H 4 39.31 3.77 8.06
C TYR H 4 38.81 4.87 8.97
N LEU H 5 38.35 4.50 10.17
CA LEU H 5 37.75 5.44 11.09
C LEU H 5 38.41 5.31 12.44
N HIS H 6 38.57 6.43 13.12
CA HIS H 6 39.10 6.34 14.48
C HIS H 6 38.56 7.50 15.31
N CYS H 7 38.12 7.21 16.51
CA CYS H 7 37.65 8.24 17.43
C CYS H 7 38.44 8.17 18.72
N LEU H 8 38.75 9.33 19.27
CA LEU H 8 39.69 9.41 20.37
C LEU H 8 39.42 10.63 21.21
N SER H 9 39.31 10.45 22.53
CA SER H 9 39.18 11.58 23.42
C SER H 9 40.44 12.42 23.39
N HIS H 10 40.28 13.73 23.55
CA HIS H 10 41.41 14.63 23.56
C HIS H 10 41.67 15.08 24.99
N SER H 11 42.93 15.13 25.37
CA SER H 11 43.31 15.49 26.73
C SER H 11 43.99 16.84 26.75
N PRO H 12 43.27 17.92 27.03
CA PRO H 12 43.96 19.20 27.26
C PRO H 12 44.92 19.12 28.41
N LEU H 13 44.61 18.31 29.41
CA LEU H 13 45.48 18.10 30.55
C LEU H 13 46.45 16.97 30.21
N VAL H 14 47.53 17.35 29.54
CA VAL H 14 48.66 16.45 29.32
C VAL H 14 49.88 17.14 29.89
N GLY H 15 50.44 16.56 30.95
CA GLY H 15 51.58 17.15 31.63
C GLY H 15 51.24 18.18 32.67
N TYR H 16 49.96 18.48 32.90
CA TYR H 16 49.57 19.43 33.93
C TYR H 16 49.14 18.71 35.20
N VAL H 17 48.12 17.87 35.10
CA VAL H 17 47.70 16.98 36.19
C VAL H 17 47.71 15.57 35.66
N ASP H 18 48.38 14.67 36.37
CA ASP H 18 48.61 13.37 35.78
C ASP H 18 48.22 12.24 36.72
N PRO H 19 47.75 11.14 36.18
CA PRO H 19 47.42 9.99 37.02
C PRO H 19 48.63 9.14 37.32
N ALA H 20 48.40 7.97 37.92
CA ALA H 20 49.50 7.03 38.13
C ALA H 20 50.18 6.73 36.80
N GLN H 21 51.50 6.77 36.82
CA GLN H 21 52.27 6.75 35.58
C GLN H 21 52.01 5.48 34.77
N GLU H 22 51.67 4.38 35.44
CA GLU H 22 51.35 3.16 34.71
C GLU H 22 50.14 3.36 33.81
N VAL H 23 49.11 4.03 34.30
CA VAL H 23 47.94 4.31 33.48
C VAL H 23 48.36 5.15 32.27
N LEU H 24 49.23 6.13 32.49
CA LEU H 24 49.72 6.95 31.40
C LEU H 24 50.39 6.08 30.35
N ASP H 25 51.20 5.12 30.79
CA ASP H 25 51.86 4.22 29.85
C ASP H 25 50.85 3.43 29.06
N GLU H 26 49.81 2.92 29.72
CA GLU H 26 48.80 2.15 29.00
C GLU H 26 48.12 3.00 27.95
N VAL H 27 47.78 4.25 28.30
CA VAL H 27 47.15 5.15 27.36
C VAL H 27 48.04 5.36 26.15
N ASN H 28 49.32 5.67 26.41
CA ASN H 28 50.23 5.93 25.31
C ASN H 28 50.40 4.71 24.44
N GLY H 29 50.37 3.52 25.04
CA GLY H 29 50.46 2.31 24.25
C GLY H 29 49.28 2.16 23.32
N VAL H 30 48.07 2.45 23.83
CA VAL H 30 46.89 2.38 22.98
C VAL H 30 47.01 3.36 21.82
N ILE H 31 47.44 4.58 22.12
CA ILE H 31 47.59 5.58 21.08
C ILE H 31 48.57 5.11 20.03
N ALA H 32 49.71 4.58 20.46
CA ALA H 32 50.72 4.13 19.52
C ALA H 32 50.20 3.00 18.64
N SER H 33 49.45 2.07 19.23
CA SER H 33 48.92 0.97 18.45
C SER H 33 47.97 1.48 17.38
N ALA H 34 47.09 2.41 17.74
CA ALA H 34 46.20 2.98 16.75
C ALA H 34 46.99 3.69 15.66
N ARG H 35 48.02 4.42 16.05
CA ARG H 35 48.84 5.14 15.08
C ARG H 35 49.46 4.17 14.09
N GLU H 36 49.96 3.05 14.58
CA GLU H 36 50.56 2.06 13.69
C GLU H 36 49.53 1.48 12.75
N ARG H 37 48.32 1.19 13.25
CA ARG H 37 47.29 0.68 12.37
C ARG H 37 47.00 1.67 11.25
N ILE H 38 46.89 2.96 11.59
CA ILE H 38 46.63 3.96 10.56
C ILE H 38 47.77 4.01 9.56
N ALA H 39 49.00 4.07 10.06
CA ALA H 39 50.14 4.11 9.16
C ALA H 39 50.13 2.93 8.21
N ALA H 40 49.68 1.78 8.69
CA ALA H 40 49.50 0.64 7.80
C ALA H 40 48.43 0.95 6.75
N PHE H 41 47.36 1.62 7.16
CA PHE H 41 46.31 1.94 6.20
C PHE H 41 46.79 2.92 5.13
N SER H 42 47.67 3.85 5.49
CA SER H 42 48.25 4.82 4.57
C SER H 42 47.18 5.68 3.91
N PRO H 43 46.57 6.61 4.64
CA PRO H 43 45.48 7.38 4.08
C PRO H 43 45.96 8.44 3.12
N GLU H 44 45.03 8.92 2.29
CA GLU H 44 45.29 10.01 1.36
C GLU H 44 44.54 11.29 1.73
N LEU H 45 43.43 11.17 2.42
CA LEU H 45 42.61 12.32 2.77
C LEU H 45 42.08 12.13 4.18
N VAL H 46 42.05 13.21 4.95
CA VAL H 46 41.66 13.16 6.35
C VAL H 46 40.47 14.08 6.54
N VAL H 47 39.38 13.54 7.05
CA VAL H 47 38.20 14.31 7.42
C VAL H 47 38.16 14.37 8.93
N LEU H 48 38.11 15.56 9.48
CA LEU H 48 38.33 15.77 10.91
C LEU H 48 37.15 16.53 11.50
N PHE H 49 36.38 15.88 12.35
CA PHE H 49 35.33 16.53 13.11
C PHE H 49 35.88 16.89 14.48
N ALA H 50 35.58 18.09 14.96
CA ALA H 50 36.11 18.49 16.25
C ALA H 50 35.28 19.63 16.79
N PRO H 51 35.23 19.81 18.11
CA PRO H 51 34.57 20.96 18.70
C PRO H 51 35.57 22.08 18.98
N ASP H 52 35.03 23.21 19.42
CA ASP H 52 35.84 24.36 19.80
C ASP H 52 35.61 24.68 21.27
N HIS H 53 36.43 25.59 21.79
CA HIS H 53 36.33 26.02 23.18
C HIS H 53 36.42 27.53 23.28
N TYR H 54 35.62 28.25 22.51
CA TYR H 54 35.64 29.71 22.48
C TYR H 54 36.99 30.25 22.04
N ASN H 55 37.37 29.93 20.82
CA ASN H 55 38.64 30.39 20.30
C ASN H 55 38.53 31.06 18.94
N GLY H 56 37.66 30.57 18.06
CA GLY H 56 37.43 31.25 16.80
C GLY H 56 35.99 31.63 16.54
N PHE H 57 35.06 30.86 17.10
CA PHE H 57 33.64 31.09 16.93
C PHE H 57 33.11 31.73 18.18
N PHE H 58 32.40 32.84 18.02
CA PHE H 58 31.92 33.56 19.18
C PHE H 58 30.53 34.07 18.86
N TYR H 59 29.87 34.58 19.89
CA TYR H 59 28.46 34.87 19.71
C TYR H 59 28.18 35.97 18.70
N ASP H 60 29.19 36.51 18.04
CA ASP H 60 28.90 37.36 16.88
C ASP H 60 28.18 36.56 15.82
N VAL H 61 28.67 35.35 15.53
CA VAL H 61 27.94 34.36 14.73
C VAL H 61 28.31 32.99 15.26
N MET H 62 27.32 32.16 15.57
CA MET H 62 27.56 30.81 16.06
C MET H 62 26.75 29.81 15.24
N PRO H 63 27.36 29.15 14.27
CA PRO H 63 26.64 28.22 13.46
C PRO H 63 26.64 26.84 14.10
N PRO H 64 25.70 25.98 13.73
CA PRO H 64 25.75 24.61 14.24
C PRO H 64 26.85 23.79 13.61
N PHE H 65 27.05 23.90 12.31
CA PHE H 65 28.17 23.25 11.64
C PHE H 65 28.92 24.27 10.81
N CYS H 66 30.23 24.12 10.74
CA CYS H 66 31.00 24.99 9.88
C CYS H 66 32.07 24.15 9.21
N LEU H 67 32.50 24.56 8.03
CA LEU H 67 33.52 23.85 7.28
C LEU H 67 34.65 24.81 6.97
N GLY H 68 35.87 24.41 7.31
CA GLY H 68 36.95 25.35 7.17
C GLY H 68 37.71 25.24 5.87
N VAL H 69 37.42 26.12 4.92
CA VAL H 69 38.23 26.14 3.70
C VAL H 69 39.64 26.59 4.02
N GLY H 70 39.79 27.50 4.96
CA GLY H 70 41.12 27.86 5.42
C GLY H 70 41.18 27.80 6.92
N ALA H 71 42.21 27.17 7.47
CA ALA H 71 42.28 26.96 8.90
C ALA H 71 43.68 27.25 9.41
N THR H 72 43.75 27.55 10.70
CA THR H 72 45.02 27.85 11.35
C THR H 72 44.92 27.49 12.81
N ALA H 73 45.86 26.68 13.29
CA ALA H 73 45.92 26.33 14.70
C ALA H 73 46.70 27.40 15.45
N ILE H 74 46.10 27.86 16.56
CA ILE H 74 46.67 28.96 17.32
C ILE H 74 47.61 28.50 18.43
N GLY H 75 47.83 27.19 18.56
CA GLY H 75 48.78 26.69 19.54
C GLY H 75 48.41 26.90 20.99
N ASP H 76 47.17 26.64 21.36
CA ASP H 76 46.77 26.71 22.75
C ASP H 76 47.30 25.52 23.54
N PHE H 77 47.46 25.72 24.84
CA PHE H 77 47.91 24.66 25.75
C PHE H 77 49.23 24.05 25.32
N GLY H 78 50.05 24.82 24.60
CA GLY H 78 51.28 24.28 24.09
C GLY H 78 51.14 23.35 22.91
N SER H 79 49.94 23.21 22.35
CA SER H 79 49.77 22.40 21.17
C SER H 79 50.43 23.09 19.97
N ALA H 80 50.49 22.35 18.87
CA ALA H 80 51.14 22.89 17.66
C ALA H 80 50.37 24.08 17.12
N ALA H 81 51.07 24.94 16.40
CA ALA H 81 50.47 26.10 15.78
C ALA H 81 50.93 26.20 14.34
N GLY H 82 50.10 26.79 13.50
CA GLY H 82 50.45 26.98 12.11
C GLY H 82 49.28 26.63 11.22
N GLU H 83 49.53 26.67 9.92
CA GLU H 83 48.46 26.44 8.96
C GLU H 83 48.25 24.96 8.73
N LEU H 84 47.18 24.66 8.00
CA LEU H 84 46.81 23.29 7.72
C LEU H 84 46.67 23.08 6.23
N PRO H 85 47.10 21.95 5.72
CA PRO H 85 47.07 21.69 4.27
C PRO H 85 45.69 21.33 3.76
N VAL H 86 44.89 22.34 3.45
CA VAL H 86 43.51 22.15 3.03
C VAL H 86 43.46 22.20 1.50
N PRO H 87 42.92 21.19 0.84
CA PRO H 87 42.79 21.24 -0.61
C PRO H 87 41.63 22.12 -1.07
N VAL H 88 41.91 23.42 -1.25
CA VAL H 88 40.88 24.43 -1.39
C VAL H 88 39.76 23.99 -2.32
N GLU H 89 40.12 23.63 -3.55
CA GLU H 89 39.11 23.34 -4.55
C GLU H 89 38.27 22.15 -4.14
N LEU H 90 38.91 21.11 -3.62
CA LEU H 90 38.16 19.97 -3.12
C LEU H 90 37.22 20.39 -2.02
N ALA H 91 37.68 21.28 -1.14
CA ALA H 91 36.83 21.73 -0.05
C ALA H 91 35.59 22.44 -0.57
N GLU H 92 35.77 23.32 -1.55
CA GLU H 92 34.63 24.05 -2.09
C GLU H 92 33.64 23.10 -2.75
N ALA H 93 34.15 22.13 -3.49
CA ALA H 93 33.25 21.15 -4.09
C ALA H 93 32.48 20.40 -3.01
N CYS H 94 33.16 20.03 -1.93
CA CYS H 94 32.48 19.33 -0.85
C CYS H 94 31.38 20.17 -0.25
N ALA H 95 31.67 21.45 0.00
CA ALA H 95 30.66 22.32 0.58
C ALA H 95 29.45 22.41 -0.33
N HIS H 96 29.69 22.61 -1.62
CA HIS H 96 28.59 22.72 -2.56
C HIS H 96 27.74 21.47 -2.54
N ALA H 97 28.38 20.30 -2.62
CA ALA H 97 27.61 19.06 -2.67
C ALA H 97 26.83 18.85 -1.39
N VAL H 98 27.45 19.10 -0.24
CA VAL H 98 26.77 18.89 1.02
C VAL H 98 25.55 19.78 1.11
N MET H 99 25.71 21.06 0.83
CA MET H 99 24.58 21.96 0.96
C MET H 99 23.48 21.60 -0.01
N LYS H 100 23.84 21.18 -1.22
CA LYS H 100 22.84 20.70 -2.15
C LYS H 100 22.09 19.50 -1.61
N SER H 101 22.78 18.64 -0.86
CA SER H 101 22.13 17.45 -0.36
C SER H 101 21.06 17.73 0.67
N GLY H 102 20.98 18.94 1.18
CA GLY H 102 19.96 19.32 2.14
C GLY H 102 20.44 19.58 3.53
N ILE H 103 21.68 19.99 3.72
CA ILE H 103 22.23 20.32 5.03
C ILE H 103 22.63 21.79 4.98
N ASP H 104 22.39 22.49 6.08
CA ASP H 104 22.58 23.93 6.09
C ASP H 104 23.91 24.24 6.75
N LEU H 105 24.95 24.40 5.94
CA LEU H 105 26.32 24.33 6.43
C LEU H 105 27.02 25.65 6.18
N ALA H 106 27.49 26.29 7.25
CA ALA H 106 28.26 27.51 7.09
C ALA H 106 29.64 27.19 6.56
N VAL H 107 30.30 28.20 5.99
CA VAL H 107 31.66 28.05 5.52
C VAL H 107 32.49 29.20 6.03
N SER H 108 33.79 29.01 6.05
CA SER H 108 34.70 30.02 6.57
C SER H 108 36.02 29.89 5.83
N TYR H 109 36.66 31.03 5.56
CA TYR H 109 37.92 31.01 4.85
C TYR H 109 39.12 31.29 5.72
N CYS H 110 38.91 31.72 6.95
CA CYS H 110 40.00 31.89 7.91
C CYS H 110 39.50 31.44 9.27
N MET H 111 39.69 30.16 9.57
CA MET H 111 39.18 29.56 10.79
C MET H 111 40.31 29.46 11.79
N GLN H 112 40.02 29.78 13.04
CA GLN H 112 40.97 29.63 14.13
C GLN H 112 40.62 28.37 14.91
N VAL H 113 41.60 27.49 15.08
CA VAL H 113 41.35 26.24 15.77
C VAL H 113 42.36 26.10 16.90
N ASP H 114 42.02 25.25 17.85
CA ASP H 114 42.76 25.07 19.08
C ASP H 114 43.17 23.61 19.22
N HIS H 115 43.66 23.26 20.40
CA HIS H 115 44.14 21.91 20.67
C HIS H 115 43.14 20.85 20.22
N GLY H 116 41.85 21.16 20.28
CA GLY H 116 40.85 20.20 19.86
C GLY H 116 41.05 19.74 18.43
N PHE H 117 41.66 20.57 17.59
CA PHE H 117 42.03 20.16 16.26
C PHE H 117 43.48 19.72 16.17
N ALA H 118 44.33 20.12 17.10
CA ALA H 118 45.75 19.85 16.97
C ALA H 118 46.10 18.46 17.48
N GLN H 119 45.72 18.15 18.72
CA GLN H 119 46.21 16.92 19.34
C GLN H 119 45.95 15.67 18.50
N PRO H 120 44.76 15.44 17.96
CA PRO H 120 44.60 14.22 17.16
C PRO H 120 45.57 14.14 16.00
N LEU H 121 45.81 15.25 15.31
CA LEU H 121 46.72 15.22 14.17
C LEU H 121 48.13 14.88 14.61
N GLU H 122 48.60 15.53 15.67
CA GLU H 122 49.94 15.24 16.15
C GLU H 122 50.07 13.80 16.60
N PHE H 123 49.08 13.32 17.35
CA PHE H 123 49.20 11.99 17.96
C PHE H 123 49.03 10.88 16.96
N LEU H 124 48.26 11.11 15.89
CA LEU H 124 47.94 10.03 14.98
C LEU H 124 48.70 10.10 13.67
N LEU H 125 49.26 11.26 13.32
CA LEU H 125 49.99 11.41 12.09
C LEU H 125 51.35 12.07 12.27
N GLY H 126 51.67 12.52 13.48
CA GLY H 126 52.98 13.08 13.71
C GLY H 126 53.21 14.44 13.11
N GLY H 127 52.16 15.23 12.91
CA GLY H 127 52.34 16.57 12.42
C GLY H 127 51.10 17.10 11.77
N LEU H 128 51.07 18.41 11.58
CA LEU H 128 49.90 19.04 10.98
C LEU H 128 49.86 18.85 9.47
N ASP H 129 51.02 18.85 8.82
CA ASP H 129 51.09 19.00 7.37
C ASP H 129 51.32 17.69 6.64
N LYS H 130 51.01 16.57 7.27
CA LYS H 130 51.33 15.30 6.65
C LYS H 130 50.38 14.97 5.51
N VAL H 131 49.09 15.20 5.71
CA VAL H 131 48.05 14.75 4.78
C VAL H 131 47.08 15.89 4.54
N PRO H 132 46.43 15.98 3.38
CA PRO H 132 45.36 16.97 3.22
C PRO H 132 44.23 16.73 4.22
N VAL H 133 43.62 17.83 4.67
CA VAL H 133 42.66 17.82 5.76
C VAL H 133 41.40 18.54 5.33
N LEU H 134 40.27 18.15 5.91
CA LEU H 134 38.98 18.84 5.75
C LEU H 134 38.42 19.14 7.12
N PRO H 135 38.81 20.23 7.75
CA PRO H 135 38.34 20.50 9.11
C PRO H 135 36.87 20.86 9.11
N VAL H 136 36.11 20.20 9.98
CA VAL H 136 34.69 20.44 10.13
C VAL H 136 34.39 20.68 11.60
N PHE H 137 33.86 21.84 11.92
CA PHE H 137 33.57 22.20 13.30
C PHE H 137 32.11 21.94 13.60
N ILE H 138 31.85 21.36 14.78
CA ILE H 138 30.51 21.09 15.25
C ILE H 138 30.32 21.78 16.58
N ASN H 139 29.27 22.58 16.70
CA ASN H 139 29.01 23.26 17.95
C ASN H 139 28.62 22.27 19.02
N GLY H 140 29.17 22.45 20.21
CA GLY H 140 28.84 21.56 21.30
C GLY H 140 28.79 22.23 22.65
N VAL H 141 28.82 23.55 22.68
CA VAL H 141 28.88 24.29 23.93
C VAL H 141 27.74 25.29 24.08
N ALA H 142 27.42 26.04 23.04
CA ALA H 142 26.50 27.15 23.14
C ALA H 142 25.11 26.74 22.67
N THR H 143 24.14 26.77 23.56
CA THR H 143 22.78 26.42 23.21
C THR H 143 22.17 27.48 22.30
N PRO H 144 21.26 27.10 21.41
CA PRO H 144 20.75 25.76 21.14
C PRO H 144 21.75 24.92 20.37
N LEU H 145 21.58 23.61 20.42
CA LEU H 145 22.56 22.70 19.86
C LEU H 145 21.91 21.80 18.83
N PRO H 146 22.64 21.38 17.82
CA PRO H 146 22.08 20.45 16.86
C PRO H 146 21.81 19.10 17.51
N GLY H 147 20.77 18.44 17.03
CA GLY H 147 20.40 17.15 17.59
C GLY H 147 21.17 16.02 16.96
N PHE H 148 20.96 14.83 17.50
CA PHE H 148 21.61 13.65 16.95
C PHE H 148 21.17 13.39 15.52
N GLN H 149 19.89 13.59 15.25
CA GLN H 149 19.35 13.31 13.93
C GLN H 149 20.10 14.09 12.86
N ARG H 150 20.21 15.40 13.04
CA ARG H 150 20.88 16.21 12.03
C ARG H 150 22.35 15.88 11.94
N THR H 151 22.99 15.57 13.05
CA THR H 151 24.39 15.22 12.99
C THR H 151 24.60 13.96 12.16
N ARG H 152 23.74 12.97 12.34
CA ARG H 152 23.83 11.79 11.51
C ARG H 152 23.63 12.14 10.05
N MET H 153 22.68 13.01 9.78
CA MET H 153 22.44 13.40 8.38
C MET H 153 23.68 14.03 7.78
N LEU H 154 24.33 14.91 8.52
CA LEU H 154 25.54 15.56 8.03
C LEU H 154 26.62 14.54 7.74
N GLY H 155 26.80 13.60 8.67
CA GLY H 155 27.79 12.57 8.45
C GLY H 155 27.54 11.81 7.18
N GLU H 156 26.28 11.41 6.96
CA GLU H 156 25.97 10.66 5.76
C GLU H 156 26.25 11.47 4.51
N ALA H 157 25.92 12.76 4.53
CA ALA H 157 26.16 13.57 3.35
C ALA H 157 27.64 13.60 3.02
N ILE H 158 28.48 13.89 4.00
CA ILE H 158 29.91 13.94 3.72
C ILE H 158 30.41 12.58 3.28
N GLY H 159 29.87 11.52 3.88
CA GLY H 159 30.31 10.20 3.50
C GLY H 159 30.03 9.89 2.04
N ARG H 160 28.79 10.14 1.61
CA ARG H 160 28.48 9.83 0.23
C ARG H 160 29.27 10.70 -0.71
N PHE H 161 29.55 11.94 -0.34
CA PHE H 161 30.35 12.76 -1.23
C PHE H 161 31.75 12.19 -1.37
N THR H 162 32.41 11.91 -0.26
CA THR H 162 33.78 11.45 -0.35
C THR H 162 33.89 10.06 -0.93
N SER H 163 32.82 9.28 -0.90
CA SER H 163 32.91 7.92 -1.41
C SER H 163 33.25 7.89 -2.88
N THR H 164 33.03 8.99 -3.60
CA THR H 164 33.28 9.03 -5.03
C THR H 164 34.56 9.73 -5.39
N LEU H 165 35.45 9.93 -4.44
CA LEU H 165 36.73 10.55 -4.77
C LEU H 165 37.77 9.54 -5.21
N ASN H 166 37.47 8.24 -5.10
CA ASN H 166 38.39 7.20 -5.50
C ASN H 166 39.72 7.33 -4.75
N LYS H 167 39.63 7.61 -3.45
CA LYS H 167 40.80 7.73 -2.60
C LYS H 167 40.64 6.83 -1.39
N ARG H 168 41.67 6.79 -0.56
CA ARG H 168 41.63 6.09 0.71
C ARG H 168 41.44 7.13 1.80
N VAL H 169 40.35 7.02 2.55
CA VAL H 169 39.87 8.09 3.40
C VAL H 169 39.95 7.67 4.86
N LEU H 170 40.36 8.61 5.70
CA LEU H 170 40.45 8.41 7.14
C LEU H 170 39.55 9.42 7.82
N PHE H 171 38.64 8.93 8.66
CA PHE H 171 37.74 9.78 9.42
C PHE H 171 38.20 9.84 10.86
N LEU H 172 38.17 11.03 11.44
CA LEU H 172 38.60 11.22 12.82
C LEU H 172 37.49 11.83 13.64
N GLY H 173 37.33 11.35 14.85
CA GLY H 173 36.44 11.99 15.80
C GLY H 173 37.22 12.40 17.03
N SER H 174 37.12 13.65 17.44
CA SER H 174 38.02 14.16 18.47
C SER H 174 37.30 14.64 19.71
N GLY H 175 36.09 14.13 19.96
CA GLY H 175 35.35 14.55 21.13
C GLY H 175 35.54 13.59 22.29
N GLY H 176 35.84 14.13 23.46
CA GLY H 176 35.97 13.32 24.63
C GLY H 176 34.63 12.78 25.08
N LEU H 177 34.67 11.82 26.00
CA LEU H 177 33.46 11.25 26.55
C LEU H 177 32.96 12.13 27.69
N SER H 178 32.02 11.61 28.47
CA SER H 178 31.40 12.38 29.52
C SER H 178 32.44 12.97 30.46
N HIS H 179 32.31 14.26 30.71
CA HIS H 179 33.22 15.00 31.57
C HIS H 179 32.65 16.40 31.76
N GLN H 180 33.36 17.23 32.50
CA GLN H 180 32.93 18.61 32.64
C GLN H 180 34.08 19.53 33.02
N PRO H 181 34.64 20.26 32.06
CA PRO H 181 35.56 21.34 32.40
C PRO H 181 34.80 22.56 32.85
N PRO H 182 35.47 23.52 33.52
CA PRO H 182 34.78 24.76 33.95
C PRO H 182 34.56 25.76 32.83
N VAL H 183 33.50 25.54 32.06
CA VAL H 183 33.17 26.38 30.90
C VAL H 183 32.28 27.53 31.32
N PRO H 184 32.59 28.76 30.93
CA PRO H 184 31.70 29.88 31.25
C PRO H 184 30.36 29.77 30.54
N GLU H 185 29.35 30.38 31.17
CA GLU H 185 27.99 30.36 30.65
C GLU H 185 27.56 31.79 30.31
N LEU H 186 27.01 31.97 29.11
CA LEU H 186 26.59 33.30 28.68
C LEU H 186 25.44 33.83 29.52
N ALA H 187 24.53 32.94 29.93
CA ALA H 187 23.36 33.37 30.70
C ALA H 187 23.77 34.03 32.00
N LYS H 188 24.74 33.45 32.71
CA LYS H 188 25.24 34.01 33.95
C LYS H 188 26.52 34.81 33.75
N ALA H 189 26.94 35.02 32.52
CA ALA H 189 28.15 35.78 32.26
C ALA H 189 27.97 37.24 32.67
N ASP H 190 29.04 37.84 33.18
CA ASP H 190 29.04 39.25 33.52
C ASP H 190 29.24 40.05 32.23
N ALA H 191 29.42 41.37 32.37
CA ALA H 191 29.62 42.21 31.19
C ALA H 191 30.90 41.83 30.44
N HIS H 192 32.01 41.67 31.16
CA HIS H 192 33.26 41.33 30.50
C HIS H 192 33.23 39.93 29.90
N MET H 193 32.66 38.97 30.64
CA MET H 193 32.60 37.61 30.11
C MET H 193 31.69 37.56 28.89
N ARG H 194 30.58 38.30 28.93
CA ARG H 194 29.70 38.40 27.77
C ARG H 194 30.42 39.01 26.58
N ASP H 195 31.19 40.07 26.83
CA ASP H 195 31.94 40.69 25.74
C ASP H 195 32.94 39.71 25.14
N ARG H 196 33.61 38.92 25.99
CA ARG H 196 34.54 37.92 25.49
C ARG H 196 33.82 36.88 24.63
N LEU H 197 32.63 36.46 25.07
CA LEU H 197 31.88 35.48 24.30
C LEU H 197 31.35 36.06 22.99
N LEU H 198 31.10 37.37 22.94
CA LEU H 198 30.46 37.96 21.78
C LEU H 198 31.37 38.02 20.56
N GLY H 199 32.67 37.85 20.73
CA GLY H 199 33.56 37.97 19.58
C GLY H 199 34.93 38.55 19.89
N SER H 200 35.10 39.12 21.08
CA SER H 200 36.40 39.62 21.47
C SER H 200 37.32 38.53 22.00
N GLY H 201 36.84 37.29 22.05
CA GLY H 201 37.64 36.16 22.49
C GLY H 201 38.62 35.61 21.47
N LYS H 202 38.62 36.14 20.25
CA LYS H 202 39.64 35.74 19.28
C LYS H 202 41.01 36.23 19.69
N ASP H 203 41.07 37.37 20.38
CA ASP H 203 42.35 38.00 20.71
C ASP H 203 42.57 38.01 22.22
N LEU H 204 42.30 36.88 22.87
CA LEU H 204 42.54 36.76 24.30
C LEU H 204 44.03 36.94 24.58
N PRO H 205 44.41 37.78 25.53
CA PRO H 205 45.82 37.90 25.91
C PRO H 205 46.31 36.61 26.55
N ALA H 206 47.62 36.41 26.50
CA ALA H 206 48.22 35.21 27.09
C ALA H 206 47.90 35.10 28.57
N SER H 207 47.73 36.24 29.25
CA SER H 207 47.33 36.21 30.65
C SER H 207 45.97 35.56 30.82
N GLU H 208 45.01 35.93 29.97
CA GLU H 208 43.67 35.34 30.07
C GLU H 208 43.70 33.86 29.74
N ARG H 209 44.48 33.47 28.73
CA ARG H 209 44.59 32.06 28.39
C ARG H 209 45.19 31.27 29.55
N GLU H 210 46.21 31.81 30.20
CA GLU H 210 46.80 31.14 31.35
C GLU H 210 45.81 31.06 32.50
N LEU H 211 45.02 32.13 32.71
CA LEU H 211 44.00 32.10 33.75
C LEU H 211 42.97 31.01 33.48
N ARG H 212 42.53 30.89 32.23
CA ARG H 212 41.57 29.86 31.89
C ARG H 212 42.16 28.47 32.06
N GLN H 213 43.43 28.30 31.69
CA GLN H 213 44.10 27.03 31.91
C GLN H 213 44.16 26.69 33.39
N GLN H 214 44.47 27.69 34.23
CA GLN H 214 44.51 27.45 35.67
C GLN H 214 43.13 27.12 36.21
N ARG H 215 42.09 27.76 35.69
CA ARG H 215 40.73 27.42 36.08
C ARG H 215 40.44 25.95 35.77
N VAL H 216 40.82 25.51 34.56
CA VAL H 216 40.57 24.14 34.18
C VAL H 216 41.34 23.18 35.08
N ILE H 217 42.61 23.49 35.37
CA ILE H 217 43.43 22.61 36.19
C ILE H 217 42.86 22.52 37.61
N SER H 218 42.49 23.66 38.18
CA SER H 218 41.96 23.67 39.54
C SER H 218 40.63 22.92 39.62
N ALA H 219 39.75 23.13 38.63
CA ALA H 219 38.49 22.41 38.63
C ALA H 219 38.72 20.92 38.46
N ALA H 220 39.71 20.53 37.65
CA ALA H 220 40.04 19.12 37.50
C ALA H 220 40.50 18.52 38.82
N GLU H 221 41.36 19.23 39.55
CA GLU H 221 41.84 18.73 40.84
C GLU H 221 40.69 18.62 41.84
N LYS H 222 39.79 19.61 41.84
CA LYS H 222 38.60 19.52 42.69
C LYS H 222 37.75 18.31 42.32
N PHE H 223 37.60 18.05 41.02
CA PHE H 223 36.84 16.88 40.59
C PHE H 223 37.52 15.59 41.02
N VAL H 224 38.86 15.59 41.06
CA VAL H 224 39.59 14.49 41.65
C VAL H 224 39.19 14.31 43.10
N GLU H 225 39.09 15.43 43.82
CA GLU H 225 38.69 15.36 45.24
C GLU H 225 37.30 14.75 45.40
N ASP H 226 36.36 15.16 44.54
CA ASP H 226 35.01 14.62 44.61
C ASP H 226 34.35 14.76 43.24
N GLN H 227 33.61 13.73 42.85
CA GLN H 227 32.87 13.77 41.59
C GLN H 227 31.54 14.48 41.71
N ARG H 228 31.11 14.87 42.91
CA ARG H 228 29.85 15.56 43.08
C ARG H 228 29.98 17.08 43.06
N THR H 229 31.20 17.60 43.18
CA THR H 229 31.40 19.03 42.99
C THR H 229 30.90 19.47 41.63
N LEU H 230 31.04 18.60 40.63
CA LEU H 230 30.45 18.76 39.32
C LEU H 230 29.66 17.50 39.02
N HIS H 231 29.26 17.29 37.79
CA HIS H 231 28.53 16.06 37.48
C HIS H 231 29.46 14.86 37.54
N PRO H 232 29.19 13.87 38.38
CA PRO H 232 30.04 12.69 38.42
C PRO H 232 29.98 11.93 37.10
N LEU H 233 31.07 11.25 36.79
CA LEU H 233 31.15 10.51 35.55
C LEU H 233 30.12 9.38 35.54
N ASN H 234 29.70 9.00 34.34
CA ASN H 234 28.67 7.98 34.15
C ASN H 234 29.27 6.89 33.28
N PRO H 235 30.01 5.96 33.88
CA PRO H 235 30.57 4.85 33.09
C PRO H 235 29.51 4.06 32.39
N ILE H 236 28.35 3.91 33.02
CA ILE H 236 27.27 3.13 32.44
C ILE H 236 26.88 3.71 31.10
N TRP H 237 26.67 5.02 31.05
CA TRP H 237 26.22 5.60 29.81
C TRP H 237 27.33 5.59 28.77
N ASP H 238 28.57 5.74 29.19
CA ASP H 238 29.67 5.68 28.22
C ASP H 238 29.70 4.33 27.54
N ASN H 239 29.64 3.25 28.32
CA ASN H 239 29.67 1.93 27.73
C ASN H 239 28.44 1.71 26.86
N GLN H 240 27.29 2.19 27.33
CA GLN H 240 26.09 2.16 26.51
C GLN H 240 26.35 2.77 25.14
N PHE H 241 26.93 3.96 25.13
CA PHE H 241 27.10 4.70 23.90
C PHE H 241 28.04 3.98 22.96
N MET H 242 29.20 3.57 23.47
CA MET H 242 30.15 2.90 22.60
C MET H 242 29.58 1.60 22.06
N THR H 243 28.89 0.84 22.90
CA THR H 243 28.32 -0.41 22.43
C THR H 243 27.28 -0.17 21.36
N LEU H 244 26.47 0.88 21.52
CA LEU H 244 25.52 1.21 20.48
C LEU H 244 26.21 1.52 19.18
N LEU H 245 27.32 2.25 19.25
CA LEU H 245 28.06 2.55 18.03
C LEU H 245 28.60 1.29 17.38
N GLU H 246 29.18 0.40 18.18
CA GLU H 246 29.82 -0.78 17.64
C GLU H 246 28.84 -1.64 16.87
N GLN H 247 27.65 -1.83 17.40
CA GLN H 247 26.67 -2.68 16.75
C GLN H 247 26.04 -2.02 15.55
N GLY H 248 26.46 -0.81 15.19
CA GLY H 248 25.85 -0.14 14.06
C GLY H 248 24.39 0.18 14.27
N ARG H 249 24.05 0.70 15.44
CA ARG H 249 22.65 1.01 15.74
C ARG H 249 22.46 2.47 16.08
N ILE H 250 23.09 3.37 15.31
CA ILE H 250 22.99 4.78 15.61
C ILE H 250 21.59 5.33 15.44
N GLN H 251 20.75 4.63 14.69
CA GLN H 251 19.36 5.07 14.53
C GLN H 251 18.70 5.28 15.87
N GLU H 252 18.97 4.41 16.83
CA GLU H 252 18.32 4.50 18.11
C GLU H 252 18.77 5.70 18.91
N LEU H 253 19.80 6.41 18.47
CA LEU H 253 20.19 7.59 19.20
C LEU H 253 19.30 8.78 18.90
N ASP H 254 18.48 8.70 17.86
CA ASP H 254 17.61 9.82 17.54
C ASP H 254 16.63 10.10 18.65
N ALA H 255 16.27 9.09 19.42
CA ALA H 255 15.26 9.26 20.45
C ALA H 255 15.75 10.12 21.61
N VAL H 256 17.03 10.42 21.69
CA VAL H 256 17.56 11.15 22.83
C VAL H 256 17.55 12.63 22.54
N SER H 257 17.00 13.42 23.45
CA SER H 257 17.01 14.86 23.32
C SER H 257 18.31 15.41 23.88
N ASN H 258 18.63 16.64 23.47
CA ASN H 258 19.88 17.24 23.88
C ASN H 258 19.97 17.35 25.40
N GLU H 259 18.90 17.81 26.03
CA GLU H 259 18.95 18.00 27.47
C GLU H 259 18.58 16.74 28.22
N GLU H 260 18.01 15.75 27.53
CA GLU H 260 18.10 14.40 28.08
C GLU H 260 19.54 14.03 28.36
N LEU H 261 20.39 14.17 27.35
CA LEU H 261 21.79 13.83 27.49
C LEU H 261 22.45 14.75 28.50
N SER H 262 22.07 16.02 28.51
CA SER H 262 22.65 16.93 29.47
C SER H 262 22.34 16.50 30.89
N ALA H 263 21.10 16.08 31.14
CA ALA H 263 20.73 15.65 32.47
C ALA H 263 21.43 14.37 32.85
N ILE H 264 21.49 13.40 31.95
CA ILE H 264 22.07 12.11 32.29
C ILE H 264 23.57 12.24 32.54
N ALA H 265 24.28 12.89 31.64
CA ALA H 265 25.74 12.83 31.66
C ALA H 265 26.43 14.16 31.88
N GLY H 266 25.71 15.25 31.93
CA GLY H 266 26.39 16.52 32.09
C GLY H 266 26.54 17.24 30.77
N LYS H 267 26.49 18.57 30.82
CA LYS H 267 26.35 19.34 29.61
C LYS H 267 27.56 19.26 28.70
N SER H 268 28.74 18.97 29.23
CA SER H 268 29.90 18.91 28.36
C SER H 268 29.91 17.69 27.47
N THR H 269 29.01 16.75 27.69
CA THR H 269 29.01 15.52 26.94
C THR H 269 28.74 15.73 25.46
N HIS H 270 28.18 16.87 25.09
CA HIS H 270 27.73 17.05 23.72
C HIS H 270 28.86 16.92 22.72
N GLU H 271 30.10 17.03 23.19
CA GLU H 271 31.22 16.81 22.30
C GLU H 271 31.10 15.50 21.54
N ILE H 272 30.60 14.45 22.19
CA ILE H 272 30.55 13.15 21.53
C ILE H 272 29.76 13.18 20.25
N LYS H 273 29.04 14.24 19.96
CA LYS H 273 28.34 14.27 18.68
C LYS H 273 29.31 14.09 17.54
N THR H 274 30.55 14.57 17.66
CA THR H 274 31.52 14.34 16.63
C THR H 274 31.60 12.86 16.28
N TRP H 275 31.73 12.02 17.30
CA TRP H 275 31.81 10.58 17.05
C TRP H 275 30.68 10.14 16.16
N VAL H 276 29.45 10.54 16.49
CA VAL H 276 28.32 10.10 15.71
C VAL H 276 28.53 10.43 14.26
N ALA H 277 28.89 11.68 13.98
CA ALA H 277 29.11 12.07 12.60
C ALA H 277 30.08 11.12 11.94
N ALA H 278 31.23 10.89 12.56
CA ALA H 278 32.22 10.03 11.97
C ALA H 278 31.61 8.70 11.58
N PHE H 279 30.92 8.06 12.50
CA PHE H 279 30.42 6.73 12.19
C PHE H 279 29.43 6.79 11.05
N ALA H 280 28.56 7.78 11.07
CA ALA H 280 27.60 7.90 9.97
C ALA H 280 28.33 7.93 8.64
N ALA H 281 29.41 8.70 8.57
CA ALA H 281 30.15 8.82 7.33
C ALA H 281 30.59 7.45 6.84
N ILE H 282 31.18 6.64 7.72
CA ILE H 282 31.73 5.40 7.23
C ILE H 282 30.63 4.48 6.75
N SER H 283 29.42 4.64 7.26
CA SER H 283 28.36 3.75 6.82
C SER H 283 28.04 3.94 5.35
N ALA H 284 28.52 5.01 4.73
CA ALA H 284 28.30 5.23 3.32
C ALA H 284 29.27 4.47 2.45
N PHE H 285 30.21 3.75 3.02
CA PHE H 285 31.21 3.03 2.25
C PHE H 285 30.94 1.54 2.18
N GLY H 286 29.73 1.11 2.45
CA GLY H 286 29.45 -0.31 2.51
C GLY H 286 29.70 -0.85 3.90
N ASN H 287 29.72 -2.18 3.98
CA ASN H 287 29.84 -2.80 5.28
C ASN H 287 31.22 -2.56 5.89
N TRP H 288 31.31 -2.79 7.20
CA TRP H 288 32.51 -2.45 7.95
C TRP H 288 32.47 -3.20 9.26
N ARG H 289 33.52 -3.03 10.05
CA ARG H 289 33.53 -3.64 11.37
C ARG H 289 34.51 -2.89 12.26
N SER H 290 34.30 -3.02 13.55
CA SER H 290 35.02 -2.24 14.53
C SER H 290 36.17 -3.03 15.14
N GLU H 291 36.94 -2.35 15.97
CA GLU H 291 38.06 -2.96 16.67
C GLU H 291 38.70 -1.94 17.59
N GLY H 292 39.65 -2.43 18.38
CA GLY H 292 40.46 -1.56 19.22
C GLY H 292 39.70 -0.86 20.30
N ARG H 293 38.51 -1.35 20.64
CA ARG H 293 37.70 -0.67 21.64
C ARG H 293 38.45 -0.57 22.95
N TYR H 294 38.44 0.62 23.54
CA TYR H 294 39.11 0.79 24.82
C TYR H 294 38.46 1.92 25.59
N TYR H 295 38.36 1.75 26.91
CA TYR H 295 37.74 2.76 27.73
C TYR H 295 38.33 2.71 29.12
N ARG H 296 38.42 3.86 29.76
CA ARG H 296 38.83 3.89 31.14
C ARG H 296 38.48 5.22 31.78
N PRO H 297 37.76 5.21 32.89
CA PRO H 297 37.56 6.45 33.63
C PRO H 297 38.87 6.93 34.23
N ILE H 298 39.01 8.24 34.33
CA ILE H 298 40.20 8.84 34.92
C ILE H 298 39.76 9.91 35.89
N PRO H 299 39.96 9.74 37.19
CA PRO H 299 39.65 10.84 38.11
C PRO H 299 40.49 12.08 37.85
N GLU H 300 41.76 11.92 37.50
CA GLU H 300 42.67 13.06 37.45
C GLU H 300 42.29 14.02 36.34
N TRP H 301 42.09 13.51 35.15
CA TRP H 301 41.52 14.30 34.06
C TRP H 301 40.02 14.07 34.13
N ILE H 302 39.26 15.16 34.24
CA ILE H 302 37.80 15.04 34.40
C ILE H 302 37.21 14.06 33.41
N ALA H 303 37.85 13.87 32.26
CA ALA H 303 37.29 13.06 31.20
C ALA H 303 37.29 11.58 31.57
N GLY H 304 36.38 10.85 30.94
CA GLY H 304 36.45 9.41 30.90
C GLY H 304 37.06 9.00 29.58
N PHE H 305 38.33 8.64 29.59
CA PHE H 305 39.06 8.46 28.34
C PHE H 305 38.51 7.29 27.56
N GLY H 306 38.45 7.43 26.25
CA GLY H 306 37.95 6.37 25.40
C GLY H 306 38.59 6.42 24.03
N SER H 307 38.52 5.30 23.33
CA SER H 307 39.09 5.23 22.00
C SER H 307 38.47 4.06 21.25
N LEU H 308 38.35 4.22 19.95
CA LEU H 308 37.67 3.21 19.15
C LEU H 308 38.15 3.32 17.72
N SER H 309 38.10 2.22 16.99
CA SER H 309 38.48 2.29 15.59
C SER H 309 37.58 1.37 14.79
N ALA H 310 37.50 1.64 13.49
CA ALA H 310 36.70 0.80 12.62
C ALA H 310 37.30 0.83 11.24
N ARG H 311 36.93 -0.16 10.43
CA ARG H 311 37.56 -0.33 9.14
C ARG H 311 36.57 -0.98 8.20
N THR H 312 36.57 -0.54 6.95
CA THR H 312 35.71 -1.16 5.98
C THR H 312 36.28 -2.51 5.59
N GLU H 313 35.38 -3.47 5.36
CA GLU H 313 35.77 -4.76 4.80
C GLU H 313 35.42 -4.73 3.32
N ASN H 314 36.44 -4.54 2.50
CA ASN H 314 36.27 -4.28 1.07
C ASN H 314 35.34 -5.27 0.38
N MET I 1 23.60 -13.50 -24.71
CA MET I 1 23.82 -12.17 -25.25
C MET I 1 25.15 -11.58 -24.76
N HIS I 2 25.79 -10.79 -25.62
CA HIS I 2 27.12 -10.29 -25.35
C HIS I 2 27.22 -8.86 -25.82
N ALA I 3 27.93 -8.04 -25.06
CA ALA I 3 28.02 -6.63 -25.38
C ALA I 3 29.31 -6.06 -24.84
N TYR I 4 29.89 -5.16 -25.61
CA TYR I 4 31.11 -4.48 -25.23
C TYR I 4 30.93 -2.99 -25.41
N LEU I 5 31.47 -2.20 -24.50
CA LEU I 5 31.28 -0.77 -24.48
C LEU I 5 32.62 -0.08 -24.39
N HIS I 6 32.75 1.05 -25.07
CA HIS I 6 33.98 1.81 -24.93
C HIS I 6 33.68 3.29 -25.15
N CYS I 7 34.23 4.13 -24.29
CA CYS I 7 34.09 5.57 -24.44
C CYS I 7 35.46 6.21 -24.49
N LEU I 8 35.59 7.21 -25.34
CA LEU I 8 36.90 7.76 -25.64
C LEU I 8 36.78 9.20 -26.08
N SER I 9 37.57 10.07 -25.47
CA SER I 9 37.63 11.46 -25.91
C SER I 9 38.18 11.54 -27.32
N HIS I 10 37.70 12.51 -28.08
CA HIS I 10 38.17 12.71 -29.44
C HIS I 10 39.06 13.93 -29.48
N SER I 11 40.16 13.83 -30.21
CA SER I 11 41.13 14.91 -30.28
C SER I 11 41.12 15.52 -31.66
N PRO I 12 40.40 16.63 -31.88
CA PRO I 12 40.56 17.35 -33.14
C PRO I 12 41.98 17.82 -33.35
N LEU I 13 42.67 18.16 -32.27
CA LEU I 13 44.06 18.57 -32.33
C LEU I 13 44.93 17.33 -32.26
N VAL I 14 45.14 16.72 -33.41
CA VAL I 14 46.12 15.65 -33.57
C VAL I 14 47.09 16.10 -34.65
N GLY I 15 48.33 16.34 -34.27
CA GLY I 15 49.33 16.81 -35.20
C GLY I 15 49.36 18.31 -35.40
N TYR I 16 48.50 19.06 -34.72
CA TYR I 16 48.51 20.52 -34.83
C TYR I 16 49.24 21.15 -33.65
N VAL I 17 48.79 20.89 -32.43
CA VAL I 17 49.49 21.28 -31.22
C VAL I 17 49.68 20.02 -30.38
N ASP I 18 50.90 19.78 -29.95
CA ASP I 18 51.17 18.49 -29.37
C ASP I 18 51.90 18.62 -28.03
N PRO I 19 51.64 17.70 -27.12
CA PRO I 19 52.33 17.72 -25.83
C PRO I 19 53.68 17.02 -25.92
N ALA I 20 54.32 16.82 -24.77
CA ALA I 20 55.54 16.05 -24.73
C ALA I 20 55.31 14.68 -25.36
N GLN I 21 56.25 14.29 -26.22
CA GLN I 21 56.02 13.14 -27.09
C GLN I 21 55.80 11.86 -26.28
N GLU I 22 56.37 11.78 -25.08
CA GLU I 22 56.15 10.62 -24.24
C GLU I 22 54.67 10.47 -23.89
N VAL I 23 54.01 11.57 -23.55
CA VAL I 23 52.59 11.51 -23.27
C VAL I 23 51.83 11.02 -24.48
N LEU I 24 52.22 11.50 -25.66
CA LEU I 24 51.60 11.04 -26.89
C LEU I 24 51.74 9.54 -27.05
N ASP I 25 52.92 9.01 -26.74
CA ASP I 25 53.13 7.58 -26.82
C ASP I 25 52.23 6.83 -25.86
N GLU I 26 52.10 7.34 -24.63
CA GLU I 26 51.22 6.68 -23.67
C GLU I 26 49.79 6.66 -24.16
N VAL I 27 49.33 7.77 -24.71
CA VAL I 27 47.96 7.84 -25.24
C VAL I 27 47.77 6.81 -26.33
N ASN I 28 48.70 6.77 -27.28
CA ASN I 28 48.57 5.83 -28.39
C ASN I 28 48.60 4.40 -27.90
N GLY I 29 49.39 4.12 -26.87
CA GLY I 29 49.40 2.79 -26.31
C GLY I 29 48.06 2.41 -25.73
N VAL I 30 47.42 3.34 -25.01
CA VAL I 30 46.10 3.06 -24.47
C VAL I 30 45.12 2.77 -25.60
N ILE I 31 45.16 3.61 -26.63
CA ILE I 31 44.26 3.41 -27.77
C ILE I 31 44.47 2.05 -28.38
N ALA I 32 45.73 1.66 -28.60
CA ALA I 32 46.01 0.38 -29.22
C ALA I 32 45.53 -0.77 -28.36
N SER I 33 45.70 -0.66 -27.05
CA SER I 33 45.25 -1.73 -26.17
C SER I 33 43.73 -1.89 -26.26
N ALA I 34 43.01 -0.78 -26.25
CA ALA I 34 41.56 -0.88 -26.38
C ALA I 34 41.19 -1.49 -27.72
N ARG I 35 41.89 -1.09 -28.78
CA ARG I 35 41.60 -1.61 -30.10
C ARG I 35 41.78 -3.13 -30.12
N GLU I 36 42.84 -3.61 -29.49
CA GLU I 36 43.07 -5.05 -29.46
C GLU I 36 41.98 -5.76 -28.68
N ARG I 37 41.55 -5.18 -27.56
CA ARG I 37 40.46 -5.80 -26.81
C ARG I 37 39.22 -5.92 -27.67
N ILE I 38 38.88 -4.86 -28.40
CA ILE I 38 37.70 -4.90 -29.26
C ILE I 38 37.87 -5.96 -30.33
N ALA I 39 39.02 -5.96 -31.00
CA ALA I 39 39.25 -6.95 -32.04
C ALA I 39 39.09 -8.36 -31.50
N ALA I 40 39.49 -8.57 -30.24
CA ALA I 40 39.22 -9.84 -29.60
C ALA I 40 37.73 -10.08 -29.46
N PHE I 41 36.98 -9.03 -29.12
CA PHE I 41 35.54 -9.19 -28.98
C PHE I 41 34.86 -9.53 -30.31
N SER I 42 35.36 -8.98 -31.41
CA SER I 42 34.85 -9.24 -32.75
C SER I 42 33.38 -8.86 -32.88
N PRO I 43 33.07 -7.57 -32.93
CA PRO I 43 31.67 -7.15 -32.94
C PRO I 43 31.03 -7.37 -34.31
N GLU I 44 29.71 -7.37 -34.30
CA GLU I 44 28.91 -7.47 -35.52
C GLU I 44 28.16 -6.19 -35.84
N LEU I 45 27.83 -5.39 -34.82
CA LEU I 45 27.07 -4.18 -35.01
C LEU I 45 27.64 -3.10 -34.11
N VAL I 46 27.69 -1.88 -34.61
CA VAL I 46 28.29 -0.77 -33.88
C VAL I 46 27.25 0.32 -33.72
N VAL I 47 26.98 0.70 -32.48
CA VAL I 47 26.12 1.82 -32.17
C VAL I 47 27.00 2.97 -31.72
N LEU I 48 26.87 4.12 -32.35
CA LEU I 48 27.82 5.19 -32.19
C LEU I 48 27.08 6.47 -31.79
N PHE I 49 27.30 6.94 -30.58
CA PHE I 49 26.80 8.23 -30.15
C PHE I 49 27.89 9.26 -30.31
N ALA I 50 27.54 10.43 -30.82
CA ALA I 50 28.56 11.45 -31.05
C ALA I 50 27.90 12.80 -31.16
N PRO I 51 28.61 13.87 -30.84
CA PRO I 51 28.09 15.22 -31.05
C PRO I 51 28.56 15.78 -32.39
N ASP I 52 28.04 16.97 -32.71
CA ASP I 52 28.42 17.68 -33.91
C ASP I 52 29.04 19.02 -33.55
N HIS I 53 29.61 19.68 -34.54
CA HIS I 53 30.24 20.98 -34.35
C HIS I 53 29.82 21.94 -35.45
N TYR I 54 28.52 22.08 -35.69
CA TYR I 54 27.99 22.95 -36.73
C TYR I 54 28.46 22.52 -38.12
N ASN I 55 28.10 21.31 -38.50
CA ASN I 55 28.50 20.81 -39.80
C ASN I 55 27.35 20.26 -40.63
N GLY I 56 26.37 19.61 -40.00
CA GLY I 56 25.18 19.18 -40.73
C GLY I 56 23.88 19.69 -40.15
N PHE I 57 23.86 19.92 -38.84
CA PHE I 57 22.67 20.39 -38.15
C PHE I 57 22.83 21.87 -37.88
N PHE I 58 21.84 22.65 -38.26
CA PHE I 58 21.95 24.09 -38.11
C PHE I 58 20.60 24.61 -37.67
N TYR I 59 20.58 25.88 -37.30
CA TYR I 59 19.38 26.39 -36.65
C TYR I 59 18.17 26.41 -37.56
N ASP I 60 18.27 25.93 -38.81
CA ASP I 60 17.05 25.71 -39.56
C ASP I 60 16.18 24.66 -38.88
N VAL I 61 16.78 23.57 -38.42
CA VAL I 61 16.15 22.63 -37.51
C VAL I 61 17.23 22.06 -36.61
N MET I 62 17.02 22.09 -35.30
CA MET I 62 17.98 21.55 -34.35
C MET I 62 17.28 20.61 -33.38
N PRO I 63 17.35 19.31 -33.61
CA PRO I 63 16.68 18.38 -32.74
C PRO I 63 17.57 18.01 -31.57
N PRO I 64 17.00 17.52 -30.47
CA PRO I 64 17.85 17.04 -29.38
C PRO I 64 18.52 15.73 -29.70
N PHE I 65 17.83 14.78 -30.32
CA PHE I 65 18.43 13.55 -30.77
C PHE I 65 18.08 13.33 -32.22
N CYS I 66 19.02 12.77 -32.98
CA CYS I 66 18.71 12.42 -34.35
C CYS I 66 19.35 11.08 -34.65
N LEU I 67 18.77 10.33 -35.57
CA LEU I 67 19.29 9.03 -35.95
C LEU I 67 19.54 9.02 -37.45
N GLY I 68 20.75 8.64 -37.84
CA GLY I 68 21.08 8.76 -39.24
C GLY I 68 20.86 7.50 -40.04
N VAL I 69 19.75 7.44 -40.77
CA VAL I 69 19.55 6.31 -41.67
C VAL I 69 20.57 6.36 -42.80
N GLY I 70 20.93 7.55 -43.25
CA GLY I 70 22.00 7.68 -44.20
C GLY I 70 23.00 8.70 -43.74
N ALA I 71 24.28 8.40 -43.78
CA ALA I 71 25.29 9.28 -43.24
C ALA I 71 26.48 9.38 -44.17
N THR I 72 27.21 10.47 -44.04
CA THR I 72 28.38 10.72 -44.84
C THR I 72 29.35 11.60 -44.07
N ALA I 73 30.59 11.15 -43.97
CA ALA I 73 31.64 11.93 -43.32
C ALA I 73 32.25 12.89 -44.32
N ILE I 74 32.34 14.16 -43.95
CA ILE I 74 32.82 15.20 -44.85
C ILE I 74 34.32 15.42 -44.77
N GLY I 75 35.02 14.65 -43.95
CA GLY I 75 36.47 14.75 -43.89
C GLY I 75 37.03 16.05 -43.37
N ASP I 76 36.49 16.56 -42.27
CA ASP I 76 37.03 17.75 -41.63
C ASP I 76 38.32 17.41 -40.90
N PHE I 77 39.17 18.43 -40.72
CA PHE I 77 40.42 18.30 -39.99
C PHE I 77 41.31 17.19 -40.54
N GLY I 78 41.16 16.88 -41.81
CA GLY I 78 41.90 15.78 -42.38
C GLY I 78 41.42 14.41 -41.99
N SER I 79 40.28 14.31 -41.31
CA SER I 79 39.72 13.01 -41.00
C SER I 79 39.20 12.35 -42.26
N ALA I 80 38.83 11.07 -42.14
CA ALA I 80 38.36 10.33 -43.29
C ALA I 80 37.04 10.89 -43.81
N ALA I 81 36.79 10.68 -45.09
CA ALA I 81 35.56 11.12 -45.72
C ALA I 81 34.96 9.99 -46.53
N GLY I 82 33.65 10.00 -46.68
CA GLY I 82 32.97 9.00 -47.46
C GLY I 82 31.73 8.52 -46.74
N GLU I 83 31.09 7.52 -47.33
CA GLU I 83 29.84 7.03 -46.78
C GLU I 83 30.08 6.02 -45.67
N LEU I 84 29.01 5.65 -45.00
CA LEU I 84 29.07 4.74 -43.88
C LEU I 84 28.13 3.57 -44.12
N PRO I 85 28.53 2.38 -43.76
CA PRO I 85 27.71 1.18 -44.00
C PRO I 85 26.56 1.03 -43.02
N VAL I 86 25.45 1.68 -43.32
CA VAL I 86 24.28 1.70 -42.43
C VAL I 86 23.30 0.65 -42.91
N PRO I 87 22.88 -0.27 -42.07
CA PRO I 87 21.87 -1.27 -42.47
C PRO I 87 20.46 -0.69 -42.49
N VAL I 88 20.09 -0.13 -43.63
CA VAL I 88 18.90 0.73 -43.72
C VAL I 88 17.70 0.13 -43.01
N GLU I 89 17.34 -1.09 -43.36
CA GLU I 89 16.11 -1.67 -42.81
C GLU I 89 16.21 -1.83 -41.30
N LEU I 90 17.35 -2.28 -40.82
CA LEU I 90 17.55 -2.37 -39.39
C LEU I 90 17.42 -1.01 -38.74
N ALA I 91 17.96 0.02 -39.39
CA ALA I 91 17.86 1.37 -38.83
C ALA I 91 16.42 1.81 -38.71
N GLU I 92 15.63 1.57 -39.75
CA GLU I 92 14.24 1.99 -39.69
C GLU I 92 13.48 1.26 -38.61
N ALA I 93 13.74 -0.04 -38.47
CA ALA I 93 13.10 -0.78 -37.40
C ALA I 93 13.49 -0.21 -36.05
N CYS I 94 14.76 0.14 -35.89
CA CYS I 94 15.21 0.71 -34.62
C CYS I 94 14.50 2.01 -34.33
N ALA I 95 14.39 2.88 -35.33
CA ALA I 95 13.72 4.16 -35.12
C ALA I 95 12.28 3.94 -34.70
N HIS I 96 11.59 3.04 -35.39
CA HIS I 96 10.20 2.78 -35.05
C HIS I 96 10.07 2.30 -33.62
N ALA I 97 10.89 1.33 -33.23
CA ALA I 97 10.78 0.79 -31.88
C ALA I 97 11.09 1.85 -30.83
N VAL I 98 12.14 2.62 -31.07
CA VAL I 98 12.51 3.64 -30.09
C VAL I 98 11.40 4.64 -29.90
N MET I 99 10.86 5.16 -31.00
CA MET I 99 9.82 6.17 -30.87
C MET I 99 8.59 5.59 -30.22
N LYS I 100 8.26 4.34 -30.53
CA LYS I 100 7.16 3.70 -29.85
C LYS I 100 7.41 3.61 -28.36
N SER I 101 8.65 3.40 -27.95
CA SER I 101 8.94 3.25 -26.54
C SER I 101 8.72 4.52 -25.73
N GLY I 102 8.54 5.66 -26.39
CA GLY I 102 8.28 6.89 -25.70
C GLY I 102 9.38 7.92 -25.75
N ILE I 103 10.21 7.90 -26.78
CA ILE I 103 11.27 8.88 -26.97
C ILE I 103 11.00 9.60 -28.26
N ASP I 104 11.25 10.90 -28.27
CA ASP I 104 10.86 11.73 -29.41
C ASP I 104 12.10 11.97 -30.27
N LEU I 105 12.27 11.15 -31.29
CA LEU I 105 13.55 11.01 -31.97
C LEU I 105 13.41 11.42 -33.42
N ALA I 106 14.16 12.43 -33.84
CA ALA I 106 14.16 12.80 -35.24
C ALA I 106 14.92 11.79 -36.06
N VAL I 107 14.66 11.78 -37.37
CA VAL I 107 15.38 10.90 -38.28
C VAL I 107 15.85 11.71 -39.46
N SER I 108 16.85 11.19 -40.15
CA SER I 108 17.44 11.88 -41.28
C SER I 108 17.96 10.86 -42.27
N TYR I 109 17.82 11.14 -43.55
CA TYR I 109 18.28 10.20 -44.56
C TYR I 109 19.54 10.63 -45.25
N CYS I 110 20.01 11.85 -45.04
CA CYS I 110 21.29 12.29 -45.57
C CYS I 110 21.94 13.17 -44.51
N MET I 111 22.72 12.55 -43.63
CA MET I 111 23.33 13.23 -42.51
C MET I 111 24.78 13.53 -42.84
N GLN I 112 25.23 14.72 -42.50
CA GLN I 112 26.62 15.12 -42.66
C GLN I 112 27.30 15.02 -41.32
N VAL I 113 28.41 14.30 -41.26
CA VAL I 113 29.12 14.13 -40.00
C VAL I 113 30.57 14.54 -40.20
N ASP I 114 31.23 14.82 -39.10
CA ASP I 114 32.57 15.36 -39.05
C ASP I 114 33.47 14.44 -38.25
N HIS I 115 34.67 14.94 -37.94
CA HIS I 115 35.65 14.15 -37.22
C HIS I 115 35.07 13.51 -35.97
N GLY I 116 34.08 14.15 -35.35
CA GLY I 116 33.48 13.57 -34.17
C GLY I 116 32.91 12.20 -34.40
N PHE I 117 32.52 11.90 -35.64
CA PHE I 117 32.11 10.56 -36.00
C PHE I 117 33.22 9.76 -36.65
N ALA I 118 34.24 10.42 -37.17
CA ALA I 118 35.26 9.70 -37.92
C ALA I 118 36.33 9.12 -37.01
N GLN I 119 36.93 9.94 -36.17
CA GLN I 119 38.09 9.49 -35.42
C GLN I 119 37.86 8.20 -34.64
N PRO I 120 36.78 8.04 -33.89
CA PRO I 120 36.61 6.78 -33.17
C PRO I 120 36.60 5.58 -34.09
N LEU I 121 35.95 5.68 -35.25
CA LEU I 121 35.90 4.54 -36.15
C LEU I 121 37.28 4.19 -36.67
N GLU I 122 38.03 5.20 -37.10
CA GLU I 122 39.37 4.95 -37.61
C GLU I 122 40.25 4.36 -36.53
N PHE I 123 40.20 4.92 -35.33
CA PHE I 123 41.14 4.53 -34.29
C PHE I 123 40.80 3.18 -33.70
N LEU I 124 39.53 2.79 -33.70
CA LEU I 124 39.14 1.57 -33.01
C LEU I 124 38.84 0.43 -33.95
N LEU I 125 38.60 0.69 -35.23
CA LEU I 125 38.30 -0.35 -36.19
C LEU I 125 39.12 -0.24 -37.46
N GLY I 126 39.93 0.79 -37.61
CA GLY I 126 40.78 0.89 -38.77
C GLY I 126 40.08 1.22 -40.07
N GLY I 127 38.94 1.87 -40.01
CA GLY I 127 38.28 2.28 -41.24
C GLY I 127 36.80 2.53 -41.01
N LEU I 128 36.20 3.21 -41.97
CA LEU I 128 34.78 3.53 -41.86
C LEU I 128 33.89 2.33 -42.17
N ASP I 129 34.31 1.48 -43.11
CA ASP I 129 33.41 0.50 -43.71
C ASP I 129 33.59 -0.90 -43.15
N LYS I 130 34.17 -1.03 -41.97
CA LYS I 130 34.48 -2.36 -41.47
C LYS I 130 33.22 -3.08 -40.98
N VAL I 131 32.36 -2.37 -40.27
CA VAL I 131 31.23 -2.99 -39.57
C VAL I 131 29.99 -2.15 -39.83
N PRO I 132 28.79 -2.73 -39.85
CA PRO I 132 27.58 -1.91 -39.89
C PRO I 132 27.48 -0.97 -38.70
N VAL I 133 26.94 0.22 -38.96
CA VAL I 133 26.94 1.32 -37.99
C VAL I 133 25.53 1.86 -37.83
N LEU I 134 25.24 2.40 -36.65
CA LEU I 134 23.99 3.11 -36.38
C LEU I 134 24.32 4.47 -35.80
N PRO I 135 24.59 5.47 -36.62
CA PRO I 135 25.00 6.77 -36.09
C PRO I 135 23.84 7.46 -35.40
N VAL I 136 24.08 7.93 -34.19
CA VAL I 136 23.10 8.65 -33.41
C VAL I 136 23.71 9.96 -32.94
N PHE I 137 23.11 11.07 -33.32
CA PHE I 137 23.61 12.37 -32.96
C PHE I 137 22.88 12.90 -31.75
N ILE I 138 23.63 13.49 -30.82
CA ILE I 138 23.08 14.10 -29.63
C ILE I 138 23.52 15.55 -29.58
N ASN I 139 22.56 16.45 -29.44
CA ASN I 139 22.90 17.86 -29.37
C ASN I 139 23.64 18.17 -28.09
N GLY I 140 24.69 18.96 -28.20
CA GLY I 140 25.46 19.30 -27.02
C GLY I 140 26.01 20.71 -27.03
N VAL I 141 25.57 21.53 -27.99
CA VAL I 141 26.11 22.87 -28.15
C VAL I 141 25.05 23.95 -28.09
N ALA I 142 23.90 23.75 -28.73
CA ALA I 142 22.91 24.80 -28.90
C ALA I 142 21.80 24.65 -27.87
N THR I 143 21.67 25.64 -27.00
CA THR I 143 20.63 25.60 -25.99
C THR I 143 19.26 25.79 -26.64
N PRO I 144 18.21 25.21 -26.06
CA PRO I 144 18.17 24.35 -24.88
C PRO I 144 18.71 22.96 -25.15
N LEU I 145 19.09 22.25 -24.11
CA LEU I 145 19.76 20.98 -24.27
C LEU I 145 19.01 19.90 -23.54
N PRO I 146 19.05 18.67 -24.02
CA PRO I 146 18.39 17.58 -23.29
C PRO I 146 19.10 17.32 -21.98
N GLY I 147 18.32 16.91 -20.99
CA GLY I 147 18.87 16.65 -19.68
C GLY I 147 19.44 15.25 -19.56
N PHE I 148 20.05 14.99 -18.41
CA PHE I 148 20.60 13.66 -18.17
C PHE I 148 19.50 12.63 -18.14
N GLN I 149 18.37 12.95 -17.55
CA GLN I 149 17.28 12.00 -17.43
C GLN I 149 16.86 11.45 -18.79
N ARG I 150 16.58 12.34 -19.72
CA ARG I 150 16.13 11.89 -21.03
C ARG I 150 17.22 11.15 -21.77
N THR I 151 18.47 11.56 -21.61
CA THR I 151 19.54 10.85 -22.28
C THR I 151 19.63 9.43 -21.79
N ARG I 152 19.50 9.22 -20.48
CA ARG I 152 19.49 7.87 -19.97
C ARG I 152 18.32 7.09 -20.52
N MET I 153 17.17 7.73 -20.63
CA MET I 153 16.00 7.04 -21.17
C MET I 153 16.27 6.58 -22.59
N LEU I 154 16.87 7.45 -23.40
CA LEU I 154 17.17 7.10 -24.78
C LEU I 154 18.13 5.92 -24.84
N GLY I 155 19.16 5.96 -24.01
CA GLY I 155 20.09 4.85 -23.99
C GLY I 155 19.41 3.55 -23.67
N GLU I 156 18.53 3.56 -22.67
CA GLU I 156 17.85 2.33 -22.30
C GLU I 156 16.98 1.83 -23.44
N ALA I 157 16.31 2.73 -24.13
CA ALA I 157 15.45 2.29 -25.24
C ALA I 157 16.26 1.59 -26.30
N ILE I 158 17.36 2.21 -26.73
CA ILE I 158 18.18 1.57 -27.76
C ILE I 158 18.73 0.27 -27.25
N GLY I 159 19.12 0.23 -25.98
CA GLY I 159 19.68 -0.99 -25.44
C GLY I 159 18.69 -2.14 -25.49
N ARG I 160 17.48 -1.90 -25.02
CA ARG I 160 16.52 -3.00 -25.02
C ARG I 160 16.18 -3.40 -26.44
N PHE I 161 16.14 -2.46 -27.38
CA PHE I 161 15.87 -2.87 -28.74
C PHE I 161 16.96 -3.77 -29.27
N THR I 162 18.22 -3.35 -29.15
CA THR I 162 19.28 -4.14 -29.74
C THR I 162 19.51 -5.44 -29.00
N SER I 163 19.06 -5.54 -27.76
CA SER I 163 19.30 -6.77 -27.02
C SER I 163 18.65 -7.96 -27.67
N THR I 164 17.66 -7.75 -28.53
CA THR I 164 16.94 -8.85 -29.15
C THR I 164 17.36 -9.09 -30.58
N LEU I 165 18.50 -8.56 -30.99
CA LEU I 165 18.96 -8.84 -32.34
C LEU I 165 19.78 -10.11 -32.42
N ASN I 166 20.10 -10.72 -31.29
CA ASN I 166 20.90 -11.94 -31.27
C ASN I 166 22.24 -11.74 -31.97
N LYS I 167 22.87 -10.61 -31.71
CA LYS I 167 24.17 -10.29 -32.28
C LYS I 167 25.12 -9.92 -31.17
N ARG I 168 26.37 -9.65 -31.54
CA ARG I 168 27.37 -9.14 -30.62
C ARG I 168 27.55 -7.66 -30.90
N VAL I 169 27.28 -6.84 -29.89
CA VAL I 169 27.08 -5.41 -30.08
C VAL I 169 28.19 -4.64 -29.39
N LEU I 170 28.64 -3.58 -30.05
CA LEU I 170 29.65 -2.70 -29.52
C LEU I 170 29.08 -1.29 -29.44
N PHE I 171 29.13 -0.70 -28.27
CA PHE I 171 28.67 0.67 -28.06
C PHE I 171 29.85 1.61 -27.95
N LEU I 172 29.77 2.76 -28.59
CA LEU I 172 30.84 3.73 -28.57
C LEU I 172 30.34 5.05 -28.04
N GLY I 173 31.15 5.69 -27.22
CA GLY I 173 30.88 7.05 -26.81
C GLY I 173 32.03 7.94 -27.21
N SER I 174 31.76 9.04 -27.91
CA SER I 174 32.83 9.80 -28.52
C SER I 174 32.92 11.23 -28.02
N GLY I 175 32.42 11.50 -26.81
CA GLY I 175 32.46 12.84 -26.27
C GLY I 175 33.65 13.03 -25.36
N GLY I 176 34.38 14.11 -25.57
CA GLY I 176 35.49 14.43 -24.71
C GLY I 176 35.03 14.85 -23.34
N LEU I 177 35.97 14.93 -22.41
CA LEU I 177 35.66 15.36 -21.06
C LEU I 177 35.69 16.89 -21.01
N SER I 178 35.71 17.44 -19.81
CA SER I 178 35.64 18.87 -19.63
C SER I 178 36.72 19.58 -20.42
N HIS I 179 36.33 20.59 -21.16
CA HIS I 179 37.22 21.37 -22.01
C HIS I 179 36.43 22.53 -22.57
N GLN I 180 37.08 23.35 -23.38
CA GLN I 180 36.36 24.43 -24.03
C GLN I 180 37.06 24.90 -25.30
N PRO I 181 36.60 24.48 -26.47
CA PRO I 181 37.07 25.08 -27.71
C PRO I 181 36.36 26.40 -27.96
N PRO I 182 36.89 27.24 -28.85
CA PRO I 182 36.23 28.53 -29.15
C PRO I 182 35.02 28.39 -30.07
N VAL I 183 33.88 28.05 -29.47
CA VAL I 183 32.65 27.82 -30.20
C VAL I 183 31.86 29.12 -30.32
N PRO I 184 31.38 29.48 -31.51
CA PRO I 184 30.55 30.68 -31.64
C PRO I 184 29.22 30.53 -30.93
N GLU I 185 28.67 31.67 -30.51
CA GLU I 185 27.40 31.73 -29.80
C GLU I 185 26.39 32.48 -30.63
N LEU I 186 25.20 31.89 -30.77
CA LEU I 186 24.16 32.53 -31.59
C LEU I 186 23.67 33.83 -30.96
N ALA I 187 23.62 33.88 -29.63
CA ALA I 187 23.10 35.08 -28.95
C ALA I 187 23.96 36.30 -29.27
N LYS I 188 25.28 36.15 -29.26
CA LYS I 188 26.20 37.22 -29.60
C LYS I 188 26.68 37.17 -31.03
N ALA I 189 26.13 36.25 -31.84
CA ALA I 189 26.54 36.14 -33.23
C ALA I 189 26.14 37.39 -34.02
N ASP I 190 26.99 37.78 -34.96
CA ASP I 190 26.68 38.88 -35.85
C ASP I 190 25.74 38.37 -36.95
N ALA I 191 25.48 39.20 -37.94
CA ALA I 191 24.59 38.80 -39.03
C ALA I 191 25.15 37.61 -39.80
N HIS I 192 26.43 37.69 -40.18
CA HIS I 192 27.03 36.60 -40.94
C HIS I 192 27.15 35.32 -40.11
N MET I 193 27.54 35.45 -38.85
CA MET I 193 27.67 34.26 -38.02
C MET I 193 26.30 33.64 -37.78
N ARG I 194 25.28 34.47 -37.58
CA ARG I 194 23.92 33.98 -37.44
C ARG I 194 23.47 33.26 -38.70
N ASP I 195 23.78 33.82 -39.86
CA ASP I 195 23.41 33.17 -41.12
C ASP I 195 24.11 31.82 -41.25
N ARG I 196 25.37 31.75 -40.86
CA ARG I 196 26.08 30.48 -40.90
C ARG I 196 25.43 29.46 -39.98
N LEU I 197 25.02 29.90 -38.79
CA LEU I 197 24.37 28.99 -37.84
C LEU I 197 22.99 28.55 -38.32
N LEU I 198 22.31 29.40 -39.10
CA LEU I 198 20.93 29.12 -39.48
C LEU I 198 20.79 27.98 -40.47
N GLY I 199 21.87 27.58 -41.13
CA GLY I 199 21.74 26.54 -42.14
C GLY I 199 22.68 26.68 -43.32
N SER I 200 23.32 27.83 -43.46
CA SER I 200 24.30 28.01 -44.53
C SER I 200 25.66 27.42 -44.18
N GLY I 201 25.81 26.84 -42.98
CA GLY I 201 27.05 26.23 -42.57
C GLY I 201 27.30 24.84 -43.11
N LYS I 202 26.36 24.27 -43.87
CA LYS I 202 26.63 23.00 -44.53
C LYS I 202 27.66 23.16 -45.63
N ASP I 203 27.72 24.33 -46.25
CA ASP I 203 28.58 24.56 -47.41
C ASP I 203 29.67 25.57 -47.09
N LEU I 204 30.29 25.45 -45.92
CA LEU I 204 31.38 26.34 -45.56
C LEU I 204 32.53 26.17 -46.54
N PRO I 205 33.07 27.26 -47.08
CA PRO I 205 34.25 27.13 -47.95
C PRO I 205 35.46 26.68 -47.14
N ALA I 206 36.42 26.09 -47.86
CA ALA I 206 37.63 25.59 -47.22
C ALA I 206 38.36 26.70 -46.47
N SER I 207 38.24 27.94 -46.96
CA SER I 207 38.84 29.07 -46.25
C SER I 207 38.22 29.24 -44.87
N GLU I 208 36.89 29.16 -44.78
CA GLU I 208 36.24 29.30 -43.48
C GLU I 208 36.58 28.14 -42.56
N ARG I 209 36.66 26.92 -43.10
CA ARG I 209 37.04 25.78 -42.28
C ARG I 209 38.44 25.96 -41.73
N GLU I 210 39.37 26.42 -42.58
CA GLU I 210 40.74 26.66 -42.12
C GLU I 210 40.77 27.77 -41.07
N LEU I 211 39.96 28.81 -41.26
CA LEU I 211 39.90 29.88 -40.27
C LEU I 211 39.41 29.36 -38.93
N ARG I 212 38.37 28.52 -38.95
CA ARG I 212 37.85 27.96 -37.71
C ARG I 212 38.89 27.05 -37.06
N GLN I 213 39.61 26.27 -37.86
CA GLN I 213 40.68 25.44 -37.32
C GLN I 213 41.76 26.29 -36.67
N GLN I 214 42.12 27.40 -37.30
CA GLN I 214 43.12 28.29 -36.73
C GLN I 214 42.62 28.92 -35.43
N ARG I 215 41.33 29.27 -35.40
CA ARG I 215 40.75 29.78 -34.16
C ARG I 215 40.89 28.76 -33.04
N VAL I 216 40.56 27.50 -33.34
CA VAL I 216 40.66 26.45 -32.33
C VAL I 216 42.09 26.29 -31.87
N ILE I 217 43.05 26.27 -32.81
CA ILE I 217 44.44 26.07 -32.46
C ILE I 217 44.95 27.22 -31.60
N SER I 218 44.63 28.46 -31.98
CA SER I 218 45.08 29.62 -31.23
C SER I 218 44.48 29.64 -29.84
N ALA I 219 43.18 29.35 -29.72
CA ALA I 219 42.55 29.30 -28.41
C ALA I 219 43.15 28.20 -27.55
N ALA I 220 43.49 27.06 -28.16
CA ALA I 220 44.15 25.99 -27.42
C ALA I 220 45.51 26.43 -26.90
N GLU I 221 46.28 27.13 -27.72
CA GLU I 221 47.59 27.60 -27.26
C GLU I 221 47.45 28.63 -26.14
N LYS I 222 46.46 29.50 -26.27
CA LYS I 222 46.18 30.46 -25.19
C LYS I 222 45.81 29.73 -23.90
N PHE I 223 45.00 28.67 -24.02
CA PHE I 223 44.62 27.89 -22.85
C PHE I 223 45.83 27.21 -22.24
N VAL I 224 46.78 26.81 -23.09
CA VAL I 224 48.07 26.31 -22.58
C VAL I 224 48.73 27.40 -21.75
N GLU I 225 48.71 28.63 -22.25
CA GLU I 225 49.32 29.74 -21.52
C GLU I 225 48.66 29.94 -20.17
N ASP I 226 47.34 29.88 -20.11
CA ASP I 226 46.62 30.02 -18.85
C ASP I 226 45.28 29.33 -18.94
N GLN I 227 44.88 28.65 -17.87
CA GLN I 227 43.58 28.00 -17.81
C GLN I 227 42.45 28.95 -17.44
N ARG I 228 42.77 30.19 -17.07
CA ARG I 228 41.73 31.14 -16.69
C ARG I 228 41.26 32.00 -17.85
N THR I 229 41.99 32.02 -18.97
CA THR I 229 41.49 32.69 -20.16
C THR I 229 40.15 32.13 -20.57
N LEU I 230 39.95 30.83 -20.36
CA LEU I 230 38.67 30.16 -20.50
C LEU I 230 38.40 29.44 -19.19
N HIS I 231 37.45 28.53 -19.17
CA HIS I 231 37.18 27.81 -17.94
C HIS I 231 38.31 26.83 -17.66
N PRO I 232 38.99 26.92 -16.53
CA PRO I 232 40.04 25.95 -16.23
C PRO I 232 39.47 24.56 -16.07
N LEU I 233 40.29 23.55 -16.37
CA LEU I 233 39.84 22.18 -16.27
C LEU I 233 39.53 21.83 -14.84
N ASN I 234 38.64 20.86 -14.67
CA ASN I 234 38.16 20.42 -13.35
C ASN I 234 38.46 18.93 -13.23
N PRO I 235 39.68 18.57 -12.87
CA PRO I 235 39.98 17.15 -12.68
C PRO I 235 39.10 16.50 -11.66
N ILE I 236 38.73 17.25 -10.62
CA ILE I 236 37.90 16.69 -9.56
C ILE I 236 36.59 16.19 -10.14
N TRP I 237 35.94 17.02 -10.95
CA TRP I 237 34.65 16.62 -11.46
C TRP I 237 34.79 15.50 -12.47
N ASP I 238 35.87 15.50 -13.25
CA ASP I 238 36.06 14.42 -14.19
C ASP I 238 36.15 13.09 -13.49
N ASN I 239 36.98 13.01 -12.43
CA ASN I 239 37.12 11.76 -11.71
C ASN I 239 35.81 11.40 -11.03
N GLN I 240 35.12 12.40 -10.49
CA GLN I 240 33.78 12.17 -9.97
C GLN I 240 32.90 11.48 -10.98
N PHE I 241 32.87 12.00 -12.19
CA PHE I 241 31.96 11.50 -13.21
C PHE I 241 32.30 10.07 -13.60
N MET I 242 33.58 9.83 -13.87
CA MET I 242 33.96 8.48 -14.28
C MET I 242 33.70 7.48 -13.16
N THR I 243 34.00 7.86 -11.93
CA THR I 243 33.77 6.93 -10.84
C THR I 243 32.30 6.64 -10.68
N LEU I 244 31.45 7.65 -10.86
CA LEU I 244 30.01 7.41 -10.79
C LEU I 244 29.59 6.43 -11.87
N LEU I 245 30.15 6.57 -13.06
CA LEU I 245 29.80 5.64 -14.12
C LEU I 245 30.24 4.22 -13.77
N GLU I 246 31.46 4.07 -13.27
CA GLU I 246 32.01 2.75 -13.02
C GLU I 246 31.16 1.98 -12.02
N GLN I 247 30.73 2.63 -10.96
CA GLN I 247 29.95 1.96 -9.94
C GLN I 247 28.53 1.68 -10.38
N GLY I 248 28.16 2.04 -11.61
CA GLY I 248 26.80 1.81 -12.03
C GLY I 248 25.79 2.63 -11.27
N ARG I 249 26.08 3.92 -11.05
CA ARG I 249 25.17 4.76 -10.29
C ARG I 249 24.72 5.96 -11.11
N ILE I 250 24.37 5.74 -12.37
CA ILE I 250 23.96 6.86 -13.21
C ILE I 250 22.68 7.50 -12.76
N GLN I 251 21.87 6.81 -11.95
CA GLN I 251 20.66 7.41 -11.44
C GLN I 251 20.94 8.73 -10.75
N GLU I 252 22.03 8.80 -10.00
CA GLU I 252 22.33 10.01 -9.26
C GLU I 252 22.70 11.17 -10.15
N LEU I 253 22.89 10.95 -11.44
CA LEU I 253 23.19 12.07 -12.30
C LEU I 253 21.95 12.87 -12.65
N ASP I 254 20.76 12.32 -12.41
CA ASP I 254 19.54 13.05 -12.75
C ASP I 254 19.44 14.34 -11.97
N ALA I 255 20.03 14.40 -10.79
CA ALA I 255 19.90 15.58 -9.95
C ALA I 255 20.63 16.79 -10.50
N VAL I 256 21.46 16.62 -11.50
CA VAL I 256 22.29 17.71 -12.01
C VAL I 256 21.56 18.40 -13.14
N SER I 257 21.45 19.72 -13.06
CA SER I 257 20.85 20.50 -14.12
C SER I 257 21.89 20.83 -15.17
N ASN I 258 21.43 21.18 -16.36
CA ASN I 258 22.34 21.44 -17.46
C ASN I 258 23.29 22.57 -17.13
N GLU I 259 22.77 23.65 -16.57
CA GLU I 259 23.62 24.80 -16.29
C GLU I 259 24.27 24.70 -14.93
N GLU I 260 23.82 23.78 -14.09
CA GLU I 260 24.71 23.32 -13.02
C GLU I 260 26.02 22.84 -13.59
N LEU I 261 25.94 21.92 -14.55
CA LEU I 261 27.14 21.37 -15.15
C LEU I 261 27.89 22.45 -15.90
N SER I 262 27.16 23.35 -16.57
CA SER I 262 27.82 24.42 -17.28
C SER I 262 28.64 25.29 -16.34
N ALA I 263 28.08 25.61 -15.17
CA ALA I 263 28.79 26.44 -14.22
C ALA I 263 30.00 25.70 -13.65
N ILE I 264 29.82 24.43 -13.29
CA ILE I 264 30.90 23.71 -12.64
C ILE I 264 32.06 23.49 -13.61
N ALA I 265 31.77 23.00 -14.80
CA ALA I 265 32.83 22.51 -15.67
C ALA I 265 32.97 23.26 -16.98
N GLY I 266 32.09 24.20 -17.29
CA GLY I 266 32.21 24.86 -18.56
C GLY I 266 31.25 24.29 -19.57
N LYS I 267 30.76 25.16 -20.46
CA LYS I 267 29.63 24.79 -21.30
C LYS I 267 29.94 23.70 -22.29
N SER I 268 31.20 23.53 -22.69
CA SER I 268 31.51 22.49 -23.65
C SER I 268 31.41 21.09 -23.06
N THR I 269 31.26 20.97 -21.75
CA THR I 269 31.25 19.66 -21.12
C THR I 269 30.06 18.82 -21.55
N HIS I 270 29.03 19.42 -22.12
CA HIS I 270 27.80 18.68 -22.37
C HIS I 270 28.03 17.52 -23.32
N GLU I 271 29.14 17.52 -24.05
CA GLU I 271 29.46 16.39 -24.89
C GLU I 271 29.39 15.07 -24.12
N ILE I 272 29.82 15.07 -22.86
CA ILE I 272 29.86 13.82 -22.10
C ILE I 272 28.50 13.15 -22.01
N LYS I 273 27.43 13.82 -22.40
CA LYS I 273 26.15 13.14 -22.36
C LYS I 273 26.19 11.89 -23.20
N THR I 274 26.96 11.88 -24.29
CA THR I 274 27.09 10.67 -25.07
C THR I 274 27.47 9.50 -24.19
N TRP I 275 28.49 9.68 -23.36
CA TRP I 275 28.91 8.59 -22.49
C TRP I 275 27.74 8.05 -21.71
N VAL I 276 26.93 8.93 -21.13
CA VAL I 276 25.82 8.46 -20.32
C VAL I 276 24.95 7.53 -21.15
N ALA I 277 24.58 7.98 -22.35
CA ALA I 277 23.75 7.15 -23.19
C ALA I 277 24.36 5.77 -23.34
N ALA I 278 25.63 5.72 -23.71
CA ALA I 278 26.28 4.43 -23.93
C ALA I 278 26.09 3.54 -22.72
N PHE I 279 26.41 4.05 -21.54
CA PHE I 279 26.35 3.18 -20.38
C PHE I 279 24.94 2.70 -20.14
N ALA I 280 23.97 3.60 -20.28
CA ALA I 280 22.59 3.17 -20.09
C ALA I 280 22.28 1.99 -20.99
N ALA I 281 22.70 2.08 -22.25
CA ALA I 281 22.42 1.00 -23.18
C ALA I 281 22.91 -0.32 -22.65
N ILE I 282 24.17 -0.37 -22.18
CA ILE I 282 24.71 -1.66 -21.81
C ILE I 282 23.98 -2.21 -20.61
N SER I 283 23.38 -1.36 -19.79
CA SER I 283 22.68 -1.87 -18.63
C SER I 283 21.50 -2.72 -19.01
N ALA I 284 21.07 -2.68 -20.27
CA ALA I 284 19.95 -3.50 -20.70
C ALA I 284 20.38 -4.91 -21.07
N PHE I 285 21.66 -5.22 -20.98
CA PHE I 285 22.14 -6.55 -21.35
C PHE I 285 22.45 -7.42 -20.15
N GLY I 286 21.92 -7.10 -18.98
CA GLY I 286 22.28 -7.82 -17.78
C GLY I 286 23.51 -7.23 -17.13
N ASN I 287 24.06 -7.97 -16.19
CA ASN I 287 25.17 -7.45 -15.43
C ASN I 287 26.42 -7.30 -16.28
N TRP I 288 27.36 -6.53 -15.77
CA TRP I 288 28.54 -6.17 -16.55
C TRP I 288 29.59 -5.64 -15.59
N ARG I 289 30.76 -5.31 -16.12
CA ARG I 289 31.79 -4.73 -15.30
C ARG I 289 32.75 -3.94 -16.17
N SER I 290 33.46 -3.02 -15.54
CA SER I 290 34.27 -2.06 -16.26
C SER I 290 35.73 -2.48 -16.25
N GLU I 291 36.55 -1.70 -16.96
CA GLU I 291 37.98 -1.93 -17.03
C GLU I 291 38.62 -0.85 -17.88
N GLY I 292 39.95 -0.88 -17.89
CA GLY I 292 40.71 -0.01 -18.75
C GLY I 292 40.59 1.45 -18.43
N ARG I 293 40.16 1.79 -17.22
CA ARG I 293 39.95 3.18 -16.88
C ARG I 293 41.24 3.96 -17.03
N TYR I 294 41.16 5.11 -17.67
CA TYR I 294 42.36 5.93 -17.82
C TYR I 294 41.97 7.38 -17.97
N TYR I 295 42.77 8.26 -17.38
CA TYR I 295 42.47 9.68 -17.44
C TYR I 295 43.76 10.47 -17.35
N ARG I 296 43.79 11.61 -18.02
CA ARG I 296 44.93 12.49 -17.88
C ARG I 296 44.58 13.87 -18.39
N PRO I 297 44.77 14.92 -17.58
CA PRO I 297 44.63 16.27 -18.10
C PRO I 297 45.75 16.57 -19.09
N ILE I 298 45.43 17.39 -20.07
CA ILE I 298 46.41 17.81 -21.07
C ILE I 298 46.30 19.32 -21.25
N PRO I 299 47.30 20.08 -20.86
CA PRO I 299 47.25 21.52 -21.16
C PRO I 299 47.23 21.82 -22.64
N GLU I 300 47.97 21.05 -23.43
CA GLU I 300 48.16 21.41 -24.84
C GLU I 300 46.86 21.32 -25.62
N TRP I 301 46.17 20.21 -25.51
CA TRP I 301 44.82 20.09 -26.02
C TRP I 301 43.89 20.47 -24.90
N ILE I 302 43.03 21.46 -25.14
CA ILE I 302 42.15 21.97 -24.09
C ILE I 302 41.48 20.85 -23.31
N ALA I 303 41.29 19.70 -23.95
CA ALA I 303 40.55 18.61 -23.34
C ALA I 303 41.31 17.98 -22.18
N GLY I 304 40.55 17.37 -21.28
CA GLY I 304 41.10 16.44 -20.32
C GLY I 304 40.86 15.04 -20.84
N PHE I 305 41.90 14.41 -21.38
CA PHE I 305 41.70 13.17 -22.11
C PHE I 305 41.26 12.06 -21.17
N GLY I 306 40.36 11.21 -21.64
CA GLY I 306 39.88 10.12 -20.83
C GLY I 306 39.47 8.96 -21.71
N SER I 307 39.40 7.78 -21.08
CA SER I 307 39.00 6.59 -21.81
C SER I 307 38.53 5.54 -20.83
N LEU I 308 37.59 4.72 -21.26
CA LEU I 308 36.99 3.75 -20.37
C LEU I 308 36.41 2.63 -21.20
N SER I 309 36.32 1.44 -20.61
CA SER I 309 35.70 0.34 -21.33
C SER I 309 34.90 -0.50 -20.36
N ALA I 310 33.96 -1.26 -20.89
CA ALA I 310 33.17 -2.14 -20.06
C ALA I 310 32.73 -3.32 -20.89
N ARG I 311 32.33 -4.39 -20.21
CA ARG I 311 32.05 -5.63 -20.89
C ARG I 311 31.01 -6.39 -20.09
N THR I 312 30.09 -7.03 -20.80
CA THR I 312 29.11 -7.84 -20.10
C THR I 312 29.75 -9.12 -19.63
N GLU I 313 29.34 -9.59 -18.47
CA GLU I 313 29.73 -10.90 -17.96
C GLU I 313 28.57 -11.84 -18.22
N ASN I 314 28.71 -12.65 -19.27
CA ASN I 314 27.62 -13.48 -19.78
C ASN I 314 26.91 -14.28 -18.70
N MET J 1 6.24 -33.73 -13.18
CA MET J 1 5.59 -33.38 -14.43
C MET J 1 6.59 -33.09 -15.53
N HIS J 2 6.23 -33.43 -16.76
CA HIS J 2 7.15 -33.37 -17.88
C HIS J 2 6.41 -32.87 -19.11
N ALA J 3 7.07 -32.04 -19.89
CA ALA J 3 6.42 -31.45 -21.05
C ALA J 3 7.46 -31.12 -22.11
N TYR J 4 7.07 -31.32 -23.35
CA TYR J 4 7.91 -31.03 -24.49
C TYR J 4 7.13 -30.20 -25.48
N LEU J 5 7.78 -29.23 -26.10
CA LEU J 5 7.13 -28.28 -26.98
C LEU J 5 7.88 -28.22 -28.29
N HIS J 6 7.14 -28.07 -29.38
CA HIS J 6 7.81 -27.90 -30.66
C HIS J 6 6.94 -27.07 -31.58
N CYS J 7 7.54 -26.11 -32.26
CA CYS J 7 6.83 -25.29 -33.23
C CYS J 7 7.53 -25.38 -34.57
N LEU J 8 6.73 -25.43 -35.62
CA LEU J 8 7.26 -25.75 -36.95
C LEU J 8 6.38 -25.14 -38.01
N SER J 9 7.00 -24.43 -38.96
CA SER J 9 6.26 -23.92 -40.10
C SER J 9 5.75 -25.06 -40.94
N HIS J 10 4.59 -24.88 -41.56
CA HIS J 10 4.01 -25.90 -42.41
C HIS J 10 4.17 -25.46 -43.86
N SER J 11 4.54 -26.41 -44.71
CA SER J 11 4.78 -26.11 -46.12
C SER J 11 3.70 -26.74 -46.98
N PRO J 12 2.66 -26.00 -47.36
CA PRO J 12 1.73 -26.53 -48.36
C PRO J 12 2.42 -26.84 -49.66
N LEU J 13 3.45 -26.07 -50.01
CA LEU J 13 4.24 -26.31 -51.20
C LEU J 13 5.34 -27.29 -50.86
N VAL J 14 5.00 -28.58 -50.92
CA VAL J 14 5.98 -29.65 -50.85
C VAL J 14 5.83 -30.47 -52.10
N GLY J 15 6.85 -30.46 -52.95
CA GLY J 15 6.80 -31.16 -54.22
C GLY J 15 6.15 -30.41 -55.35
N TYR J 16 5.69 -29.18 -55.13
CA TYR J 16 5.12 -28.37 -56.19
C TYR J 16 6.12 -27.37 -56.74
N VAL J 17 6.64 -26.49 -55.88
CA VAL J 17 7.74 -25.60 -56.23
C VAL J 17 8.85 -25.83 -55.21
N ASP J 18 10.06 -26.05 -55.68
CA ASP J 18 11.08 -26.50 -54.76
C ASP J 18 12.35 -25.69 -54.90
N PRO J 19 13.06 -25.49 -53.80
CA PRO J 19 14.33 -24.78 -53.86
C PRO J 19 15.47 -25.70 -54.26
N ALA J 20 16.70 -25.19 -54.17
CA ALA J 20 17.87 -26.02 -54.39
C ALA J 20 17.81 -27.24 -53.47
N GLN J 21 18.07 -28.41 -54.07
CA GLN J 21 17.82 -29.66 -53.37
C GLN J 21 18.62 -29.77 -52.09
N GLU J 22 19.78 -29.14 -52.02
CA GLU J 22 20.56 -29.16 -50.79
C GLU J 22 19.80 -28.53 -49.63
N VAL J 23 19.15 -27.40 -49.89
CA VAL J 23 18.34 -26.77 -48.86
C VAL J 23 17.25 -27.71 -48.40
N LEU J 24 16.63 -28.40 -49.35
CA LEU J 24 15.59 -29.37 -49.01
C LEU J 24 16.15 -30.44 -48.09
N ASP J 25 17.35 -30.92 -48.38
CA ASP J 25 17.98 -31.92 -47.52
C ASP J 25 18.20 -31.38 -46.12
N GLU J 26 18.67 -30.15 -46.02
CA GLU J 26 18.89 -29.57 -44.70
C GLU J 26 17.59 -29.48 -43.92
N VAL J 27 16.53 -29.05 -44.59
CA VAL J 27 15.23 -28.95 -43.93
C VAL J 27 14.80 -30.32 -43.42
N ASN J 28 14.89 -31.33 -44.28
CA ASN J 28 14.44 -32.65 -43.88
C ASN J 28 15.29 -33.18 -42.73
N GLY J 29 16.58 -32.85 -42.73
CA GLY J 29 17.41 -33.26 -41.61
C GLY J 29 16.96 -32.64 -40.30
N VAL J 30 16.63 -31.35 -40.34
CA VAL J 30 16.14 -30.71 -39.13
C VAL J 30 14.85 -31.39 -38.65
N ILE J 31 13.94 -31.65 -39.59
CA ILE J 31 12.69 -32.29 -39.23
C ILE J 31 12.96 -33.64 -38.58
N ALA J 32 13.85 -34.43 -39.19
CA ALA J 32 14.12 -35.75 -38.66
C ALA J 32 14.73 -35.68 -37.27
N SER J 33 15.62 -34.72 -37.05
CA SER J 33 16.22 -34.59 -35.73
C SER J 33 15.18 -34.26 -34.68
N ALA J 34 14.27 -33.34 -34.99
CA ALA J 34 13.20 -33.03 -34.05
C ALA J 34 12.34 -34.25 -33.79
N ARG J 35 12.04 -35.00 -34.85
CA ARG J 35 11.23 -36.20 -34.71
C ARG J 35 11.88 -37.19 -33.76
N GLU J 36 13.18 -37.36 -33.90
CA GLU J 36 13.89 -38.29 -33.02
C GLU J 36 13.86 -37.81 -31.58
N ARG J 37 14.04 -36.50 -31.37
CA ARG J 37 13.97 -35.99 -30.01
C ARG J 37 12.60 -36.28 -29.39
N ILE J 38 11.54 -36.06 -30.15
CA ILE J 38 10.21 -36.33 -29.64
C ILE J 38 10.04 -37.81 -29.34
N ALA J 39 10.44 -38.66 -30.27
CA ALA J 39 10.32 -40.10 -30.04
C ALA J 39 11.06 -40.50 -28.78
N ALA J 40 12.18 -39.85 -28.49
CA ALA J 40 12.85 -40.07 -27.22
C ALA J 40 11.98 -39.63 -26.06
N PHE J 41 11.27 -38.51 -26.22
CA PHE J 41 10.41 -38.04 -25.14
C PHE J 41 9.25 -38.99 -24.89
N SER J 42 8.72 -39.62 -25.94
CA SER J 42 7.63 -40.59 -25.84
C SER J 42 6.38 -39.97 -25.22
N PRO J 43 5.66 -39.13 -25.94
CA PRO J 43 4.52 -38.43 -25.35
C PRO J 43 3.32 -39.35 -25.21
N GLU J 44 2.40 -38.92 -24.36
CA GLU J 44 1.13 -39.60 -24.17
C GLU J 44 -0.06 -38.82 -24.67
N LEU J 45 0.04 -37.50 -24.72
CA LEU J 45 -1.04 -36.64 -25.15
C LEU J 45 -0.49 -35.51 -25.99
N VAL J 46 -1.19 -35.15 -27.05
CA VAL J 46 -0.73 -34.14 -27.99
C VAL J 46 -1.76 -33.03 -28.04
N VAL J 47 -1.32 -31.81 -27.75
CA VAL J 47 -2.15 -30.63 -27.90
C VAL J 47 -1.66 -29.88 -29.13
N LEU J 48 -2.56 -29.61 -30.04
CA LEU J 48 -2.19 -29.13 -31.37
C LEU J 48 -2.93 -27.84 -31.68
N PHE J 49 -2.20 -26.74 -31.78
CA PHE J 49 -2.75 -25.47 -32.23
C PHE J 49 -2.47 -25.33 -33.71
N ALA J 50 -3.45 -24.87 -34.47
CA ALA J 50 -3.24 -24.75 -35.90
C ALA J 50 -4.26 -23.78 -36.47
N PRO J 51 -3.96 -23.14 -37.58
CA PRO J 51 -4.94 -22.31 -38.27
C PRO J 51 -5.65 -23.07 -39.38
N ASP J 52 -6.63 -22.43 -39.98
CA ASP J 52 -7.37 -22.98 -41.09
C ASP J 52 -7.18 -22.10 -42.32
N HIS J 53 -7.64 -22.60 -43.46
CA HIS J 53 -7.56 -21.87 -44.72
C HIS J 53 -8.88 -21.96 -45.48
N TYR J 54 -9.99 -21.63 -44.81
CA TYR J 54 -11.32 -21.68 -45.41
C TYR J 54 -11.68 -23.09 -45.84
N ASN J 55 -11.73 -24.00 -44.88
CA ASN J 55 -12.07 -25.38 -45.18
C ASN J 55 -13.18 -25.94 -44.31
N GLY J 56 -13.25 -25.57 -43.03
CA GLY J 56 -14.36 -25.97 -42.21
C GLY J 56 -15.11 -24.82 -41.55
N PHE J 57 -14.40 -23.74 -41.28
CA PHE J 57 -14.97 -22.56 -40.66
C PHE J 57 -15.24 -21.52 -41.71
N PHE J 58 -16.44 -20.99 -41.76
CA PHE J 58 -16.80 -20.04 -42.79
C PHE J 58 -17.67 -18.98 -42.17
N TYR J 59 -17.91 -17.93 -42.93
CA TYR J 59 -18.54 -16.77 -42.32
C TYR J 59 -19.95 -17.03 -41.84
N ASP J 60 -20.48 -18.25 -41.95
CA ASP J 60 -21.71 -18.54 -41.26
C ASP J 60 -21.51 -18.40 -39.75
N VAL J 61 -20.42 -18.93 -39.23
CA VAL J 61 -19.97 -18.64 -37.88
C VAL J 61 -18.45 -18.68 -37.88
N MET J 62 -17.80 -17.64 -37.37
CA MET J 62 -16.34 -17.58 -37.30
C MET J 62 -15.91 -17.24 -35.89
N PRO J 63 -15.53 -18.21 -35.08
CA PRO J 63 -15.12 -17.93 -33.74
C PRO J 63 -13.64 -17.59 -33.69
N PRO J 64 -13.19 -16.92 -32.64
CA PRO J 64 -11.75 -16.69 -32.50
C PRO J 64 -10.99 -17.95 -32.11
N PHE J 65 -11.52 -18.73 -31.19
CA PHE J 65 -10.93 -20.01 -30.84
C PHE J 65 -11.99 -21.09 -30.92
N CYS J 66 -11.59 -22.27 -31.34
CA CYS J 66 -12.52 -23.39 -31.33
C CYS J 66 -11.77 -24.62 -30.88
N LEU J 67 -12.47 -25.56 -30.28
CA LEU J 67 -11.87 -26.79 -29.80
C LEU J 67 -12.60 -27.96 -30.42
N GLY J 68 -11.88 -28.87 -31.04
CA GLY J 68 -12.54 -29.92 -31.77
C GLY J 68 -12.74 -31.19 -30.99
N VAL J 69 -13.93 -31.40 -30.46
CA VAL J 69 -14.21 -32.69 -29.82
C VAL J 69 -14.21 -33.80 -30.85
N GLY J 70 -14.67 -33.52 -32.05
CA GLY J 70 -14.55 -34.48 -33.13
C GLY J 70 -13.94 -33.82 -34.35
N ALA J 71 -12.95 -34.46 -34.95
CA ALA J 71 -12.23 -33.85 -36.05
C ALA J 71 -12.01 -34.86 -37.17
N THR J 72 -11.81 -34.32 -38.37
CA THR J 72 -11.58 -35.14 -39.55
C THR J 72 -10.75 -34.35 -40.54
N ALA J 73 -9.65 -34.95 -40.99
CA ALA J 73 -8.80 -34.34 -42.00
C ALA J 73 -9.34 -34.68 -43.38
N ILE J 74 -9.51 -33.66 -44.21
CA ILE J 74 -10.10 -33.84 -45.53
C ILE J 74 -9.08 -34.13 -46.62
N GLY J 75 -7.81 -34.23 -46.27
CA GLY J 75 -6.80 -34.60 -47.25
C GLY J 75 -6.55 -33.60 -48.36
N ASP J 76 -6.44 -32.32 -48.03
CA ASP J 76 -6.10 -31.31 -49.02
C ASP J 76 -4.62 -31.39 -49.37
N PHE J 77 -4.30 -30.92 -50.58
CA PHE J 77 -2.92 -30.87 -51.07
C PHE J 77 -2.24 -32.23 -51.01
N GLY J 78 -3.02 -33.30 -51.09
CA GLY J 78 -2.44 -34.61 -50.98
C GLY J 78 -2.04 -35.02 -49.58
N SER J 79 -2.38 -34.21 -48.57
CA SER J 79 -2.10 -34.61 -47.19
C SER J 79 -3.01 -35.75 -46.78
N ALA J 80 -2.73 -36.32 -45.62
CA ALA J 80 -3.49 -37.46 -45.14
C ALA J 80 -4.94 -37.06 -44.87
N ALA J 81 -5.83 -38.05 -44.95
CA ALA J 81 -7.23 -37.83 -44.68
C ALA J 81 -7.74 -38.93 -43.74
N GLY J 82 -8.75 -38.60 -42.97
CA GLY J 82 -9.35 -39.56 -42.06
C GLY J 82 -9.60 -38.93 -40.71
N GLU J 83 -10.05 -39.76 -39.78
CA GLU J 83 -10.41 -39.26 -38.47
C GLU J 83 -9.19 -39.14 -37.57
N LEU J 84 -9.40 -38.53 -36.41
CA LEU J 84 -8.34 -38.30 -35.47
C LEU J 84 -8.71 -38.88 -34.11
N PRO J 85 -7.77 -39.47 -33.42
CA PRO J 85 -8.06 -40.12 -32.12
C PRO J 85 -8.21 -39.12 -30.98
N VAL J 86 -9.42 -38.60 -30.82
CA VAL J 86 -9.69 -37.56 -29.82
C VAL J 86 -10.29 -38.23 -28.59
N PRO J 87 -9.73 -38.04 -27.42
CA PRO J 87 -10.32 -38.60 -26.19
C PRO J 87 -11.53 -37.83 -25.72
N VAL J 88 -12.71 -38.18 -26.23
CA VAL J 88 -13.91 -37.36 -26.10
C VAL J 88 -14.08 -36.81 -24.69
N GLU J 89 -14.11 -37.70 -23.71
CA GLU J 89 -14.42 -37.26 -22.35
C GLU J 89 -13.38 -36.29 -21.84
N LEU J 90 -12.11 -36.59 -22.09
CA LEU J 90 -11.05 -35.67 -21.71
C LEU J 90 -11.25 -34.32 -22.40
N ALA J 91 -11.64 -34.33 -23.66
CA ALA J 91 -11.85 -33.09 -24.38
C ALA J 91 -12.95 -32.27 -23.73
N GLU J 92 -14.06 -32.91 -23.38
CA GLU J 92 -15.15 -32.16 -22.77
C GLU J 92 -14.74 -31.58 -21.44
N ALA J 93 -14.01 -32.35 -20.64
CA ALA J 93 -13.53 -31.82 -19.38
C ALA J 93 -12.63 -30.62 -19.61
N CYS J 94 -11.77 -30.69 -20.62
CA CYS J 94 -10.89 -29.57 -20.92
C CYS J 94 -11.68 -28.34 -21.29
N ALA J 95 -12.69 -28.51 -22.14
CA ALA J 95 -13.49 -27.37 -22.55
C ALA J 95 -14.16 -26.73 -21.35
N HIS J 96 -14.74 -27.56 -20.49
CA HIS J 96 -15.41 -27.03 -19.32
C HIS J 96 -14.45 -26.23 -18.46
N ALA J 97 -13.28 -26.80 -18.18
CA ALA J 97 -12.34 -26.11 -17.31
C ALA J 97 -11.85 -24.82 -17.92
N VAL J 98 -11.55 -24.84 -19.22
CA VAL J 98 -11.05 -23.64 -19.86
C VAL J 98 -12.08 -22.54 -19.80
N MET J 99 -13.32 -22.85 -20.17
CA MET J 99 -14.34 -21.81 -20.18
C MET J 99 -14.59 -21.29 -18.78
N LYS J 100 -14.56 -22.17 -17.79
CA LYS J 100 -14.68 -21.71 -16.42
C LYS J 100 -13.55 -20.76 -16.05
N SER J 101 -12.36 -20.99 -16.57
CA SER J 101 -11.23 -20.15 -16.21
C SER J 101 -11.35 -18.73 -16.72
N GLY J 102 -12.29 -18.45 -17.60
CA GLY J 102 -12.50 -17.12 -18.10
C GLY J 102 -12.14 -16.89 -19.54
N ILE J 103 -12.18 -17.91 -20.38
CA ILE J 103 -11.90 -17.78 -21.80
C ILE J 103 -13.15 -18.20 -22.55
N ASP J 104 -13.46 -17.50 -23.62
CA ASP J 104 -14.72 -17.69 -24.31
C ASP J 104 -14.48 -18.57 -25.53
N LEU J 105 -14.69 -19.86 -25.38
CA LEU J 105 -14.16 -20.85 -26.31
C LEU J 105 -15.30 -21.62 -26.96
N ALA J 106 -15.39 -21.54 -28.27
CA ALA J 106 -16.40 -22.33 -28.97
C ALA J 106 -16.00 -23.79 -28.98
N VAL J 107 -16.98 -24.66 -29.22
CA VAL J 107 -16.72 -26.09 -29.34
C VAL J 107 -17.41 -26.60 -30.59
N SER J 108 -16.93 -27.74 -31.07
CA SER J 108 -17.48 -28.33 -32.28
C SER J 108 -17.35 -29.84 -32.20
N TYR J 109 -18.33 -30.55 -32.71
CA TYR J 109 -18.30 -31.99 -32.65
C TYR J 109 -17.99 -32.65 -33.97
N CYS J 110 -17.97 -31.90 -35.06
CA CYS J 110 -17.56 -32.42 -36.36
C CYS J 110 -16.77 -31.33 -37.05
N MET J 111 -15.47 -31.33 -36.84
CA MET J 111 -14.60 -30.29 -37.37
C MET J 111 -13.89 -30.81 -38.61
N GLN J 112 -13.79 -29.98 -39.63
CA GLN J 112 -13.07 -30.32 -40.85
C GLN J 112 -11.73 -29.61 -40.81
N VAL J 113 -10.65 -30.37 -40.98
CA VAL J 113 -9.32 -29.79 -40.93
C VAL J 113 -8.58 -30.14 -42.19
N ASP J 114 -7.55 -29.38 -42.47
CA ASP J 114 -6.78 -29.46 -43.70
C ASP J 114 -5.31 -29.72 -43.36
N HIS J 115 -4.47 -29.58 -44.39
CA HIS J 115 -3.04 -29.85 -44.23
C HIS J 115 -2.46 -29.15 -43.02
N GLY J 116 -2.99 -28.00 -42.66
CA GLY J 116 -2.49 -27.29 -41.50
C GLY J 116 -2.53 -28.12 -40.24
N PHE J 117 -3.46 -29.07 -40.17
CA PHE J 117 -3.48 -30.01 -39.07
C PHE J 117 -2.80 -31.32 -39.42
N ALA J 118 -2.65 -31.63 -40.69
CA ALA J 118 -2.15 -32.95 -41.07
C ALA J 118 -0.63 -32.99 -41.05
N GLN J 119 0.02 -32.06 -41.76
CA GLN J 119 1.46 -32.16 -41.96
C GLN J 119 2.24 -32.31 -40.66
N PRO J 120 2.01 -31.52 -39.61
CA PRO J 120 2.80 -31.72 -38.40
C PRO J 120 2.66 -33.11 -37.82
N LEU J 121 1.45 -33.67 -37.83
CA LEU J 121 1.27 -35.01 -37.28
C LEU J 121 2.05 -36.03 -38.08
N GLU J 122 1.94 -35.97 -39.40
CA GLU J 122 2.66 -36.92 -40.23
C GLU J 122 4.16 -36.79 -40.05
N PHE J 123 4.66 -35.55 -40.04
CA PHE J 123 6.09 -35.34 -40.04
C PHE J 123 6.71 -35.62 -38.69
N LEU J 124 5.96 -35.45 -37.61
CA LEU J 124 6.55 -35.57 -36.29
C LEU J 124 6.18 -36.85 -35.58
N LEU J 125 5.12 -37.54 -36.01
CA LEU J 125 4.70 -38.78 -35.38
C LEU J 125 4.46 -39.90 -36.37
N GLY J 126 4.55 -39.64 -37.66
CA GLY J 126 4.40 -40.69 -38.63
C GLY J 126 3.00 -41.21 -38.81
N GLY J 127 1.99 -40.41 -38.53
CA GLY J 127 0.63 -40.84 -38.77
C GLY J 127 -0.35 -40.04 -37.95
N LEU J 128 -1.61 -40.13 -38.34
CA LEU J 128 -2.66 -39.40 -37.62
C LEU J 128 -3.03 -40.07 -36.30
N ASP J 129 -3.02 -41.40 -36.26
CA ASP J 129 -3.66 -42.15 -35.18
C ASP J 129 -2.68 -42.66 -34.15
N LYS J 130 -1.49 -42.06 -34.06
CA LYS J 130 -0.49 -42.60 -33.15
C LYS J 130 -0.80 -42.28 -31.71
N VAL J 131 -1.22 -41.06 -31.43
CA VAL J 131 -1.37 -40.57 -30.05
C VAL J 131 -2.70 -39.85 -29.93
N PRO J 132 -3.33 -39.82 -28.77
CA PRO J 132 -4.51 -38.97 -28.59
C PRO J 132 -4.20 -37.50 -28.82
N VAL J 133 -5.16 -36.79 -29.39
CA VAL J 133 -4.96 -35.42 -29.88
C VAL J 133 -6.05 -34.52 -29.30
N LEU J 134 -5.73 -33.25 -29.13
CA LEU J 134 -6.69 -32.21 -28.75
C LEU J 134 -6.59 -31.07 -29.75
N PRO J 135 -7.28 -31.15 -30.89
CA PRO J 135 -7.13 -30.10 -31.89
C PRO J 135 -7.77 -28.81 -31.42
N VAL J 136 -7.03 -27.72 -31.54
CA VAL J 136 -7.51 -26.40 -31.18
C VAL J 136 -7.26 -25.46 -32.34
N PHE J 137 -8.32 -24.87 -32.86
CA PHE J 137 -8.21 -23.97 -34.00
C PHE J 137 -8.18 -22.53 -33.53
N ILE J 138 -7.29 -21.75 -34.13
CA ILE J 138 -7.16 -20.33 -33.83
C ILE J 138 -7.36 -19.55 -35.12
N ASN J 139 -8.26 -18.60 -35.11
CA ASN J 139 -8.50 -17.80 -36.30
C ASN J 139 -7.31 -16.92 -36.59
N GLY J 140 -6.92 -16.86 -37.85
CA GLY J 140 -5.79 -16.04 -38.22
C GLY J 140 -5.93 -15.37 -39.57
N VAL J 141 -7.12 -15.42 -40.16
CA VAL J 141 -7.32 -14.91 -41.50
C VAL J 141 -8.42 -13.86 -41.56
N ALA J 142 -9.54 -14.08 -40.90
CA ALA J 142 -10.73 -13.24 -41.05
C ALA J 142 -10.82 -12.23 -39.93
N THR J 143 -10.73 -10.95 -40.26
CA THR J 143 -10.83 -9.92 -39.26
C THR J 143 -12.25 -9.82 -38.72
N PRO J 144 -12.42 -9.42 -37.46
CA PRO J 144 -11.41 -9.07 -36.47
C PRO J 144 -10.71 -10.29 -35.92
N LEU J 145 -9.53 -10.09 -35.35
CA LEU J 145 -8.70 -11.19 -34.92
C LEU J 145 -8.38 -11.08 -33.44
N PRO J 146 -8.20 -12.18 -32.75
CA PRO J 146 -7.82 -12.12 -31.35
C PRO J 146 -6.43 -11.54 -31.21
N GLY J 147 -6.21 -10.82 -30.11
CA GLY J 147 -4.93 -10.21 -29.87
C GLY J 147 -3.95 -11.15 -29.22
N PHE J 148 -2.72 -10.68 -29.07
CA PHE J 148 -1.72 -11.49 -28.42
C PHE J 148 -2.08 -11.76 -26.97
N GLN J 149 -2.63 -10.76 -26.29
CA GLN J 149 -2.97 -10.90 -24.88
C GLN J 149 -3.90 -12.08 -24.65
N ARG J 150 -5.00 -12.13 -25.39
CA ARG J 150 -5.95 -13.21 -25.19
C ARG J 150 -5.37 -14.55 -25.59
N THR J 151 -4.55 -14.58 -26.63
CA THR J 151 -3.95 -15.84 -27.02
C THR J 151 -3.07 -16.38 -25.90
N ARG J 152 -2.28 -15.52 -25.29
CA ARG J 152 -1.48 -15.96 -24.16
C ARG J 152 -2.36 -16.47 -23.04
N MET J 153 -3.47 -15.78 -22.79
CA MET J 153 -4.36 -16.23 -21.73
C MET J 153 -4.88 -17.62 -22.01
N LEU J 154 -5.28 -17.87 -23.25
CA LEU J 154 -5.78 -19.19 -23.63
C LEU J 154 -4.72 -20.25 -23.43
N GLY J 155 -3.51 -19.95 -23.85
CA GLY J 155 -2.44 -20.91 -23.67
C GLY J 155 -2.24 -21.25 -22.22
N GLU J 156 -2.25 -20.24 -21.36
CA GLU J 156 -2.05 -20.50 -19.94
C GLU J 156 -3.18 -21.36 -19.38
N ALA J 157 -4.41 -21.09 -19.79
CA ALA J 157 -5.52 -21.88 -19.28
C ALA J 157 -5.35 -23.34 -19.64
N ILE J 158 -5.08 -23.63 -20.90
CA ILE J 158 -4.91 -25.02 -21.29
C ILE J 158 -3.72 -25.63 -20.58
N GLY J 159 -2.66 -24.86 -20.40
CA GLY J 159 -1.50 -25.39 -19.72
C GLY J 159 -1.81 -25.81 -18.31
N ARG J 160 -2.45 -24.93 -17.55
CA ARG J 160 -2.73 -25.29 -16.17
C ARG J 160 -3.69 -26.45 -16.10
N PHE J 161 -4.63 -26.55 -17.04
CA PHE J 161 -5.51 -27.70 -16.99
C PHE J 161 -4.74 -28.99 -17.22
N THR J 162 -3.95 -29.04 -18.28
CA THR J 162 -3.27 -30.30 -18.59
C THR J 162 -2.18 -30.63 -17.58
N SER J 163 -1.69 -29.63 -16.84
CA SER J 163 -0.63 -29.93 -15.90
C SER J 163 -1.05 -30.91 -14.84
N THR J 164 -2.35 -31.09 -14.63
CA THR J 164 -2.84 -31.98 -13.58
C THR J 164 -3.33 -33.30 -14.12
N LEU J 165 -2.98 -33.65 -15.34
CA LEU J 165 -3.40 -34.94 -15.86
C LEU J 165 -2.41 -36.04 -15.51
N ASN J 166 -1.26 -35.69 -14.95
CA ASN J 166 -0.25 -36.67 -14.58
C ASN J 166 0.19 -37.48 -15.79
N LYS J 167 0.39 -36.81 -16.92
CA LYS J 167 0.82 -37.46 -18.14
C LYS J 167 2.04 -36.71 -18.67
N ARG J 168 2.59 -37.23 -19.76
CA ARG J 168 3.67 -36.58 -20.48
C ARG J 168 3.08 -35.93 -21.73
N VAL J 169 3.21 -34.62 -21.82
CA VAL J 169 2.44 -33.83 -22.76
C VAL J 169 3.36 -33.21 -23.79
N LEU J 170 2.89 -33.19 -25.03
CA LEU J 170 3.61 -32.59 -26.14
C LEU J 170 2.74 -31.50 -26.75
N PHE J 171 3.28 -30.30 -26.84
CA PHE J 171 2.59 -29.17 -27.44
C PHE J 171 3.15 -28.89 -28.82
N LEU J 172 2.27 -28.63 -29.78
CA LEU J 172 2.69 -28.37 -31.13
C LEU J 172 2.18 -27.02 -31.59
N GLY J 173 3.02 -26.29 -32.30
CA GLY J 173 2.58 -25.08 -32.96
C GLY J 173 2.82 -25.20 -34.45
N SER J 174 1.80 -24.97 -35.27
CA SER J 174 1.90 -25.28 -36.69
C SER J 174 1.75 -24.07 -37.58
N GLY J 175 2.04 -22.88 -37.08
CA GLY J 175 1.92 -21.68 -37.90
C GLY J 175 3.25 -21.28 -38.51
N GLY J 176 3.22 -21.02 -39.80
CA GLY J 176 4.42 -20.55 -40.47
C GLY J 176 4.79 -19.14 -40.04
N LEU J 177 5.99 -18.74 -40.41
CA LEU J 177 6.44 -17.39 -40.11
C LEU J 177 5.94 -16.44 -41.18
N SER J 178 6.50 -15.23 -41.21
CA SER J 178 6.03 -14.20 -42.11
C SER J 178 6.06 -14.71 -43.56
N HIS J 179 4.94 -14.50 -44.25
CA HIS J 179 4.77 -14.93 -45.62
C HIS J 179 3.45 -14.36 -46.11
N GLN J 180 3.11 -14.67 -47.36
CA GLN J 180 1.82 -14.25 -47.86
C GLN J 180 1.36 -15.12 -49.04
N PRO J 181 0.47 -16.07 -48.80
CA PRO J 181 -0.18 -16.76 -49.91
C PRO J 181 -1.30 -15.91 -50.47
N PRO J 182 -1.79 -16.22 -51.68
CA PRO J 182 -2.90 -15.43 -52.26
C PRO J 182 -4.26 -15.79 -51.67
N VAL J 183 -4.57 -15.20 -50.51
CA VAL J 183 -5.81 -15.48 -49.80
C VAL J 183 -6.90 -14.52 -50.24
N PRO J 184 -8.09 -15.01 -50.56
CA PRO J 184 -9.19 -14.11 -50.92
C PRO J 184 -9.62 -13.25 -49.74
N GLU J 185 -10.18 -12.08 -50.08
CA GLU J 185 -10.64 -11.12 -49.09
C GLU J 185 -12.15 -10.94 -49.22
N LEU J 186 -12.86 -11.01 -48.10
CA LEU J 186 -14.31 -10.88 -48.14
C LEU J 186 -14.74 -9.49 -48.56
N ALA J 187 -13.98 -8.47 -48.14
CA ALA J 187 -14.35 -7.09 -48.45
C ALA J 187 -14.40 -6.85 -49.95
N LYS J 188 -13.41 -7.36 -50.68
CA LYS J 188 -13.37 -7.24 -52.13
C LYS J 188 -13.89 -8.48 -52.84
N ALA J 189 -14.43 -9.44 -52.10
CA ALA J 189 -14.96 -10.65 -52.71
C ALA J 189 -16.18 -10.33 -53.58
N ASP J 190 -16.30 -11.05 -54.68
CA ASP J 190 -17.47 -10.93 -55.55
C ASP J 190 -18.62 -11.73 -54.92
N ALA J 191 -19.72 -11.86 -55.65
CA ALA J 191 -20.87 -12.61 -55.13
C ALA J 191 -20.52 -14.07 -54.89
N HIS J 192 -19.87 -14.71 -55.88
CA HIS J 192 -19.53 -16.12 -55.73
C HIS J 192 -18.47 -16.33 -54.65
N MET J 193 -17.46 -15.46 -54.60
CA MET J 193 -16.43 -15.63 -53.59
C MET J 193 -17.01 -15.40 -52.20
N ARG J 194 -17.91 -14.41 -52.08
CA ARG J 194 -18.60 -14.17 -50.82
C ARG J 194 -19.43 -15.39 -50.42
N ASP J 195 -20.14 -15.99 -51.37
CA ASP J 195 -20.93 -17.18 -51.06
C ASP J 195 -20.04 -18.32 -50.60
N ARG J 196 -18.87 -18.48 -51.23
CA ARG J 196 -17.94 -19.52 -50.79
C ARG J 196 -17.46 -19.25 -49.38
N LEU J 197 -17.17 -17.99 -49.05
CA LEU J 197 -16.73 -17.66 -47.71
C LEU J 197 -17.83 -17.82 -46.68
N LEU J 198 -19.09 -17.65 -47.08
CA LEU J 198 -20.18 -17.65 -46.12
C LEU J 198 -20.48 -19.02 -45.54
N GLY J 199 -19.98 -20.10 -46.14
CA GLY J 199 -20.31 -21.41 -45.64
C GLY J 199 -20.43 -22.48 -46.69
N SER J 200 -20.49 -22.10 -47.97
CA SER J 200 -20.52 -23.08 -49.03
C SER J 200 -19.15 -23.61 -49.39
N GLY J 201 -18.09 -23.15 -48.71
CA GLY J 201 -16.75 -23.63 -48.93
C GLY J 201 -16.40 -24.94 -48.29
N LYS J 202 -17.32 -25.54 -47.52
CA LYS J 202 -17.08 -26.88 -46.99
C LYS J 202 -17.08 -27.91 -48.11
N ASP J 203 -17.86 -27.67 -49.16
CA ASP J 203 -18.05 -28.65 -50.22
C ASP J 203 -17.46 -28.14 -51.53
N LEU J 204 -16.26 -27.57 -51.48
CA LEU J 204 -15.60 -27.12 -52.69
C LEU J 204 -15.33 -28.30 -53.61
N PRO J 205 -15.68 -28.20 -54.89
CA PRO J 205 -15.34 -29.29 -55.83
C PRO J 205 -13.83 -29.38 -56.02
N ALA J 206 -13.40 -30.57 -56.44
CA ALA J 206 -11.97 -30.78 -56.67
C ALA J 206 -11.41 -29.80 -57.68
N SER J 207 -12.23 -29.36 -58.63
CA SER J 207 -11.79 -28.35 -59.59
C SER J 207 -11.43 -27.05 -58.89
N GLU J 208 -12.27 -26.60 -57.95
CA GLU J 208 -12.00 -25.37 -57.24
C GLU J 208 -10.76 -25.51 -56.35
N ARG J 209 -10.60 -26.67 -55.71
CA ARG J 209 -9.41 -26.89 -54.90
C ARG J 209 -8.16 -26.83 -55.75
N GLU J 210 -8.20 -27.46 -56.93
CA GLU J 210 -7.05 -27.42 -57.82
C GLU J 210 -6.78 -26.01 -58.31
N LEU J 211 -7.85 -25.24 -58.58
CA LEU J 211 -7.67 -23.86 -58.99
C LEU J 211 -7.00 -23.04 -57.89
N ARG J 212 -7.43 -23.24 -56.65
CA ARG J 212 -6.82 -22.51 -55.53
C ARG J 212 -5.36 -22.92 -55.35
N GLN J 213 -5.08 -24.22 -55.51
CA GLN J 213 -3.69 -24.67 -55.44
C GLN J 213 -2.84 -24.03 -56.52
N GLN J 214 -3.38 -23.94 -57.74
CA GLN J 214 -2.65 -23.29 -58.83
C GLN J 214 -2.45 -21.81 -58.55
N ARG J 215 -3.45 -21.15 -57.96
CA ARG J 215 -3.28 -19.76 -57.56
C ARG J 215 -2.13 -19.61 -56.59
N VAL J 216 -2.07 -20.49 -55.58
CA VAL J 216 -1.01 -20.43 -54.59
C VAL J 216 0.34 -20.66 -55.25
N ILE J 217 0.43 -21.66 -56.14
CA ILE J 217 1.71 -21.97 -56.78
C ILE J 217 2.18 -20.81 -57.65
N SER J 218 1.27 -20.23 -58.43
CA SER J 218 1.62 -19.12 -59.31
C SER J 218 2.04 -17.89 -58.51
N ALA J 219 1.31 -17.59 -57.43
CA ALA J 219 1.69 -16.46 -56.59
C ALA J 219 3.04 -16.70 -55.94
N ALA J 220 3.32 -17.94 -55.55
CA ALA J 220 4.62 -18.27 -54.98
C ALA J 220 5.73 -18.05 -55.99
N GLU J 221 5.53 -18.48 -57.23
CA GLU J 221 6.55 -18.28 -58.26
C GLU J 221 6.76 -16.80 -58.54
N LYS J 222 5.67 -16.03 -58.57
CA LYS J 222 5.79 -14.58 -58.74
C LYS J 222 6.58 -13.98 -57.58
N PHE J 223 6.33 -14.43 -56.36
CA PHE J 223 7.07 -13.94 -55.20
C PHE J 223 8.54 -14.31 -55.30
N VAL J 224 8.83 -15.47 -55.89
CA VAL J 224 10.22 -15.82 -56.21
C VAL J 224 10.80 -14.78 -57.14
N GLU J 225 10.03 -14.38 -58.15
CA GLU J 225 10.52 -13.37 -59.09
C GLU J 225 10.81 -12.05 -58.39
N ASP J 226 9.94 -11.62 -57.49
CA ASP J 226 10.16 -10.39 -56.74
C ASP J 226 9.40 -10.45 -55.43
N GLN J 227 10.05 -9.95 -54.37
CA GLN J 227 9.40 -9.89 -53.06
C GLN J 227 8.50 -8.68 -52.90
N ARG J 228 8.49 -7.76 -53.85
CA ARG J 228 7.65 -6.57 -53.75
C ARG J 228 6.29 -6.73 -54.41
N THR J 229 6.12 -7.77 -55.24
CA THR J 229 4.80 -8.06 -55.77
C THR J 229 3.80 -8.28 -54.64
N LEU J 230 4.27 -8.85 -53.54
CA LEU J 230 3.53 -8.94 -52.29
C LEU J 230 4.40 -8.35 -51.20
N HIS J 231 4.07 -8.57 -49.94
CA HIS J 231 4.91 -8.04 -48.88
C HIS J 231 6.23 -8.80 -48.82
N PRO J 232 7.37 -8.14 -48.98
CA PRO J 232 8.64 -8.85 -48.87
C PRO J 232 8.84 -9.40 -47.46
N LEU J 233 9.59 -10.49 -47.39
CA LEU J 233 9.84 -11.11 -46.10
C LEU J 233 10.64 -10.19 -45.20
N ASN J 234 10.47 -10.37 -43.89
CA ASN J 234 11.10 -9.53 -42.88
C ASN J 234 11.91 -10.44 -41.98
N PRO J 235 13.13 -10.78 -42.39
CA PRO J 235 13.98 -11.61 -41.53
C PRO J 235 14.22 -10.99 -40.18
N ILE J 236 14.33 -9.66 -40.15
CA ILE J 236 14.60 -8.96 -38.91
C ILE J 236 13.50 -9.26 -37.90
N TRP J 237 12.25 -9.12 -38.32
CA TRP J 237 11.18 -9.34 -37.37
C TRP J 237 11.06 -10.79 -36.98
N ASP J 238 11.34 -11.71 -37.91
CA ASP J 238 11.29 -13.11 -37.56
C ASP J 238 12.28 -13.44 -36.46
N ASN J 239 13.52 -12.99 -36.62
CA ASN J 239 14.52 -13.26 -35.60
C ASN J 239 14.16 -12.58 -34.30
N GLN J 240 13.64 -11.36 -34.39
CA GLN J 240 13.11 -10.68 -33.22
C GLN J 240 12.12 -11.56 -32.48
N PHE J 241 11.16 -12.11 -33.20
CA PHE J 241 10.09 -12.85 -32.58
C PHE J 241 10.61 -14.11 -31.93
N MET J 242 11.42 -14.89 -32.64
CA MET J 242 11.93 -16.12 -32.06
C MET J 242 12.79 -15.83 -30.85
N THR J 243 13.63 -14.81 -30.92
CA THR J 243 14.47 -14.49 -29.78
C THR J 243 13.64 -14.08 -28.59
N LEU J 244 12.57 -13.32 -28.82
CA LEU J 244 11.70 -12.97 -27.71
C LEU J 244 11.10 -14.20 -27.08
N LEU J 245 10.70 -15.17 -27.90
CA LEU J 245 10.15 -16.39 -27.35
C LEU J 245 11.18 -17.14 -26.53
N GLU J 246 12.40 -17.26 -27.05
CA GLU J 246 13.42 -18.06 -26.38
C GLU J 246 13.72 -17.53 -24.99
N GLN J 247 13.82 -16.23 -24.85
CA GLN J 247 14.15 -15.64 -23.56
C GLN J 247 12.98 -15.67 -22.60
N GLY J 248 11.85 -16.23 -22.98
CA GLY J 248 10.71 -16.24 -22.10
C GLY J 248 10.18 -14.86 -21.80
N ARG J 249 10.05 -14.02 -22.81
CA ARG J 249 9.57 -12.66 -22.59
C ARG J 249 8.32 -12.37 -23.42
N ILE J 250 7.37 -13.30 -23.43
CA ILE J 250 6.17 -13.11 -24.21
C ILE J 250 5.31 -11.97 -23.71
N GLN J 251 5.50 -11.56 -22.47
CA GLN J 251 4.74 -10.42 -21.94
C GLN J 251 4.89 -9.21 -22.84
N GLU J 252 6.08 -8.99 -23.36
CA GLU J 252 6.31 -7.81 -24.17
C GLU J 252 5.60 -7.86 -25.50
N LEU J 253 5.02 -9.00 -25.87
CA LEU J 253 4.29 -9.03 -27.12
C LEU J 253 2.92 -8.40 -27.00
N ASP J 254 2.43 -8.18 -25.78
CA ASP J 254 1.12 -7.59 -25.61
C ASP J 254 1.05 -6.20 -26.23
N ALA J 255 2.17 -5.50 -26.28
CA ALA J 255 2.16 -4.13 -26.76
C ALA J 255 1.90 -4.04 -28.25
N VAL J 256 1.93 -5.14 -28.98
CA VAL J 256 1.79 -5.10 -30.43
C VAL J 256 0.33 -5.26 -30.80
N SER J 257 -0.16 -4.37 -31.64
CA SER J 257 -1.53 -4.47 -32.14
C SER J 257 -1.56 -5.37 -33.35
N ASN J 258 -2.75 -5.87 -33.68
CA ASN J 258 -2.87 -6.81 -34.79
C ASN J 258 -2.42 -6.17 -36.09
N GLU J 259 -2.84 -4.95 -36.34
CA GLU J 259 -2.49 -4.32 -37.60
C GLU J 259 -1.15 -3.61 -37.53
N GLU J 260 -0.61 -3.40 -36.33
CA GLU J 260 0.82 -3.20 -36.25
C GLU J 260 1.57 -4.32 -36.91
N LEU J 261 1.26 -5.55 -36.51
CA LEU J 261 1.92 -6.71 -37.07
C LEU J 261 1.60 -6.84 -38.55
N SER J 262 0.36 -6.55 -38.92
CA SER J 262 -0.01 -6.61 -40.33
C SER J 262 0.83 -5.66 -41.16
N ALA J 263 1.04 -4.46 -40.67
CA ALA J 263 1.82 -3.48 -41.42
C ALA J 263 3.28 -3.89 -41.49
N ILE J 264 3.84 -4.35 -40.37
CA ILE J 264 5.26 -4.68 -40.35
C ILE J 264 5.55 -5.88 -41.22
N ALA J 265 4.80 -6.95 -41.08
CA ALA J 265 5.18 -8.22 -41.66
C ALA J 265 4.20 -8.76 -42.70
N GLY J 266 3.06 -8.13 -42.88
CA GLY J 266 2.12 -8.69 -43.82
C GLY J 266 1.02 -9.46 -43.13
N LYS J 267 -0.17 -9.43 -43.70
CA LYS J 267 -1.34 -9.89 -42.98
C LYS J 267 -1.34 -11.38 -42.71
N SER J 268 -0.64 -12.17 -43.52
CA SER J 268 -0.64 -13.61 -43.28
C SER J 268 0.16 -13.99 -42.05
N THR J 269 0.90 -13.06 -41.46
CA THR J 269 1.75 -13.40 -40.35
C THR J 269 0.97 -13.85 -39.12
N HIS J 270 -0.32 -13.56 -39.06
CA HIS J 270 -1.07 -13.81 -37.84
C HIS J 270 -1.07 -15.27 -37.45
N GLU J 271 -0.74 -16.15 -38.39
CA GLU J 271 -0.61 -17.56 -38.05
C GLU J 271 0.28 -17.77 -36.84
N ILE J 272 1.36 -16.99 -36.72
CA ILE J 272 2.30 -17.22 -35.63
C ILE J 272 1.66 -17.13 -34.27
N LYS J 273 0.42 -16.65 -34.18
CA LYS J 273 -0.21 -16.64 -32.87
C LYS J 273 -0.24 -18.03 -32.27
N THR J 274 -0.37 -19.06 -33.10
CA THR J 274 -0.32 -20.42 -32.56
C THR J 274 0.91 -20.60 -31.71
N TRP J 275 2.08 -20.22 -32.23
CA TRP J 275 3.31 -20.37 -31.46
C TRP J 275 3.15 -19.77 -30.09
N VAL J 276 2.64 -18.55 -30.02
CA VAL J 276 2.52 -17.90 -28.73
C VAL J 276 1.74 -18.78 -27.78
N ALA J 277 0.59 -19.26 -28.22
CA ALA J 277 -0.21 -20.11 -27.37
C ALA J 277 0.62 -21.25 -26.83
N ALA J 278 1.29 -21.96 -27.72
CA ALA J 278 2.09 -23.10 -27.29
C ALA J 278 3.02 -22.72 -26.17
N PHE J 279 3.78 -21.65 -26.36
CA PHE J 279 4.78 -21.33 -25.36
C PHE J 279 4.11 -20.98 -24.05
N ALA J 280 3.01 -20.23 -24.10
CA ALA J 280 2.32 -19.90 -22.87
C ALA J 280 1.97 -21.18 -22.12
N ALA J 281 1.46 -22.18 -22.83
CA ALA J 281 1.09 -23.42 -22.18
C ALA J 281 2.24 -23.99 -21.40
N ILE J 282 3.42 -24.08 -22.03
CA ILE J 282 4.49 -24.78 -21.33
C ILE J 282 4.93 -24.00 -20.11
N SER J 283 4.70 -22.70 -20.08
CA SER J 283 5.11 -21.95 -18.92
C SER J 283 4.35 -22.36 -17.67
N ALA J 284 3.27 -23.10 -17.82
CA ALA J 284 2.52 -23.56 -16.67
C ALA J 284 3.10 -24.81 -16.05
N PHE J 285 4.18 -25.36 -16.62
CA PHE J 285 4.76 -26.59 -16.11
C PHE J 285 6.03 -26.34 -15.32
N GLY J 286 6.26 -25.13 -14.86
CA GLY J 286 7.51 -24.82 -14.20
C GLY J 286 8.56 -24.38 -15.20
N ASN J 287 9.79 -24.32 -14.73
CA ASN J 287 10.85 -23.81 -15.57
C ASN J 287 11.14 -24.75 -16.74
N TRP J 288 11.84 -24.21 -17.73
CA TRP J 288 12.06 -24.93 -18.98
C TRP J 288 13.19 -24.25 -19.72
N ARG J 289 13.55 -24.81 -20.86
CA ARG J 289 14.58 -24.20 -21.67
C ARG J 289 14.43 -24.66 -23.11
N SER J 290 14.97 -23.87 -24.02
CA SER J 290 14.75 -24.07 -25.44
C SER J 290 15.93 -24.77 -26.07
N GLU J 291 15.78 -25.09 -27.35
CA GLU J 291 16.83 -25.73 -28.13
C GLU J 291 16.37 -25.89 -29.57
N GLY J 292 17.30 -26.35 -30.39
CA GLY J 292 16.98 -26.69 -31.76
C GLY J 292 16.57 -25.53 -32.61
N ARG J 293 16.88 -24.31 -32.20
CA ARG J 293 16.44 -23.14 -32.95
C ARG J 293 16.97 -23.20 -34.37
N TYR J 294 16.11 -22.94 -35.33
CA TYR J 294 16.55 -22.93 -36.71
C TYR J 294 15.67 -22.03 -37.53
N TYR J 295 16.26 -21.32 -38.48
CA TYR J 295 15.51 -20.40 -39.30
C TYR J 295 16.18 -20.28 -40.66
N ARG J 296 15.37 -20.09 -41.68
CA ARG J 296 15.94 -19.80 -42.99
C ARG J 296 14.87 -19.23 -43.91
N PRO J 297 15.12 -18.07 -44.51
CA PRO J 297 14.22 -17.58 -45.54
C PRO J 297 14.29 -18.47 -46.77
N ILE J 298 13.15 -18.59 -47.45
CA ILE J 298 13.08 -19.36 -48.67
C ILE J 298 12.35 -18.54 -49.72
N PRO J 299 13.02 -18.11 -50.79
CA PRO J 299 12.27 -17.44 -51.86
C PRO J 299 11.24 -18.33 -52.52
N GLU J 300 11.54 -19.61 -52.69
CA GLU J 300 10.69 -20.47 -53.51
C GLU J 300 9.33 -20.67 -52.86
N TRP J 301 9.32 -21.05 -51.59
CA TRP J 301 8.10 -21.06 -50.80
C TRP J 301 8.00 -19.71 -50.13
N ILE J 302 6.88 -19.00 -50.36
CA ILE J 302 6.73 -17.65 -49.83
C ILE J 302 7.15 -17.56 -48.37
N ALA J 303 7.05 -18.66 -47.65
CA ALA J 303 7.28 -18.64 -46.21
C ALA J 303 8.76 -18.43 -45.89
N GLY J 304 9.01 -17.90 -44.70
CA GLY J 304 10.31 -17.95 -44.10
C GLY J 304 10.34 -19.10 -43.12
N PHE J 305 10.96 -20.21 -43.50
CA PHE J 305 10.83 -21.43 -42.72
C PHE J 305 11.50 -21.28 -41.37
N GLY J 306 10.89 -21.84 -40.35
CA GLY J 306 11.45 -21.77 -39.02
C GLY J 306 11.04 -22.98 -38.21
N SER J 307 11.80 -23.22 -37.14
CA SER J 307 11.50 -24.34 -36.26
C SER J 307 12.17 -24.12 -34.93
N LEU J 308 11.53 -24.63 -33.88
CA LEU J 308 12.03 -24.39 -32.54
C LEU J 308 11.51 -25.48 -31.62
N SER J 309 12.24 -25.74 -30.55
CA SER J 309 11.76 -26.74 -29.60
C SER J 309 12.11 -26.30 -28.20
N ALA J 310 11.39 -26.84 -27.23
CA ALA J 310 11.68 -26.52 -25.85
C ALA J 310 11.28 -27.70 -24.99
N ARG J 311 11.81 -27.72 -23.78
CA ARG J 311 11.65 -28.88 -22.93
C ARG J 311 11.68 -28.43 -21.48
N THR J 312 10.84 -29.03 -20.67
CA THR J 312 10.87 -28.71 -19.25
C THR J 312 12.08 -29.36 -18.61
N GLU J 313 12.68 -28.66 -17.66
CA GLU J 313 13.74 -29.22 -16.84
C GLU J 313 13.11 -29.61 -15.50
N ASN J 314 12.86 -30.90 -15.35
CA ASN J 314 12.08 -31.42 -14.23
C ASN J 314 12.54 -30.91 -12.88
#